data_8CBD
#
_entry.id   8CBD
#
_cell.length_a   242.046
_cell.length_b   139.369
_cell.length_c   168.528
_cell.angle_alpha   90.000
_cell.angle_beta   115.580
_cell.angle_gamma   90.000
#
_symmetry.space_group_name_H-M   'C 1 2 1'
#
loop_
_entity.id
_entity.type
_entity.pdbx_description
1 polymer 'Spike protein S1'
2 polymer 'BA.4/5-1 heavy chain'
3 polymer 'BA.4/5-1 light chain'
4 polymer 'EY6A heavy chain'
5 polymer 'EY6A light chain'
6 non-polymer 2-acetamido-2-deoxy-beta-D-glucopyranose
#
loop_
_entity_poly.entity_id
_entity_poly.type
_entity_poly.pdbx_seq_one_letter_code
_entity_poly.pdbx_strand_id
1 'polypeptide(L)'
;HHHHHHTNLCPFGEVFNATRFASVYAWNRKRISNCVADYSVLYNSASFSTFKCYGVSPTKLNDLCFTNVYADSFVIRGDE
VRQIAPGQTGKIADYNYKLPDDFTGCVIAWNSNNLDSKVGGNYNYRYRLFRKSNLKPFERDISTEIYQAGSKPCNGVEGF
NCYFPLQSYGFQPTNGVGYQPYRVVVLSFELLHAPATVCGKK
;
R,X,Y
2 'polypeptide(L)'
;QVQLQESGPGLVKPSETLSLTCTVSGGSISSSNYYWGWIRQPPGKGLEWIGSIYYSGSSYYSPSLKSRVTISVDTSKSQF
SLKLSSVTAADTAVYYCASTLGATFYWGQGTLVTVSSASTKGPSVFPLAPSSKSTSGGTAALGCLVKDYFPEPVTVSWNS
GALTSGVHTFPAVLQSSGLYSLSSVVTVPSSSLGTQTYICNVNHKPSNTKVDKRVEPKSCDK
;
H,A,C
3 'polypeptide(L)'
;DIQLTQSPSSLSASVGDKVTITCRASQGISNSLAWYQQNPGKAPKLLLYTASTLESGVPSRFSGSGSGTDFTLTISSLQP
EDFATYYCQQYYDTWYTFGQGTKVDIKRTVAAPSVFIFPPSDEQLKSGTASVVCLLNNFYPREAKVQWKVDNALQSGNSQ
ESVTEQDSKDSTYSLSSTLTLSKADYEKHKVYACEVTHQGLSSPVTKSFNRGEC
;
L,B,D
4 'polypeptide(L)'
;EVQLVESGGGVVQPGRSLRLSCAASAFTFSSYDMHWVRQAPGKGLEWVAVISYDGSNKYYADSVKGRFTISRDNSKNTLY
LQMNSLRAEDTAVYYCAKDGGKLWVYYFDYWGQGTLVTVSSASTKGPSVFPLAPSSKSTSGGTAALGCLVKDYFPEPVTV
SWNSGALTSGVHTFPAVLQSSGLYSLSSVVTVPSSSLGTQTYICNVNHKPSNTKVDKRVEPKSCDK
;
E,G,J
5 'polypeptide(L)'
;DIQMTQSPSSLSASVGDRVTITCRASQSISSYLNWYQQKPGKAPKLLIYAASSLQSGVPSRFSGSGSGTDFTLTISSLQP
EDFATYYCQQSYSTLALTFGGGTKVEIKRTVAAPSVFIFPPSDEQLKSGTASVVCLLNNFYPREAKVQWKVDNALQSGNS
QESVTEQDSKDSTYSLSSTLTLSKADYEKHKVYACEVTHQGLSSPVTKSFNRGEC
;
F,I,K
#
# COMPACT_ATOMS: atom_id res chain seq x y z
N ASN A 8 -14.23 68.14 12.45
CA ASN A 8 -13.08 68.07 13.34
C ASN A 8 -12.05 67.10 12.77
N LEU A 9 -10.92 66.94 13.45
CA LEU A 9 -9.82 66.15 12.93
C LEU A 9 -10.02 64.66 13.18
N CYS A 10 -9.33 63.85 12.37
CA CYS A 10 -9.37 62.40 12.52
C CYS A 10 -8.37 61.96 13.60
N PRO A 11 -8.75 61.00 14.44
CA PRO A 11 -7.91 60.60 15.60
C PRO A 11 -6.86 59.55 15.27
N PHE A 12 -5.82 59.95 14.55
CA PHE A 12 -4.71 59.04 14.28
C PHE A 12 -3.81 58.89 15.49
N GLY A 13 -3.77 59.89 16.38
CA GLY A 13 -2.94 59.79 17.57
C GLY A 13 -3.34 58.64 18.46
N GLU A 14 -4.65 58.39 18.59
CA GLU A 14 -5.13 57.30 19.42
C GLU A 14 -4.62 55.95 18.95
N VAL A 15 -4.17 55.85 17.71
CA VAL A 15 -3.63 54.60 17.18
C VAL A 15 -2.11 54.61 17.32
N PHE A 16 -1.46 55.61 16.72
CA PHE A 16 0.00 55.68 16.73
C PHE A 16 0.55 55.93 18.13
N ASN A 17 -0.09 56.82 18.89
CA ASN A 17 0.41 57.19 20.21
C ASN A 17 -0.18 56.32 21.32
N ALA A 18 -0.96 55.28 20.98
CA ALA A 18 -1.56 54.43 21.99
C ALA A 18 -0.48 53.80 22.85
N THR A 19 -0.70 53.81 24.17
CA THR A 19 0.33 53.34 25.11
C THR A 19 0.57 51.84 24.96
N ARG A 20 -0.49 51.07 24.79
CA ARG A 20 -0.38 49.62 24.66
C ARG A 20 -0.95 49.18 23.33
N PHE A 21 -0.29 48.22 22.68
CA PHE A 21 -0.71 47.67 21.40
C PHE A 21 -1.19 46.23 21.59
N ALA A 22 -1.94 45.76 20.61
CA ALA A 22 -2.52 44.43 20.65
C ALA A 22 -1.57 43.40 20.03
N SER A 23 -1.77 42.14 20.41
CA SER A 23 -1.02 41.06 19.79
C SER A 23 -1.50 40.85 18.36
N VAL A 24 -0.61 40.27 17.54
CA VAL A 24 -0.85 40.27 16.10
C VAL A 24 -2.03 39.37 15.74
N TYR A 25 -2.23 38.27 16.46
CA TYR A 25 -3.38 37.42 16.18
C TYR A 25 -4.69 38.13 16.52
N ALA A 26 -4.65 39.05 17.48
CA ALA A 26 -5.82 39.80 17.89
C ALA A 26 -5.62 41.28 17.59
N TRP A 27 -5.34 41.58 16.33
CA TRP A 27 -5.02 42.94 15.91
C TRP A 27 -6.21 43.86 16.10
N ASN A 28 -5.94 45.08 16.56
CA ASN A 28 -6.96 46.11 16.73
C ASN A 28 -7.21 46.85 15.43
N ARG A 29 -8.48 47.18 15.19
CA ARG A 29 -8.89 47.97 14.03
C ARG A 29 -9.68 49.17 14.51
N LYS A 30 -9.29 50.36 14.04
CA LYS A 30 -9.97 51.60 14.33
C LYS A 30 -10.62 52.12 13.05
N ARG A 31 -11.95 52.16 13.03
CA ARG A 31 -12.66 52.71 11.89
C ARG A 31 -12.69 54.24 11.99
N ILE A 32 -12.20 54.90 10.95
CA ILE A 32 -12.08 56.36 10.92
C ILE A 32 -13.05 56.88 9.87
N SER A 33 -13.96 57.77 10.30
CA SER A 33 -15.00 58.29 9.42
C SER A 33 -15.44 59.66 9.90
N ASN A 34 -16.00 60.43 8.97
CA ASN A 34 -16.63 61.72 9.25
C ASN A 34 -15.66 62.68 9.95
N CYS A 35 -14.55 62.97 9.26
CA CYS A 35 -13.53 63.83 9.84
C CYS A 35 -12.57 64.27 8.75
N VAL A 36 -11.74 65.26 9.09
CA VAL A 36 -10.68 65.78 8.22
C VAL A 36 -9.35 65.26 8.75
N ALA A 37 -8.47 64.84 7.83
CA ALA A 37 -7.22 64.18 8.19
C ALA A 37 -6.01 64.94 7.65
N ASP A 38 -4.98 65.04 8.49
CA ASP A 38 -3.73 65.73 8.18
C ASP A 38 -2.62 64.69 8.08
N TYR A 39 -2.10 64.50 6.87
CA TYR A 39 -1.24 63.36 6.59
C TYR A 39 0.23 63.71 6.42
N SER A 40 0.54 64.71 5.60
CA SER A 40 1.94 64.99 5.25
C SER A 40 2.73 65.36 6.48
N VAL A 41 2.18 66.26 7.31
CA VAL A 41 2.83 66.61 8.57
C VAL A 41 2.83 65.43 9.52
N LEU A 42 1.82 64.57 9.43
CA LEU A 42 1.74 63.42 10.32
C LEU A 42 2.81 62.38 10.00
N TYR A 43 3.06 62.12 8.71
CA TYR A 43 3.94 61.01 8.35
C TYR A 43 5.40 61.40 8.40
N ASN A 44 5.75 62.51 7.76
CA ASN A 44 7.15 62.94 7.71
C ASN A 44 7.67 63.18 9.12
N SER A 45 8.36 62.18 9.65
CA SER A 45 8.95 62.24 10.98
C SER A 45 10.20 61.40 10.97
N ALA A 46 10.26 60.44 10.03
CA ALA A 46 11.39 59.52 9.87
C ALA A 46 11.65 58.72 11.13
N SER A 47 10.81 58.91 12.15
CA SER A 47 10.85 58.07 13.34
C SER A 47 10.18 56.75 13.03
N PHE A 48 10.27 56.33 11.77
CA PHE A 48 9.63 55.14 11.24
C PHE A 48 10.70 54.35 10.54
N SER A 49 10.99 53.16 11.04
CA SER A 49 11.99 52.33 10.39
C SER A 49 11.48 51.77 9.06
N THR A 50 10.17 51.56 8.93
CA THR A 50 9.59 50.95 7.74
C THR A 50 8.36 51.74 7.31
N PHE A 51 8.31 52.11 6.02
CA PHE A 51 7.24 52.97 5.52
C PHE A 51 7.08 52.69 4.03
N LYS A 52 6.16 51.80 3.70
CA LYS A 52 5.91 51.41 2.32
C LYS A 52 4.41 51.48 2.05
N CYS A 53 4.04 52.07 0.91
CA CYS A 53 2.66 52.26 0.51
C CYS A 53 2.37 51.47 -0.76
N TYR A 54 1.12 51.04 -0.91
CA TYR A 54 0.69 50.21 -2.04
C TYR A 54 -0.58 50.80 -2.63
N GLY A 55 -0.54 51.07 -3.94
CA GLY A 55 -1.69 51.57 -4.67
C GLY A 55 -1.97 53.05 -4.55
N VAL A 56 -1.15 53.80 -3.80
CA VAL A 56 -1.39 55.23 -3.63
C VAL A 56 -0.10 55.88 -3.15
N SER A 57 0.06 57.17 -3.47
CA SER A 57 1.22 57.94 -3.06
C SER A 57 0.94 58.63 -1.71
N PRO A 58 1.91 58.63 -0.80
CA PRO A 58 1.67 59.23 0.51
C PRO A 58 1.48 60.73 0.43
N THR A 59 2.04 61.36 -0.60
CA THR A 59 1.84 62.79 -0.82
C THR A 59 0.51 63.08 -1.51
N LYS A 60 -0.08 62.07 -2.15
CA LYS A 60 -1.35 62.22 -2.85
C LYS A 60 -2.55 62.13 -1.92
N LEU A 61 -2.37 61.64 -0.69
CA LEU A 61 -3.51 61.43 0.19
C LEU A 61 -4.17 62.75 0.61
N ASN A 62 -3.42 63.85 0.64
CA ASN A 62 -4.04 65.13 0.96
C ASN A 62 -5.01 65.61 -0.12
N ASP A 63 -5.15 64.86 -1.22
CA ASP A 63 -6.10 65.19 -2.26
C ASP A 63 -7.29 64.24 -2.34
N LEU A 64 -7.13 63.01 -1.85
CA LEU A 64 -8.14 61.98 -2.06
C LEU A 64 -9.09 61.89 -0.89
N CYS A 65 -10.32 61.48 -1.18
CA CYS A 65 -11.34 61.24 -0.17
C CYS A 65 -11.74 59.78 -0.22
N PHE A 66 -12.08 59.23 0.95
CA PHE A 66 -12.44 57.83 1.05
C PHE A 66 -13.70 57.69 1.91
N THR A 67 -14.46 56.64 1.63
CA THR A 67 -15.65 56.37 2.43
C THR A 67 -15.27 56.11 3.88
N ASN A 68 -14.28 55.22 4.10
CA ASN A 68 -13.77 54.96 5.43
C ASN A 68 -12.27 54.74 5.33
N VAL A 69 -11.59 54.87 6.47
CA VAL A 69 -10.17 54.60 6.60
C VAL A 69 -9.96 53.73 7.84
N TYR A 70 -9.23 52.63 7.68
CA TYR A 70 -9.00 51.67 8.76
C TYR A 70 -7.55 51.72 9.21
N ALA A 71 -7.35 51.87 10.51
CA ALA A 71 -6.02 51.93 11.12
C ALA A 71 -5.85 50.67 11.98
N ASP A 72 -5.25 49.64 11.37
CA ASP A 72 -4.96 48.40 12.07
C ASP A 72 -3.63 48.49 12.81
N SER A 73 -3.60 47.98 14.04
CA SER A 73 -2.42 48.10 14.87
C SER A 73 -2.13 46.83 15.64
N PHE A 74 -0.86 46.42 15.66
CA PHE A 74 -0.43 45.23 16.39
C PHE A 74 1.08 45.31 16.56
N VAL A 75 1.67 44.26 17.12
CA VAL A 75 3.09 44.19 17.40
C VAL A 75 3.63 42.86 16.88
N ILE A 76 4.74 42.93 16.14
CA ILE A 76 5.45 41.73 15.69
C ILE A 76 6.93 41.93 15.96
N ARG A 77 7.76 41.00 15.51
CA ARG A 77 9.20 41.13 15.66
C ARG A 77 9.82 41.60 14.34
N GLY A 78 11.10 41.99 14.42
CA GLY A 78 11.73 42.64 13.28
C GLY A 78 11.72 41.80 12.03
N ASP A 79 12.13 40.53 12.15
CA ASP A 79 12.19 39.64 11.00
C ASP A 79 10.83 39.38 10.36
N GLU A 80 9.75 39.88 10.96
CA GLU A 80 8.41 39.67 10.46
C GLU A 80 7.77 40.92 9.87
N VAL A 81 8.44 42.08 9.97
CA VAL A 81 7.92 43.30 9.37
C VAL A 81 7.79 43.14 7.86
N ARG A 82 8.67 42.35 7.25
CA ARG A 82 8.60 42.10 5.81
C ARG A 82 7.36 41.32 5.39
N GLN A 83 6.62 40.76 6.35
CA GLN A 83 5.45 39.96 6.03
C GLN A 83 4.16 40.77 5.96
N ILE A 84 4.13 41.96 6.56
CA ILE A 84 2.93 42.78 6.55
C ILE A 84 2.89 43.53 5.22
N ALA A 85 2.52 42.81 4.16
CA ALA A 85 2.51 43.36 2.81
C ALA A 85 1.63 42.47 1.95
N PRO A 86 1.10 43.00 0.86
CA PRO A 86 0.29 42.16 -0.04
C PRO A 86 1.12 41.03 -0.62
N GLY A 87 0.49 39.88 -0.80
CA GLY A 87 1.13 38.77 -1.47
C GLY A 87 2.27 38.11 -0.72
N GLN A 88 2.41 38.40 0.57
CA GLN A 88 3.48 37.79 1.36
C GLN A 88 2.96 36.53 2.05
N THR A 89 3.87 35.59 2.29
CA THR A 89 3.56 34.35 2.98
C THR A 89 4.51 34.16 4.16
N GLY A 90 4.13 33.27 5.06
CA GLY A 90 4.87 33.07 6.28
C GLY A 90 3.96 32.90 7.47
N LYS A 91 4.54 32.79 8.67
CA LYS A 91 3.74 32.52 9.85
C LYS A 91 2.78 33.67 10.15
N ILE A 92 3.26 34.91 10.03
CA ILE A 92 2.42 36.06 10.34
C ILE A 92 1.37 36.29 9.26
N ALA A 93 1.80 36.33 7.99
CA ALA A 93 0.90 36.68 6.91
C ALA A 93 -0.14 35.58 6.62
N ASP A 94 0.14 34.33 7.01
CA ASP A 94 -0.79 33.25 6.78
C ASP A 94 -1.69 32.97 7.97
N TYR A 95 -1.21 33.21 9.19
CA TYR A 95 -1.92 32.79 10.40
C TYR A 95 -2.30 33.92 11.35
N ASN A 96 -1.93 35.16 11.07
CA ASN A 96 -2.24 36.24 12.01
C ASN A 96 -2.87 37.45 11.34
N TYR A 97 -2.21 38.01 10.33
CA TYR A 97 -2.70 39.20 9.65
C TYR A 97 -2.32 39.11 8.19
N LYS A 98 -3.32 39.18 7.30
CA LYS A 98 -3.10 39.02 5.87
C LYS A 98 -3.67 40.23 5.14
N LEU A 99 -2.90 40.77 4.23
CA LEU A 99 -3.39 41.81 3.36
C LEU A 99 -3.80 41.23 2.01
N PRO A 100 -4.83 41.77 1.39
CA PRO A 100 -5.23 41.28 0.07
C PRO A 100 -4.16 41.56 -0.97
N ASP A 101 -4.23 40.82 -2.08
CA ASP A 101 -3.27 41.02 -3.16
C ASP A 101 -3.44 42.37 -3.85
N ASP A 102 -4.59 43.01 -3.68
CA ASP A 102 -4.85 44.34 -4.23
C ASP A 102 -4.95 45.37 -3.11
N PHE A 103 -4.13 45.21 -2.08
CA PHE A 103 -4.19 46.09 -0.93
C PHE A 103 -3.88 47.52 -1.33
N THR A 104 -4.74 48.45 -0.93
CA THR A 104 -4.58 49.86 -1.23
C THR A 104 -4.43 50.60 0.09
N GLY A 105 -3.19 50.89 0.46
CA GLY A 105 -2.93 51.55 1.73
C GLY A 105 -1.44 51.62 1.98
N CYS A 106 -1.09 51.88 3.25
CA CYS A 106 0.30 52.04 3.65
C CYS A 106 0.57 51.20 4.88
N VAL A 107 1.83 50.81 5.04
CA VAL A 107 2.30 50.02 6.17
C VAL A 107 3.39 50.82 6.88
N ILE A 108 3.16 51.15 8.15
CA ILE A 108 4.09 51.96 8.94
C ILE A 108 4.55 51.13 10.12
N ALA A 109 5.86 51.15 10.38
CA ALA A 109 6.42 50.39 11.48
C ALA A 109 7.62 51.16 12.06
N TRP A 110 7.76 51.07 13.38
CA TRP A 110 8.88 51.69 14.08
C TRP A 110 9.34 50.78 15.20
N ASN A 111 10.64 50.80 15.49
CA ASN A 111 11.19 50.00 16.57
C ASN A 111 10.63 50.45 17.90
N SER A 112 10.15 49.50 18.69
CA SER A 112 9.53 49.78 19.99
C SER A 112 10.21 48.97 21.09
N ASN A 113 11.55 48.88 21.04
CA ASN A 113 12.25 48.08 22.03
C ASN A 113 12.14 48.70 23.42
N ASN A 114 12.18 50.03 23.50
CA ASN A 114 12.06 50.71 24.79
C ASN A 114 10.67 50.57 25.40
N LEU A 115 9.65 50.24 24.60
CA LEU A 115 8.30 50.12 25.11
C LEU A 115 7.88 48.69 25.39
N ASP A 116 8.23 47.75 24.52
CA ASP A 116 7.61 46.43 24.51
C ASP A 116 8.55 45.30 24.90
N SER A 117 9.80 45.59 25.23
CA SER A 117 10.72 44.58 25.73
C SER A 117 11.02 44.83 27.20
N LYS A 118 11.18 43.75 27.95
CA LYS A 118 11.47 43.80 29.37
C LYS A 118 12.78 43.05 29.64
N VAL A 119 13.40 43.40 30.76
CA VAL A 119 14.67 42.77 31.12
C VAL A 119 14.50 41.26 31.28
N GLY A 120 13.45 40.84 31.97
CA GLY A 120 13.14 39.43 32.06
C GLY A 120 12.40 38.85 30.88
N GLY A 121 12.15 39.65 29.84
CA GLY A 121 11.38 39.19 28.70
C GLY A 121 9.90 39.47 28.85
N ASN A 122 9.27 39.97 27.78
CA ASN A 122 7.84 40.27 27.77
C ASN A 122 7.14 39.24 26.90
N TYR A 123 6.36 38.37 27.53
CA TYR A 123 5.66 37.29 26.84
C TYR A 123 4.19 37.60 26.62
N ASN A 124 3.76 38.82 26.90
CA ASN A 124 2.37 39.19 26.73
C ASN A 124 1.99 39.34 25.26
N TYR A 125 2.98 39.51 24.39
CA TYR A 125 2.73 39.58 22.95
C TYR A 125 2.80 38.17 22.38
N ARG A 126 1.69 37.70 21.83
CA ARG A 126 1.58 36.35 21.32
C ARG A 126 1.27 36.38 19.83
N TYR A 127 1.32 35.20 19.21
CA TYR A 127 0.98 35.07 17.80
C TYR A 127 0.48 33.66 17.53
N ARG A 128 -0.35 33.53 16.50
CA ARG A 128 -0.90 32.24 16.11
C ARG A 128 0.14 31.48 15.29
N LEU A 129 0.63 30.37 15.82
CA LEU A 129 1.67 29.57 15.17
C LEU A 129 1.10 28.46 14.29
N PHE A 130 0.07 27.76 14.76
CA PHE A 130 -0.54 26.66 14.02
C PHE A 130 -1.95 27.05 13.59
N ARG A 131 -2.28 26.76 12.33
CA ARG A 131 -3.64 26.91 11.84
C ARG A 131 -3.81 26.03 10.62
N LYS A 132 -4.97 25.38 10.52
CA LYS A 132 -5.17 24.41 9.44
C LYS A 132 -5.17 25.09 8.08
N SER A 133 -5.85 26.23 7.94
CA SER A 133 -5.94 26.94 6.68
C SER A 133 -5.47 28.38 6.86
N ASN A 134 -4.99 28.96 5.77
CA ASN A 134 -4.56 30.35 5.80
C ASN A 134 -5.73 31.28 6.08
N LEU A 135 -5.42 32.41 6.70
CA LEU A 135 -6.42 33.45 6.91
C LEU A 135 -6.78 34.12 5.59
N LYS A 136 -8.05 34.47 5.44
CA LYS A 136 -8.46 35.34 4.35
C LYS A 136 -8.10 36.79 4.68
N PRO A 137 -7.94 37.62 3.66
CA PRO A 137 -7.49 39.01 3.91
C PRO A 137 -8.38 39.73 4.91
N PHE A 138 -7.72 40.47 5.82
CA PHE A 138 -8.40 41.25 6.86
C PHE A 138 -9.26 40.37 7.76
N GLU A 139 -8.86 39.12 7.95
CA GLU A 139 -9.50 38.24 8.91
C GLU A 139 -8.76 38.31 10.24
N ARG A 140 -9.52 38.23 11.33
CA ARG A 140 -8.99 38.29 12.68
C ARG A 140 -9.43 37.03 13.41
N ASP A 141 -8.48 36.16 13.72
CA ASP A 141 -8.76 34.92 14.40
C ASP A 141 -8.21 35.02 15.81
N ILE A 142 -9.10 34.99 16.80
CA ILE A 142 -8.73 35.05 18.20
C ILE A 142 -9.09 33.74 18.90
N SER A 143 -9.30 32.68 18.12
CA SER A 143 -9.63 31.38 18.69
C SER A 143 -8.43 30.75 19.38
N THR A 144 -8.69 30.10 20.51
CA THR A 144 -7.66 29.42 21.29
C THR A 144 -7.90 27.92 21.36
N GLU A 145 -8.54 27.36 20.33
CA GLU A 145 -8.85 25.94 20.33
C GLU A 145 -7.61 25.11 20.04
N ILE A 146 -7.44 24.03 20.80
CA ILE A 146 -6.26 23.19 20.68
C ILE A 146 -6.15 22.66 19.26
N TYR A 147 -4.94 22.73 18.70
CA TYR A 147 -4.70 22.38 17.30
C TYR A 147 -4.33 20.91 17.19
N GLN A 148 -5.03 20.20 16.33
CA GLN A 148 -4.72 18.81 16.05
C GLN A 148 -3.61 18.75 14.99
N ALA A 149 -2.47 18.13 15.36
CA ALA A 149 -1.34 18.00 14.46
C ALA A 149 -0.91 16.55 14.27
N GLY A 150 -1.75 15.59 14.67
CA GLY A 150 -1.49 14.18 14.44
C GLY A 150 -2.67 13.53 13.75
N SER A 151 -3.00 12.32 14.20
CA SER A 151 -4.12 11.58 13.63
C SER A 151 -5.34 11.69 14.54
N LYS A 152 -5.27 11.02 15.68
CA LYS A 152 -6.24 11.10 16.77
C LYS A 152 -6.66 12.55 17.04
N PRO A 153 -7.95 12.81 17.25
CA PRO A 153 -8.37 14.17 17.61
C PRO A 153 -7.89 14.54 19.00
N CYS A 154 -8.09 15.80 19.36
CA CYS A 154 -7.62 16.31 20.64
C CYS A 154 -8.72 16.51 21.65
N ASN A 155 -9.90 16.97 21.21
CA ASN A 155 -11.06 17.18 22.08
C ASN A 155 -10.66 17.90 23.36
N GLY A 156 -9.98 19.03 23.21
CA GLY A 156 -9.56 19.83 24.34
C GLY A 156 -8.28 19.36 24.98
N VAL A 157 -8.07 18.04 25.04
CA VAL A 157 -6.87 17.49 25.66
C VAL A 157 -5.64 17.96 24.92
N GLU A 158 -4.69 18.55 25.65
CA GLU A 158 -3.46 19.03 25.06
C GLU A 158 -2.34 18.02 25.28
N GLY A 159 -1.37 18.03 24.38
CA GLY A 159 -0.29 17.06 24.42
C GLY A 159 0.65 17.13 23.24
N PHE A 160 0.89 15.99 22.57
CA PHE A 160 1.96 15.86 21.60
C PHE A 160 1.52 16.06 20.16
N ASN A 161 0.25 15.86 19.88
CA ASN A 161 -0.32 16.17 18.58
C ASN A 161 -1.41 17.21 18.76
N CYS A 162 -1.36 17.86 19.93
CA CYS A 162 -2.38 18.78 20.41
C CYS A 162 -1.64 19.96 21.01
N TYR A 163 -1.63 21.07 20.29
CA TYR A 163 -0.84 22.23 20.66
C TYR A 163 -1.75 23.43 20.89
N PHE A 164 -1.40 24.24 21.88
CA PHE A 164 -2.05 25.52 22.07
C PHE A 164 -1.65 26.41 20.91
N PRO A 165 -2.61 26.96 20.15
CA PRO A 165 -2.26 27.60 18.87
C PRO A 165 -1.51 28.91 18.99
N LEU A 166 -1.34 29.46 20.19
CA LEU A 166 -0.67 30.75 20.37
C LEU A 166 0.67 30.55 21.06
N GLN A 167 1.59 31.49 20.82
CA GLN A 167 2.95 31.38 21.32
C GLN A 167 3.48 32.75 21.70
N SER A 168 4.21 32.81 22.81
CA SER A 168 4.71 34.07 23.34
C SER A 168 5.92 34.55 22.53
N TYR A 169 6.07 35.86 22.46
CA TYR A 169 7.21 36.42 21.74
C TYR A 169 8.47 36.43 22.59
N GLY A 170 8.40 36.98 23.80
CA GLY A 170 9.56 37.05 24.65
C GLY A 170 10.55 38.12 24.26
N PHE A 171 10.13 39.38 24.36
CA PHE A 171 10.95 40.51 23.93
C PHE A 171 11.89 40.90 25.05
N GLN A 172 13.19 40.79 24.79
CA GLN A 172 14.22 41.28 25.69
C GLN A 172 14.98 42.41 25.02
N PRO A 173 15.33 43.47 25.76
CA PRO A 173 15.96 44.64 25.12
C PRO A 173 17.31 44.33 24.50
N THR A 174 17.94 43.25 24.90
CA THR A 174 19.27 42.90 24.41
C THR A 174 19.22 41.99 23.18
N ASN A 175 18.05 41.55 22.76
CA ASN A 175 17.96 40.72 21.56
C ASN A 175 18.36 41.51 20.33
N GLY A 176 18.76 40.77 19.29
CA GLY A 176 19.00 41.39 18.00
C GLY A 176 17.78 42.07 17.45
N VAL A 177 18.01 42.99 16.50
CA VAL A 177 16.91 43.78 15.95
C VAL A 177 15.85 42.89 15.31
N GLY A 178 16.24 41.70 14.83
CA GLY A 178 15.28 40.79 14.28
C GLY A 178 14.32 40.21 15.30
N TYR A 179 14.78 40.08 16.55
CA TYR A 179 13.97 39.54 17.63
C TYR A 179 13.41 40.62 18.54
N GLN A 180 13.54 41.89 18.16
CA GLN A 180 13.03 43.00 18.95
C GLN A 180 11.61 43.35 18.51
N PRO A 181 10.82 43.95 19.40
CA PRO A 181 9.43 44.25 19.05
C PRO A 181 9.33 45.47 18.14
N TYR A 182 8.44 45.37 17.16
CA TYR A 182 8.13 46.48 16.27
C TYR A 182 6.62 46.70 16.29
N ARG A 183 6.22 47.95 16.48
CA ARG A 183 4.81 48.33 16.41
C ARG A 183 4.47 48.73 14.98
N VAL A 184 3.32 48.25 14.50
CA VAL A 184 2.91 48.46 13.12
C VAL A 184 1.55 49.14 13.11
N VAL A 185 1.35 50.04 12.14
CA VAL A 185 0.04 50.64 11.86
C VAL A 185 -0.22 50.46 10.37
N VAL A 186 -1.32 49.80 10.03
CA VAL A 186 -1.71 49.58 8.64
C VAL A 186 -2.92 50.45 8.36
N LEU A 187 -2.77 51.40 7.45
CA LEU A 187 -3.84 52.30 7.04
C LEU A 187 -4.46 51.77 5.75
N SER A 188 -5.72 51.35 5.84
CA SER A 188 -6.46 50.87 4.68
C SER A 188 -7.38 51.97 4.20
N PHE A 189 -7.40 52.20 2.89
CA PHE A 189 -8.20 53.25 2.28
C PHE A 189 -9.27 52.61 1.42
N GLU A 190 -10.51 52.64 1.91
CA GLU A 190 -11.63 51.97 1.27
C GLU A 190 -12.43 52.97 0.45
N LEU A 191 -12.73 52.61 -0.79
CA LEU A 191 -13.47 53.47 -1.72
C LEU A 191 -14.68 52.70 -2.23
N LEU A 192 -15.83 52.93 -1.61
CA LEU A 192 -17.08 52.37 -2.08
C LEU A 192 -17.79 53.38 -2.98
N HIS A 193 -18.89 52.95 -3.59
CA HIS A 193 -19.78 53.85 -4.32
C HIS A 193 -20.73 54.61 -3.39
N ALA A 194 -20.24 55.01 -2.22
CA ALA A 194 -20.97 55.74 -1.20
C ALA A 194 -20.35 57.11 -1.00
N PRO A 195 -21.08 58.06 -0.39
CA PRO A 195 -20.49 59.38 -0.14
C PRO A 195 -19.30 59.28 0.80
N ALA A 196 -18.21 59.95 0.42
CA ALA A 196 -16.97 59.91 1.20
C ALA A 196 -17.09 60.79 2.44
N THR A 197 -16.41 60.37 3.50
CA THR A 197 -16.44 61.08 4.77
C THR A 197 -15.07 61.47 5.30
N VAL A 198 -14.00 60.85 4.81
CA VAL A 198 -12.64 61.14 5.25
C VAL A 198 -11.89 61.76 4.08
N CYS A 199 -11.56 63.04 4.20
CA CYS A 199 -10.75 63.74 3.20
C CYS A 199 -9.52 64.32 3.88
N GLY A 200 -8.39 64.26 3.17
CA GLY A 200 -7.15 64.81 3.69
C GLY A 200 -7.04 66.31 3.42
N LYS A 201 -6.54 67.03 4.41
CA LYS A 201 -6.36 68.48 4.26
C LYS A 201 -5.35 69.00 5.27
N GLN B 1 13.63 36.40 21.65
CA GLN B 1 14.46 35.27 21.27
C GLN B 1 14.69 34.33 22.46
N VAL B 2 14.40 33.06 22.26
CA VAL B 2 14.63 32.06 23.30
C VAL B 2 16.09 31.62 23.28
N GLN B 3 16.74 31.68 24.44
CA GLN B 3 18.15 31.36 24.57
C GLN B 3 18.32 30.11 25.42
N LEU B 4 19.01 29.11 24.87
CA LEU B 4 19.23 27.83 25.54
C LEU B 4 20.72 27.61 25.72
N GLN B 5 21.16 27.52 26.98
CA GLN B 5 22.55 27.25 27.34
C GLN B 5 22.61 25.93 28.08
N GLU B 6 23.42 25.01 27.58
CA GLU B 6 23.56 23.68 28.14
C GLU B 6 24.94 23.50 28.77
N SER B 7 24.96 22.71 29.85
CA SER B 7 26.19 22.49 30.60
C SER B 7 26.26 21.04 31.04
N GLY B 8 27.47 20.59 31.37
CA GLY B 8 27.70 19.24 31.79
C GLY B 8 29.02 18.70 31.26
N PRO B 9 29.53 17.64 31.89
CA PRO B 9 30.82 17.10 31.46
C PRO B 9 30.74 16.48 30.08
N GLY B 10 31.75 16.74 29.27
CA GLY B 10 31.89 16.15 27.95
C GLY B 10 32.62 14.83 27.97
N LEU B 11 32.91 14.29 29.15
CA LEU B 11 33.62 13.03 29.29
C LEU B 11 32.94 12.23 30.40
N VAL B 12 32.39 11.07 30.04
CA VAL B 12 31.69 10.19 30.97
C VAL B 12 32.22 8.78 30.78
N LYS B 13 32.68 8.16 31.86
CA LYS B 13 33.14 6.79 31.78
C LYS B 13 31.98 5.86 31.42
N PRO B 14 32.27 4.74 30.76
CA PRO B 14 31.21 3.81 30.39
C PRO B 14 30.47 3.27 31.61
N SER B 15 29.23 2.85 31.38
CA SER B 15 28.32 2.32 32.41
C SER B 15 27.90 3.38 33.42
N GLU B 16 28.57 4.53 33.41
CA GLU B 16 28.19 5.64 34.28
C GLU B 16 26.93 6.31 33.71
N THR B 17 26.52 7.42 34.33
CA THR B 17 25.32 8.12 33.93
C THR B 17 25.70 9.47 33.32
N LEU B 18 25.30 9.67 32.07
CA LEU B 18 25.44 10.98 31.45
C LEU B 18 24.44 11.95 32.09
N SER B 19 24.89 13.16 32.37
CA SER B 19 24.01 14.17 32.94
C SER B 19 24.31 15.52 32.31
N LEU B 20 23.26 16.20 31.85
CA LEU B 20 23.37 17.51 31.24
C LEU B 20 22.22 18.38 31.72
N THR B 21 22.47 19.68 31.80
CA THR B 21 21.46 20.64 32.25
C THR B 21 21.41 21.79 31.26
N CYS B 22 20.19 22.13 30.82
CA CYS B 22 19.95 23.24 29.91
C CYS B 22 19.26 24.35 30.69
N THR B 23 19.87 25.53 30.69
CA THR B 23 19.30 26.70 31.37
C THR B 23 18.64 27.58 30.32
N VAL B 24 17.44 28.04 30.63
CA VAL B 24 16.64 28.82 29.69
C VAL B 24 16.67 30.28 30.11
N SER B 25 17.03 31.17 29.16
CA SER B 25 17.10 32.60 29.41
C SER B 25 16.41 33.40 28.31
N GLY B 26 15.51 32.78 27.56
CA GLY B 26 14.81 33.47 26.49
C GLY B 26 13.31 33.41 26.66
N GLY B 27 12.85 32.43 27.44
CA GLY B 27 11.44 32.23 27.67
C GLY B 27 11.20 31.49 28.96
N SER B 28 10.25 31.94 29.76
CA SER B 28 9.94 31.26 31.02
C SER B 28 9.60 29.80 30.73
N ILE B 29 10.34 28.89 31.36
CA ILE B 29 10.12 27.47 31.17
C ILE B 29 8.72 27.06 31.57
N SER B 30 8.00 27.94 32.27
CA SER B 30 6.61 27.72 32.67
C SER B 30 5.61 28.47 31.82
N SER B 31 5.97 29.64 31.30
CA SER B 31 5.00 30.51 30.63
C SER B 31 5.25 30.53 29.13
N SER B 32 5.15 29.37 28.49
CA SER B 32 5.29 29.24 27.05
C SER B 32 4.75 27.89 26.63
N ASN B 33 4.02 27.87 25.52
CA ASN B 33 3.53 26.61 24.95
C ASN B 33 4.67 25.89 24.23
N TYR B 34 5.70 25.58 25.01
CA TYR B 34 6.95 25.02 24.50
C TYR B 34 7.24 23.73 25.23
N TYR B 35 7.47 22.66 24.47
CA TYR B 35 8.02 21.46 25.08
C TYR B 35 9.53 21.63 25.18
N TRP B 36 10.16 20.85 26.07
CA TRP B 36 11.58 21.00 26.34
C TRP B 36 12.24 19.63 26.22
N GLY B 37 13.06 19.47 25.18
CA GLY B 37 13.53 18.17 24.76
C GLY B 37 15.04 18.10 24.65
N TRP B 38 15.50 16.94 24.18
CA TRP B 38 16.91 16.68 23.94
C TRP B 38 17.05 15.94 22.62
N ILE B 39 17.97 16.39 21.77
CA ILE B 39 18.30 15.72 20.53
C ILE B 39 19.80 15.50 20.51
N ARG B 40 20.22 14.28 20.18
CA ARG B 40 21.64 13.99 20.06
C ARG B 40 22.02 13.74 18.60
N GLN B 41 23.32 13.77 18.35
CA GLN B 41 23.85 13.57 17.00
C GLN B 41 25.22 12.91 17.12
N PRO B 42 25.31 11.62 16.86
CA PRO B 42 26.61 10.97 16.85
C PRO B 42 27.50 11.59 15.78
N PRO B 43 28.82 11.53 15.98
CA PRO B 43 29.73 12.15 15.01
C PRO B 43 29.55 11.57 13.62
N GLY B 44 29.36 12.44 12.64
CA GLY B 44 29.16 12.00 11.28
C GLY B 44 27.86 11.29 11.00
N LYS B 45 26.96 11.22 11.97
CA LYS B 45 25.70 10.52 11.81
C LYS B 45 24.55 11.52 11.79
N GLY B 46 23.33 11.00 11.78
CA GLY B 46 22.13 11.82 11.72
C GLY B 46 21.72 12.31 13.09
N LEU B 47 20.48 12.77 13.17
CA LEU B 47 19.91 13.28 14.41
C LEU B 47 18.96 12.26 15.01
N GLU B 48 18.99 12.13 16.34
CA GLU B 48 18.12 11.23 17.07
C GLU B 48 17.47 11.98 18.22
N TRP B 49 16.14 11.97 18.26
CA TRP B 49 15.42 12.54 19.38
C TRP B 49 15.54 11.64 20.61
N ILE B 50 15.73 12.26 21.77
CA ILE B 50 15.92 11.52 23.01
C ILE B 50 14.62 11.52 23.80
N GLY B 51 14.15 12.72 24.14
CA GLY B 51 12.91 12.85 24.90
C GLY B 51 12.57 14.31 25.05
N SER B 52 11.38 14.56 25.57
CA SER B 52 10.89 15.91 25.83
C SER B 52 10.09 15.89 27.13
N ILE B 53 9.77 17.09 27.62
CA ILE B 53 9.06 17.21 28.89
C ILE B 53 8.25 18.50 28.86
N TYR B 54 7.13 18.50 29.55
CA TYR B 54 6.30 19.68 29.69
C TYR B 54 6.49 20.29 31.07
N TYR B 55 6.00 21.51 31.23
CA TYR B 55 6.13 22.19 32.52
C TYR B 55 5.43 21.41 33.63
N SER B 56 4.45 20.59 33.29
CA SER B 56 3.76 19.76 34.28
C SER B 56 3.00 18.67 33.55
N GLY B 57 2.45 19.00 32.38
CA GLY B 57 1.68 18.10 31.53
C GLY B 57 2.12 16.65 31.60
N SER B 58 3.28 16.35 31.01
CA SER B 58 3.87 15.02 31.07
C SER B 58 5.20 15.00 30.33
N SER B 59 5.84 13.84 30.29
CA SER B 59 7.07 13.62 29.53
C SER B 59 6.79 12.62 28.40
N TYR B 60 7.69 12.62 27.42
CA TYR B 60 7.56 11.75 26.26
C TYR B 60 8.97 11.38 25.80
N TYR B 61 9.26 10.08 25.74
CA TYR B 61 10.60 9.61 25.46
C TYR B 61 10.63 8.83 24.15
N SER B 62 11.84 8.70 23.60
CA SER B 62 12.08 7.79 22.49
C SER B 62 12.05 6.37 23.02
N PRO B 63 11.17 5.50 22.51
CA PRO B 63 11.09 4.13 23.05
C PRO B 63 12.39 3.35 22.95
N SER B 64 13.24 3.65 21.96
CA SER B 64 14.52 2.97 21.85
C SER B 64 15.46 3.29 23.00
N LEU B 65 15.16 4.32 23.79
CA LEU B 65 16.00 4.73 24.90
C LEU B 65 15.23 4.91 26.20
N LYS B 66 13.93 4.61 26.22
CA LYS B 66 13.09 4.99 27.34
C LYS B 66 13.55 4.36 28.65
N SER B 67 14.18 3.19 28.57
CA SER B 67 14.62 2.51 29.79
C SER B 67 15.84 3.17 30.43
N ARG B 68 16.60 3.94 29.65
CA ARG B 68 17.85 4.53 30.12
C ARG B 68 17.77 6.02 30.35
N VAL B 69 16.66 6.66 30.01
CA VAL B 69 16.56 8.11 29.91
C VAL B 69 15.64 8.65 30.99
N THR B 70 16.05 9.74 31.63
CA THR B 70 15.22 10.46 32.59
C THR B 70 15.39 11.95 32.33
N ILE B 71 14.29 12.64 32.08
CA ILE B 71 14.29 14.09 31.87
C ILE B 71 13.51 14.73 33.00
N SER B 72 14.16 15.66 33.70
CA SER B 72 13.54 16.36 34.81
C SER B 72 13.53 17.85 34.50
N VAL B 73 12.67 18.58 35.19
CA VAL B 73 12.51 20.01 34.99
C VAL B 73 12.66 20.70 36.33
N ASP B 74 13.39 21.82 36.33
CA ASP B 74 13.56 22.67 37.51
C ASP B 74 13.13 24.07 37.14
N THR B 75 12.12 24.58 37.84
CA THR B 75 11.55 25.87 37.51
C THR B 75 12.12 27.01 38.35
N SER B 76 12.45 26.73 39.61
CA SER B 76 13.06 27.77 40.45
C SER B 76 14.38 28.26 39.88
N LYS B 77 15.11 27.38 39.20
CA LYS B 77 16.39 27.72 38.61
C LYS B 77 16.32 27.76 37.09
N SER B 78 15.13 27.60 36.52
CA SER B 78 14.88 27.61 35.07
C SER B 78 15.86 26.67 34.34
N GLN B 79 15.66 25.39 34.60
CA GLN B 79 16.51 24.37 34.02
C GLN B 79 15.69 23.11 33.80
N PHE B 80 16.01 22.40 32.72
CA PHE B 80 15.54 21.04 32.54
C PHE B 80 16.75 20.18 32.23
N SER B 81 16.78 18.97 32.77
CA SER B 81 17.99 18.17 32.81
C SER B 81 17.76 16.83 32.12
N LEU B 82 18.86 16.18 31.79
CA LEU B 82 18.86 14.90 31.10
C LEU B 82 19.78 13.94 31.84
N LYS B 83 19.36 12.69 31.95
CA LYS B 83 20.16 11.67 32.61
C LYS B 83 20.07 10.38 31.79
N LEU B 84 21.20 9.95 31.25
CA LEU B 84 21.28 8.72 30.46
C LEU B 84 22.10 7.71 31.25
N SER B 85 21.48 6.59 31.58
CA SER B 85 22.11 5.59 32.42
C SER B 85 22.81 4.53 31.58
N SER B 86 23.89 3.97 32.15
CA SER B 86 24.65 2.90 31.53
C SER B 86 25.10 3.27 30.12
N VAL B 87 25.79 4.42 30.02
CA VAL B 87 26.24 4.89 28.73
C VAL B 87 27.32 3.96 28.18
N THR B 88 27.37 3.87 26.85
CA THR B 88 28.38 3.11 26.14
C THR B 88 29.00 4.01 25.07
N ALA B 89 30.03 3.49 24.40
CA ALA B 89 30.63 4.23 23.29
C ALA B 89 29.62 4.57 22.20
N ALA B 90 28.51 3.84 22.14
CA ALA B 90 27.41 4.19 21.24
C ALA B 90 26.79 5.54 21.58
N ASP B 91 26.91 5.98 22.84
CA ASP B 91 26.31 7.24 23.27
C ASP B 91 27.25 8.42 23.11
N THR B 92 28.44 8.23 22.55
CA THR B 92 29.30 9.36 22.21
C THR B 92 28.64 10.15 21.10
N ALA B 93 28.13 11.33 21.45
CA ALA B 93 27.38 12.14 20.49
C ALA B 93 27.32 13.57 20.99
N VAL B 94 27.00 14.47 20.07
CA VAL B 94 26.72 15.85 20.42
C VAL B 94 25.28 15.93 20.91
N TYR B 95 25.09 16.45 22.11
CA TYR B 95 23.76 16.54 22.73
C TYR B 95 23.28 17.98 22.68
N TYR B 96 22.10 18.19 22.11
CA TYR B 96 21.46 19.48 22.04
C TYR B 96 20.24 19.52 22.97
N CYS B 97 19.99 20.68 23.54
CA CYS B 97 18.71 20.94 24.19
C CYS B 97 17.91 21.89 23.32
N ALA B 98 16.61 21.62 23.19
CA ALA B 98 15.79 22.30 22.22
C ALA B 98 14.44 22.69 22.81
N SER B 99 13.95 23.87 22.41
CA SER B 99 12.59 24.30 22.68
C SER B 99 11.70 23.67 21.62
N THR B 100 11.19 22.48 21.92
CA THR B 100 10.45 21.68 20.95
C THR B 100 8.95 21.92 21.06
N LEU B 101 8.24 21.51 20.01
CA LEU B 101 6.79 21.55 19.99
C LEU B 101 6.29 20.61 18.89
N GLY B 102 5.75 21.16 17.80
CA GLY B 102 5.63 20.38 16.60
C GLY B 102 7.03 20.22 16.05
N ALA B 103 7.68 21.34 15.82
CA ALA B 103 9.09 21.35 15.49
C ALA B 103 9.90 21.73 16.73
N THR B 104 11.21 21.58 16.62
CA THR B 104 12.15 22.03 17.64
C THR B 104 12.62 23.42 17.21
N PHE B 105 12.09 24.45 17.87
CA PHE B 105 12.22 25.81 17.35
C PHE B 105 13.57 26.43 17.69
N TYR B 106 13.99 26.35 18.95
CA TYR B 106 15.27 26.90 19.38
C TYR B 106 16.20 25.77 19.80
N TRP B 107 17.50 26.02 19.66
CA TRP B 107 18.51 24.98 19.85
C TRP B 107 19.67 25.54 20.65
N GLY B 108 20.08 24.81 21.69
CA GLY B 108 21.33 25.08 22.36
C GLY B 108 22.51 24.83 21.44
N GLN B 109 23.67 25.34 21.85
CA GLN B 109 24.85 25.24 20.99
C GLN B 109 25.35 23.81 20.84
N GLY B 110 25.03 22.93 21.78
CA GLY B 110 25.44 21.54 21.66
C GLY B 110 26.69 21.19 22.43
N THR B 111 26.61 20.17 23.28
CA THR B 111 27.75 19.71 24.08
C THR B 111 28.15 18.31 23.60
N LEU B 112 29.39 18.19 23.13
CA LEU B 112 29.92 16.89 22.76
C LEU B 112 30.26 16.12 24.03
N VAL B 113 29.70 14.93 24.16
CA VAL B 113 29.98 14.06 25.30
C VAL B 113 30.62 12.80 24.76
N THR B 114 31.84 12.52 25.21
CA THR B 114 32.59 11.36 24.77
C THR B 114 32.53 10.29 25.85
N VAL B 115 32.18 9.07 25.46
CA VAL B 115 32.11 7.94 26.37
C VAL B 115 33.37 7.10 26.18
N SER B 116 34.26 7.12 27.17
CA SER B 116 35.49 6.35 27.14
C SER B 116 35.98 6.20 28.57
N SER B 117 36.77 5.15 28.80
CA SER B 117 37.33 4.90 30.12
C SER B 117 38.83 5.17 30.13
N ALA B 118 39.34 5.80 29.07
CA ALA B 118 40.76 6.07 28.95
C ALA B 118 41.10 7.36 29.67
N SER B 119 42.26 7.39 30.30
CA SER B 119 42.75 8.59 30.95
C SER B 119 43.49 9.44 29.92
N THR B 120 44.14 10.50 30.36
CA THR B 120 44.83 11.39 29.43
C THR B 120 46.14 10.76 28.98
N LYS B 121 46.36 10.71 27.67
CA LYS B 121 47.59 10.16 27.10
C LYS B 121 48.12 11.11 26.05
N GLY B 122 49.39 11.47 26.16
CA GLY B 122 50.05 12.26 25.16
C GLY B 122 50.30 11.46 23.91
N PRO B 123 50.20 12.09 22.76
CA PRO B 123 50.31 11.35 21.50
C PRO B 123 51.75 10.99 21.16
N SER B 124 51.86 9.97 20.31
CA SER B 124 53.12 9.65 19.65
C SER B 124 53.07 10.20 18.23
N VAL B 125 54.15 10.83 17.81
CA VAL B 125 54.22 11.50 16.51
C VAL B 125 55.23 10.74 15.66
N PHE B 126 54.75 10.13 14.58
CA PHE B 126 55.60 9.37 13.69
C PHE B 126 55.65 10.05 12.32
N PRO B 127 56.80 10.01 11.65
CA PRO B 127 56.92 10.69 10.37
C PRO B 127 56.29 9.89 9.23
N LEU B 128 55.69 10.61 8.30
CA LEU B 128 55.21 10.03 7.04
C LEU B 128 56.19 10.49 5.97
N ALA B 129 57.29 9.75 5.85
CA ALA B 129 58.40 10.17 5.01
C ALA B 129 58.01 10.14 3.54
N PRO B 130 58.44 11.13 2.76
CA PRO B 130 58.16 11.10 1.31
C PRO B 130 58.98 10.03 0.62
N SER B 131 58.34 9.27 -0.25
CA SER B 131 58.99 8.16 -0.93
C SER B 131 59.69 8.65 -2.20
N SER B 132 60.42 7.74 -2.84
CA SER B 132 61.14 8.04 -4.07
C SER B 132 60.25 7.82 -5.30
N LYS B 133 59.55 6.69 -5.36
CA LYS B 133 58.69 6.36 -6.49
C LYS B 133 57.55 7.35 -6.64
N GLY B 138 56.62 15.59 -9.98
CA GLY B 138 56.84 17.02 -9.80
C GLY B 138 56.57 17.50 -8.39
N THR B 139 55.49 16.97 -7.80
CA THR B 139 55.12 17.29 -6.42
C THR B 139 55.11 16.03 -5.58
N ALA B 140 55.67 16.12 -4.38
CA ALA B 140 55.70 15.02 -3.44
C ALA B 140 54.93 15.38 -2.18
N ALA B 141 54.59 14.36 -1.40
CA ALA B 141 53.78 14.53 -0.20
C ALA B 141 54.50 13.95 1.01
N LEU B 142 54.36 14.63 2.14
CA LEU B 142 54.94 14.17 3.40
C LEU B 142 54.04 14.62 4.53
N GLY B 143 54.21 14.00 5.70
CA GLY B 143 53.36 14.37 6.82
C GLY B 143 53.78 13.72 8.12
N CYS B 144 52.88 13.82 9.10
CA CYS B 144 53.08 13.28 10.43
C CYS B 144 51.86 12.50 10.87
N LEU B 145 52.09 11.45 11.64
CA LEU B 145 51.03 10.62 12.21
C LEU B 145 51.01 10.84 13.72
N VAL B 146 49.94 11.44 14.21
CA VAL B 146 49.76 11.71 15.63
C VAL B 146 48.84 10.61 16.16
N LYS B 147 49.43 9.60 16.80
CA LYS B 147 48.72 8.37 17.10
C LYS B 147 48.65 8.14 18.61
N ASP B 148 47.52 7.56 19.05
CA ASP B 148 47.31 7.10 20.42
C ASP B 148 47.42 8.25 21.43
N TYR B 149 46.38 9.08 21.43
CA TYR B 149 46.25 10.13 22.42
C TYR B 149 44.81 10.25 22.88
N PHE B 150 44.64 10.95 24.00
CA PHE B 150 43.32 11.17 24.59
C PHE B 150 43.44 12.26 25.65
N PRO B 151 42.45 13.16 25.75
CA PRO B 151 41.28 13.29 24.88
C PRO B 151 41.56 14.26 23.73
N GLU B 152 40.51 14.74 23.06
CA GLU B 152 40.69 15.75 22.05
C GLU B 152 41.04 17.08 22.72
N PRO B 153 41.67 18.01 21.98
CA PRO B 153 42.19 17.89 20.62
C PRO B 153 43.70 18.01 20.52
N VAL B 154 44.25 17.89 19.32
CA VAL B 154 45.64 18.22 19.03
C VAL B 154 45.66 19.26 17.92
N THR B 155 46.76 20.01 17.88
CA THR B 155 46.97 21.03 16.86
C THR B 155 48.29 20.76 16.16
N VAL B 156 48.28 20.82 14.83
CA VAL B 156 49.46 20.52 14.02
C VAL B 156 49.71 21.68 13.07
N SER B 157 50.90 22.27 13.16
CA SER B 157 51.38 23.26 12.21
C SER B 157 52.68 22.78 11.60
N TRP B 158 53.14 23.47 10.55
CA TRP B 158 54.33 23.08 9.82
C TRP B 158 55.28 24.25 9.72
N ASN B 159 56.55 24.01 10.05
CA ASN B 159 57.58 25.04 10.06
C ASN B 159 57.20 26.22 10.95
N SER B 160 56.58 25.91 12.08
CA SER B 160 56.15 26.92 13.06
C SER B 160 55.24 27.96 12.45
N GLY B 161 54.40 27.54 11.50
CA GLY B 161 53.47 28.42 10.83
C GLY B 161 53.97 29.03 9.54
N ALA B 162 55.24 28.81 9.18
CA ALA B 162 55.78 29.35 7.94
C ALA B 162 55.32 28.59 6.70
N LEU B 163 54.71 27.41 6.87
CA LEU B 163 54.24 26.59 5.77
C LEU B 163 52.75 26.32 5.97
N THR B 164 51.94 26.94 5.13
CA THR B 164 50.49 26.82 5.26
C THR B 164 49.83 26.37 3.96
N SER B 165 50.45 26.68 2.82
CA SER B 165 49.87 26.36 1.53
C SER B 165 50.03 24.88 1.23
N GLY B 166 48.93 24.20 0.96
CA GLY B 166 48.96 22.79 0.60
C GLY B 166 48.88 21.82 1.75
N VAL B 167 48.56 22.30 2.95
CA VAL B 167 48.53 21.47 4.15
C VAL B 167 47.11 20.96 4.38
N HIS B 168 46.98 19.66 4.62
CA HIS B 168 45.72 19.06 5.02
C HIS B 168 45.94 18.34 6.33
N THR B 169 45.34 18.84 7.40
CA THR B 169 45.33 18.17 8.69
C THR B 169 43.96 17.52 8.87
N PHE B 170 43.94 16.22 8.93
CA PHE B 170 42.68 15.50 8.90
C PHE B 170 42.07 15.39 10.30
N PRO B 171 40.74 15.34 10.39
CA PRO B 171 40.09 15.12 11.68
C PRO B 171 40.42 13.74 12.25
N ALA B 172 40.56 13.68 13.57
CA ALA B 172 40.98 12.46 14.23
C ALA B 172 39.91 11.38 14.16
N VAL B 173 40.36 10.13 14.10
CA VAL B 173 39.49 8.97 14.17
C VAL B 173 39.69 8.31 15.53
N LEU B 174 38.60 7.77 16.08
CA LEU B 174 38.65 7.09 17.38
C LEU B 174 38.99 5.63 17.14
N GLN B 175 40.18 5.22 17.55
CA GLN B 175 40.59 3.83 17.36
C GLN B 175 39.83 2.91 18.31
N SER B 176 39.89 1.61 18.02
CA SER B 176 39.26 0.62 18.87
C SER B 176 39.83 0.62 20.27
N SER B 177 41.06 1.10 20.45
CA SER B 177 41.70 1.17 21.76
C SER B 177 41.17 2.29 22.63
N GLY B 178 40.16 3.03 22.18
CA GLY B 178 39.70 4.19 22.91
C GLY B 178 40.59 5.40 22.78
N LEU B 179 41.63 5.32 21.97
CA LEU B 179 42.57 6.40 21.74
C LEU B 179 42.39 6.95 20.35
N TYR B 180 42.63 8.25 20.19
CA TYR B 180 42.48 8.92 18.90
C TYR B 180 43.78 8.86 18.10
N SER B 181 43.63 8.89 16.78
CA SER B 181 44.75 8.84 15.86
C SER B 181 44.51 9.86 14.76
N LEU B 182 45.54 10.63 14.43
CA LEU B 182 45.39 11.76 13.52
C LEU B 182 46.62 11.90 12.64
N SER B 183 46.40 12.29 11.38
CA SER B 183 47.47 12.48 10.41
C SER B 183 47.37 13.87 9.80
N SER B 184 48.52 14.47 9.54
CA SER B 184 48.61 15.77 8.89
C SER B 184 49.65 15.69 7.79
N VAL B 185 49.27 16.14 6.59
CA VAL B 185 50.10 15.97 5.40
C VAL B 185 50.30 17.32 4.72
N VAL B 186 51.25 17.34 3.79
CA VAL B 186 51.54 18.53 3.00
C VAL B 186 52.21 18.11 1.71
N THR B 187 51.79 18.72 0.61
CA THR B 187 52.39 18.48 -0.70
C THR B 187 53.37 19.61 -1.02
N VAL B 188 54.59 19.24 -1.38
CA VAL B 188 55.64 20.20 -1.67
C VAL B 188 56.27 19.84 -3.01
N PRO B 189 57.00 20.76 -3.63
CA PRO B 189 57.75 20.40 -4.84
C PRO B 189 58.82 19.37 -4.53
N SER B 190 58.98 18.41 -5.45
CA SER B 190 59.95 17.33 -5.25
C SER B 190 61.38 17.85 -5.18
N SER B 191 61.64 19.03 -5.76
CA SER B 191 62.99 19.57 -5.80
C SER B 191 63.46 20.14 -4.48
N SER B 192 62.55 20.36 -3.51
CA SER B 192 62.91 20.98 -2.25
C SER B 192 63.13 19.96 -1.14
N LEU B 193 63.06 18.66 -1.43
CA LEU B 193 63.18 17.65 -0.39
C LEU B 193 64.58 17.57 0.19
N GLY B 194 65.60 18.00 -0.55
CA GLY B 194 66.96 17.93 -0.06
C GLY B 194 67.48 19.23 0.49
N THR B 195 66.76 20.32 0.24
CA THR B 195 67.21 21.65 0.62
C THR B 195 66.35 22.32 1.67
N GLN B 196 65.07 21.95 1.78
CA GLN B 196 64.16 22.56 2.73
C GLN B 196 63.87 21.58 3.86
N THR B 197 63.99 22.06 5.10
CA THR B 197 63.71 21.25 6.27
C THR B 197 62.24 21.37 6.64
N TYR B 198 61.57 20.22 6.79
CA TYR B 198 60.16 20.17 7.11
C TYR B 198 59.97 19.57 8.50
N ILE B 199 59.24 20.28 9.36
CA ILE B 199 59.00 19.87 10.74
C ILE B 199 57.56 20.15 11.09
N CYS B 200 56.85 19.16 11.62
CA CYS B 200 55.48 19.32 12.06
C CYS B 200 55.44 19.60 13.57
N ASN B 201 54.60 20.55 13.97
CA ASN B 201 54.50 21.00 15.35
C ASN B 201 53.20 20.47 15.93
N VAL B 202 53.28 19.40 16.71
CA VAL B 202 52.12 18.78 17.34
C VAL B 202 52.00 19.31 18.75
N ASN B 203 50.79 19.74 19.13
CA ASN B 203 50.52 20.29 20.45
C ASN B 203 49.27 19.63 21.00
N HIS B 204 49.39 18.96 22.14
CA HIS B 204 48.29 18.28 22.81
C HIS B 204 48.20 18.84 24.22
N LYS B 205 47.47 19.96 24.36
CA LYS B 205 47.37 20.64 25.64
C LYS B 205 46.78 19.79 26.77
N PRO B 206 45.81 18.90 26.55
CA PRO B 206 45.33 18.08 27.67
C PRO B 206 46.41 17.32 28.41
N SER B 207 47.48 16.91 27.72
CA SER B 207 48.58 16.20 28.36
C SER B 207 49.85 17.04 28.46
N ASN B 208 49.78 18.34 28.14
CA ASN B 208 50.94 19.23 28.17
C ASN B 208 52.06 18.69 27.30
N THR B 209 51.70 18.22 26.11
CA THR B 209 52.64 17.57 25.19
C THR B 209 52.86 18.49 23.99
N LYS B 210 54.12 18.89 23.79
CA LYS B 210 54.54 19.63 22.60
C LYS B 210 55.70 18.87 21.98
N VAL B 211 55.54 18.47 20.72
CA VAL B 211 56.53 17.64 20.04
C VAL B 211 56.79 18.22 18.65
N ASP B 212 58.06 18.43 18.33
CA ASP B 212 58.49 18.83 17.00
C ASP B 212 59.19 17.63 16.36
N LYS B 213 58.66 17.19 15.22
CA LYS B 213 59.20 16.04 14.51
C LYS B 213 59.71 16.49 13.15
N ARG B 214 60.99 16.24 12.87
CA ARG B 214 61.54 16.55 11.56
C ARG B 214 61.22 15.39 10.62
N VAL B 215 60.68 15.73 9.45
CA VAL B 215 60.30 14.74 8.46
C VAL B 215 61.32 14.79 7.34
N GLU B 216 62.02 13.67 7.16
CA GLU B 216 63.08 13.55 6.15
C GLU B 216 62.78 12.39 5.22
N PRO B 217 63.26 12.42 3.98
CA PRO B 217 63.09 11.27 3.09
C PRO B 217 63.85 10.05 3.59
N LYS B 218 63.25 8.88 3.37
CA LYS B 218 63.80 7.63 3.89
C LYS B 218 65.01 7.19 3.08
N SER B 219 66.12 6.92 3.78
CA SER B 219 67.34 6.48 3.14
C SER B 219 67.33 4.96 2.95
N CYS B 220 67.85 4.51 1.81
CA CYS B 220 67.93 3.09 1.52
C CYS B 220 68.94 2.40 2.43
N ASP C 1 6.25 2.60 13.41
CA ASP C 1 7.26 3.63 13.63
C ASP C 1 7.64 4.31 12.31
N ILE C 2 7.32 5.60 12.21
CA ILE C 2 7.51 6.30 10.95
C ILE C 2 8.98 6.31 10.57
N GLN C 3 9.25 6.05 9.30
CA GLN C 3 10.61 6.06 8.76
C GLN C 3 10.70 7.15 7.71
N LEU C 4 11.68 8.05 7.87
CA LEU C 4 11.92 9.11 6.92
C LEU C 4 13.08 8.74 6.01
N THR C 5 12.88 8.93 4.70
CA THR C 5 13.90 8.62 3.70
C THR C 5 14.06 9.82 2.80
N GLN C 6 15.27 10.38 2.77
CA GLN C 6 15.59 11.57 1.98
C GLN C 6 16.29 11.18 0.68
N SER C 7 16.11 12.02 -0.33
CA SER C 7 16.71 11.79 -1.64
C SER C 7 17.13 13.13 -2.23
N PRO C 8 18.38 13.25 -2.72
CA PRO C 8 19.47 12.27 -2.72
C PRO C 8 20.32 12.32 -1.46
N SER C 9 21.16 11.30 -1.21
CA SER C 9 22.01 11.30 -0.03
C SER C 9 23.02 12.45 -0.07
N SER C 10 23.49 12.81 -1.26
CA SER C 10 24.39 13.93 -1.45
C SER C 10 24.02 14.61 -2.76
N LEU C 11 24.04 15.93 -2.76
CA LEU C 11 23.72 16.69 -3.95
C LEU C 11 24.77 17.77 -4.15
N SER C 12 25.14 17.98 -5.40
CA SER C 12 26.13 18.98 -5.77
C SER C 12 25.50 19.94 -6.77
N ALA C 13 25.59 21.23 -6.50
CA ALA C 13 25.00 22.25 -7.36
C ALA C 13 25.84 23.52 -7.26
N SER C 14 25.48 24.51 -8.06
CA SER C 14 26.23 25.76 -8.15
C SER C 14 25.40 26.90 -7.59
N VAL C 15 26.05 28.05 -7.43
CA VAL C 15 25.39 29.24 -6.91
C VAL C 15 24.35 29.74 -7.90
N GLY C 16 23.15 30.02 -7.41
CA GLY C 16 22.07 30.48 -8.24
C GLY C 16 21.20 29.39 -8.81
N ASP C 17 21.62 28.13 -8.72
CA ASP C 17 20.83 27.02 -9.24
C ASP C 17 19.58 26.81 -8.38
N LYS C 18 18.62 26.10 -8.95
CA LYS C 18 17.44 25.67 -8.23
C LYS C 18 17.68 24.27 -7.67
N VAL C 19 17.44 24.10 -6.37
CA VAL C 19 17.74 22.86 -5.66
C VAL C 19 16.46 22.30 -5.08
N THR C 20 16.27 20.99 -5.21
CA THR C 20 15.12 20.30 -4.67
C THR C 20 15.57 19.07 -3.89
N ILE C 21 15.12 18.98 -2.64
CA ILE C 21 15.36 17.82 -1.80
C ILE C 21 14.02 17.15 -1.53
N THR C 22 14.00 15.83 -1.56
CA THR C 22 12.77 15.07 -1.36
C THR C 22 12.84 14.29 -0.06
N CYS C 23 11.71 14.18 0.62
CA CYS C 23 11.60 13.45 1.87
C CYS C 23 10.32 12.62 1.84
N ARG C 24 10.44 11.33 2.14
CA ARG C 24 9.30 10.42 2.08
C ARG C 24 9.17 9.64 3.39
N ALA C 25 7.93 9.43 3.81
CA ALA C 25 7.62 8.79 5.08
C ALA C 25 6.96 7.44 4.87
N SER C 26 7.25 6.50 5.78
CA SER C 26 6.67 5.17 5.70
C SER C 26 5.17 5.16 5.98
N GLN C 27 4.64 6.22 6.58
CA GLN C 27 3.22 6.33 6.87
C GLN C 27 2.71 7.71 6.45
N GLY C 28 1.38 7.84 6.40
CA GLY C 28 0.79 9.14 6.13
C GLY C 28 0.91 10.04 7.36
N ILE C 29 1.41 11.25 7.15
CA ILE C 29 1.68 12.16 8.26
C ILE C 29 1.07 13.53 7.98
N SER C 30 0.14 13.59 7.04
CA SER C 30 -0.60 14.82 6.68
C SER C 30 0.44 15.88 6.31
N ASN C 31 0.38 17.07 6.91
CA ASN C 31 1.34 18.13 6.64
C ASN C 31 2.30 18.38 7.80
N SER C 32 2.34 17.47 8.79
CA SER C 32 3.12 17.70 10.01
C SER C 32 4.59 17.34 9.79
N LEU C 33 5.28 18.20 9.05
CA LEU C 33 6.69 18.00 8.75
C LEU C 33 7.45 19.32 8.82
N ALA C 34 8.72 19.23 9.20
CA ALA C 34 9.60 20.38 9.34
C ALA C 34 10.93 20.12 8.65
N TRP C 35 11.52 21.18 8.11
CA TRP C 35 12.82 21.13 7.47
C TRP C 35 13.85 21.90 8.28
N TYR C 36 15.09 21.41 8.28
CA TYR C 36 16.17 21.99 9.07
C TYR C 36 17.43 22.10 8.22
N GLN C 37 18.23 23.11 8.56
CA GLN C 37 19.54 23.35 7.96
C GLN C 37 20.59 23.27 9.06
N GLN C 38 21.69 22.59 8.80
CA GLN C 38 22.79 22.49 9.74
C GLN C 38 24.10 22.72 8.99
N ASN C 39 24.75 23.84 9.26
CA ASN C 39 26.10 24.07 8.79
C ASN C 39 27.07 23.22 9.61
N PRO C 40 28.21 22.82 9.02
CA PRO C 40 29.16 21.97 9.75
C PRO C 40 29.57 22.53 11.09
N GLY C 41 29.36 21.75 12.14
CA GLY C 41 29.77 22.13 13.48
C GLY C 41 28.80 22.99 14.25
N LYS C 42 27.82 23.62 13.58
CA LYS C 42 26.88 24.47 14.28
C LYS C 42 25.58 23.73 14.51
N ALA C 43 24.74 24.30 15.37
CA ALA C 43 23.48 23.66 15.69
C ALA C 43 22.50 23.82 14.52
N PRO C 44 21.58 22.87 14.36
CA PRO C 44 20.57 22.99 13.31
C PRO C 44 19.70 24.23 13.48
N LYS C 45 19.14 24.68 12.37
CA LYS C 45 18.29 25.86 12.31
C LYS C 45 17.02 25.49 11.55
N LEU C 46 15.87 25.88 12.09
CA LEU C 46 14.58 25.53 11.51
C LEU C 46 14.31 26.39 10.27
N LEU C 47 13.91 25.74 9.18
CA LEU C 47 13.57 26.43 7.95
C LEU C 47 12.05 26.51 7.76
N LEU C 48 11.39 25.36 7.70
CA LEU C 48 9.94 25.30 7.48
C LEU C 48 9.33 24.37 8.52
N TYR C 49 8.03 24.54 8.74
CA TYR C 49 7.22 23.57 9.44
C TYR C 49 5.87 23.49 8.73
N THR C 50 5.08 22.49 9.10
CA THR C 50 3.85 22.16 8.39
C THR C 50 4.06 22.12 6.88
N ALA C 51 5.23 21.60 6.46
CA ALA C 51 5.55 21.38 5.06
C ALA C 51 5.71 22.66 4.26
N SER C 52 4.91 23.69 4.55
CA SER C 52 4.84 24.87 3.68
C SER C 52 5.12 26.21 4.35
N THR C 53 5.05 26.32 5.68
CA THR C 53 5.15 27.62 6.34
C THR C 53 6.60 27.94 6.69
N LEU C 54 7.11 29.05 6.14
CA LEU C 54 8.47 29.48 6.46
C LEU C 54 8.52 30.04 7.88
N GLU C 55 9.52 29.61 8.64
CA GLU C 55 9.78 30.23 9.92
C GLU C 55 10.19 31.68 9.72
N SER C 56 9.75 32.55 10.62
CA SER C 56 10.08 33.96 10.52
C SER C 56 11.59 34.17 10.56
N GLY C 57 12.09 35.05 9.70
CA GLY C 57 13.50 35.29 9.57
C GLY C 57 14.20 34.45 8.51
N VAL C 58 13.54 33.41 8.00
CA VAL C 58 14.13 32.57 6.97
C VAL C 58 14.03 33.28 5.62
N PRO C 59 15.09 33.31 4.83
CA PRO C 59 15.00 33.94 3.51
C PRO C 59 13.93 33.27 2.65
N SER C 60 13.28 34.08 1.82
CA SER C 60 12.14 33.64 1.02
C SER C 60 12.52 32.69 -0.10
N ARG C 61 13.81 32.53 -0.41
CA ARG C 61 14.21 31.57 -1.44
C ARG C 61 13.89 30.13 -1.04
N PHE C 62 13.66 29.87 0.23
CA PHE C 62 13.28 28.54 0.70
C PHE C 62 11.77 28.36 0.61
N SER C 63 11.34 27.18 0.15
CA SER C 63 9.92 26.86 0.00
C SER C 63 9.72 25.36 0.14
N GLY C 64 8.57 24.99 0.69
CA GLY C 64 8.23 23.60 0.89
C GLY C 64 6.84 23.26 0.39
N SER C 65 6.65 21.99 0.05
CA SER C 65 5.38 21.49 -0.45
C SER C 65 5.21 20.04 -0.06
N GLY C 66 3.98 19.56 -0.16
CA GLY C 66 3.67 18.15 0.04
C GLY C 66 2.66 17.91 1.16
N SER C 67 2.17 16.68 1.18
CA SER C 67 1.26 16.19 2.21
C SER C 67 1.25 14.68 2.16
N GLY C 68 0.69 14.07 3.21
CA GLY C 68 0.63 12.63 3.28
C GLY C 68 1.96 11.95 3.52
N THR C 69 2.60 11.47 2.45
CA THR C 69 3.84 10.72 2.56
C THR C 69 5.00 11.30 1.76
N ASP C 70 4.75 12.22 0.84
CA ASP C 70 5.77 12.77 -0.05
C ASP C 70 5.92 14.27 0.21
N PHE C 71 7.16 14.72 0.39
CA PHE C 71 7.42 16.13 0.71
C PHE C 71 8.61 16.63 -0.11
N THR C 72 8.67 17.96 -0.27
CA THR C 72 9.68 18.60 -1.11
C THR C 72 10.12 19.91 -0.49
N LEU C 73 11.44 20.09 -0.36
CA LEU C 73 12.06 21.35 0.01
C LEU C 73 12.80 21.92 -1.19
N THR C 74 12.64 23.22 -1.43
CA THR C 74 13.17 23.84 -2.64
C THR C 74 13.82 25.19 -2.33
N ILE C 75 15.06 25.37 -2.80
CA ILE C 75 15.75 26.65 -2.76
C ILE C 75 15.74 27.23 -4.17
N SER C 76 15.08 28.38 -4.34
CA SER C 76 14.88 28.94 -5.67
C SER C 76 16.21 29.33 -6.32
N SER C 77 16.95 30.25 -5.71
CA SER C 77 18.24 30.69 -6.22
C SER C 77 19.27 30.42 -5.14
N LEU C 78 20.06 29.37 -5.31
CA LEU C 78 21.03 28.99 -4.29
C LEU C 78 22.07 30.07 -4.11
N GLN C 79 22.33 30.43 -2.85
CA GLN C 79 23.33 31.43 -2.49
C GLN C 79 24.45 30.78 -1.70
N PRO C 80 25.64 31.39 -1.68
CA PRO C 80 26.80 30.73 -1.05
C PRO C 80 26.60 30.33 0.40
N GLU C 81 25.77 31.05 1.15
CA GLU C 81 25.56 30.67 2.54
C GLU C 81 24.59 29.52 2.70
N ASP C 82 24.06 28.98 1.60
CA ASP C 82 23.08 27.90 1.64
C ASP C 82 23.69 26.50 1.54
N PHE C 83 24.99 26.39 1.28
CA PHE C 83 25.64 25.09 1.18
C PHE C 83 25.77 24.47 2.57
N ALA C 84 25.01 23.40 2.82
CA ALA C 84 25.02 22.73 4.12
C ALA C 84 24.37 21.37 3.98
N THR C 85 24.08 20.75 5.12
CA THR C 85 23.33 19.50 5.19
C THR C 85 21.90 19.81 5.61
N TYR C 86 20.93 19.14 4.99
CA TYR C 86 19.52 19.40 5.25
C TYR C 86 18.79 18.16 5.74
N TYR C 87 18.04 18.31 6.84
CA TYR C 87 17.27 17.24 7.45
C TYR C 87 15.77 17.55 7.39
N CYS C 88 14.97 16.49 7.26
CA CYS C 88 13.52 16.56 7.44
C CYS C 88 13.10 15.74 8.66
N GLN C 89 12.03 16.19 9.32
CA GLN C 89 11.51 15.51 10.51
C GLN C 89 9.99 15.58 10.55
N GLN C 90 9.37 14.49 10.95
CA GLN C 90 7.93 14.42 11.16
C GLN C 90 7.62 14.60 12.64
N TYR C 91 6.51 15.26 12.93
CA TYR C 91 5.97 15.36 14.29
C TYR C 91 4.56 14.82 14.36
N TYR C 92 4.33 13.69 13.68
CA TYR C 92 2.96 13.21 13.52
C TYR C 92 2.57 12.26 14.66
N ASP C 93 3.43 11.29 14.97
CA ASP C 93 3.17 10.34 16.04
C ASP C 93 3.82 10.82 17.33
N THR C 94 4.33 9.86 18.12
CA THR C 94 5.08 10.16 19.34
C THR C 94 6.58 10.07 19.11
N TRP C 95 7.07 8.88 18.77
CA TRP C 95 8.50 8.70 18.49
C TRP C 95 8.93 9.50 17.27
N TYR C 96 9.39 10.74 17.49
CA TYR C 96 9.84 11.61 16.41
C TYR C 96 10.98 10.95 15.63
N THR C 97 11.06 11.27 14.34
CA THR C 97 12.04 10.66 13.47
C THR C 97 12.62 11.72 12.56
N PHE C 98 13.90 11.58 12.25
CA PHE C 98 14.61 12.45 11.32
C PHE C 98 14.99 11.68 10.07
N GLY C 99 15.19 12.43 8.98
CA GLY C 99 15.81 11.87 7.80
C GLY C 99 17.31 11.69 8.02
N GLN C 100 17.94 11.00 7.07
CA GLN C 100 19.38 10.79 7.19
C GLN C 100 20.19 12.01 6.78
N GLY C 101 19.57 12.99 6.14
CA GLY C 101 20.23 14.23 5.79
C GLY C 101 20.70 14.28 4.34
N THR C 102 20.67 15.48 3.77
CA THR C 102 21.13 15.73 2.41
C THR C 102 22.15 16.84 2.45
N LYS C 103 23.40 16.51 2.13
CA LYS C 103 24.49 17.47 2.12
C LYS C 103 24.54 18.13 0.74
N VAL C 104 24.41 19.45 0.72
CA VAL C 104 24.50 20.21 -0.51
C VAL C 104 25.95 20.57 -0.75
N ASP C 105 26.45 20.25 -1.94
CA ASP C 105 27.86 20.35 -2.28
C ASP C 105 28.03 21.36 -3.41
N ILE C 106 29.24 21.94 -3.48
CA ILE C 106 29.56 22.91 -4.51
C ILE C 106 30.04 22.18 -5.76
N LYS C 107 29.38 22.42 -6.89
CA LYS C 107 29.74 21.77 -8.14
C LYS C 107 30.95 22.45 -8.77
N ARG C 108 32.06 21.74 -8.79
CA ARG C 108 33.26 22.11 -9.54
C ARG C 108 33.56 20.99 -10.52
N THR C 109 34.54 21.23 -11.39
CA THR C 109 34.90 20.24 -12.38
C THR C 109 35.52 19.03 -11.70
N VAL C 110 35.43 17.88 -12.38
CA VAL C 110 35.96 16.65 -11.81
C VAL C 110 37.48 16.73 -11.73
N ALA C 111 38.01 16.43 -10.55
CA ALA C 111 39.45 16.46 -10.30
C ALA C 111 39.88 15.11 -9.75
N ALA C 112 40.90 14.53 -10.36
CA ALA C 112 41.41 13.23 -9.95
C ALA C 112 42.35 13.40 -8.75
N PRO C 113 42.35 12.45 -7.83
CA PRO C 113 43.21 12.57 -6.65
C PRO C 113 44.65 12.22 -6.95
N SER C 114 45.55 12.87 -6.22
CA SER C 114 46.97 12.52 -6.24
C SER C 114 47.22 11.54 -5.10
N VAL C 115 47.60 10.33 -5.46
CA VAL C 115 47.64 9.21 -4.52
C VAL C 115 49.04 9.03 -3.98
N PHE C 116 49.15 9.00 -2.65
CA PHE C 116 50.42 8.77 -1.97
C PHE C 116 50.24 7.71 -0.88
N ILE C 117 51.24 6.84 -0.74
CA ILE C 117 51.24 5.79 0.27
C ILE C 117 52.45 5.98 1.17
N PHE C 118 52.28 5.68 2.45
CA PHE C 118 53.33 5.86 3.45
C PHE C 118 53.53 4.58 4.24
N PRO C 119 54.72 4.01 4.26
CA PRO C 119 54.99 2.85 5.11
C PRO C 119 55.07 3.27 6.57
N PRO C 120 54.93 2.33 7.50
CA PRO C 120 55.10 2.69 8.92
C PRO C 120 56.54 3.07 9.22
N SER C 121 56.69 4.08 10.07
CA SER C 121 58.04 4.51 10.41
C SER C 121 58.74 3.43 11.22
N ASP C 122 60.07 3.45 11.17
CA ASP C 122 60.81 2.52 12.02
C ASP C 122 60.61 2.84 13.49
N GLU C 123 60.28 4.09 13.80
CA GLU C 123 60.02 4.47 15.19
C GLU C 123 58.71 3.90 15.71
N GLN C 124 57.72 3.71 14.83
CA GLN C 124 56.45 3.14 15.29
C GLN C 124 56.54 1.63 15.37
N LEU C 125 57.28 1.02 14.46
CA LEU C 125 57.47 -0.42 14.47
C LEU C 125 58.17 -0.88 15.74
N LYS C 126 58.89 0.02 16.42
CA LYS C 126 59.50 -0.31 17.71
C LYS C 126 58.49 -0.33 18.83
N SER C 127 57.31 0.25 18.62
CA SER C 127 56.24 0.22 19.62
C SER C 127 55.37 -1.03 19.53
N GLY C 128 55.39 -1.72 18.39
CA GLY C 128 54.61 -2.93 18.19
C GLY C 128 53.46 -2.77 17.22
N THR C 129 53.12 -1.54 16.85
CA THR C 129 52.02 -1.26 15.93
C THR C 129 52.59 -0.70 14.62
N ALA C 130 51.95 -1.05 13.51
CA ALA C 130 52.33 -0.55 12.20
C ALA C 130 51.12 0.12 11.57
N SER C 131 51.29 1.37 11.15
CA SER C 131 50.21 2.13 10.54
C SER C 131 50.64 2.58 9.15
N VAL C 132 49.98 2.04 8.13
CA VAL C 132 50.20 2.42 6.75
C VAL C 132 49.11 3.40 6.34
N VAL C 133 49.50 4.55 5.84
CA VAL C 133 48.58 5.62 5.50
C VAL C 133 48.56 5.78 3.99
N CYS C 134 47.37 5.99 3.44
CA CYS C 134 47.18 6.22 2.01
C CYS C 134 46.55 7.60 1.87
N LEU C 135 47.07 8.39 0.94
CA LEU C 135 46.64 9.78 0.79
C LEU C 135 46.02 9.98 -0.59
N LEU C 136 44.88 10.64 -0.61
CA LEU C 136 44.21 11.08 -1.83
C LEU C 136 44.13 12.60 -1.73
N ASN C 137 44.86 13.31 -2.58
CA ASN C 137 45.05 14.75 -2.42
C ASN C 137 44.27 15.51 -3.49
N ASN C 138 43.42 16.44 -3.03
CA ASN C 138 42.73 17.40 -3.88
C ASN C 138 41.97 16.74 -5.02
N PHE C 139 40.76 16.25 -4.72
CA PHE C 139 39.94 15.58 -5.72
C PHE C 139 38.50 16.04 -5.59
N TYR C 140 37.72 15.77 -6.64
CA TYR C 140 36.29 16.05 -6.66
C TYR C 140 35.65 15.12 -7.69
N PRO C 141 34.47 14.53 -7.41
CA PRO C 141 33.62 14.70 -6.21
C PRO C 141 34.11 13.95 -4.99
N ARG C 142 33.34 13.96 -3.90
CA ARG C 142 33.79 13.33 -2.67
C ARG C 142 33.76 11.81 -2.77
N GLU C 143 32.87 11.26 -3.59
CA GLU C 143 32.74 9.81 -3.70
C GLU C 143 34.01 9.17 -4.23
N ALA C 144 34.69 8.39 -3.40
CA ALA C 144 35.93 7.72 -3.76
C ALA C 144 36.08 6.47 -2.91
N LYS C 145 36.63 5.41 -3.52
CA LYS C 145 36.81 4.12 -2.85
C LYS C 145 38.29 3.82 -2.67
N VAL C 146 38.68 3.53 -1.44
CA VAL C 146 40.04 3.12 -1.11
C VAL C 146 40.02 1.65 -0.74
N GLN C 147 40.77 0.84 -1.50
CA GLN C 147 40.84 -0.60 -1.30
C GLN C 147 42.26 -0.98 -0.88
N TRP C 148 42.38 -1.60 0.29
CA TRP C 148 43.67 -2.06 0.80
C TRP C 148 43.92 -3.49 0.35
N LYS C 149 45.08 -3.73 -0.24
CA LYS C 149 45.49 -5.06 -0.68
C LYS C 149 46.83 -5.40 -0.07
N VAL C 150 46.87 -6.49 0.70
CA VAL C 150 48.09 -6.97 1.32
C VAL C 150 48.39 -8.34 0.73
N ASP C 151 49.47 -8.43 -0.05
CA ASP C 151 49.79 -9.64 -0.81
C ASP C 151 48.61 -10.03 -1.70
N ASN C 152 48.05 -9.04 -2.39
CA ASN C 152 46.91 -9.20 -3.29
C ASN C 152 45.65 -9.68 -2.59
N ALA C 153 45.62 -9.59 -1.26
CA ALA C 153 44.44 -9.95 -0.48
C ALA C 153 43.75 -8.67 -0.04
N LEU C 154 42.50 -8.49 -0.48
CA LEU C 154 41.75 -7.29 -0.17
C LEU C 154 41.45 -7.23 1.33
N GLN C 155 41.85 -6.14 1.97
CA GLN C 155 41.69 -5.96 3.40
C GLN C 155 40.45 -5.14 3.73
N SER C 156 39.85 -5.46 4.88
CA SER C 156 38.66 -4.77 5.35
C SER C 156 38.51 -5.01 6.84
N GLY C 157 38.02 -3.99 7.54
CA GLY C 157 37.81 -4.05 8.97
C GLY C 157 39.05 -3.84 9.81
N ASN C 158 40.11 -3.28 9.22
CA ASN C 158 41.31 -2.93 9.95
C ASN C 158 41.83 -1.58 9.46
N SER C 159 40.97 -0.82 8.79
CA SER C 159 41.33 0.46 8.23
C SER C 159 40.25 1.48 8.57
N GLN C 160 40.63 2.76 8.57
CA GLN C 160 39.71 3.85 8.84
C GLN C 160 40.01 5.00 7.90
N GLU C 161 38.96 5.68 7.46
CA GLU C 161 39.06 6.78 6.52
C GLU C 161 38.78 8.10 7.21
N SER C 162 39.27 9.18 6.59
CA SER C 162 39.03 10.53 7.08
C SER C 162 39.09 11.48 5.89
N VAL C 163 38.12 12.39 5.81
CA VAL C 163 37.97 13.29 4.68
C VAL C 163 38.03 14.73 5.19
N THR C 164 38.73 15.59 4.46
CA THR C 164 38.78 17.00 4.78
C THR C 164 37.50 17.69 4.32
N GLU C 165 37.15 18.76 5.02
CA GLU C 165 36.11 19.65 4.53
C GLU C 165 36.52 20.21 3.18
N GLN C 166 35.53 20.47 2.32
CA GLN C 166 35.83 20.98 0.98
C GLN C 166 36.57 22.30 1.08
N ASP C 167 37.70 22.38 0.38
CA ASP C 167 38.57 23.54 0.49
C ASP C 167 37.88 24.80 -0.01
N SER C 168 38.09 25.91 0.70
CA SER C 168 37.43 27.17 0.37
C SER C 168 37.97 27.82 -0.90
N LYS C 169 39.12 27.37 -1.39
CA LYS C 169 39.72 27.97 -2.58
C LYS C 169 39.42 27.16 -3.83
N ASP C 170 39.97 25.95 -3.94
CA ASP C 170 39.82 25.14 -5.14
C ASP C 170 38.66 24.16 -5.07
N SER C 171 37.89 24.17 -3.98
CA SER C 171 36.66 23.38 -3.85
C SER C 171 36.92 21.87 -3.93
N THR C 172 38.08 21.41 -3.47
CA THR C 172 38.40 19.99 -3.51
C THR C 172 38.37 19.37 -2.13
N TYR C 173 38.28 18.05 -2.11
CA TYR C 173 38.36 17.26 -0.88
C TYR C 173 39.72 16.57 -0.79
N SER C 174 39.96 15.93 0.35
CA SER C 174 41.16 15.12 0.55
C SER C 174 40.84 14.02 1.56
N LEU C 175 41.36 12.83 1.30
CA LEU C 175 41.05 11.66 2.10
C LEU C 175 42.33 10.98 2.59
N SER C 176 42.27 10.46 3.81
CA SER C 176 43.38 9.72 4.41
C SER C 176 42.85 8.41 4.97
N SER C 177 43.40 7.29 4.52
CA SER C 177 43.02 5.96 4.97
C SER C 177 44.17 5.36 5.78
N THR C 178 43.88 4.91 6.99
CA THR C 178 44.90 4.42 7.92
C THR C 178 44.68 2.94 8.18
N LEU C 179 45.51 2.10 7.57
CA LEU C 179 45.49 0.66 7.78
C LEU C 179 46.38 0.30 8.96
N THR C 180 45.80 -0.29 10.00
CA THR C 180 46.49 -0.61 11.24
C THR C 180 46.70 -2.11 11.38
N LEU C 181 47.94 -2.51 11.63
CA LEU C 181 48.29 -3.91 11.86
C LEU C 181 49.27 -3.99 13.02
N SER C 182 49.37 -5.18 13.62
CA SER C 182 50.40 -5.40 14.61
C SER C 182 51.75 -5.55 13.91
N LYS C 183 52.82 -5.37 14.69
CA LYS C 183 54.16 -5.55 14.12
C LYS C 183 54.34 -6.97 13.61
N ALA C 184 53.82 -7.96 14.36
CA ALA C 184 53.93 -9.35 13.92
C ALA C 184 53.17 -9.59 12.64
N ASP C 185 51.96 -9.05 12.52
CA ASP C 185 51.19 -9.22 11.30
C ASP C 185 51.75 -8.41 10.14
N TYR C 186 52.53 -7.38 10.43
CA TYR C 186 53.09 -6.55 9.37
C TYR C 186 54.23 -7.26 8.66
N GLU C 187 55.10 -7.90 9.43
CA GLU C 187 56.25 -8.61 8.89
C GLU C 187 55.89 -9.95 8.26
N LYS C 188 54.62 -10.34 8.28
CA LYS C 188 54.18 -11.58 7.62
C LYS C 188 53.97 -11.42 6.13
N HIS C 189 53.96 -10.19 5.62
CA HIS C 189 53.62 -9.93 4.23
C HIS C 189 54.67 -9.01 3.62
N LYS C 190 54.61 -8.83 2.31
CA LYS C 190 55.60 -8.02 1.61
C LYS C 190 54.97 -6.86 0.86
N VAL C 191 53.97 -7.11 0.02
CA VAL C 191 53.39 -6.07 -0.81
C VAL C 191 52.26 -5.40 -0.05
N TYR C 192 52.31 -4.07 0.04
CA TYR C 192 51.26 -3.28 0.66
C TYR C 192 50.84 -2.19 -0.31
N ALA C 193 49.60 -2.26 -0.78
CA ALA C 193 49.09 -1.33 -1.77
C ALA C 193 47.76 -0.77 -1.31
N CYS C 194 47.37 0.34 -1.93
CA CYS C 194 46.04 0.92 -1.74
C CYS C 194 45.53 1.33 -3.11
N GLU C 195 44.48 0.66 -3.56
CA GLU C 195 43.90 0.90 -4.87
C GLU C 195 42.82 1.96 -4.74
N VAL C 196 42.88 2.96 -5.61
CA VAL C 196 42.00 4.12 -5.54
C VAL C 196 41.16 4.15 -6.81
N THR C 197 39.85 4.16 -6.64
CA THR C 197 38.91 4.24 -7.75
C THR C 197 38.15 5.55 -7.63
N HIS C 198 38.17 6.35 -8.69
CA HIS C 198 37.54 7.66 -8.66
C HIS C 198 36.99 7.96 -10.06
N GLN C 199 36.05 8.90 -10.11
CA GLN C 199 35.44 9.24 -11.39
C GLN C 199 36.44 9.88 -12.35
N GLY C 200 37.37 10.68 -11.84
CA GLY C 200 38.36 11.31 -12.68
C GLY C 200 39.53 10.43 -13.05
N LEU C 201 39.44 9.15 -12.75
CA LEU C 201 40.46 8.17 -13.11
C LEU C 201 39.84 7.19 -14.09
N SER C 202 40.35 7.17 -15.31
CA SER C 202 39.88 6.19 -16.28
C SER C 202 40.05 4.76 -15.78
N SER C 203 41.08 4.52 -14.96
CA SER C 203 41.33 3.20 -14.38
C SER C 203 41.82 3.38 -12.95
N PRO C 204 41.56 2.42 -12.07
CA PRO C 204 42.03 2.53 -10.68
C PRO C 204 43.55 2.68 -10.59
N VAL C 205 43.97 3.60 -9.72
CA VAL C 205 45.39 3.89 -9.48
C VAL C 205 45.83 3.15 -8.23
N THR C 206 47.03 2.56 -8.27
CA THR C 206 47.55 1.77 -7.17
C THR C 206 48.95 2.24 -6.83
N LYS C 207 49.13 2.72 -5.59
CA LYS C 207 50.44 3.02 -5.04
C LYS C 207 50.81 1.93 -4.04
N SER C 208 52.02 1.40 -4.16
CA SER C 208 52.40 0.24 -3.39
C SER C 208 53.88 0.33 -2.99
N PHE C 209 54.24 -0.48 -1.99
CA PHE C 209 55.62 -0.63 -1.58
C PHE C 209 55.84 -2.06 -1.09
N ASN C 210 57.09 -2.48 -1.11
CA ASN C 210 57.51 -3.75 -0.53
C ASN C 210 58.22 -3.49 0.78
N ARG C 211 57.82 -4.20 1.82
CA ARG C 211 58.36 -3.97 3.16
C ARG C 211 59.86 -4.22 3.19
N GLY C 212 60.62 -3.18 3.53
CA GLY C 212 62.06 -3.32 3.66
C GLY C 212 62.82 -3.03 2.38
N GLU C 213 62.34 -2.07 1.59
CA GLU C 213 63.00 -1.68 0.36
C GLU C 213 62.98 -0.17 0.17
N GLU D 1 7.11 69.49 -24.72
CA GLU D 1 8.25 70.35 -24.42
C GLU D 1 8.49 70.46 -22.92
N VAL D 2 9.18 69.47 -22.36
CA VAL D 2 9.56 69.45 -20.96
C VAL D 2 11.05 69.17 -20.89
N GLN D 3 11.80 70.05 -20.23
CA GLN D 3 13.25 69.97 -20.19
C GLN D 3 13.72 69.76 -18.76
N LEU D 4 14.76 68.94 -18.61
CA LEU D 4 15.40 68.67 -17.33
C LEU D 4 16.90 68.60 -17.56
N VAL D 5 17.65 69.42 -16.81
CA VAL D 5 19.10 69.53 -17.00
C VAL D 5 19.76 69.24 -15.66
N GLU D 6 20.63 68.22 -15.63
CA GLU D 6 21.39 67.88 -14.44
C GLU D 6 22.77 68.54 -14.45
N SER D 7 23.39 68.56 -13.28
CA SER D 7 24.74 69.06 -13.10
C SER D 7 25.23 68.63 -11.73
N GLY D 8 26.55 68.76 -11.52
CA GLY D 8 27.16 68.43 -10.26
C GLY D 8 27.81 67.06 -10.17
N GLY D 9 27.88 66.31 -11.27
CA GLY D 9 28.50 65.01 -11.25
C GLY D 9 30.00 65.05 -11.44
N GLY D 10 30.66 63.96 -11.06
CA GLY D 10 32.10 63.87 -11.19
C GLY D 10 32.66 62.72 -10.39
N VAL D 11 33.91 62.89 -9.95
CA VAL D 11 34.62 61.88 -9.20
C VAL D 11 34.53 62.22 -7.71
N VAL D 12 34.56 61.21 -6.87
CA VAL D 12 34.44 61.39 -5.43
C VAL D 12 35.03 60.18 -4.73
N GLN D 13 35.74 60.43 -3.63
CA GLN D 13 36.34 59.36 -2.85
C GLN D 13 35.31 58.74 -1.91
N PRO D 14 35.50 57.48 -1.52
CA PRO D 14 34.56 56.83 -0.60
C PRO D 14 34.44 57.59 0.71
N GLY D 15 33.21 57.69 1.20
CA GLY D 15 32.93 58.40 2.44
C GLY D 15 32.73 59.89 2.30
N ARG D 16 33.05 60.46 1.14
CA ARG D 16 32.91 61.90 0.95
C ARG D 16 31.46 62.23 0.59
N SER D 17 31.21 63.47 0.18
CA SER D 17 29.88 63.94 -0.16
C SER D 17 29.88 64.59 -1.53
N LEU D 18 28.72 64.58 -2.18
CA LEU D 18 28.53 65.20 -3.48
C LEU D 18 27.06 65.58 -3.62
N ARG D 19 26.80 66.71 -4.28
CA ARG D 19 25.46 67.24 -4.43
C ARG D 19 25.13 67.41 -5.91
N LEU D 20 23.96 66.92 -6.31
CA LEU D 20 23.49 67.03 -7.67
C LEU D 20 22.35 68.03 -7.78
N SER D 21 22.14 68.53 -8.99
CA SER D 21 21.08 69.51 -9.25
C SER D 21 20.30 69.07 -10.48
N CYS D 22 19.14 69.69 -10.69
CA CYS D 22 18.26 69.34 -11.80
C CYS D 22 17.35 70.54 -12.06
N ALA D 23 17.71 71.34 -13.06
CA ALA D 23 16.96 72.55 -13.40
C ALA D 23 15.84 72.18 -14.36
N ALA D 24 14.60 72.45 -13.95
CA ALA D 24 13.42 72.13 -14.75
C ALA D 24 12.94 73.36 -15.52
N SER D 25 12.14 73.10 -16.55
CA SER D 25 11.65 74.18 -17.40
C SER D 25 10.40 73.72 -18.14
N ALA D 26 9.54 74.70 -18.44
CA ALA D 26 8.38 74.52 -19.32
C ALA D 26 7.33 73.58 -18.74
N PHE D 27 7.12 73.66 -17.44
CA PHE D 27 5.98 73.03 -16.78
C PHE D 27 5.87 73.56 -15.36
N THR D 28 4.69 73.40 -14.77
CA THR D 28 4.46 73.83 -13.40
C THR D 28 5.25 72.93 -12.47
N PHE D 29 6.43 73.41 -12.05
CA PHE D 29 7.31 72.58 -11.25
C PHE D 29 6.84 72.44 -9.80
N SER D 30 6.15 73.45 -9.28
CA SER D 30 5.71 73.45 -7.89
C SER D 30 4.43 72.64 -7.68
N SER D 31 4.00 71.87 -8.68
CA SER D 31 2.79 71.06 -8.57
C SER D 31 3.03 69.57 -8.74
N TYR D 32 4.17 69.16 -9.28
CA TYR D 32 4.47 67.76 -9.54
C TYR D 32 5.48 67.22 -8.54
N ASP D 33 5.31 65.95 -8.19
CA ASP D 33 6.33 65.25 -7.43
C ASP D 33 7.54 64.99 -8.33
N MET D 34 8.70 64.83 -7.71
CA MET D 34 9.93 64.61 -8.45
C MET D 34 10.66 63.39 -7.91
N HIS D 35 11.45 62.76 -8.79
CA HIS D 35 12.15 61.53 -8.48
C HIS D 35 13.61 61.65 -8.83
N TRP D 36 14.39 60.71 -8.30
CA TRP D 36 15.76 60.47 -8.73
C TRP D 36 15.90 58.98 -9.03
N VAL D 37 16.51 58.65 -10.17
CA VAL D 37 16.72 57.27 -10.59
C VAL D 37 18.13 57.16 -11.13
N ARG D 38 18.88 56.18 -10.65
CA ARG D 38 20.25 55.96 -11.06
C ARG D 38 20.38 54.67 -11.86
N GLN D 39 21.50 54.54 -12.55
CA GLN D 39 21.75 53.37 -13.39
C GLN D 39 23.24 53.05 -13.35
N ALA D 40 23.60 51.95 -12.69
CA ALA D 40 24.98 51.53 -12.62
C ALA D 40 25.49 51.17 -14.02
N PRO D 41 26.81 51.22 -14.23
CA PRO D 41 27.37 50.87 -15.55
C PRO D 41 27.00 49.46 -15.97
N GLY D 42 26.35 49.36 -17.14
CA GLY D 42 25.95 48.08 -17.69
C GLY D 42 24.79 47.40 -16.99
N LYS D 43 24.18 48.03 -15.99
CA LYS D 43 23.09 47.44 -15.22
C LYS D 43 21.77 48.11 -15.58
N GLY D 44 20.73 47.80 -14.82
CA GLY D 44 19.40 48.32 -15.06
C GLY D 44 19.12 49.59 -14.28
N LEU D 45 17.85 49.94 -14.21
CA LEU D 45 17.42 51.16 -13.53
C LEU D 45 17.03 50.89 -12.09
N GLU D 46 17.31 51.87 -11.23
CA GLU D 46 17.01 51.77 -9.80
C GLU D 46 16.44 53.09 -9.32
N TRP D 47 15.20 53.06 -8.84
CA TRP D 47 14.59 54.24 -8.25
C TRP D 47 15.28 54.58 -6.93
N VAL D 48 15.58 55.87 -6.74
CA VAL D 48 16.38 56.31 -5.59
C VAL D 48 15.49 56.97 -4.54
N ALA D 49 14.83 58.05 -4.91
CA ALA D 49 14.05 58.83 -3.95
C ALA D 49 12.94 59.57 -4.66
N VAL D 50 12.03 60.12 -3.86
CA VAL D 50 10.91 60.90 -4.37
C VAL D 50 10.64 62.02 -3.37
N ILE D 51 10.24 63.18 -3.90
CA ILE D 51 9.88 64.33 -3.07
C ILE D 51 8.55 64.88 -3.58
N SER D 52 7.73 65.36 -2.65
CA SER D 52 6.40 65.85 -2.97
C SER D 52 6.49 67.16 -3.76
N TYR D 53 5.33 67.64 -4.19
CA TYR D 53 5.24 68.90 -4.94
C TYR D 53 5.75 70.07 -4.11
N ASP D 54 5.32 70.15 -2.85
CA ASP D 54 5.70 71.21 -1.94
C ASP D 54 7.01 70.95 -1.21
N GLY D 55 7.58 69.76 -1.36
CA GLY D 55 8.82 69.44 -0.69
C GLY D 55 8.69 69.08 0.77
N SER D 56 7.47 68.84 1.26
CA SER D 56 7.29 68.50 2.67
C SER D 56 7.47 67.01 2.93
N ASN D 57 7.24 66.17 1.93
CA ASN D 57 7.33 64.72 2.06
C ASN D 57 8.51 64.21 1.24
N LYS D 58 9.31 63.34 1.85
CA LYS D 58 10.43 62.70 1.18
C LYS D 58 10.40 61.21 1.49
N TYR D 59 10.66 60.39 0.47
CA TYR D 59 10.70 58.94 0.63
C TYR D 59 11.85 58.40 -0.19
N TYR D 60 12.61 57.48 0.40
CA TYR D 60 13.86 57.00 -0.18
C TYR D 60 13.84 55.49 -0.28
N ALA D 61 14.59 54.97 -1.24
CA ALA D 61 14.81 53.53 -1.32
C ALA D 61 15.72 53.09 -0.17
N ASP D 62 15.62 51.81 0.17
CA ASP D 62 16.38 51.29 1.32
C ASP D 62 17.89 51.34 1.06
N SER D 63 18.32 51.26 -0.19
CA SER D 63 19.75 51.23 -0.49
C SER D 63 20.43 52.57 -0.24
N VAL D 64 19.67 53.66 -0.15
CA VAL D 64 20.23 54.99 0.05
C VAL D 64 19.64 55.69 1.27
N LYS D 65 18.76 55.03 2.01
CA LYS D 65 18.09 55.67 3.14
C LYS D 65 19.08 55.98 4.25
N GLY D 66 18.90 57.13 4.90
CA GLY D 66 19.84 57.59 5.90
C GLY D 66 21.21 57.92 5.37
N ARG D 67 21.31 58.17 4.06
CA ARG D 67 22.61 58.35 3.41
C ARG D 67 22.51 59.41 2.33
N PHE D 68 21.38 59.42 1.62
CA PHE D 68 21.07 60.46 0.65
C PHE D 68 19.97 61.36 1.18
N THR D 69 19.85 62.54 0.59
CA THR D 69 18.84 63.51 0.97
C THR D 69 18.32 64.22 -0.27
N ILE D 70 17.00 64.21 -0.46
CA ILE D 70 16.36 64.87 -1.58
C ILE D 70 15.72 66.17 -1.12
N SER D 71 15.79 67.20 -1.97
CA SER D 71 15.24 68.50 -1.63
C SER D 71 14.96 69.23 -2.94
N ARG D 72 14.19 70.31 -2.84
CA ARG D 72 13.83 71.07 -4.02
C ARG D 72 13.65 72.54 -3.65
N ASP D 73 13.93 73.41 -4.61
CA ASP D 73 13.75 74.86 -4.48
C ASP D 73 12.78 75.29 -5.57
N ASN D 74 11.51 75.51 -5.18
CA ASN D 74 10.48 75.80 -6.18
C ASN D 74 10.64 77.19 -6.78
N SER D 75 11.27 78.12 -6.06
CA SER D 75 11.49 79.44 -6.62
C SER D 75 12.52 79.39 -7.75
N LYS D 76 13.47 78.47 -7.65
CA LYS D 76 14.47 78.27 -8.69
C LYS D 76 14.13 77.15 -9.66
N ASN D 77 13.06 76.39 -9.39
CA ASN D 77 12.66 75.26 -10.25
C ASN D 77 13.79 74.25 -10.38
N THR D 78 14.48 73.99 -9.28
CA THR D 78 15.60 73.06 -9.27
C THR D 78 15.38 71.99 -8.22
N LEU D 79 15.85 70.78 -8.54
CA LEU D 79 15.79 69.62 -7.66
C LEU D 79 17.20 69.23 -7.25
N TYR D 80 17.36 68.88 -5.99
CA TYR D 80 18.66 68.59 -5.42
C TYR D 80 18.69 67.18 -4.86
N LEU D 81 19.89 66.60 -4.80
CA LEU D 81 20.09 65.28 -4.19
C LEU D 81 21.46 65.30 -3.52
N GLN D 82 21.46 65.51 -2.21
CA GLN D 82 22.69 65.52 -1.42
C GLN D 82 23.09 64.08 -1.13
N MET D 83 24.21 63.64 -1.69
CA MET D 83 24.70 62.28 -1.53
C MET D 83 25.89 62.30 -0.58
N ASN D 84 25.69 61.78 0.62
CA ASN D 84 26.74 61.66 1.62
C ASN D 84 27.12 60.20 1.82
N SER D 85 28.33 59.99 2.32
CA SER D 85 28.86 58.65 2.60
C SER D 85 28.73 57.74 1.38
N LEU D 86 29.36 58.17 0.29
CA LEU D 86 29.24 57.46 -0.98
C LEU D 86 30.10 56.21 -0.99
N ARG D 87 29.48 55.07 -1.32
CA ARG D 87 30.19 53.82 -1.47
C ARG D 87 30.43 53.53 -2.95
N ALA D 88 31.28 52.54 -3.21
CA ALA D 88 31.57 52.18 -4.59
C ALA D 88 30.34 51.66 -5.31
N GLU D 89 29.38 51.10 -4.57
CA GLU D 89 28.13 50.62 -5.17
C GLU D 89 27.25 51.76 -5.67
N ASP D 90 27.54 53.00 -5.28
CA ASP D 90 26.77 54.15 -5.73
C ASP D 90 27.24 54.68 -7.08
N THR D 91 28.33 54.15 -7.62
CA THR D 91 28.83 54.58 -8.92
C THR D 91 27.79 54.29 -9.98
N ALA D 92 27.18 55.34 -10.52
CA ALA D 92 26.08 55.17 -11.47
C ALA D 92 25.83 56.50 -12.16
N VAL D 93 25.07 56.44 -13.25
CA VAL D 93 24.53 57.62 -13.90
C VAL D 93 23.21 57.98 -13.23
N TYR D 94 23.10 59.22 -12.75
CA TYR D 94 21.94 59.65 -11.99
C TYR D 94 21.03 60.50 -12.87
N TYR D 95 19.77 60.09 -12.97
CA TYR D 95 18.74 60.81 -13.70
C TYR D 95 17.74 61.43 -12.73
N CYS D 96 17.19 62.58 -13.10
CA CYS D 96 16.02 63.11 -12.44
C CYS D 96 14.80 62.96 -13.34
N ALA D 97 13.66 62.70 -12.73
CA ALA D 97 12.46 62.36 -13.48
C ALA D 97 11.26 63.08 -12.90
N LYS D 98 10.44 63.64 -13.80
CA LYS D 98 9.17 64.24 -13.41
C LYS D 98 8.11 63.15 -13.24
N ASP D 99 7.28 63.30 -12.21
CA ASP D 99 6.19 62.36 -12.01
C ASP D 99 5.08 62.66 -13.02
N GLY D 100 4.51 61.59 -13.57
CA GLY D 100 3.44 61.78 -14.54
C GLY D 100 2.23 62.46 -13.93
N GLY D 101 1.80 61.98 -12.77
CA GLY D 101 0.72 62.60 -12.02
C GLY D 101 -0.67 62.27 -12.48
N LYS D 102 -0.82 61.41 -13.49
CA LYS D 102 -2.14 61.05 -13.98
C LYS D 102 -2.70 59.84 -13.25
N LEU D 103 -1.94 59.26 -12.33
CA LEU D 103 -2.36 58.08 -11.60
C LEU D 103 -2.30 58.35 -10.11
N TRP D 104 -2.88 57.43 -9.33
CA TRP D 104 -2.73 57.46 -7.89
C TRP D 104 -1.34 57.07 -7.45
N VAL D 105 -0.53 56.55 -8.36
CA VAL D 105 0.80 56.02 -8.05
C VAL D 105 1.83 56.83 -8.84
N TYR D 106 3.08 56.60 -8.50
CA TYR D 106 4.19 57.31 -9.15
C TYR D 106 4.52 56.66 -10.48
N TYR D 107 4.93 57.50 -11.43
CA TYR D 107 5.51 57.04 -12.68
C TYR D 107 6.19 58.22 -13.35
N PHE D 108 7.27 57.93 -14.06
CA PHE D 108 8.13 58.95 -14.64
C PHE D 108 7.76 59.13 -16.11
N ASP D 109 7.39 60.35 -16.49
CA ASP D 109 7.03 60.64 -17.87
C ASP D 109 8.13 61.37 -18.64
N TYR D 110 9.01 62.08 -17.95
CA TYR D 110 10.13 62.76 -18.59
C TYR D 110 11.37 62.60 -17.72
N TRP D 111 12.52 62.42 -18.38
CA TRP D 111 13.78 62.15 -17.70
C TRP D 111 14.80 63.20 -18.11
N GLY D 112 15.78 63.42 -17.23
CA GLY D 112 16.91 64.24 -17.57
C GLY D 112 17.99 63.43 -18.27
N GLN D 113 18.90 64.14 -18.94
CA GLN D 113 19.94 63.45 -19.71
C GLN D 113 20.87 62.64 -18.82
N GLY D 114 20.98 62.97 -17.54
CA GLY D 114 21.77 62.18 -16.62
C GLY D 114 23.18 62.69 -16.45
N THR D 115 23.71 62.53 -15.24
CA THR D 115 25.09 62.88 -14.93
C THR D 115 25.75 61.72 -14.18
N LEU D 116 27.04 61.52 -14.44
CA LEU D 116 27.77 60.38 -13.92
C LEU D 116 28.43 60.70 -12.57
N VAL D 117 28.35 59.75 -11.65
CA VAL D 117 29.01 59.83 -10.35
C VAL D 117 29.89 58.60 -10.20
N THR D 118 31.21 58.79 -10.19
CA THR D 118 32.18 57.71 -10.07
C THR D 118 32.79 57.76 -8.67
N VAL D 119 32.45 56.77 -7.84
CA VAL D 119 32.93 56.70 -6.47
C VAL D 119 34.13 55.76 -6.42
N SER D 120 35.31 56.32 -6.23
CA SER D 120 36.54 55.55 -6.10
C SER D 120 37.63 56.47 -5.55
N SER D 121 38.56 55.87 -4.82
CA SER D 121 39.63 56.62 -4.17
C SER D 121 40.80 56.96 -5.11
N ALA D 122 40.98 56.22 -6.18
CA ALA D 122 42.08 56.44 -7.12
C ALA D 122 42.14 57.88 -7.65
N SER D 123 43.33 58.46 -7.63
CA SER D 123 43.56 59.79 -8.17
C SER D 123 43.46 59.79 -9.69
N THR D 124 43.08 60.94 -10.25
CA THR D 124 42.89 61.09 -11.69
C THR D 124 44.24 60.95 -12.41
N LYS D 125 44.52 59.76 -12.92
CA LYS D 125 45.78 59.47 -13.61
C LYS D 125 45.59 59.48 -15.11
N GLY D 126 46.62 59.93 -15.82
CA GLY D 126 46.60 59.98 -17.27
C GLY D 126 46.83 58.61 -17.89
N PRO D 127 46.39 58.44 -19.13
CA PRO D 127 46.53 57.13 -19.79
C PRO D 127 47.92 56.90 -20.35
N SER D 128 48.30 55.63 -20.40
CA SER D 128 49.53 55.19 -21.05
C SER D 128 49.14 54.40 -22.29
N VAL D 129 49.36 54.98 -23.47
CA VAL D 129 48.90 54.40 -24.73
C VAL D 129 49.99 53.55 -25.34
N PHE D 130 49.65 52.32 -25.71
CA PHE D 130 50.57 51.39 -26.34
C PHE D 130 50.01 50.91 -27.69
N PRO D 131 50.85 50.81 -28.71
CA PRO D 131 50.36 50.41 -30.04
C PRO D 131 50.13 48.90 -30.14
N LEU D 132 49.44 48.52 -31.21
CA LEU D 132 49.15 47.11 -31.52
C LEU D 132 49.52 46.86 -32.97
N ALA D 133 50.71 46.30 -33.21
CA ALA D 133 51.21 46.10 -34.56
C ALA D 133 50.62 44.84 -35.17
N PRO D 134 50.26 44.87 -36.47
CA PRO D 134 49.72 43.70 -37.17
C PRO D 134 50.80 42.68 -37.52
N GLY D 142 41.60 38.16 -46.65
CA GLY D 142 42.87 38.51 -46.05
C GLY D 142 43.21 40.00 -45.96
N THR D 143 42.59 40.67 -45.00
CA THR D 143 42.90 42.05 -44.66
C THR D 143 43.65 42.04 -43.33
N ALA D 144 44.07 43.22 -42.88
CA ALA D 144 44.80 43.32 -41.64
C ALA D 144 44.09 44.27 -40.68
N ALA D 145 44.54 44.25 -39.43
CA ALA D 145 43.95 45.07 -38.37
C ALA D 145 45.05 45.61 -37.48
N LEU D 146 44.81 46.78 -36.91
CA LEU D 146 45.75 47.44 -36.02
C LEU D 146 44.99 48.41 -35.14
N GLY D 147 45.60 48.77 -34.00
CA GLY D 147 44.95 49.68 -33.10
C GLY D 147 45.90 50.17 -32.02
N CYS D 148 45.30 50.80 -31.01
CA CYS D 148 46.02 51.37 -29.88
C CYS D 148 45.41 50.86 -28.59
N LEU D 149 46.23 50.78 -27.54
CA LEU D 149 45.82 50.26 -26.24
C LEU D 149 45.92 51.37 -25.21
N VAL D 150 44.78 51.92 -24.81
CA VAL D 150 44.71 52.94 -23.77
C VAL D 150 44.58 52.21 -22.43
N LYS D 151 45.67 52.18 -21.67
CA LYS D 151 45.71 51.42 -20.43
C LYS D 151 46.08 52.32 -19.27
N ASP D 152 45.56 51.96 -18.08
CA ASP D 152 45.90 52.61 -16.83
C ASP D 152 45.53 54.10 -16.85
N TYR D 153 44.24 54.38 -16.71
CA TYR D 153 43.76 55.75 -16.63
C TYR D 153 42.54 55.78 -15.71
N PHE D 154 42.38 56.89 -15.00
CA PHE D 154 41.25 57.08 -14.11
C PHE D 154 40.82 58.53 -14.14
N PRO D 155 39.52 58.81 -14.22
CA PRO D 155 38.43 57.84 -14.39
C PRO D 155 37.91 57.82 -15.81
N GLU D 156 36.70 57.33 -16.01
CA GLU D 156 36.07 57.41 -17.31
C GLU D 156 35.78 58.87 -17.67
N PRO D 157 35.79 59.21 -18.96
CA PRO D 157 36.15 58.35 -20.09
C PRO D 157 37.41 58.82 -20.79
N VAL D 158 37.75 58.18 -21.91
CA VAL D 158 38.77 58.66 -22.84
C VAL D 158 38.20 58.54 -24.23
N THR D 159 38.42 59.57 -25.04
CA THR D 159 37.94 59.59 -26.42
C THR D 159 39.10 59.25 -27.36
N VAL D 160 38.88 58.28 -28.22
CA VAL D 160 39.90 57.79 -29.15
C VAL D 160 39.36 57.94 -30.56
N SER D 161 40.14 58.59 -31.42
CA SER D 161 39.81 58.74 -32.83
C SER D 161 41.05 58.44 -33.66
N TRP D 162 40.85 58.38 -34.97
CA TRP D 162 41.93 58.05 -35.91
C TRP D 162 42.04 59.14 -36.96
N ASN D 163 43.28 59.63 -37.16
CA ASN D 163 43.58 60.66 -38.15
C ASN D 163 42.73 61.90 -37.94
N SER D 164 42.54 62.27 -36.68
CA SER D 164 41.78 63.46 -36.29
C SER D 164 40.34 63.39 -36.80
N GLY D 165 39.73 62.20 -36.70
CA GLY D 165 38.34 62.01 -37.08
C GLY D 165 38.09 61.79 -38.56
N ALA D 166 39.13 61.76 -39.39
CA ALA D 166 38.94 61.57 -40.82
C ALA D 166 38.66 60.11 -41.17
N LEU D 167 39.23 59.18 -40.41
CA LEU D 167 39.04 57.75 -40.66
C LEU D 167 37.85 57.27 -39.85
N THR D 168 36.70 57.12 -40.51
CA THR D 168 35.45 56.73 -39.86
C THR D 168 35.09 55.27 -40.08
N SER D 169 35.24 54.76 -41.30
CA SER D 169 34.84 53.40 -41.62
C SER D 169 35.89 52.41 -41.14
N GLY D 170 35.44 51.33 -40.49
CA GLY D 170 36.32 50.27 -40.05
C GLY D 170 36.87 50.39 -38.65
N VAL D 171 36.44 51.37 -37.87
CA VAL D 171 36.95 51.61 -36.52
C VAL D 171 36.04 50.93 -35.51
N HIS D 172 36.64 50.31 -34.49
CA HIS D 172 35.90 49.68 -33.40
C HIS D 172 36.60 50.04 -32.09
N THR D 173 35.98 50.93 -31.31
CA THR D 173 36.49 51.29 -29.99
C THR D 173 35.70 50.51 -28.94
N PHE D 174 36.41 49.79 -28.07
CA PHE D 174 35.77 48.89 -27.13
C PHE D 174 35.51 49.60 -25.80
N PRO D 175 34.43 49.20 -25.10
CA PRO D 175 34.18 49.75 -23.77
C PRO D 175 35.32 49.46 -22.81
N ALA D 176 35.51 50.36 -21.85
CA ALA D 176 36.58 50.20 -20.89
C ALA D 176 36.25 49.09 -19.89
N VAL D 177 37.30 48.54 -19.29
CA VAL D 177 37.18 47.52 -18.26
C VAL D 177 37.92 48.00 -17.02
N LEU D 178 37.31 47.79 -15.86
CA LEU D 178 37.92 48.18 -14.59
C LEU D 178 38.80 47.03 -14.13
N GLN D 179 40.10 47.17 -14.34
CA GLN D 179 41.03 46.12 -13.93
C GLN D 179 41.22 46.15 -12.41
N SER D 180 41.98 45.19 -11.90
CA SER D 180 42.14 45.04 -10.47
C SER D 180 42.88 46.22 -9.84
N SER D 181 43.57 47.03 -10.63
CA SER D 181 44.36 48.15 -10.14
C SER D 181 43.54 49.42 -9.98
N GLY D 182 42.21 49.31 -9.94
CA GLY D 182 41.36 50.48 -9.82
C GLY D 182 41.35 51.40 -11.00
N LEU D 183 42.19 51.17 -12.01
CA LEU D 183 42.23 51.98 -13.21
C LEU D 183 41.41 51.31 -14.32
N TYR D 184 41.31 51.99 -15.45
CA TYR D 184 40.55 51.50 -16.59
C TYR D 184 41.49 51.17 -17.74
N SER D 185 41.07 50.19 -18.55
CA SER D 185 41.80 49.81 -19.75
C SER D 185 40.83 49.76 -20.92
N LEU D 186 41.26 50.28 -22.06
CA LEU D 186 40.38 50.41 -23.22
C LEU D 186 41.14 50.03 -24.48
N SER D 187 40.43 49.42 -25.43
CA SER D 187 40.98 49.00 -26.70
C SER D 187 40.21 49.64 -27.84
N SER D 188 40.92 50.09 -28.87
CA SER D 188 40.33 50.66 -30.06
C SER D 188 41.12 50.19 -31.27
N VAL D 189 40.43 49.59 -32.24
CA VAL D 189 41.07 49.01 -33.41
C VAL D 189 40.44 49.59 -34.67
N VAL D 190 41.11 49.36 -35.80
CA VAL D 190 40.62 49.77 -37.11
C VAL D 190 41.22 48.85 -38.15
N THR D 191 40.37 48.32 -39.03
CA THR D 191 40.80 47.42 -40.09
C THR D 191 40.98 48.22 -41.38
N VAL D 192 42.14 48.10 -41.99
CA VAL D 192 42.46 48.84 -43.22
C VAL D 192 42.95 47.86 -44.26
N PRO D 193 42.82 48.19 -45.54
CA PRO D 193 43.38 47.34 -46.59
C PRO D 193 44.88 47.18 -46.40
N SER D 194 45.37 45.96 -46.67
CA SER D 194 46.78 45.67 -46.45
C SER D 194 47.69 46.34 -47.46
N SER D 195 47.13 46.97 -48.49
CA SER D 195 47.96 47.62 -49.51
C SER D 195 48.52 48.95 -49.02
N SER D 196 47.68 49.79 -48.43
CA SER D 196 48.11 51.10 -47.93
C SER D 196 48.51 50.95 -46.47
N LEU D 197 49.68 50.36 -46.25
CA LEU D 197 50.24 50.17 -44.92
C LEU D 197 51.43 51.08 -44.68
N GLY D 198 52.49 50.94 -45.48
CA GLY D 198 53.59 51.88 -45.40
C GLY D 198 53.34 53.19 -46.11
N THR D 199 52.36 53.23 -47.01
CA THR D 199 52.01 54.47 -47.69
C THR D 199 51.06 55.33 -46.85
N GLN D 200 50.09 54.70 -46.18
CA GLN D 200 49.12 55.40 -45.36
C GLN D 200 49.56 55.37 -43.90
N THR D 201 49.61 56.53 -43.27
CA THR D 201 50.00 56.67 -41.88
C THR D 201 48.77 56.71 -40.98
N TYR D 202 48.84 56.00 -39.86
CA TYR D 202 47.73 55.90 -38.92
C TYR D 202 48.17 56.40 -37.56
N ILE D 203 47.43 57.35 -37.01
CA ILE D 203 47.72 57.94 -35.71
C ILE D 203 46.43 57.98 -34.91
N CYS D 204 46.45 57.36 -33.72
CA CYS D 204 45.29 57.33 -32.85
C CYS D 204 45.33 58.52 -31.90
N ASN D 205 44.20 59.20 -31.75
CA ASN D 205 44.11 60.41 -30.95
C ASN D 205 43.39 60.08 -29.65
N VAL D 206 44.14 60.07 -28.55
CA VAL D 206 43.62 59.76 -27.23
C VAL D 206 43.59 61.05 -26.41
N ASN D 207 42.44 61.34 -25.79
CA ASN D 207 42.26 62.53 -24.98
C ASN D 207 41.64 62.14 -23.64
N HIS D 208 42.16 62.71 -22.57
CA HIS D 208 41.66 62.46 -21.22
C HIS D 208 41.40 63.81 -20.55
N LYS D 209 40.15 64.27 -20.62
CA LYS D 209 39.80 65.55 -20.03
C LYS D 209 39.95 65.61 -18.52
N PRO D 210 39.56 64.59 -17.73
CA PRO D 210 39.77 64.68 -16.27
C PRO D 210 41.20 64.93 -15.86
N SER D 211 42.18 64.41 -16.61
CA SER D 211 43.59 64.62 -16.31
C SER D 211 44.25 65.60 -17.27
N ASN D 212 43.53 66.08 -18.28
CA ASN D 212 44.05 67.01 -19.27
C ASN D 212 45.30 66.44 -19.96
N THR D 213 45.11 65.31 -20.61
CA THR D 213 46.18 64.62 -21.31
C THR D 213 45.72 64.28 -22.72
N LYS D 214 46.48 64.73 -23.71
CA LYS D 214 46.21 64.45 -25.12
C LYS D 214 47.46 63.81 -25.71
N VAL D 215 47.34 62.55 -26.10
CA VAL D 215 48.48 61.76 -26.59
C VAL D 215 48.16 61.28 -27.99
N ASP D 216 49.03 61.60 -28.94
CA ASP D 216 48.95 61.08 -30.30
C ASP D 216 50.11 60.12 -30.52
N LYS D 217 49.79 58.91 -30.95
CA LYS D 217 50.80 57.86 -31.12
C LYS D 217 50.73 57.31 -32.53
N ARG D 218 51.90 57.12 -33.13
CA ARG D 218 51.99 56.53 -34.46
C ARG D 218 51.85 55.02 -34.38
N VAL D 219 51.28 54.43 -35.42
CA VAL D 219 51.06 52.99 -35.50
C VAL D 219 51.62 52.50 -36.83
N GLU D 220 52.69 51.72 -36.76
CA GLU D 220 53.34 51.16 -37.95
C GLU D 220 53.73 49.72 -37.66
N PRO D 221 53.65 48.83 -38.66
CA PRO D 221 54.01 47.42 -38.49
C PRO D 221 55.51 47.22 -38.21
N ASP E 1 10.96 43.15 -1.68
CA ASP E 1 10.61 43.93 -2.87
C ASP E 1 9.94 43.07 -3.92
N ILE E 2 9.29 43.73 -4.88
CA ILE E 2 8.61 43.05 -5.98
C ILE E 2 9.60 42.92 -7.13
N GLN E 3 9.94 41.68 -7.47
CA GLN E 3 10.84 41.43 -8.58
C GLN E 3 10.08 41.44 -9.90
N MET E 4 10.68 42.04 -10.91
CA MET E 4 10.11 42.08 -12.26
C MET E 4 11.03 41.33 -13.21
N THR E 5 10.51 40.25 -13.79
CA THR E 5 11.29 39.38 -14.67
C THR E 5 10.81 39.57 -16.10
N GLN E 6 11.71 40.01 -16.98
CA GLN E 6 11.39 40.22 -18.38
C GLN E 6 11.87 39.04 -19.21
N SER E 7 11.13 38.76 -20.29
CA SER E 7 11.48 37.67 -21.18
C SER E 7 11.09 38.07 -22.59
N PRO E 8 11.99 37.90 -23.57
CA PRO E 8 13.33 37.35 -23.44
C PRO E 8 14.35 38.42 -23.08
N SER E 9 15.55 38.03 -22.64
CA SER E 9 16.56 39.03 -22.31
C SER E 9 17.04 39.77 -23.55
N SER E 10 17.13 39.07 -24.69
CA SER E 10 17.54 39.69 -25.94
C SER E 10 16.79 39.04 -27.09
N LEU E 11 16.38 39.85 -28.05
CA LEU E 11 15.69 39.38 -29.25
C LEU E 11 16.23 40.12 -30.47
N SER E 12 16.25 39.43 -31.61
CA SER E 12 16.68 40.00 -32.87
C SER E 12 15.52 39.95 -33.86
N ALA E 13 15.23 41.10 -34.48
CA ALA E 13 14.14 41.20 -35.44
C ALA E 13 14.49 42.25 -36.48
N SER E 14 13.65 42.35 -37.50
CA SER E 14 13.86 43.25 -38.62
C SER E 14 12.74 44.30 -38.64
N VAL E 15 12.92 45.31 -39.50
CA VAL E 15 11.94 46.38 -39.62
C VAL E 15 10.64 45.83 -40.15
N GLY E 16 9.53 46.22 -39.52
CA GLY E 16 8.21 45.76 -39.89
C GLY E 16 7.72 44.54 -39.16
N ASP E 17 8.59 43.86 -38.41
CA ASP E 17 8.18 42.69 -37.65
C ASP E 17 7.28 43.09 -36.49
N ARG E 18 6.58 42.09 -35.94
CA ARG E 18 5.75 42.26 -34.77
C ARG E 18 6.49 41.72 -33.56
N VAL E 19 6.84 42.60 -32.63
CA VAL E 19 7.65 42.25 -31.46
C VAL E 19 6.76 42.30 -30.23
N THR E 20 6.91 41.29 -29.37
CA THR E 20 6.19 41.21 -28.11
C THR E 20 7.18 40.88 -27.00
N ILE E 21 7.18 41.70 -25.95
CA ILE E 21 8.04 41.51 -24.78
C ILE E 21 7.15 41.15 -23.60
N THR E 22 7.64 40.24 -22.76
CA THR E 22 6.90 39.75 -21.61
C THR E 22 7.53 40.27 -20.33
N CYS E 23 6.68 40.60 -19.36
CA CYS E 23 7.11 41.12 -18.06
C CYS E 23 6.29 40.42 -16.99
N ARG E 24 6.96 39.70 -16.10
CA ARG E 24 6.29 38.98 -15.03
C ARG E 24 6.63 39.60 -13.69
N ALA E 25 5.65 39.59 -12.79
CA ALA E 25 5.80 40.12 -11.44
C ALA E 25 5.78 38.99 -10.42
N SER E 26 6.56 39.15 -9.36
CA SER E 26 6.59 38.15 -8.31
C SER E 26 5.28 38.08 -7.54
N GLN E 27 4.51 39.16 -7.56
CA GLN E 27 3.19 39.18 -6.93
C GLN E 27 2.31 40.15 -7.70
N SER E 28 1.02 40.13 -7.37
CA SER E 28 0.05 40.94 -8.10
C SER E 28 0.32 42.42 -7.91
N ILE E 29 0.36 43.15 -9.02
CA ILE E 29 0.56 44.59 -9.01
C ILE E 29 -0.61 45.33 -9.65
N SER E 30 -1.77 44.66 -9.74
CA SER E 30 -3.00 45.22 -10.31
C SER E 30 -2.68 45.65 -11.74
N SER E 31 -2.94 46.90 -12.12
CA SER E 31 -2.65 47.38 -13.47
C SER E 31 -1.47 48.34 -13.50
N TYR E 32 -0.71 48.43 -12.40
CA TYR E 32 0.33 49.46 -12.25
C TYR E 32 1.66 48.94 -12.79
N LEU E 33 1.73 48.87 -14.12
CA LEU E 33 2.93 48.40 -14.81
C LEU E 33 3.22 49.38 -15.95
N ASN E 34 4.44 49.90 -15.98
CA ASN E 34 4.82 50.95 -16.92
C ASN E 34 5.99 50.48 -17.78
N TRP E 35 5.98 50.90 -19.03
CA TRP E 35 7.01 50.51 -20.00
C TRP E 35 7.84 51.73 -20.38
N TYR E 36 9.15 51.51 -20.54
CA TYR E 36 10.07 52.59 -20.84
C TYR E 36 11.03 52.15 -21.94
N GLN E 37 11.51 53.13 -22.72
CA GLN E 37 12.50 52.89 -23.76
C GLN E 37 13.74 53.71 -23.47
N GLN E 38 14.92 53.09 -23.62
CA GLN E 38 16.19 53.77 -23.40
C GLN E 38 17.15 53.45 -24.54
N LYS E 39 17.67 54.49 -25.17
CA LYS E 39 18.75 54.36 -26.13
C LYS E 39 20.10 54.33 -25.41
N PRO E 40 21.11 53.69 -26.00
CA PRO E 40 22.45 53.73 -25.39
C PRO E 40 22.94 55.17 -25.27
N GLY E 41 23.27 55.56 -24.05
CA GLY E 41 23.75 56.89 -23.78
C GLY E 41 22.68 57.93 -23.55
N LYS E 42 21.43 57.61 -23.87
CA LYS E 42 20.31 58.53 -23.74
C LYS E 42 19.49 58.21 -22.50
N ALA E 43 18.60 59.14 -22.17
CA ALA E 43 17.70 59.00 -21.03
C ALA E 43 16.53 58.10 -21.39
N PRO E 44 15.95 57.40 -20.42
CA PRO E 44 14.73 56.63 -20.68
C PRO E 44 13.59 57.54 -21.09
N LYS E 45 12.64 56.99 -21.85
CA LYS E 45 11.46 57.72 -22.26
C LYS E 45 10.23 56.86 -22.03
N LEU E 46 9.19 57.46 -21.47
CA LEU E 46 7.98 56.72 -21.12
C LEU E 46 7.18 56.36 -22.36
N LEU E 47 6.80 55.09 -22.47
CA LEU E 47 5.94 54.60 -23.54
C LEU E 47 4.54 54.31 -23.04
N ILE E 48 4.39 53.37 -22.12
CA ILE E 48 3.10 52.94 -21.61
C ILE E 48 3.09 53.12 -20.09
N TYR E 49 1.98 53.65 -19.57
CA TYR E 49 1.74 53.71 -18.14
C TYR E 49 0.41 53.08 -17.83
N ALA E 50 0.28 52.53 -16.61
CA ALA E 50 -0.91 51.81 -16.17
C ALA E 50 -1.23 50.64 -17.10
N ALA E 51 -0.19 49.90 -17.48
CA ALA E 51 -0.25 48.68 -18.30
C ALA E 51 -0.71 48.93 -19.73
N SER E 52 -1.72 49.77 -19.95
CA SER E 52 -2.32 49.92 -21.27
C SER E 52 -2.43 51.36 -21.78
N SER E 53 -2.16 52.37 -20.96
CA SER E 53 -2.38 53.75 -21.36
C SER E 53 -1.18 54.29 -22.11
N LEU E 54 -1.42 54.81 -23.31
CA LEU E 54 -0.36 55.32 -24.17
C LEU E 54 0.00 56.75 -23.80
N GLN E 55 1.29 56.99 -23.56
CA GLN E 55 1.74 58.34 -23.23
C GLN E 55 1.65 59.24 -24.46
N SER E 56 1.30 60.50 -24.23
CA SER E 56 1.12 61.45 -25.32
C SER E 56 2.42 61.63 -26.08
N GLY E 57 2.33 61.62 -27.41
CA GLY E 57 3.48 61.72 -28.28
C GLY E 57 4.11 60.41 -28.69
N VAL E 58 3.79 59.31 -28.00
CA VAL E 58 4.35 58.02 -28.35
C VAL E 58 3.59 57.47 -29.56
N PRO E 59 4.28 56.94 -30.57
CA PRO E 59 3.56 56.39 -31.74
C PRO E 59 2.60 55.28 -31.36
N SER E 60 1.50 55.19 -32.11
CA SER E 60 0.45 54.23 -31.82
C SER E 60 0.87 52.78 -32.08
N ARG E 61 2.00 52.55 -32.75
CA ARG E 61 2.47 51.19 -32.95
C ARG E 61 2.84 50.51 -31.63
N PHE E 62 3.07 51.29 -30.58
CA PHE E 62 3.31 50.74 -29.25
C PHE E 62 1.99 50.49 -28.55
N SER E 63 1.89 49.34 -27.88
CA SER E 63 0.69 49.00 -27.14
C SER E 63 1.07 48.07 -26.01
N GLY E 64 0.37 48.19 -24.90
CA GLY E 64 0.63 47.37 -23.74
C GLY E 64 -0.65 46.76 -23.22
N SER E 65 -0.50 45.57 -22.62
CA SER E 65 -1.64 44.82 -22.13
C SER E 65 -1.20 43.98 -20.93
N GLY E 66 -2.19 43.47 -20.22
CA GLY E 66 -1.94 42.56 -19.12
C GLY E 66 -2.51 43.06 -17.80
N SER E 67 -2.53 42.15 -16.84
CA SER E 67 -2.96 42.47 -15.48
C SER E 67 -2.45 41.37 -14.56
N GLY E 68 -2.49 41.66 -13.26
CA GLY E 68 -2.04 40.71 -12.26
C GLY E 68 -0.52 40.53 -12.22
N THR E 69 -0.03 39.45 -12.85
CA THR E 69 1.38 39.11 -12.80
C THR E 69 2.04 39.00 -14.18
N ASP E 70 1.28 38.92 -15.26
CA ASP E 70 1.83 38.78 -16.59
C ASP E 70 1.45 40.00 -17.41
N PHE E 71 2.44 40.64 -18.04
CA PHE E 71 2.23 41.85 -18.81
C PHE E 71 2.99 41.73 -20.12
N THR E 72 2.53 42.47 -21.13
CA THR E 72 3.09 42.37 -22.46
C THR E 72 3.13 43.74 -23.12
N LEU E 73 4.28 44.07 -23.71
CA LEU E 73 4.43 45.24 -24.54
C LEU E 73 4.52 44.76 -25.99
N THR E 74 3.83 45.45 -26.89
CA THR E 74 3.72 45.01 -28.27
C THR E 74 4.00 46.16 -29.22
N ILE E 75 4.95 45.95 -30.12
CA ILE E 75 5.23 46.85 -31.22
C ILE E 75 4.66 46.20 -32.48
N SER E 76 3.61 46.80 -33.04
CA SER E 76 2.93 46.19 -34.18
C SER E 76 3.87 46.14 -35.39
N SER E 77 4.36 47.29 -35.82
CA SER E 77 5.29 47.39 -36.95
C SER E 77 6.58 48.04 -36.45
N LEU E 78 7.62 47.23 -36.28
CA LEU E 78 8.89 47.72 -35.77
C LEU E 78 9.51 48.68 -36.77
N GLN E 79 10.01 49.81 -36.27
CA GLN E 79 10.65 50.83 -37.09
C GLN E 79 12.12 50.97 -36.74
N PRO E 80 12.94 51.49 -37.66
CA PRO E 80 14.40 51.55 -37.40
C PRO E 80 14.78 52.28 -36.13
N GLU E 81 14.01 53.28 -35.73
CA GLU E 81 14.31 54.02 -34.50
C GLU E 81 13.81 53.33 -33.24
N ASP E 82 13.19 52.16 -33.37
CA ASP E 82 12.66 51.43 -32.22
C ASP E 82 13.64 50.43 -31.62
N PHE E 83 14.80 50.23 -32.25
CA PHE E 83 15.80 49.32 -31.69
C PHE E 83 16.45 49.96 -30.47
N ALA E 84 16.16 49.42 -29.29
CA ALA E 84 16.68 49.92 -28.03
C ALA E 84 16.43 48.87 -26.96
N THR E 85 16.62 49.26 -25.71
CA THR E 85 16.29 48.41 -24.57
C THR E 85 14.97 48.89 -23.97
N TYR E 86 14.12 47.93 -23.60
CA TYR E 86 12.80 48.22 -23.07
C TYR E 86 12.71 47.66 -21.66
N TYR E 87 12.28 48.50 -20.73
CA TYR E 87 12.12 48.10 -19.35
C TYR E 87 10.66 48.15 -18.95
N CYS E 88 10.28 47.26 -18.04
CA CYS E 88 9.01 47.38 -17.37
C CYS E 88 9.28 47.71 -15.91
N GLN E 89 8.38 48.46 -15.32
CA GLN E 89 8.54 48.89 -13.94
C GLN E 89 7.19 48.85 -13.27
N GLN E 90 7.15 48.31 -12.05
CA GLN E 90 5.91 48.23 -11.31
C GLN E 90 5.77 49.44 -10.41
N SER E 91 4.54 49.91 -10.26
CA SER E 91 4.25 51.03 -9.37
C SER E 91 3.22 50.66 -8.32
N TYR E 92 2.89 49.37 -8.17
CA TYR E 92 2.03 48.96 -7.07
C TYR E 92 2.64 49.28 -5.72
N SER E 93 3.92 48.97 -5.53
CA SER E 93 4.62 49.37 -4.32
C SER E 93 5.23 50.73 -4.62
N THR E 94 4.46 51.78 -4.33
CA THR E 94 4.84 53.13 -4.77
C THR E 94 6.12 53.62 -4.10
N LEU E 95 6.36 53.22 -2.85
CA LEU E 95 7.57 53.61 -2.15
C LEU E 95 8.68 52.58 -2.30
N ALA E 96 8.53 51.62 -3.22
CA ALA E 96 9.56 50.63 -3.51
C ALA E 96 9.49 50.29 -5.00
N LEU E 97 9.57 51.34 -5.83
CA LEU E 97 9.47 51.18 -7.27
C LEU E 97 10.64 50.37 -7.80
N THR E 98 10.34 49.33 -8.58
CA THR E 98 11.34 48.41 -9.09
C THR E 98 11.18 48.26 -10.60
N PHE E 99 12.31 48.06 -11.28
CA PHE E 99 12.35 47.88 -12.72
C PHE E 99 12.64 46.43 -13.08
N GLY E 100 12.23 46.05 -14.29
CA GLY E 100 12.63 44.78 -14.84
C GLY E 100 14.08 44.82 -15.30
N GLY E 101 14.59 43.62 -15.65
CA GLY E 101 15.95 43.50 -16.15
C GLY E 101 16.16 44.17 -17.49
N GLY E 102 15.11 44.32 -18.28
CA GLY E 102 15.21 44.93 -19.59
C GLY E 102 15.28 43.91 -20.70
N THR E 103 14.74 44.29 -21.86
CA THR E 103 14.77 43.47 -23.06
C THR E 103 15.36 44.31 -24.18
N LYS E 104 16.55 43.93 -24.65
CA LYS E 104 17.23 44.67 -25.71
C LYS E 104 16.77 44.13 -27.06
N VAL E 105 16.17 45.00 -27.86
CA VAL E 105 15.73 44.65 -29.22
C VAL E 105 16.85 45.00 -30.18
N GLU E 106 17.34 44.00 -30.91
CA GLU E 106 18.49 44.12 -31.78
C GLU E 106 18.09 43.84 -33.23
N ILE E 107 19.03 44.09 -34.13
CA ILE E 107 18.80 43.92 -35.57
C ILE E 107 19.14 42.49 -35.95
N LYS E 108 18.18 41.77 -36.53
CA LYS E 108 18.40 40.39 -36.97
C LYS E 108 19.18 40.38 -38.28
N ARG E 109 20.41 39.89 -38.21
CA ARG E 109 21.21 39.68 -39.41
C ARG E 109 21.62 38.20 -39.47
N THR E 110 22.24 37.83 -40.58
CA THR E 110 22.73 36.49 -40.81
C THR E 110 23.96 36.21 -39.93
N VAL E 111 24.25 34.92 -39.74
CA VAL E 111 25.40 34.53 -38.94
C VAL E 111 26.68 34.98 -39.64
N ALA E 112 27.57 35.62 -38.89
CA ALA E 112 28.81 36.18 -39.42
C ALA E 112 30.00 35.60 -38.65
N ALA E 113 30.98 35.11 -39.37
CA ALA E 113 32.15 34.54 -38.72
C ALA E 113 33.11 35.65 -38.30
N PRO E 114 33.73 35.53 -37.13
CA PRO E 114 34.67 36.55 -36.68
C PRO E 114 36.05 36.40 -37.31
N SER E 115 36.71 37.54 -37.51
CA SER E 115 38.09 37.56 -37.94
C SER E 115 38.98 37.76 -36.71
N VAL E 116 39.81 36.77 -36.41
CA VAL E 116 40.60 36.76 -35.19
C VAL E 116 41.99 37.25 -35.50
N PHE E 117 42.44 38.26 -34.75
CA PHE E 117 43.78 38.81 -34.84
C PHE E 117 44.37 38.89 -33.44
N ILE E 118 45.65 38.62 -33.31
CA ILE E 118 46.34 38.66 -32.02
C ILE E 118 47.46 39.69 -32.09
N PHE E 119 47.65 40.43 -31.00
CA PHE E 119 48.64 41.49 -30.91
C PHE E 119 49.52 41.26 -29.68
N PRO E 120 50.84 41.22 -29.86
CA PRO E 120 51.74 41.13 -28.70
C PRO E 120 51.80 42.42 -27.93
N PRO E 121 52.25 42.39 -26.68
CA PRO E 121 52.50 43.65 -25.97
C PRO E 121 53.69 44.37 -26.59
N SER E 122 53.55 45.69 -26.72
CA SER E 122 54.59 46.50 -27.35
C SER E 122 55.85 46.55 -26.49
N ASP E 123 56.97 46.87 -27.14
CA ASP E 123 58.23 47.07 -26.43
C ASP E 123 58.16 48.26 -25.48
N GLU E 124 57.30 49.23 -25.77
CA GLU E 124 57.17 50.41 -24.92
C GLU E 124 56.52 50.07 -23.58
N GLN E 125 55.67 49.05 -23.55
CA GLN E 125 54.96 48.66 -22.33
C GLN E 125 55.73 47.70 -21.42
N LEU E 126 56.49 46.75 -21.99
CA LEU E 126 57.18 45.75 -21.18
C LEU E 126 58.18 46.32 -20.20
N LYS E 127 58.68 47.54 -20.44
CA LYS E 127 59.61 48.16 -19.49
C LYS E 127 58.92 48.70 -18.24
N SER E 128 57.59 48.81 -18.25
CA SER E 128 56.89 49.26 -17.06
C SER E 128 56.61 48.14 -16.07
N GLY E 129 56.67 46.89 -16.52
CA GLY E 129 56.46 45.74 -15.66
C GLY E 129 55.20 44.96 -15.94
N THR E 130 54.31 45.44 -16.79
CA THR E 130 53.06 44.75 -17.08
C THR E 130 53.09 44.20 -18.50
N ALA E 131 52.52 43.01 -18.68
CA ALA E 131 52.41 42.36 -19.99
C ALA E 131 50.95 42.03 -20.23
N SER E 132 50.42 42.51 -21.36
CA SER E 132 49.03 42.30 -21.72
C SER E 132 48.96 41.65 -23.10
N VAL E 133 48.42 40.44 -23.16
CA VAL E 133 48.21 39.73 -24.41
C VAL E 133 46.76 39.95 -24.83
N VAL E 134 46.57 40.44 -26.05
CA VAL E 134 45.25 40.84 -26.53
C VAL E 134 44.82 39.92 -27.67
N CYS E 135 43.56 39.50 -27.63
CA CYS E 135 42.94 38.74 -28.71
C CYS E 135 41.68 39.45 -29.17
N LEU E 136 41.48 39.49 -30.49
CA LEU E 136 40.39 40.23 -31.11
C LEU E 136 39.48 39.31 -31.90
N LEU E 137 38.17 39.52 -31.75
CA LEU E 137 37.16 38.87 -32.58
C LEU E 137 36.42 39.96 -33.33
N ASN E 138 36.58 39.99 -34.65
CA ASN E 138 36.15 41.12 -35.46
C ASN E 138 34.94 40.76 -36.30
N ASN E 139 33.88 41.57 -36.19
CA ASN E 139 32.71 41.50 -37.06
C ASN E 139 32.06 40.13 -37.08
N PHE E 140 31.28 39.81 -36.06
CA PHE E 140 30.61 38.51 -35.97
C PHE E 140 29.19 38.70 -35.47
N TYR E 141 28.38 37.67 -35.65
CA TYR E 141 27.01 37.65 -35.15
C TYR E 141 26.60 36.19 -34.97
N PRO E 142 25.91 35.84 -33.88
CA PRO E 142 25.40 36.68 -32.78
C PRO E 142 26.46 37.06 -31.75
N ARG E 143 26.02 37.67 -30.64
CA ARG E 143 26.94 38.14 -29.62
C ARG E 143 27.60 36.99 -28.87
N GLU E 144 26.91 35.87 -28.71
CA GLU E 144 27.41 34.75 -27.92
C GLU E 144 28.70 34.19 -28.51
N ALA E 145 29.81 34.37 -27.80
CA ALA E 145 31.09 33.86 -28.26
C ALA E 145 31.97 33.61 -27.04
N LYS E 146 32.76 32.54 -27.09
CA LYS E 146 33.62 32.15 -25.99
C LYS E 146 35.07 32.28 -26.42
N VAL E 147 35.84 33.06 -25.67
CA VAL E 147 37.27 33.25 -25.92
C VAL E 147 38.01 32.56 -24.79
N GLN E 148 38.82 31.57 -25.14
CA GLN E 148 39.54 30.76 -24.16
C GLN E 148 41.03 30.98 -24.33
N TRP E 149 41.70 31.43 -23.27
CA TRP E 149 43.13 31.66 -23.29
C TRP E 149 43.86 30.39 -22.89
N LYS E 150 44.82 29.97 -23.73
CA LYS E 150 45.65 28.81 -23.46
C LYS E 150 47.10 29.24 -23.54
N VAL E 151 47.81 29.12 -22.42
CA VAL E 151 49.23 29.42 -22.34
C VAL E 151 49.92 28.11 -21.98
N ASP E 152 50.71 27.58 -22.91
CA ASP E 152 51.30 26.24 -22.78
C ASP E 152 50.21 25.19 -22.56
N ASN E 153 49.14 25.28 -23.34
CA ASN E 153 48.00 24.36 -23.29
C ASN E 153 47.30 24.38 -21.94
N ALA E 154 47.56 25.39 -21.12
CA ALA E 154 46.94 25.55 -19.81
C ALA E 154 45.91 26.66 -19.88
N LEU E 155 44.66 26.34 -19.52
CA LEU E 155 43.59 27.33 -19.57
C LEU E 155 43.89 28.44 -18.56
N GLN E 156 43.86 29.69 -19.04
CA GLN E 156 44.19 30.82 -18.18
C GLN E 156 42.90 31.34 -17.57
N SER E 157 42.50 30.73 -16.46
CA SER E 157 41.29 31.13 -15.76
C SER E 157 41.62 32.25 -14.77
N GLY E 158 40.73 33.23 -14.71
CA GLY E 158 40.92 34.30 -13.73
C GLY E 158 42.02 35.28 -14.08
N ASN E 159 42.37 35.43 -15.36
CA ASN E 159 43.49 36.29 -15.70
C ASN E 159 43.27 37.19 -16.92
N SER E 160 42.05 37.33 -17.43
CA SER E 160 41.80 38.13 -18.62
C SER E 160 40.51 38.92 -18.47
N GLN E 161 40.32 39.91 -19.35
CA GLN E 161 39.10 40.71 -19.36
C GLN E 161 38.56 40.83 -20.77
N GLU E 162 37.24 40.77 -20.90
CA GLU E 162 36.56 40.86 -22.18
C GLU E 162 35.79 42.17 -22.28
N SER E 163 35.55 42.60 -23.52
CA SER E 163 34.78 43.80 -23.79
C SER E 163 34.18 43.68 -25.18
N VAL E 164 32.89 44.01 -25.31
CA VAL E 164 32.17 43.87 -26.56
C VAL E 164 31.60 45.22 -26.96
N THR E 165 31.73 45.57 -28.23
CA THR E 165 31.12 46.78 -28.76
C THR E 165 29.63 46.56 -29.00
N GLU E 166 28.94 47.65 -29.33
CA GLU E 166 27.53 47.55 -29.71
C GLU E 166 27.42 47.12 -31.17
N GLN E 167 26.18 46.89 -31.62
CA GLN E 167 25.97 46.48 -33.00
C GLN E 167 26.35 47.59 -33.97
N ASP E 168 27.19 47.25 -34.94
CA ASP E 168 27.71 48.23 -35.87
C ASP E 168 26.59 48.80 -36.74
N SER E 169 26.68 50.10 -37.04
CA SER E 169 25.63 50.75 -37.81
C SER E 169 25.61 50.30 -39.26
N LYS E 170 26.65 49.61 -39.73
CA LYS E 170 26.70 49.17 -41.12
C LYS E 170 26.21 47.72 -41.23
N ASP E 171 26.99 46.78 -40.70
CA ASP E 171 26.67 45.36 -40.83
C ASP E 171 26.00 44.73 -39.62
N SER E 172 25.69 45.51 -38.57
CA SER E 172 25.00 45.01 -37.37
C SER E 172 25.78 43.90 -36.69
N THR E 173 27.10 43.96 -36.74
CA THR E 173 27.94 42.92 -36.17
C THR E 173 28.57 43.42 -34.88
N TYR E 174 29.07 42.47 -34.10
CA TYR E 174 29.75 42.76 -32.85
C TYR E 174 31.25 42.63 -33.02
N SER E 175 31.97 43.01 -31.97
CA SER E 175 33.41 42.82 -31.92
C SER E 175 33.82 42.64 -30.47
N LEU E 176 34.75 41.73 -30.21
CA LEU E 176 35.14 41.37 -28.86
C LEU E 176 36.65 41.48 -28.72
N SER E 177 37.11 41.96 -27.58
CA SER E 177 38.54 42.07 -27.28
C SER E 177 38.79 41.49 -25.91
N SER E 178 39.68 40.50 -25.84
CA SER E 178 40.07 39.87 -24.58
C SER E 178 41.50 40.26 -24.26
N THR E 179 41.71 40.80 -23.06
CA THR E 179 43.02 41.31 -22.64
C THR E 179 43.51 40.46 -21.48
N LEU E 180 44.48 39.59 -21.75
CA LEU E 180 45.09 38.77 -20.71
C LEU E 180 46.20 39.59 -20.04
N THR E 181 46.03 39.89 -18.76
CA THR E 181 46.95 40.75 -18.03
C THR E 181 47.76 39.91 -17.07
N LEU E 182 49.09 39.93 -17.24
CA LEU E 182 50.01 39.25 -16.34
C LEU E 182 51.26 40.10 -16.18
N SER E 183 51.99 39.85 -15.09
CA SER E 183 53.25 40.52 -14.86
C SER E 183 54.34 39.96 -15.79
N LYS E 184 55.41 40.74 -15.93
CA LYS E 184 56.55 40.29 -16.74
C LYS E 184 57.15 39.01 -16.19
N ALA E 185 57.15 38.83 -14.87
CA ALA E 185 57.66 37.60 -14.28
C ALA E 185 56.85 36.40 -14.76
N ASP E 186 55.53 36.56 -14.88
CA ASP E 186 54.68 35.50 -15.40
C ASP E 186 54.84 35.35 -16.91
N TYR E 187 55.40 36.35 -17.59
CA TYR E 187 55.47 36.34 -19.04
C TYR E 187 56.60 35.44 -19.57
N GLU E 188 57.81 35.56 -19.02
CA GLU E 188 58.92 34.71 -19.47
C GLU E 188 58.88 33.31 -18.88
N LYS E 189 57.94 33.02 -17.98
CA LYS E 189 57.84 31.67 -17.41
C LYS E 189 57.35 30.67 -18.44
N HIS E 190 56.59 31.12 -19.44
CA HIS E 190 55.98 30.27 -20.43
C HIS E 190 56.45 30.65 -21.83
N LYS E 191 56.04 29.85 -22.82
CA LYS E 191 56.43 30.04 -24.21
C LYS E 191 55.25 30.19 -25.13
N VAL E 192 54.25 29.30 -25.05
CA VAL E 192 53.14 29.27 -25.99
C VAL E 192 52.05 30.23 -25.52
N TYR E 193 51.62 31.11 -26.42
CA TYR E 193 50.52 32.03 -26.15
C TYR E 193 49.51 31.90 -27.29
N ALA E 194 48.31 31.42 -26.95
CA ALA E 194 47.29 31.07 -27.92
C ALA E 194 45.99 31.77 -27.57
N CYS E 195 45.07 31.83 -28.54
CA CYS E 195 43.74 32.36 -28.29
C CYS E 195 42.70 31.50 -28.99
N GLU E 196 41.88 30.80 -28.20
CA GLU E 196 40.85 29.91 -28.72
C GLU E 196 39.51 30.63 -28.83
N VAL E 197 38.86 30.49 -30.00
CA VAL E 197 37.61 31.16 -30.31
C VAL E 197 36.55 30.13 -30.65
N THR E 198 35.42 30.18 -29.95
CA THR E 198 34.26 29.35 -30.24
C THR E 198 33.09 30.26 -30.62
N HIS E 199 32.49 30.03 -31.78
CA HIS E 199 31.41 30.89 -32.24
C HIS E 199 30.44 30.07 -33.08
N GLN E 200 29.21 30.58 -33.20
CA GLN E 200 28.19 29.89 -33.98
C GLN E 200 28.58 29.83 -35.46
N GLY E 201 29.23 30.88 -35.95
CA GLY E 201 29.66 30.91 -37.33
C GLY E 201 30.95 30.17 -37.60
N LEU E 202 31.45 29.42 -36.63
CA LEU E 202 32.64 28.62 -36.77
C LEU E 202 32.30 27.13 -36.63
N SER E 203 33.33 26.30 -36.79
CA SER E 203 33.23 24.84 -36.61
C SER E 203 34.26 24.26 -35.65
N SER E 204 35.43 24.88 -35.51
CA SER E 204 36.49 24.39 -34.65
C SER E 204 37.12 25.57 -33.92
N PRO E 205 37.67 25.36 -32.74
CA PRO E 205 38.38 26.44 -32.04
C PRO E 205 39.51 26.96 -32.90
N VAL E 206 39.55 28.27 -33.05
CA VAL E 206 40.55 28.94 -33.88
C VAL E 206 41.60 29.55 -32.96
N THR E 207 42.88 29.41 -33.34
CA THR E 207 43.99 29.89 -32.54
C THR E 207 44.94 30.72 -33.39
N LYS E 208 45.20 31.95 -32.95
CA LYS E 208 46.16 32.85 -33.60
C LYS E 208 47.34 33.07 -32.66
N SER E 209 48.55 32.96 -33.20
CA SER E 209 49.76 33.02 -32.39
C SER E 209 50.87 33.73 -33.15
N PHE E 210 52.03 33.83 -32.52
CA PHE E 210 53.23 34.43 -33.09
C PHE E 210 54.41 34.00 -32.25
N ASN E 211 55.61 34.19 -32.79
CA ASN E 211 56.85 33.90 -32.09
C ASN E 211 57.59 35.20 -31.78
N ARG E 212 58.22 35.25 -30.62
CA ARG E 212 58.97 36.43 -30.20
C ARG E 212 60.16 36.69 -31.11
N GLU F 1 51.09 -42.85 -34.81
CA GLU F 1 51.33 -44.25 -34.49
C GLU F 1 51.59 -44.43 -32.98
N VAL F 2 50.51 -44.48 -32.21
CA VAL F 2 50.57 -44.73 -30.78
C VAL F 2 49.61 -45.87 -30.46
N GLN F 3 50.13 -46.92 -29.83
CA GLN F 3 49.35 -48.12 -29.56
C GLN F 3 49.22 -48.35 -28.07
N LEU F 4 48.04 -48.81 -27.66
CA LEU F 4 47.74 -49.15 -26.28
C LEU F 4 46.89 -50.40 -26.28
N VAL F 5 47.34 -51.43 -25.57
CA VAL F 5 46.68 -52.74 -25.56
C VAL F 5 46.36 -53.10 -24.12
N GLU F 6 45.08 -53.33 -23.84
CA GLU F 6 44.64 -53.75 -22.52
C GLU F 6 44.52 -55.26 -22.44
N SER F 7 44.45 -55.75 -21.21
CA SER F 7 44.24 -57.17 -20.91
C SER F 7 43.89 -57.27 -19.43
N GLY F 8 43.41 -58.44 -19.04
CA GLY F 8 43.08 -58.69 -17.65
C GLY F 8 41.62 -58.55 -17.29
N GLY F 9 40.75 -58.31 -18.27
CA GLY F 9 39.34 -58.20 -17.98
C GLY F 9 38.66 -59.55 -17.96
N GLY F 10 37.48 -59.57 -17.33
CA GLY F 10 36.71 -60.81 -17.24
C GLY F 10 35.62 -60.70 -16.21
N VAL F 11 35.27 -61.85 -15.63
CA VAL F 11 34.22 -61.94 -14.63
C VAL F 11 34.85 -61.92 -13.25
N VAL F 12 34.11 -61.40 -12.27
CA VAL F 12 34.61 -61.30 -10.91
C VAL F 12 33.41 -61.18 -9.98
N GLN F 13 33.51 -61.87 -8.84
CA GLN F 13 32.45 -61.79 -7.84
C GLN F 13 32.62 -60.55 -6.97
N PRO F 14 31.52 -60.05 -6.39
CA PRO F 14 31.62 -58.85 -5.54
C PRO F 14 32.56 -59.07 -4.37
N GLY F 15 33.34 -58.03 -4.06
CA GLY F 15 34.31 -58.09 -2.99
C GLY F 15 35.64 -58.68 -3.36
N ARG F 16 35.76 -59.30 -4.53
CA ARG F 16 37.01 -59.91 -4.96
C ARG F 16 37.93 -58.84 -5.54
N SER F 17 39.03 -59.28 -6.16
CA SER F 17 40.01 -58.39 -6.74
C SER F 17 40.29 -58.78 -8.18
N LEU F 18 40.70 -57.79 -8.97
CA LEU F 18 41.06 -57.99 -10.37
C LEU F 18 42.06 -56.93 -10.77
N ARG F 19 43.02 -57.30 -11.62
CA ARG F 19 44.09 -56.41 -12.03
C ARG F 19 44.09 -56.29 -13.55
N LEU F 20 44.15 -55.06 -14.04
CA LEU F 20 44.19 -54.78 -15.47
C LEU F 20 45.56 -54.28 -15.87
N SER F 21 45.86 -54.41 -17.16
CA SER F 21 47.15 -53.99 -17.70
C SER F 21 46.92 -53.15 -18.96
N CYS F 22 47.99 -52.50 -19.40
CA CYS F 22 47.91 -51.62 -20.57
C CYS F 22 49.33 -51.45 -21.12
N ALA F 23 49.65 -52.20 -22.16
CA ALA F 23 50.96 -52.16 -22.77
C ALA F 23 51.01 -51.05 -23.82
N ALA F 24 51.93 -50.11 -23.64
CA ALA F 24 52.10 -48.98 -24.53
C ALA F 24 53.22 -49.23 -25.53
N SER F 25 53.21 -48.47 -26.62
CA SER F 25 54.19 -48.66 -27.68
C SER F 25 54.32 -47.39 -28.51
N ALA F 26 55.52 -47.19 -29.06
CA ALA F 26 55.80 -46.16 -30.07
C ALA F 26 55.64 -44.75 -29.52
N PHE F 27 56.04 -44.55 -28.27
CA PHE F 27 56.19 -43.21 -27.69
C PHE F 27 56.95 -43.35 -26.38
N THR F 28 57.53 -42.25 -25.94
CA THR F 28 58.27 -42.22 -24.68
C THR F 28 57.28 -42.36 -23.54
N PHE F 29 57.13 -43.58 -23.03
CA PHE F 29 56.12 -43.86 -22.01
C PHE F 29 56.52 -43.30 -20.65
N SER F 30 57.81 -43.22 -20.37
CA SER F 30 58.28 -42.76 -19.07
C SER F 30 58.24 -41.24 -18.93
N SER F 31 57.57 -40.56 -19.86
CA SER F 31 57.48 -39.10 -19.83
C SER F 31 56.06 -38.56 -19.73
N TYR F 32 55.06 -39.36 -20.04
CA TYR F 32 53.68 -38.90 -20.05
C TYR F 32 52.93 -39.44 -18.86
N ASP F 33 51.99 -38.63 -18.36
CA ASP F 33 51.05 -39.12 -17.37
C ASP F 33 50.09 -40.10 -18.05
N MET F 34 49.51 -40.99 -17.25
CA MET F 34 48.60 -41.99 -17.79
C MET F 34 47.31 -41.98 -17.00
N HIS F 35 46.24 -42.38 -17.67
CA HIS F 35 44.90 -42.32 -17.10
C HIS F 35 44.21 -43.67 -17.26
N TRP F 36 43.14 -43.84 -16.50
CA TRP F 36 42.18 -44.92 -16.68
C TRP F 36 40.80 -44.29 -16.74
N VAL F 37 40.01 -44.69 -17.74
CA VAL F 37 38.66 -44.19 -17.92
C VAL F 37 37.76 -45.38 -18.22
N ARG F 38 36.66 -45.50 -17.50
CA ARG F 38 35.74 -46.62 -17.70
C ARG F 38 34.43 -46.11 -18.29
N GLN F 39 33.63 -47.06 -18.78
CA GLN F 39 32.35 -46.74 -19.40
C GLN F 39 31.39 -47.88 -19.10
N ALA F 40 30.41 -47.60 -18.23
CA ALA F 40 29.40 -48.59 -17.90
C ALA F 40 28.59 -48.93 -19.15
N PRO F 41 27.97 -50.10 -19.19
CA PRO F 41 27.17 -50.48 -20.36
C PRO F 41 26.05 -49.48 -20.62
N GLY F 42 26.04 -48.92 -21.82
CA GLY F 42 25.03 -47.95 -22.21
C GLY F 42 25.14 -46.59 -21.57
N LYS F 43 26.18 -46.34 -20.77
CA LYS F 43 26.35 -45.08 -20.07
C LYS F 43 27.49 -44.29 -20.71
N GLY F 44 27.87 -43.18 -20.08
CA GLY F 44 28.89 -42.30 -20.59
C GLY F 44 30.27 -42.65 -20.07
N LEU F 45 31.19 -41.71 -20.24
CA LEU F 45 32.57 -41.91 -19.82
C LEU F 45 32.78 -41.36 -18.41
N GLU F 46 33.63 -42.04 -17.65
CA GLU F 46 33.94 -41.65 -16.29
C GLU F 46 35.43 -41.78 -16.06
N TRP F 47 36.08 -40.67 -15.78
CA TRP F 47 37.51 -40.68 -15.45
C TRP F 47 37.73 -41.37 -14.11
N VAL F 48 38.72 -42.26 -14.06
CA VAL F 48 38.95 -43.11 -12.90
C VAL F 48 40.17 -42.63 -12.09
N ALA F 49 41.34 -42.62 -12.71
CA ALA F 49 42.58 -42.27 -12.00
C ALA F 49 43.61 -41.74 -12.97
N VAL F 50 44.68 -41.20 -12.41
CA VAL F 50 45.80 -40.67 -13.16
C VAL F 50 47.08 -40.94 -12.37
N ILE F 51 48.17 -41.21 -13.09
CA ILE F 51 49.46 -41.45 -12.46
C ILE F 51 50.50 -40.62 -13.21
N SER F 52 51.48 -40.10 -12.47
CA SER F 52 52.48 -39.22 -13.03
C SER F 52 53.40 -39.99 -13.98
N TYR F 53 54.30 -39.25 -14.64
CA TYR F 53 55.24 -39.87 -15.56
C TYR F 53 56.16 -40.85 -14.84
N ASP F 54 56.69 -40.45 -13.69
CA ASP F 54 57.59 -41.29 -12.92
C ASP F 54 56.84 -42.25 -12.00
N GLY F 55 55.52 -42.13 -11.92
CA GLY F 55 54.74 -43.00 -11.06
C GLY F 55 54.77 -42.62 -9.59
N SER F 56 55.29 -41.44 -9.24
CA SER F 56 55.35 -41.03 -7.86
C SER F 56 54.06 -40.36 -7.40
N ASN F 57 53.28 -39.80 -8.32
CA ASN F 57 52.04 -39.10 -7.98
C ASN F 57 50.88 -39.92 -8.50
N LYS F 58 49.88 -40.14 -7.64
CA LYS F 58 48.66 -40.84 -8.01
C LYS F 58 47.47 -40.06 -7.48
N TYR F 59 46.43 -39.97 -8.32
CA TYR F 59 45.20 -39.29 -7.94
C TYR F 59 44.02 -40.07 -8.49
N TYR F 60 42.98 -40.23 -7.66
CA TYR F 60 41.86 -41.10 -7.98
C TYR F 60 40.55 -40.33 -7.86
N ALA F 61 39.57 -40.76 -8.64
CA ALA F 61 38.22 -40.25 -8.47
C ALA F 61 37.64 -40.77 -7.17
N ASP F 62 36.65 -40.02 -6.65
CA ASP F 62 36.07 -40.38 -5.36
C ASP F 62 35.33 -41.70 -5.41
N SER F 63 34.80 -42.08 -6.57
CA SER F 63 34.02 -43.31 -6.65
C SER F 63 34.89 -44.57 -6.53
N VAL F 64 36.20 -44.44 -6.71
CA VAL F 64 37.11 -45.59 -6.62
C VAL F 64 38.23 -45.37 -5.62
N LYS F 65 38.25 -44.24 -4.93
CA LYS F 65 39.35 -43.93 -4.04
C LYS F 65 39.37 -44.87 -2.84
N GLY F 66 40.57 -45.25 -2.41
CA GLY F 66 40.72 -46.23 -1.36
C GLY F 66 40.20 -47.61 -1.73
N ARG F 67 40.09 -47.89 -3.01
CA ARG F 67 39.47 -49.13 -3.48
C ARG F 67 40.21 -49.63 -4.72
N PHE F 68 40.62 -48.69 -5.58
CA PHE F 68 41.46 -49.00 -6.72
C PHE F 68 42.86 -48.45 -6.47
N THR F 69 43.82 -48.97 -7.23
CA THR F 69 45.21 -48.55 -7.11
C THR F 69 45.84 -48.54 -8.49
N ILE F 70 46.43 -47.40 -8.88
CA ILE F 70 47.07 -47.25 -10.17
C ILE F 70 48.59 -47.32 -9.98
N SER F 71 49.27 -47.93 -10.94
CA SER F 71 50.72 -48.08 -10.90
C SER F 71 51.20 -48.29 -12.32
N ARG F 72 52.51 -48.13 -12.52
CA ARG F 72 53.10 -48.28 -13.84
C ARG F 72 54.52 -48.82 -13.71
N ASP F 73 54.94 -49.56 -14.74
CA ASP F 73 56.29 -50.13 -14.82
C ASP F 73 56.93 -49.56 -16.08
N ASN F 74 57.81 -48.57 -15.91
CA ASN F 74 58.37 -47.87 -17.06
C ASN F 74 59.36 -48.73 -17.84
N SER F 75 60.02 -49.71 -17.19
CA SER F 75 60.92 -50.58 -17.93
C SER F 75 60.14 -51.51 -18.86
N LYS F 76 58.92 -51.88 -18.48
CA LYS F 76 58.05 -52.69 -19.33
C LYS F 76 57.08 -51.85 -20.15
N ASN F 77 57.00 -50.54 -19.91
CA ASN F 77 56.08 -49.66 -20.64
C ASN F 77 54.64 -50.13 -20.48
N THR F 78 54.28 -50.55 -19.27
CA THR F 78 52.95 -51.05 -18.99
C THR F 78 52.32 -50.28 -17.84
N LEU F 79 51.00 -50.09 -17.94
CA LEU F 79 50.22 -49.42 -16.93
C LEU F 79 49.28 -50.42 -16.27
N TYR F 80 49.13 -50.32 -14.96
CA TYR F 80 48.37 -51.28 -14.18
C TYR F 80 47.24 -50.56 -13.43
N LEU F 81 46.19 -51.32 -13.12
CA LEU F 81 45.06 -50.83 -12.32
C LEU F 81 44.56 -51.97 -11.46
N GLN F 82 44.99 -52.00 -10.20
CA GLN F 82 44.54 -53.02 -9.25
C GLN F 82 43.18 -52.61 -8.71
N MET F 83 42.16 -53.40 -9.03
CA MET F 83 40.78 -53.12 -8.60
C MET F 83 40.40 -54.10 -7.50
N ASN F 84 40.31 -53.61 -6.27
CA ASN F 84 39.91 -54.41 -5.12
C ASN F 84 38.52 -53.97 -4.66
N SER F 85 37.85 -54.88 -3.95
CA SER F 85 36.50 -54.64 -3.41
C SER F 85 35.56 -54.15 -4.50
N LEU F 86 35.41 -54.98 -5.53
CA LEU F 86 34.64 -54.59 -6.70
C LEU F 86 33.14 -54.67 -6.42
N ARG F 87 32.43 -53.59 -6.69
CA ARG F 87 30.99 -53.54 -6.56
C ARG F 87 30.33 -53.69 -7.93
N ALA F 88 29.02 -53.93 -7.92
CA ALA F 88 28.28 -54.08 -9.16
C ALA F 88 28.31 -52.80 -9.98
N GLU F 89 28.47 -51.64 -9.32
CA GLU F 89 28.57 -50.38 -10.03
C GLU F 89 29.88 -50.24 -10.79
N ASP F 90 30.85 -51.11 -10.53
CA ASP F 90 32.13 -51.07 -11.25
C ASP F 90 32.09 -51.80 -12.59
N THR F 91 30.98 -52.47 -12.89
CA THR F 91 30.84 -53.16 -14.16
C THR F 91 30.90 -52.16 -15.31
N ALA F 92 31.98 -52.21 -16.10
CA ALA F 92 32.19 -51.25 -17.16
C ALA F 92 33.31 -51.76 -18.06
N VAL F 93 33.41 -51.15 -19.23
CA VAL F 93 34.57 -51.33 -20.10
C VAL F 93 35.63 -50.34 -19.68
N TYR F 94 36.84 -50.85 -19.39
CA TYR F 94 37.91 -50.02 -18.85
C TYR F 94 38.90 -49.69 -19.96
N TYR F 95 39.12 -48.40 -20.18
CA TYR F 95 40.09 -47.90 -21.14
C TYR F 95 41.27 -47.30 -20.39
N CYS F 96 42.45 -47.41 -21.00
CA CYS F 96 43.61 -46.62 -20.57
C CYS F 96 43.87 -45.53 -21.60
N ALA F 97 44.33 -44.38 -21.11
CA ALA F 97 44.49 -43.21 -21.97
C ALA F 97 45.82 -42.53 -21.68
N LYS F 98 46.52 -42.16 -22.75
CA LYS F 98 47.74 -41.37 -22.63
C LYS F 98 47.39 -39.90 -22.48
N ASP F 99 48.12 -39.21 -21.61
CA ASP F 99 47.91 -37.79 -21.42
C ASP F 99 48.51 -37.02 -22.59
N GLY F 100 47.79 -35.99 -23.04
CA GLY F 100 48.27 -35.19 -24.16
C GLY F 100 49.57 -34.45 -23.84
N GLY F 101 49.59 -33.77 -22.71
CA GLY F 101 50.79 -33.10 -22.24
C GLY F 101 51.07 -31.74 -22.86
N LYS F 102 50.20 -31.25 -23.74
CA LYS F 102 50.42 -29.94 -24.36
C LYS F 102 49.79 -28.79 -23.58
N LEU F 103 49.09 -29.08 -22.49
CA LEU F 103 48.42 -28.07 -21.69
C LEU F 103 48.88 -28.17 -20.23
N TRP F 104 48.49 -27.17 -19.44
CA TRP F 104 48.68 -27.24 -18.00
C TRP F 104 47.76 -28.24 -17.33
N VAL F 105 46.75 -28.73 -18.04
CA VAL F 105 45.72 -29.61 -17.47
C VAL F 105 45.75 -30.94 -18.21
N TYR F 106 45.03 -31.91 -17.66
CA TYR F 106 44.98 -33.25 -18.24
C TYR F 106 43.99 -33.31 -19.40
N TYR F 107 44.31 -34.13 -20.39
CA TYR F 107 43.39 -34.46 -21.46
C TYR F 107 43.94 -35.69 -22.19
N PHE F 108 43.02 -36.49 -22.71
CA PHE F 108 43.35 -37.78 -23.30
C PHE F 108 43.42 -37.64 -24.83
N ASP F 109 44.57 -37.99 -25.40
CA ASP F 109 44.76 -37.92 -26.85
C ASP F 109 44.70 -39.28 -27.54
N TYR F 110 45.03 -40.35 -26.84
CA TYR F 110 44.97 -41.70 -27.40
C TYR F 110 44.39 -42.65 -26.36
N TRP F 111 43.56 -43.58 -26.82
CA TRP F 111 42.85 -44.50 -25.95
C TRP F 111 43.17 -45.93 -26.35
N GLY F 112 43.03 -46.84 -25.38
CA GLY F 112 43.12 -48.26 -25.67
C GLY F 112 41.79 -48.83 -26.12
N GLN F 113 41.83 -50.01 -26.74
CA GLN F 113 40.61 -50.61 -27.27
C GLN F 113 39.61 -50.95 -26.16
N GLY F 114 40.08 -51.11 -24.94
CA GLY F 114 39.20 -51.33 -23.81
C GLY F 114 39.00 -52.81 -23.50
N THR F 115 38.85 -53.12 -22.22
CA THR F 115 38.57 -54.46 -21.77
C THR F 115 37.41 -54.42 -20.79
N LEU F 116 36.57 -55.46 -20.83
CA LEU F 116 35.34 -55.49 -20.06
C LEU F 116 35.59 -56.11 -18.70
N VAL F 117 34.99 -55.51 -17.67
CA VAL F 117 35.03 -56.04 -16.31
C VAL F 117 33.57 -56.18 -15.84
N THR F 118 33.14 -57.43 -15.66
CA THR F 118 31.78 -57.74 -15.25
C THR F 118 31.79 -58.21 -13.80
N VAL F 119 31.25 -57.40 -12.90
CA VAL F 119 31.23 -57.69 -11.47
C VAL F 119 29.86 -58.25 -11.13
N SER F 120 29.79 -59.55 -10.82
CA SER F 120 28.54 -60.17 -10.40
C SER F 120 28.82 -61.55 -9.84
N SER F 121 27.99 -61.95 -8.88
CA SER F 121 28.11 -63.27 -8.24
C SER F 121 27.42 -64.38 -9.03
N ALA F 122 26.44 -64.04 -9.86
CA ALA F 122 25.73 -65.05 -10.62
C ALA F 122 26.71 -65.92 -11.39
N SER F 123 26.55 -67.24 -11.27
CA SER F 123 27.48 -68.16 -11.89
C SER F 123 27.37 -68.11 -13.40
N THR F 124 28.49 -68.40 -14.06
CA THR F 124 28.57 -68.37 -15.51
C THR F 124 27.72 -69.51 -16.07
N LYS F 125 26.49 -69.17 -16.47
CA LYS F 125 25.53 -70.16 -16.97
C LYS F 125 25.50 -70.14 -18.49
N GLY F 126 25.31 -71.32 -19.08
CA GLY F 126 25.23 -71.46 -20.52
C GLY F 126 23.89 -71.03 -21.05
N PRO F 127 23.84 -70.66 -22.34
CA PRO F 127 22.59 -70.19 -22.93
C PRO F 127 21.66 -71.32 -23.33
N SER F 128 20.36 -71.02 -23.29
CA SER F 128 19.32 -71.91 -23.78
C SER F 128 18.72 -71.28 -25.04
N VAL F 129 19.02 -71.86 -26.19
CA VAL F 129 18.64 -71.27 -27.48
C VAL F 129 17.30 -71.84 -27.93
N PHE F 130 16.37 -70.95 -28.30
CA PHE F 130 15.05 -71.32 -28.78
C PHE F 130 14.82 -70.70 -30.16
N PRO F 131 14.22 -71.44 -31.08
CA PRO F 131 14.02 -70.93 -32.44
C PRO F 131 12.83 -69.97 -32.51
N LEU F 132 12.75 -69.27 -33.64
CA LEU F 132 11.66 -68.35 -33.94
C LEU F 132 11.15 -68.67 -35.34
N ALA F 133 10.06 -69.44 -35.42
CA ALA F 133 9.51 -69.89 -36.70
C ALA F 133 8.65 -68.80 -37.33
N PRO F 134 8.72 -68.63 -38.66
CA PRO F 134 7.92 -67.63 -39.37
C PRO F 134 6.46 -68.04 -39.52
N GLY F 142 6.90 -58.76 -50.14
CA GLY F 142 6.34 -59.74 -49.24
C GLY F 142 7.31 -60.87 -48.92
N THR F 143 8.25 -60.59 -48.02
CA THR F 143 9.22 -61.55 -47.55
C THR F 143 8.88 -61.99 -46.12
N ALA F 144 9.68 -62.91 -45.59
CA ALA F 144 9.51 -63.45 -44.26
C ALA F 144 10.78 -63.26 -43.45
N ALA F 145 10.69 -63.53 -42.14
CA ALA F 145 11.81 -63.38 -41.24
C ALA F 145 11.83 -64.54 -40.25
N LEU F 146 13.03 -64.89 -39.78
CA LEU F 146 13.21 -65.96 -38.83
C LEU F 146 14.52 -65.73 -38.08
N GLY F 147 14.62 -66.33 -36.90
CA GLY F 147 15.81 -66.17 -36.11
C GLY F 147 15.87 -67.12 -34.94
N CYS F 148 16.80 -66.83 -34.03
CA CYS F 148 17.01 -67.61 -32.82
C CYS F 148 17.01 -66.69 -31.61
N LEU F 149 16.62 -67.25 -30.46
CA LEU F 149 16.49 -66.49 -29.21
C LEU F 149 17.49 -67.05 -28.19
N VAL F 150 18.57 -66.31 -27.95
CA VAL F 150 19.57 -66.66 -26.95
C VAL F 150 19.10 -66.07 -25.61
N LYS F 151 18.60 -66.93 -24.73
CA LYS F 151 18.01 -66.50 -23.47
C LYS F 151 18.71 -67.17 -22.30
N ASP F 152 18.74 -66.45 -21.17
CA ASP F 152 19.26 -66.98 -19.90
C ASP F 152 20.71 -67.41 -20.01
N TYR F 153 21.63 -66.45 -20.04
CA TYR F 153 23.05 -66.76 -20.06
C TYR F 153 23.80 -65.67 -19.31
N PHE F 154 24.90 -66.07 -18.67
CA PHE F 154 25.73 -65.13 -17.94
C PHE F 154 27.20 -65.51 -18.09
N PRO F 155 28.07 -64.52 -18.32
CA PRO F 155 27.76 -63.12 -18.58
C PRO F 155 27.88 -62.78 -20.06
N GLU F 156 28.02 -61.49 -20.36
CA GLU F 156 28.29 -61.09 -21.73
C GLU F 156 29.68 -61.58 -22.16
N PRO F 157 29.86 -61.87 -23.45
CA PRO F 157 28.84 -61.83 -24.51
C PRO F 157 28.56 -63.22 -25.08
N VAL F 158 27.73 -63.26 -26.12
CA VAL F 158 27.54 -64.46 -26.93
C VAL F 158 27.60 -64.04 -28.39
N THR F 159 28.31 -64.83 -29.20
CA THR F 159 28.46 -64.55 -30.61
C THR F 159 27.49 -65.42 -31.40
N VAL F 160 26.68 -64.81 -32.25
CA VAL F 160 25.66 -65.49 -33.02
C VAL F 160 25.90 -65.23 -34.50
N SER F 161 26.00 -66.30 -35.28
CA SER F 161 26.15 -66.22 -36.73
C SER F 161 25.19 -67.21 -37.38
N TRP F 162 25.08 -67.12 -38.70
CA TRP F 162 24.18 -67.96 -39.48
C TRP F 162 24.96 -68.70 -40.56
N ASN F 163 24.77 -70.02 -40.61
CA ASN F 163 25.42 -70.89 -41.60
C ASN F 163 26.94 -70.74 -41.54
N SER F 164 27.47 -70.66 -40.31
CA SER F 164 28.91 -70.57 -40.07
C SER F 164 29.55 -69.37 -40.75
N GLY F 165 28.87 -68.23 -40.69
CA GLY F 165 29.40 -67.00 -41.24
C GLY F 165 29.22 -66.80 -42.72
N ALA F 166 28.59 -67.75 -43.42
CA ALA F 166 28.39 -67.60 -44.86
C ALA F 166 27.22 -66.68 -45.18
N LEU F 167 26.19 -66.66 -44.32
CA LEU F 167 25.02 -65.82 -44.54
C LEU F 167 25.25 -64.48 -43.84
N THR F 168 25.62 -63.46 -44.62
CA THR F 168 25.96 -62.15 -44.09
C THR F 168 24.85 -61.13 -44.30
N SER F 169 24.24 -61.10 -45.47
CA SER F 169 23.23 -60.09 -45.78
C SER F 169 21.89 -60.46 -45.16
N GLY F 170 21.24 -59.48 -44.55
CA GLY F 170 19.92 -59.65 -43.98
C GLY F 170 19.88 -60.06 -42.52
N VAL F 171 21.02 -60.12 -41.85
CA VAL F 171 21.10 -60.57 -40.46
C VAL F 171 21.07 -59.35 -39.55
N HIS F 172 20.31 -59.44 -38.46
CA HIS F 172 20.25 -58.39 -37.44
C HIS F 172 20.34 -59.06 -36.07
N THR F 173 21.47 -58.93 -35.41
CA THR F 173 21.66 -59.43 -34.05
C THR F 173 21.50 -58.28 -33.07
N PHE F 174 20.59 -58.45 -32.11
CA PHE F 174 20.24 -57.35 -31.22
C PHE F 174 21.09 -57.39 -29.96
N PRO F 175 21.37 -56.23 -29.38
CA PRO F 175 22.11 -56.19 -28.10
C PRO F 175 21.36 -56.93 -27.00
N ALA F 176 22.13 -57.48 -26.06
CA ALA F 176 21.54 -58.24 -24.98
C ALA F 176 20.86 -57.30 -23.98
N VAL F 177 19.91 -57.87 -23.23
CA VAL F 177 19.20 -57.14 -22.18
C VAL F 177 19.34 -57.91 -20.88
N LEU F 178 19.57 -57.17 -19.79
CA LEU F 178 19.73 -57.76 -18.47
C LEU F 178 18.34 -57.92 -17.87
N GLN F 179 17.80 -59.14 -17.92
CA GLN F 179 16.49 -59.38 -17.36
C GLN F 179 16.55 -59.45 -15.83
N SER F 180 15.39 -59.57 -15.20
CA SER F 180 15.30 -59.52 -13.74
C SER F 180 15.98 -60.72 -13.08
N SER F 181 16.23 -61.79 -13.82
CA SER F 181 16.82 -63.00 -13.28
C SER F 181 18.35 -62.94 -13.26
N GLY F 182 18.93 -61.75 -13.36
CA GLY F 182 20.36 -61.60 -13.39
C GLY F 182 21.04 -62.13 -14.63
N LEU F 183 20.32 -62.80 -15.52
CA LEU F 183 20.87 -63.33 -16.74
C LEU F 183 20.60 -62.36 -17.90
N TYR F 184 21.12 -62.70 -19.07
CA TYR F 184 20.97 -61.88 -20.27
C TYR F 184 20.10 -62.61 -21.29
N SER F 185 19.39 -61.83 -22.10
CA SER F 185 18.58 -62.35 -23.20
C SER F 185 18.93 -61.59 -24.46
N LEU F 186 19.07 -62.31 -25.57
CA LEU F 186 19.52 -61.72 -26.83
C LEU F 186 18.69 -62.30 -27.97
N SER F 187 18.44 -61.47 -28.98
CA SER F 187 17.69 -61.86 -30.16
C SER F 187 18.54 -61.62 -31.40
N SER F 188 18.48 -62.56 -32.33
CA SER F 188 19.18 -62.46 -33.60
C SER F 188 18.28 -62.98 -34.71
N VAL F 189 18.05 -62.17 -35.73
CA VAL F 189 17.13 -62.51 -36.82
C VAL F 189 17.85 -62.38 -38.15
N VAL F 190 17.23 -62.95 -39.18
CA VAL F 190 17.72 -62.84 -40.55
C VAL F 190 16.53 -62.98 -41.49
N THR F 191 16.41 -62.06 -42.44
CA THR F 191 15.33 -62.07 -43.41
C THR F 191 15.80 -62.72 -44.69
N VAL F 192 15.07 -63.73 -45.15
CA VAL F 192 15.43 -64.47 -46.36
C VAL F 192 14.23 -64.48 -47.29
N PRO F 193 14.47 -64.65 -48.59
CA PRO F 193 13.35 -64.78 -49.53
C PRO F 193 12.46 -65.96 -49.18
N SER F 194 11.16 -65.78 -49.35
CA SER F 194 10.19 -66.81 -48.96
C SER F 194 10.20 -68.02 -49.89
N SER F 195 10.94 -67.95 -51.01
CA SER F 195 10.97 -69.08 -51.94
C SER F 195 11.87 -70.20 -51.41
N SER F 196 13.07 -69.84 -50.94
CA SER F 196 14.03 -70.82 -50.43
C SER F 196 13.85 -70.94 -48.91
N LEU F 197 12.78 -71.63 -48.52
CA LEU F 197 12.48 -71.89 -47.12
C LEU F 197 12.71 -73.35 -46.75
N GLY F 198 12.00 -74.27 -47.41
CA GLY F 198 12.27 -75.69 -47.21
C GLY F 198 13.46 -76.21 -47.99
N THR F 199 13.91 -75.49 -49.03
CA THR F 199 15.07 -75.90 -49.79
C THR F 199 16.37 -75.43 -49.12
N GLN F 200 16.38 -74.21 -48.57
CA GLN F 200 17.55 -73.67 -47.89
C GLN F 200 17.41 -73.89 -46.39
N THR F 201 18.45 -74.46 -45.79
CA THR F 201 18.46 -74.74 -44.36
C THR F 201 19.19 -73.61 -43.62
N TYR F 202 18.62 -73.21 -42.50
CA TYR F 202 19.16 -72.12 -41.69
C TYR F 202 19.48 -72.65 -40.30
N ILE F 203 20.73 -72.45 -39.88
CA ILE F 203 21.20 -72.91 -38.58
C ILE F 203 21.95 -71.76 -37.93
N CYS F 204 21.53 -71.36 -36.73
CA CYS F 204 22.17 -70.28 -36.00
C CYS F 204 23.27 -70.85 -35.11
N ASN F 205 24.44 -70.21 -35.13
CA ASN F 205 25.61 -70.68 -34.40
C ASN F 205 25.82 -69.78 -33.19
N VAL F 206 25.56 -70.32 -32.00
CA VAL F 206 25.68 -69.59 -30.75
C VAL F 206 26.89 -70.13 -29.99
N ASN F 207 27.75 -69.23 -29.53
CA ASN F 207 28.94 -69.59 -28.79
C ASN F 207 29.03 -68.75 -27.51
N HIS F 208 29.38 -69.40 -26.41
CA HIS F 208 29.51 -68.73 -25.11
C HIS F 208 30.87 -69.13 -24.54
N LYS F 209 31.88 -68.28 -24.76
CA LYS F 209 33.22 -68.57 -24.26
C LYS F 209 33.34 -68.61 -22.75
N PRO F 210 32.72 -67.71 -21.96
CA PRO F 210 32.85 -67.82 -20.50
C PRO F 210 32.39 -69.14 -19.93
N SER F 211 31.38 -69.78 -20.53
CA SER F 211 30.89 -71.07 -20.07
C SER F 211 31.30 -72.23 -20.97
N ASN F 212 31.98 -71.95 -22.08
CA ASN F 212 32.43 -72.96 -23.03
C ASN F 212 31.24 -73.80 -23.54
N THR F 213 30.31 -73.11 -24.19
CA THR F 213 29.10 -73.71 -24.72
C THR F 213 28.92 -73.30 -26.17
N LYS F 214 28.82 -74.28 -27.06
CA LYS F 214 28.57 -74.05 -28.48
C LYS F 214 27.34 -74.84 -28.88
N VAL F 215 26.26 -74.15 -29.25
CA VAL F 215 24.98 -74.78 -29.58
C VAL F 215 24.58 -74.36 -30.99
N ASP F 216 24.35 -75.34 -31.84
CA ASP F 216 23.82 -75.13 -33.18
C ASP F 216 22.39 -75.63 -33.25
N LYS F 217 21.47 -74.76 -33.69
CA LYS F 217 20.06 -75.08 -33.73
C LYS F 217 19.50 -74.85 -35.12
N ARG F 218 18.70 -75.80 -35.59
CA ARG F 218 18.03 -75.67 -36.88
C ARG F 218 16.81 -74.79 -36.75
N VAL F 219 16.48 -74.08 -37.83
CA VAL F 219 15.35 -73.17 -37.86
C VAL F 219 14.51 -73.52 -39.09
N GLU F 220 13.31 -74.04 -38.87
CA GLU F 220 12.40 -74.41 -39.94
C GLU F 220 10.98 -74.01 -39.57
N PRO F 221 10.17 -73.61 -40.55
CA PRO F 221 8.78 -73.21 -40.30
C PRO F 221 7.91 -74.37 -39.84
N ASP G 1 30.98 -31.90 -8.01
CA ASP G 1 31.69 -31.95 -9.28
C ASP G 1 31.11 -30.96 -10.28
N ILE G 2 31.83 -30.77 -11.38
CA ILE G 2 31.38 -29.89 -12.46
C ILE G 2 30.58 -30.70 -13.46
N GLN G 3 29.29 -30.38 -13.58
CA GLN G 3 28.40 -31.11 -14.48
C GLN G 3 28.49 -30.54 -15.89
N MET G 4 28.63 -31.43 -16.87
CA MET G 4 28.68 -31.06 -18.27
C MET G 4 27.39 -31.50 -18.95
N THR G 5 26.62 -30.55 -19.46
CA THR G 5 25.34 -30.81 -20.09
C THR G 5 25.48 -30.59 -21.59
N GLN G 6 25.24 -31.64 -22.36
CA GLN G 6 25.31 -31.53 -23.81
C GLN G 6 23.91 -31.40 -24.39
N SER G 7 23.81 -30.68 -25.51
CA SER G 7 22.55 -30.47 -26.18
C SER G 7 22.80 -30.42 -27.68
N PRO G 8 22.04 -31.16 -28.49
CA PRO G 8 20.94 -32.05 -28.08
C PRO G 8 21.43 -33.45 -27.75
N SER G 9 20.61 -34.26 -27.09
CA SER G 9 21.03 -35.62 -26.79
C SER G 9 21.16 -36.47 -28.06
N SER G 10 20.31 -36.23 -29.05
CA SER G 10 20.38 -36.95 -30.32
C SER G 10 19.97 -36.02 -31.46
N LEU G 11 20.68 -36.13 -32.57
CA LEU G 11 20.36 -35.36 -33.77
C LEU G 11 20.51 -36.25 -35.00
N SER G 12 19.69 -35.96 -36.01
CA SER G 12 19.73 -36.67 -37.28
C SER G 12 20.08 -35.70 -38.40
N ALA G 13 21.10 -36.05 -39.19
CA ALA G 13 21.53 -35.20 -40.29
C ALA G 13 22.10 -36.08 -41.41
N SER G 14 22.39 -35.43 -42.53
CA SER G 14 22.85 -36.12 -43.73
C SER G 14 24.28 -35.69 -44.07
N VAL G 15 24.86 -36.38 -45.05
CA VAL G 15 26.22 -36.10 -45.48
C VAL G 15 26.28 -34.72 -46.11
N GLY G 16 27.28 -33.93 -45.70
CA GLY G 16 27.45 -32.58 -46.19
C GLY G 16 26.78 -31.52 -45.34
N ASP G 17 25.92 -31.90 -44.41
CA ASP G 17 25.27 -30.93 -43.54
C ASP G 17 26.27 -30.30 -42.59
N ARG G 18 25.88 -29.15 -42.03
CA ARG G 18 26.68 -28.48 -41.02
C ARG G 18 26.08 -28.81 -39.65
N VAL G 19 26.85 -29.53 -38.83
CA VAL G 19 26.40 -29.98 -37.52
C VAL G 19 27.12 -29.16 -36.46
N THR G 20 26.36 -28.72 -35.45
CA THR G 20 26.89 -27.98 -34.31
C THR G 20 26.35 -28.60 -33.04
N ILE G 21 27.25 -28.96 -32.12
CA ILE G 21 26.89 -29.54 -30.83
C ILE G 21 27.24 -28.54 -29.73
N THR G 22 26.38 -28.45 -28.72
CA THR G 22 26.54 -27.52 -27.62
C THR G 22 26.88 -28.27 -26.34
N CYS G 23 27.74 -27.66 -25.52
CA CYS G 23 28.17 -28.23 -24.26
C CYS G 23 28.17 -27.12 -23.22
N ARG G 24 27.43 -27.30 -22.14
CA ARG G 24 27.32 -26.31 -21.08
C ARG G 24 27.93 -26.84 -19.79
N ALA G 25 28.56 -25.93 -19.05
CA ALA G 25 29.20 -26.26 -17.79
C ALA G 25 28.45 -25.59 -16.63
N SER G 26 28.42 -26.28 -15.49
CA SER G 26 27.75 -25.72 -14.32
C SER G 26 28.49 -24.52 -13.75
N GLN G 27 29.78 -24.38 -14.04
CA GLN G 27 30.53 -23.20 -13.64
C GLN G 27 31.64 -22.94 -14.66
N SER G 28 32.29 -21.79 -14.51
CA SER G 28 33.29 -21.36 -15.48
C SER G 28 34.48 -22.30 -15.48
N ILE G 29 34.84 -22.81 -16.66
CA ILE G 29 35.98 -23.69 -16.82
C ILE G 29 37.04 -23.06 -17.71
N SER G 30 36.98 -21.74 -17.90
CA SER G 30 37.93 -20.98 -18.72
C SER G 30 37.92 -21.58 -20.11
N SER G 31 39.07 -21.99 -20.66
CA SER G 31 39.12 -22.56 -22.00
C SER G 31 39.51 -24.04 -21.99
N TYR G 32 39.30 -24.72 -20.87
CA TYR G 32 39.67 -26.13 -20.72
C TYR G 32 38.44 -27.00 -20.98
N LEU G 33 38.15 -27.22 -22.26
CA LEU G 33 37.02 -28.05 -22.68
C LEU G 33 37.45 -28.87 -23.88
N ASN G 34 37.31 -30.19 -23.79
CA ASN G 34 37.84 -31.11 -24.78
C ASN G 34 36.72 -31.92 -25.41
N TRP G 35 36.85 -32.20 -26.71
CA TRP G 35 35.85 -32.93 -27.46
C TRP G 35 36.40 -34.30 -27.87
N TYR G 36 35.55 -35.32 -27.82
CA TYR G 36 35.96 -36.68 -28.15
C TYR G 36 34.93 -37.31 -29.06
N GLN G 37 35.39 -38.25 -29.88
CA GLN G 37 34.52 -39.02 -30.75
C GLN G 37 34.66 -40.49 -30.42
N GLN G 38 33.53 -41.19 -30.30
CA GLN G 38 33.53 -42.62 -30.01
C GLN G 38 32.55 -43.32 -30.93
N LYS G 39 33.00 -44.37 -31.59
CA LYS G 39 32.20 -45.28 -32.40
C LYS G 39 31.65 -46.39 -31.51
N PRO G 40 30.50 -46.98 -31.87
CA PRO G 40 30.00 -48.14 -31.11
C PRO G 40 31.01 -49.28 -31.13
N GLY G 41 31.41 -49.71 -29.93
CA GLY G 41 32.37 -50.78 -29.78
C GLY G 41 33.82 -50.36 -29.84
N LYS G 42 34.09 -49.14 -30.29
CA LYS G 42 35.45 -48.62 -30.42
C LYS G 42 35.78 -47.68 -29.28
N ALA G 43 37.07 -47.36 -29.18
CA ALA G 43 37.60 -46.44 -28.18
C ALA G 43 37.33 -44.99 -28.58
N PRO G 44 37.18 -44.10 -27.60
CA PRO G 44 37.07 -42.68 -27.94
C PRO G 44 38.34 -42.17 -28.61
N LYS G 45 38.18 -41.13 -29.42
CA LYS G 45 39.31 -40.51 -30.09
C LYS G 45 39.21 -39.00 -29.93
N LEU G 46 40.34 -38.37 -29.60
CA LEU G 46 40.35 -36.95 -29.31
C LEU G 46 40.20 -36.13 -30.59
N LEU G 47 39.27 -35.16 -30.56
CA LEU G 47 39.05 -34.24 -31.67
C LEU G 47 39.60 -32.86 -31.38
N ILE G 48 39.10 -32.20 -30.34
CA ILE G 48 39.47 -30.83 -30.00
C ILE G 48 39.93 -30.79 -28.55
N TYR G 49 40.99 -30.02 -28.27
CA TYR G 49 41.44 -29.78 -26.91
C TYR G 49 41.65 -28.29 -26.71
N ALA G 50 41.56 -27.85 -25.45
CA ALA G 50 41.63 -26.43 -25.10
C ALA G 50 40.60 -25.63 -25.89
N ALA G 51 39.38 -26.16 -25.96
CA ALA G 51 38.22 -25.54 -26.60
C ALA G 51 38.36 -25.37 -28.12
N SER G 52 39.53 -24.95 -28.60
CA SER G 52 39.66 -24.59 -30.01
C SER G 52 40.83 -25.27 -30.73
N SER G 53 41.76 -25.90 -30.02
CA SER G 53 42.95 -26.43 -30.67
C SER G 53 42.65 -27.79 -31.31
N LEU G 54 42.89 -27.88 -32.63
CA LEU G 54 42.62 -29.10 -33.36
C LEU G 54 43.75 -30.10 -33.15
N GLN G 55 43.40 -31.32 -32.77
CA GLN G 55 44.38 -32.38 -32.58
C GLN G 55 44.98 -32.80 -33.92
N SER G 56 46.26 -33.16 -33.89
CA SER G 56 46.95 -33.55 -35.12
C SER G 56 46.31 -34.81 -35.70
N GLY G 57 46.08 -34.80 -37.01
CA GLY G 57 45.44 -35.89 -37.70
C GLY G 57 43.94 -35.79 -37.82
N VAL G 58 43.31 -34.93 -37.03
CA VAL G 58 41.85 -34.76 -37.11
C VAL G 58 41.53 -33.88 -38.32
N PRO G 59 40.56 -34.27 -39.15
CA PRO G 59 40.22 -33.44 -40.32
C PRO G 59 39.82 -32.03 -39.91
N SER G 60 40.14 -31.07 -40.79
CA SER G 60 39.88 -29.66 -40.49
C SER G 60 38.40 -29.33 -40.46
N ARG G 61 37.52 -30.23 -40.93
CA ARG G 61 36.10 -29.98 -40.85
C ARG G 61 35.61 -29.92 -39.41
N PHE G 62 36.38 -30.47 -38.47
CA PHE G 62 36.06 -30.37 -37.04
C PHE G 62 36.64 -29.08 -36.49
N SER G 63 35.84 -28.38 -35.69
CA SER G 63 36.27 -27.13 -35.08
C SER G 63 35.48 -26.92 -33.80
N GLY G 64 36.12 -26.30 -32.82
CA GLY G 64 35.49 -26.04 -31.56
C GLY G 64 35.67 -24.58 -31.17
N SER G 65 34.70 -24.07 -30.42
CA SER G 65 34.71 -22.68 -30.00
C SER G 65 34.00 -22.56 -28.66
N GLY G 66 34.21 -21.42 -28.01
CA GLY G 66 33.53 -21.10 -26.77
C GLY G 66 34.52 -20.83 -25.63
N SER G 67 33.96 -20.29 -24.55
CA SER G 67 34.73 -20.03 -23.34
C SER G 67 33.74 -19.85 -22.20
N GLY G 68 34.27 -19.87 -20.97
CA GLY G 68 33.45 -19.73 -19.79
C GLY G 68 32.59 -20.94 -19.49
N THR G 69 31.31 -20.88 -19.88
CA THR G 69 30.36 -21.95 -19.59
C THR G 69 29.69 -22.54 -20.81
N ASP G 70 29.77 -21.89 -21.98
CA ASP G 70 29.11 -22.37 -23.19
C ASP G 70 30.16 -22.68 -24.24
N PHE G 71 30.08 -23.87 -24.83
CA PHE G 71 31.05 -24.33 -25.81
C PHE G 71 30.31 -24.97 -26.97
N THR G 72 30.97 -25.00 -28.13
CA THR G 72 30.36 -25.49 -29.35
C THR G 72 31.36 -26.26 -30.19
N LEU G 73 30.97 -27.44 -30.64
CA LEU G 73 31.71 -28.22 -31.62
C LEU G 73 30.97 -28.13 -32.94
N THR G 74 31.70 -27.94 -34.03
CA THR G 74 31.10 -27.70 -35.33
C THR G 74 31.74 -28.60 -36.38
N ILE G 75 30.91 -29.37 -37.08
CA ILE G 75 31.35 -30.13 -38.24
C ILE G 75 30.81 -29.39 -39.46
N SER G 76 31.71 -28.80 -40.23
CA SER G 76 31.30 -27.98 -41.37
C SER G 76 30.59 -28.83 -42.43
N SER G 77 31.26 -29.87 -42.92
CA SER G 77 30.71 -30.78 -43.92
C SER G 77 30.72 -32.18 -43.33
N LEU G 78 29.54 -32.66 -42.89
CA LEU G 78 29.43 -33.98 -42.29
C LEU G 78 29.75 -35.06 -43.33
N GLN G 79 30.56 -36.04 -42.93
CA GLN G 79 30.97 -37.14 -43.78
C GLN G 79 30.43 -38.47 -43.25
N PRO G 80 30.34 -39.49 -44.10
CA PRO G 80 29.74 -40.76 -43.65
C PRO G 80 30.44 -41.38 -42.45
N GLU G 81 31.75 -41.19 -42.31
CA GLU G 81 32.48 -41.74 -41.18
C GLU G 81 32.38 -40.89 -39.92
N ASP G 82 31.66 -39.77 -39.96
CA ASP G 82 31.51 -38.89 -38.80
C ASP G 82 30.30 -39.22 -37.95
N PHE G 83 29.44 -40.14 -38.39
CA PHE G 83 28.28 -40.52 -37.58
C PHE G 83 28.76 -41.33 -36.39
N ALA G 84 28.68 -40.75 -35.20
CA ALA G 84 29.12 -41.38 -33.97
C ALA G 84 28.56 -40.58 -32.80
N THR G 85 29.04 -40.89 -31.60
CA THR G 85 28.71 -40.12 -30.41
C THR G 85 29.87 -39.20 -30.08
N TYR G 86 29.55 -37.97 -29.71
CA TYR G 86 30.56 -36.96 -29.43
C TYR G 86 30.42 -36.52 -27.99
N TYR G 87 31.53 -36.52 -27.26
CA TYR G 87 31.52 -36.14 -25.86
C TYR G 87 32.35 -34.88 -25.67
N CYS G 88 31.94 -34.07 -24.71
CA CYS G 88 32.76 -32.98 -24.23
C CYS G 88 33.18 -33.32 -22.81
N GLN G 89 34.37 -32.89 -22.45
CA GLN G 89 34.93 -33.18 -21.13
C GLN G 89 35.68 -31.96 -20.65
N GLN G 90 35.47 -31.61 -19.39
CA GLN G 90 36.12 -30.45 -18.81
C GLN G 90 37.40 -30.86 -18.09
N SER G 91 38.40 -29.99 -18.18
CA SER G 91 39.69 -30.21 -17.53
C SER G 91 40.08 -29.05 -16.62
N TYR G 92 39.16 -28.13 -16.33
CA TYR G 92 39.41 -27.12 -15.32
C TYR G 92 39.65 -27.74 -13.95
N SER G 93 38.76 -28.63 -13.51
CA SER G 93 38.99 -29.40 -12.28
C SER G 93 39.79 -30.63 -12.66
N THR G 94 41.12 -30.49 -12.61
CA THR G 94 42.00 -31.50 -13.20
C THR G 94 41.96 -32.82 -12.44
N LEU G 95 41.65 -32.79 -11.15
CA LEU G 95 41.56 -34.00 -10.34
C LEU G 95 40.13 -34.51 -10.18
N ALA G 96 39.18 -33.91 -10.90
CA ALA G 96 37.79 -34.37 -10.91
C ALA G 96 37.26 -34.24 -12.34
N LEU G 97 37.96 -34.88 -13.28
CA LEU G 97 37.59 -34.80 -14.69
C LEU G 97 36.21 -35.40 -14.91
N THR G 98 35.35 -34.67 -15.61
CA THR G 98 33.98 -35.09 -15.86
C THR G 98 33.66 -34.92 -17.35
N PHE G 99 32.82 -35.81 -17.85
CA PHE G 99 32.37 -35.80 -19.23
C PHE G 99 30.93 -35.35 -19.34
N GLY G 100 30.58 -34.85 -20.52
CA GLY G 100 29.21 -34.59 -20.85
C GLY G 100 28.43 -35.87 -21.10
N GLY G 101 27.11 -35.71 -21.20
CA GLY G 101 26.24 -36.85 -21.46
C GLY G 101 26.43 -37.47 -22.82
N GLY G 102 26.91 -36.70 -23.79
CA GLY G 102 27.16 -37.20 -25.12
C GLY G 102 26.06 -36.81 -26.09
N THR G 103 26.45 -36.60 -27.35
CA THR G 103 25.53 -36.29 -28.43
C THR G 103 25.77 -37.29 -29.57
N LYS G 104 24.79 -38.15 -29.82
CA LYS G 104 24.90 -39.17 -30.86
C LYS G 104 24.43 -38.58 -32.19
N VAL G 105 25.32 -38.55 -33.18
CA VAL G 105 25.00 -38.07 -34.52
C VAL G 105 24.54 -39.25 -35.36
N GLU G 106 23.30 -39.20 -35.81
CA GLU G 106 22.69 -40.27 -36.59
C GLU G 106 22.40 -39.78 -38.01
N ILE G 107 22.13 -40.72 -38.89
CA ILE G 107 21.93 -40.42 -40.31
C ILE G 107 20.46 -40.06 -40.58
N LYS G 108 20.21 -38.84 -41.06
CA LYS G 108 18.84 -38.52 -41.48
C LYS G 108 18.65 -39.06 -42.91
N ARG G 109 18.49 -40.39 -43.00
CA ARG G 109 18.16 -41.00 -44.26
C ARG G 109 16.69 -40.78 -44.50
N THR G 110 16.17 -41.22 -45.64
CA THR G 110 14.75 -41.06 -45.89
C THR G 110 13.97 -41.89 -44.89
N VAL G 111 12.74 -41.47 -44.65
CA VAL G 111 11.89 -42.16 -43.69
C VAL G 111 11.58 -43.54 -44.26
N ALA G 112 11.77 -44.57 -43.43
CA ALA G 112 11.56 -45.96 -43.81
C ALA G 112 10.54 -46.61 -42.89
N ALA G 113 9.55 -47.27 -43.48
CA ALA G 113 8.55 -47.93 -42.66
C ALA G 113 9.06 -49.28 -42.15
N PRO G 114 8.75 -49.64 -40.92
CA PRO G 114 9.22 -50.92 -40.38
C PRO G 114 8.35 -52.08 -40.84
N SER G 115 8.99 -53.23 -41.00
CA SER G 115 8.31 -54.49 -41.26
C SER G 115 8.16 -55.25 -39.94
N VAL G 116 6.92 -55.46 -39.51
CA VAL G 116 6.64 -56.02 -38.21
C VAL G 116 6.37 -57.52 -38.36
N PHE G 117 7.11 -58.33 -37.61
CA PHE G 117 6.93 -59.77 -37.54
C PHE G 117 6.85 -60.17 -36.08
N ILE G 118 5.98 -61.13 -35.78
CA ILE G 118 5.79 -61.62 -34.41
C ILE G 118 6.13 -63.11 -34.39
N PHE G 119 6.75 -63.56 -33.29
CA PHE G 119 7.16 -64.95 -33.16
C PHE G 119 6.63 -65.48 -31.84
N PRO G 120 5.86 -66.58 -31.86
CA PRO G 120 5.40 -67.18 -30.61
C PRO G 120 6.54 -67.88 -29.90
N PRO G 121 6.39 -68.17 -28.61
CA PRO G 121 7.41 -68.97 -27.92
C PRO G 121 7.39 -70.39 -28.42
N SER G 122 8.59 -70.94 -28.60
CA SER G 122 8.72 -72.30 -29.11
C SER G 122 8.23 -73.33 -28.09
N ASP G 123 7.89 -74.51 -28.62
CA ASP G 123 7.48 -75.62 -27.74
C ASP G 123 8.62 -76.07 -26.84
N GLU G 124 9.87 -75.84 -27.26
CA GLU G 124 11.01 -76.27 -26.47
C GLU G 124 11.18 -75.43 -25.21
N GLN G 125 10.73 -74.18 -25.24
CA GLN G 125 10.86 -73.27 -24.10
C GLN G 125 9.74 -73.37 -23.08
N LEU G 126 8.49 -73.59 -23.53
CA LEU G 126 7.36 -73.60 -22.62
C LEU G 126 7.43 -74.69 -21.55
N LYS G 127 8.22 -75.74 -21.77
CA LYS G 127 8.38 -76.77 -20.75
C LYS G 127 9.31 -76.35 -19.62
N SER G 128 10.06 -75.26 -19.79
CA SER G 128 10.91 -74.78 -18.71
C SER G 128 10.17 -73.89 -17.72
N GLY G 129 9.03 -73.34 -18.11
CA GLY G 129 8.23 -72.51 -17.23
C GLY G 129 8.15 -71.05 -17.63
N THR G 130 8.94 -70.60 -18.61
CA THR G 130 8.94 -69.20 -19.02
C THR G 130 8.33 -69.07 -20.41
N ALA G 131 7.57 -67.99 -20.60
CA ALA G 131 6.95 -67.67 -21.89
C ALA G 131 7.35 -66.25 -22.28
N SER G 132 7.91 -66.12 -23.48
CA SER G 132 8.38 -64.84 -24.00
C SER G 132 7.72 -64.57 -25.34
N VAL G 133 6.95 -63.48 -25.43
CA VAL G 133 6.32 -63.06 -26.68
C VAL G 133 7.20 -61.99 -27.31
N VAL G 134 7.60 -62.21 -28.56
CA VAL G 134 8.56 -61.35 -29.25
C VAL G 134 7.88 -60.63 -30.41
N CYS G 135 8.16 -59.34 -30.53
CA CYS G 135 7.71 -58.53 -31.66
C CYS G 135 8.91 -57.84 -32.30
N LEU G 136 8.92 -57.78 -33.63
CA LEU G 136 10.06 -57.28 -34.39
C LEU G 136 9.66 -56.06 -35.22
N LEU G 137 10.52 -55.03 -35.22
CA LEU G 137 10.41 -53.88 -36.11
C LEU G 137 11.66 -53.86 -36.97
N ASN G 138 11.50 -54.12 -38.26
CA ASN G 138 12.61 -54.41 -39.17
C ASN G 138 12.85 -53.25 -40.14
N ASN G 139 14.10 -52.79 -40.18
CA ASN G 139 14.55 -51.82 -41.18
C ASN G 139 13.66 -50.59 -41.21
N PHE G 140 13.86 -49.69 -40.27
CA PHE G 140 13.05 -48.47 -40.21
C PHE G 140 13.94 -47.29 -39.89
N TYR G 141 13.39 -46.10 -40.14
CA TYR G 141 14.06 -44.87 -39.80
C TYR G 141 13.02 -43.78 -39.62
N PRO G 142 13.16 -42.91 -38.60
CA PRO G 142 14.25 -42.82 -37.61
C PRO G 142 14.20 -43.82 -36.46
N ARG G 143 15.08 -43.63 -35.47
CA ARG G 143 15.17 -44.56 -34.36
C ARG G 143 13.94 -44.48 -33.46
N GLU G 144 13.34 -43.29 -33.37
CA GLU G 144 12.21 -43.07 -32.48
C GLU G 144 11.03 -43.94 -32.90
N ALA G 145 10.70 -44.94 -32.09
CA ALA G 145 9.60 -45.84 -32.37
C ALA G 145 9.07 -46.37 -31.05
N LYS G 146 7.75 -46.52 -30.97
CA LYS G 146 7.08 -46.98 -29.75
C LYS G 146 6.44 -48.34 -30.01
N VAL G 147 6.79 -49.32 -29.19
CA VAL G 147 6.21 -50.66 -29.26
C VAL G 147 5.36 -50.84 -28.02
N GLN G 148 4.06 -51.03 -28.20
CA GLN G 148 3.10 -51.14 -27.11
C GLN G 148 2.51 -52.55 -27.12
N TRP G 149 2.66 -53.26 -26.00
CA TRP G 149 2.12 -54.60 -25.86
C TRP G 149 0.69 -54.53 -25.32
N LYS G 150 -0.24 -55.18 -26.02
CA LYS G 150 -1.63 -55.27 -25.61
C LYS G 150 -2.00 -56.74 -25.54
N VAL G 151 -2.38 -57.19 -24.34
CA VAL G 151 -2.83 -58.56 -24.12
C VAL G 151 -4.27 -58.46 -23.65
N ASP G 152 -5.20 -58.94 -24.48
CA ASP G 152 -6.64 -58.76 -24.25
C ASP G 152 -6.98 -57.28 -24.12
N ASN G 153 -6.43 -56.46 -25.01
CA ASN G 153 -6.63 -55.01 -25.07
C ASN G 153 -6.15 -54.30 -23.81
N ALA G 154 -5.34 -54.97 -22.98
CA ALA G 154 -4.78 -54.38 -21.76
C ALA G 154 -3.30 -54.08 -21.99
N LEU G 155 -2.91 -52.82 -21.77
CA LEU G 155 -1.53 -52.42 -21.99
C LEU G 155 -0.62 -53.15 -21.00
N GLN G 156 0.43 -53.78 -21.53
CA GLN G 156 1.33 -54.58 -20.70
C GLN G 156 2.49 -53.69 -20.27
N SER G 157 2.22 -52.89 -19.24
CA SER G 157 3.25 -52.00 -18.70
C SER G 157 4.14 -52.77 -17.74
N GLY G 158 5.44 -52.53 -17.82
CA GLY G 158 6.35 -53.15 -16.87
C GLY G 158 6.61 -54.62 -17.09
N ASN G 159 6.42 -55.14 -18.32
CA ASN G 159 6.59 -56.57 -18.53
C ASN G 159 7.36 -56.95 -19.80
N SER G 160 8.04 -56.01 -20.45
CA SER G 160 8.76 -56.28 -21.68
C SER G 160 10.08 -55.53 -21.69
N GLN G 161 10.98 -55.91 -22.60
CA GLN G 161 12.27 -55.26 -22.77
C GLN G 161 12.52 -54.99 -24.25
N GLU G 162 13.09 -53.83 -24.54
CA GLU G 162 13.39 -53.44 -25.91
C GLU G 162 14.89 -53.45 -26.17
N SER G 163 15.23 -53.58 -27.44
CA SER G 163 16.63 -53.58 -27.87
C SER G 163 16.67 -53.12 -29.33
N VAL G 164 17.58 -52.21 -29.65
CA VAL G 164 17.69 -51.63 -30.97
C VAL G 164 19.11 -51.86 -31.49
N THR G 165 19.21 -52.24 -32.76
CA THR G 165 20.52 -52.39 -33.39
C THR G 165 21.08 -51.03 -33.79
N GLU G 166 22.37 -51.02 -34.11
CA GLU G 166 22.99 -49.83 -34.68
C GLU G 166 22.51 -49.64 -36.12
N GLN G 167 22.95 -48.55 -36.74
CA GLN G 167 22.53 -48.25 -38.10
C GLN G 167 23.21 -49.20 -39.08
N ASP G 168 22.39 -49.83 -39.93
CA ASP G 168 22.90 -50.85 -40.85
C ASP G 168 23.86 -50.24 -41.86
N SER G 169 24.89 -51.01 -42.21
CA SER G 169 25.91 -50.52 -43.13
C SER G 169 25.41 -50.38 -44.55
N LYS G 170 24.25 -50.96 -44.89
CA LYS G 170 23.74 -50.89 -46.26
C LYS G 170 22.74 -49.77 -46.41
N ASP G 171 21.56 -49.94 -45.81
CA ASP G 171 20.48 -48.98 -45.94
C ASP G 171 20.39 -47.99 -44.78
N SER G 172 21.31 -48.07 -43.81
CA SER G 172 21.38 -47.11 -42.70
C SER G 172 20.10 -47.12 -41.86
N THR G 173 19.47 -48.28 -41.71
CA THR G 173 18.22 -48.40 -40.97
C THR G 173 18.45 -49.08 -39.63
N TYR G 174 17.45 -48.95 -38.76
CA TYR G 174 17.47 -49.55 -37.44
C TYR G 174 16.60 -50.81 -37.42
N SER G 175 16.63 -51.50 -36.29
CA SER G 175 15.75 -52.64 -36.04
C SER G 175 15.51 -52.73 -34.55
N LEU G 176 14.27 -53.05 -34.17
CA LEU G 176 13.87 -53.06 -32.77
C LEU G 176 13.24 -54.39 -32.44
N SER G 177 13.53 -54.91 -31.24
CA SER G 177 12.96 -56.17 -30.77
C SER G 177 12.45 -55.98 -29.34
N SER G 178 11.17 -56.26 -29.13
CA SER G 178 10.54 -56.18 -27.81
C SER G 178 10.18 -57.60 -27.35
N THR G 179 10.64 -57.95 -26.16
CA THR G 179 10.46 -59.30 -25.60
C THR G 179 9.57 -59.19 -24.37
N LEU G 180 8.31 -59.61 -24.51
CA LEU G 180 7.38 -59.63 -23.37
C LEU G 180 7.60 -60.93 -22.62
N THR G 181 8.07 -60.84 -21.38
CA THR G 181 8.42 -62.02 -20.58
C THR G 181 7.38 -62.18 -19.48
N LEU G 182 6.72 -63.34 -19.46
CA LEU G 182 5.78 -63.69 -18.43
C LEU G 182 5.89 -65.18 -18.14
N SER G 183 5.43 -65.58 -16.96
CA SER G 183 5.39 -66.99 -16.59
C SER G 183 4.28 -67.72 -17.35
N LYS G 184 4.39 -69.05 -17.39
CA LYS G 184 3.38 -69.87 -18.05
C LYS G 184 2.00 -69.69 -17.42
N ALA G 185 1.96 -69.52 -16.09
CA ALA G 185 0.69 -69.28 -15.41
C ALA G 185 0.02 -68.02 -15.95
N ASP G 186 0.82 -66.99 -16.23
CA ASP G 186 0.32 -65.76 -16.83
C ASP G 186 -0.03 -65.94 -18.30
N TYR G 187 0.50 -66.99 -18.95
CA TYR G 187 0.31 -67.18 -20.38
C TYR G 187 -1.07 -67.75 -20.70
N GLU G 188 -1.50 -68.79 -19.99
CA GLU G 188 -2.82 -69.39 -20.21
C GLU G 188 -3.96 -68.58 -19.59
N LYS G 189 -3.67 -67.50 -18.87
CA LYS G 189 -4.71 -66.66 -18.28
C LYS G 189 -5.42 -65.79 -19.32
N HIS G 190 -4.77 -65.49 -20.44
CA HIS G 190 -5.29 -64.61 -21.47
C HIS G 190 -5.33 -65.33 -22.81
N LYS G 191 -5.91 -64.64 -23.80
CA LYS G 191 -6.07 -65.20 -25.14
C LYS G 191 -5.42 -64.35 -26.22
N VAL G 192 -5.67 -63.04 -26.23
CA VAL G 192 -5.20 -62.16 -27.29
C VAL G 192 -3.79 -61.69 -26.96
N TYR G 193 -2.87 -61.85 -27.91
CA TYR G 193 -1.49 -61.38 -27.76
C TYR G 193 -1.16 -60.51 -28.97
N ALA G 194 -0.95 -59.23 -28.73
CA ALA G 194 -0.88 -58.23 -29.78
C ALA G 194 0.44 -57.46 -29.71
N CYS G 195 0.79 -56.79 -30.82
CA CYS G 195 1.95 -55.91 -30.84
C CYS G 195 1.62 -54.65 -31.64
N GLU G 196 1.53 -53.51 -30.97
CA GLU G 196 1.23 -52.24 -31.59
C GLU G 196 2.50 -51.46 -31.91
N VAL G 197 2.61 -50.96 -33.14
CA VAL G 197 3.80 -50.26 -33.59
C VAL G 197 3.41 -48.85 -34.05
N THR G 198 4.06 -47.84 -33.47
CA THR G 198 3.88 -46.46 -33.89
C THR G 198 5.22 -45.93 -34.38
N HIS G 199 5.24 -45.41 -35.61
CA HIS G 199 6.48 -44.94 -36.21
C HIS G 199 6.18 -43.78 -37.15
N GLN G 200 7.22 -42.99 -37.44
CA GLN G 200 7.05 -41.83 -38.31
C GLN G 200 6.64 -42.25 -39.71
N GLY G 201 7.16 -43.37 -40.19
CA GLY G 201 6.81 -43.89 -41.50
C GLY G 201 5.54 -44.69 -41.56
N LEU G 202 4.73 -44.68 -40.49
CA LEU G 202 3.47 -45.42 -40.49
C LEU G 202 2.27 -44.49 -40.38
N SER G 203 1.12 -45.06 -39.99
CA SER G 203 -0.09 -44.29 -39.71
C SER G 203 -0.99 -45.08 -38.76
N SER G 204 -1.51 -46.21 -39.23
CA SER G 204 -2.32 -47.00 -38.32
C SER G 204 -1.46 -48.04 -37.62
N PRO G 205 -1.62 -48.21 -36.31
CA PRO G 205 -0.85 -49.26 -35.61
C PRO G 205 -1.20 -50.63 -36.15
N VAL G 206 -0.17 -51.40 -36.47
CA VAL G 206 -0.34 -52.75 -37.01
C VAL G 206 -0.12 -53.75 -35.89
N THR G 207 -0.99 -54.75 -35.83
CA THR G 207 -0.99 -55.74 -34.77
C THR G 207 -1.04 -57.15 -35.34
N LYS G 208 -0.08 -57.98 -34.98
CA LYS G 208 -0.03 -59.38 -35.36
C LYS G 208 -0.17 -60.25 -34.11
N SER G 209 -0.99 -61.29 -34.20
CA SER G 209 -1.38 -62.06 -33.03
C SER G 209 -1.45 -63.55 -33.38
N PHE G 210 -1.73 -64.36 -32.36
CA PHE G 210 -1.97 -65.79 -32.53
C PHE G 210 -2.66 -66.31 -31.27
N ASN G 211 -3.27 -67.48 -31.39
CA ASN G 211 -3.92 -68.13 -30.27
C ASN G 211 -3.17 -69.41 -29.90
N ARG G 212 -3.10 -69.69 -28.59
CA ARG G 212 -2.41 -70.87 -28.10
C ARG G 212 -3.11 -72.15 -28.53
N GLU H 1 -68.37 -23.22 -18.34
CA GLU H 1 -69.60 -22.72 -17.71
C GLU H 1 -69.52 -22.86 -16.19
N VAL H 2 -68.88 -21.88 -15.55
CA VAL H 2 -68.78 -21.82 -14.10
C VAL H 2 -69.22 -20.43 -13.67
N GLN H 3 -70.20 -20.36 -12.78
CA GLN H 3 -70.81 -19.10 -12.37
C GLN H 3 -70.61 -18.87 -10.88
N LEU H 4 -70.38 -17.61 -10.51
CA LEU H 4 -70.23 -17.20 -9.12
C LEU H 4 -70.94 -15.86 -8.94
N VAL H 5 -71.86 -15.80 -7.99
CA VAL H 5 -72.68 -14.62 -7.74
C VAL H 5 -72.52 -14.21 -6.28
N GLU H 6 -72.07 -12.98 -6.06
CA GLU H 6 -71.93 -12.44 -4.72
C GLU H 6 -73.16 -11.63 -4.32
N SER H 7 -73.26 -11.37 -3.02
CA SER H 7 -74.31 -10.52 -2.46
C SER H 7 -73.91 -10.18 -1.04
N GLY H 8 -74.60 -9.19 -0.47
CA GLY H 8 -74.37 -8.77 0.89
C GLY H 8 -73.48 -7.55 1.06
N GLY H 9 -73.06 -6.91 -0.03
CA GLY H 9 -72.23 -5.74 0.07
C GLY H 9 -73.03 -4.46 0.27
N GLY H 10 -72.33 -3.43 0.75
CA GLY H 10 -72.97 -2.14 0.97
C GLY H 10 -72.11 -1.25 1.84
N VAL H 11 -72.77 -0.37 2.58
CA VAL H 11 -72.10 0.58 3.46
C VAL H 11 -72.14 0.02 4.88
N VAL H 12 -71.15 0.38 5.67
CA VAL H 12 -71.03 -0.12 7.03
C VAL H 12 -70.17 0.85 7.82
N GLN H 13 -70.54 1.06 9.08
CA GLN H 13 -69.76 1.94 9.93
C GLN H 13 -68.56 1.20 10.51
N PRO H 14 -67.49 1.93 10.85
CA PRO H 14 -66.30 1.28 11.41
C PRO H 14 -66.62 0.53 12.70
N GLY H 15 -66.03 -0.65 12.84
CA GLY H 15 -66.27 -1.49 14.00
C GLY H 15 -67.49 -2.37 13.91
N ARG H 16 -68.36 -2.15 12.94
CA ARG H 16 -69.58 -2.94 12.79
C ARG H 16 -69.25 -4.25 12.08
N SER H 17 -70.29 -4.98 11.69
CA SER H 17 -70.13 -6.28 11.03
C SER H 17 -70.92 -6.31 9.74
N LEU H 18 -70.46 -7.14 8.81
CA LEU H 18 -71.12 -7.34 7.54
C LEU H 18 -70.77 -8.73 7.04
N ARG H 19 -71.74 -9.37 6.38
CA ARG H 19 -71.59 -10.75 5.91
C ARG H 19 -71.82 -10.79 4.41
N LEU H 20 -70.91 -11.44 3.70
CA LEU H 20 -70.99 -11.58 2.26
C LEU H 20 -71.33 -13.02 1.88
N SER H 21 -71.85 -13.19 0.68
CA SER H 21 -72.23 -14.50 0.18
C SER H 21 -71.68 -14.69 -1.22
N CYS H 22 -71.72 -15.94 -1.69
CA CYS H 22 -71.17 -16.27 -3.01
C CYS H 22 -71.80 -17.61 -3.41
N ALA H 23 -72.82 -17.54 -4.26
CA ALA H 23 -73.53 -18.72 -4.72
C ALA H 23 -72.86 -19.29 -5.96
N ALA H 24 -72.44 -20.55 -5.87
CA ALA H 24 -71.76 -21.23 -6.97
C ALA H 24 -72.73 -22.11 -7.74
N SER H 25 -72.34 -22.47 -8.97
CA SER H 25 -73.19 -23.26 -9.84
C SER H 25 -72.34 -23.95 -10.90
N ALA H 26 -72.84 -25.10 -11.35
CA ALA H 26 -72.31 -25.81 -12.52
C ALA H 26 -70.88 -26.33 -12.30
N PHE H 27 -70.60 -26.81 -11.08
CA PHE H 27 -69.38 -27.56 -10.80
C PHE H 27 -69.52 -28.19 -9.43
N THR H 28 -68.71 -29.22 -9.19
CA THR H 28 -68.71 -29.92 -7.91
C THR H 28 -68.13 -28.99 -6.85
N PHE H 29 -69.01 -28.32 -6.10
CA PHE H 29 -68.56 -27.32 -5.14
C PHE H 29 -67.97 -27.95 -3.88
N SER H 30 -68.43 -29.14 -3.51
CA SER H 30 -67.96 -29.80 -2.30
C SER H 30 -66.62 -30.50 -2.48
N SER H 31 -65.94 -30.26 -3.60
CA SER H 31 -64.64 -30.88 -3.86
C SER H 31 -63.52 -29.87 -4.05
N TYR H 32 -63.83 -28.60 -4.28
CA TYR H 32 -62.84 -27.57 -4.53
C TYR H 32 -62.69 -26.66 -3.32
N ASP H 33 -61.47 -26.20 -3.09
CA ASP H 33 -61.23 -25.14 -2.13
C ASP H 33 -61.77 -23.82 -2.68
N MET H 34 -62.07 -22.89 -1.77
CA MET H 34 -62.63 -21.61 -2.16
C MET H 34 -61.84 -20.48 -1.52
N HIS H 35 -61.83 -19.33 -2.20
CA HIS H 35 -61.04 -18.18 -1.80
C HIS H 35 -61.91 -16.92 -1.74
N TRP H 36 -61.37 -15.89 -1.08
CA TRP H 36 -61.87 -14.53 -1.15
C TRP H 36 -60.70 -13.62 -1.47
N VAL H 37 -60.88 -12.71 -2.42
CA VAL H 37 -59.86 -11.76 -2.83
C VAL H 37 -60.51 -10.40 -2.99
N ARG H 38 -59.93 -9.36 -2.38
CA ARG H 38 -60.47 -8.02 -2.44
C ARG H 38 -59.59 -7.10 -3.26
N GLN H 39 -60.14 -5.94 -3.62
CA GLN H 39 -59.44 -4.96 -4.43
C GLN H 39 -59.88 -3.57 -4.00
N ALA H 40 -58.99 -2.84 -3.33
CA ALA H 40 -59.29 -1.48 -2.91
C ALA H 40 -59.50 -0.58 -4.13
N PRO H 41 -60.21 0.53 -3.98
CA PRO H 41 -60.43 1.44 -5.11
C PRO H 41 -59.12 1.95 -5.68
N GLY H 42 -58.92 1.71 -6.98
CA GLY H 42 -57.73 2.14 -7.66
C GLY H 42 -56.46 1.38 -7.31
N LYS H 43 -56.56 0.34 -6.49
CA LYS H 43 -55.41 -0.44 -6.06
C LYS H 43 -55.43 -1.81 -6.73
N GLY H 44 -54.52 -2.68 -6.30
CA GLY H 44 -54.38 -4.00 -6.87
C GLY H 44 -55.18 -5.06 -6.14
N LEU H 45 -54.83 -6.31 -6.39
CA LEU H 45 -55.52 -7.44 -5.80
C LEU H 45 -54.82 -7.89 -4.52
N GLU H 46 -55.62 -8.34 -3.56
CA GLU H 46 -55.12 -8.80 -2.27
C GLU H 46 -55.88 -10.05 -1.87
N TRP H 47 -55.16 -11.17 -1.75
CA TRP H 47 -55.77 -12.41 -1.30
C TRP H 47 -56.17 -12.31 0.17
N VAL H 48 -57.38 -12.76 0.50
CA VAL H 48 -57.96 -12.58 1.82
C VAL H 48 -57.95 -13.88 2.63
N ALA H 49 -58.64 -14.91 2.15
CA ALA H 49 -58.78 -16.13 2.92
C ALA H 49 -59.02 -17.31 1.99
N VAL H 50 -58.92 -18.52 2.55
CA VAL H 50 -59.13 -19.76 1.83
C VAL H 50 -59.78 -20.77 2.77
N ILE H 51 -60.67 -21.59 2.22
CA ILE H 51 -61.35 -22.64 2.97
C ILE H 51 -61.30 -23.94 2.17
N SER H 52 -61.15 -25.06 2.87
CA SER H 52 -61.01 -26.36 2.23
C SER H 52 -62.32 -26.78 1.55
N TYR H 53 -62.25 -27.91 0.86
CA TYR H 53 -63.42 -28.45 0.18
C TYR H 53 -64.52 -28.81 1.19
N ASP H 54 -64.13 -29.46 2.28
CA ASP H 54 -65.07 -29.88 3.31
C ASP H 54 -65.34 -28.79 4.33
N GLY H 55 -64.63 -27.66 4.27
CA GLY H 55 -64.84 -26.60 5.22
C GLY H 55 -64.20 -26.83 6.56
N SER H 56 -63.32 -27.83 6.68
CA SER H 56 -62.67 -28.11 7.95
C SER H 56 -61.41 -27.28 8.17
N ASN H 57 -60.77 -26.81 7.10
CA ASN H 57 -59.54 -26.04 7.18
C ASN H 57 -59.80 -24.62 6.70
N LYS H 58 -59.33 -23.63 7.47
CA LYS H 58 -59.43 -22.23 7.09
C LYS H 58 -58.09 -21.55 7.31
N TYR H 59 -57.70 -20.69 6.37
CA TYR H 59 -56.47 -19.93 6.47
C TYR H 59 -56.68 -18.52 5.95
N TYR H 60 -56.15 -17.54 6.68
CA TYR H 60 -56.43 -16.14 6.42
C TYR H 60 -55.14 -15.35 6.26
N ALA H 61 -55.21 -14.28 5.48
CA ALA H 61 -54.11 -13.34 5.39
C ALA H 61 -53.98 -12.56 6.71
N ASP H 62 -52.77 -12.05 6.95
CA ASP H 62 -52.49 -11.38 8.22
C ASP H 62 -53.30 -10.09 8.37
N SER H 63 -53.67 -9.45 7.26
CA SER H 63 -54.38 -8.18 7.35
C SER H 63 -55.82 -8.33 7.85
N VAL H 64 -56.37 -9.54 7.82
CA VAL H 64 -57.74 -9.79 8.25
C VAL H 64 -57.84 -10.89 9.30
N LYS H 65 -56.73 -11.47 9.73
CA LYS H 65 -56.78 -12.59 10.66
C LYS H 65 -57.33 -12.17 12.01
N GLY H 66 -58.13 -13.05 12.61
CA GLY H 66 -58.80 -12.71 13.85
C GLY H 66 -59.82 -11.60 13.73
N ARG H 67 -60.31 -11.34 12.51
CA ARG H 67 -61.19 -10.21 12.26
C ARG H 67 -62.24 -10.62 11.23
N PHE H 68 -61.85 -11.41 10.26
CA PHE H 68 -62.76 -12.01 9.29
C PHE H 68 -62.89 -13.50 9.57
N THR H 69 -63.96 -14.08 9.04
CA THR H 69 -64.22 -15.50 9.20
C THR H 69 -64.81 -16.04 7.91
N ILE H 70 -64.20 -17.10 7.38
CA ILE H 70 -64.66 -17.73 6.14
C ILE H 70 -65.37 -19.02 6.50
N SER H 71 -66.43 -19.33 5.76
CA SER H 71 -67.22 -20.53 5.99
C SER H 71 -67.94 -20.87 4.70
N ARG H 72 -68.45 -22.10 4.65
CA ARG H 72 -69.16 -22.56 3.45
C ARG H 72 -70.23 -23.54 3.86
N ASP H 73 -71.31 -23.56 3.09
CA ASP H 73 -72.41 -24.49 3.27
C ASP H 73 -72.50 -25.29 1.97
N ASN H 74 -71.97 -26.52 2.00
CA ASN H 74 -71.88 -27.31 0.78
C ASN H 74 -73.24 -27.78 0.29
N SER H 75 -74.23 -27.88 1.17
CA SER H 75 -75.55 -28.25 0.71
C SER H 75 -76.17 -27.13 -0.13
N LYS H 76 -75.87 -25.88 0.22
CA LYS H 76 -76.42 -24.74 -0.51
C LYS H 76 -75.48 -24.23 -1.59
N ASN H 77 -74.27 -24.78 -1.67
CA ASN H 77 -73.28 -24.38 -2.67
C ASN H 77 -72.97 -22.88 -2.56
N THR H 78 -72.89 -22.40 -1.32
CA THR H 78 -72.65 -20.99 -1.05
C THR H 78 -71.42 -20.83 -0.16
N LEU H 79 -70.68 -19.76 -0.40
CA LEU H 79 -69.50 -19.40 0.37
C LEU H 79 -69.77 -18.10 1.13
N TYR H 80 -69.31 -18.03 2.37
CA TYR H 80 -69.59 -16.91 3.25
C TYR H 80 -68.29 -16.26 3.71
N LEU H 81 -68.37 -14.98 4.04
CA LEU H 81 -67.23 -14.24 4.61
C LEU H 81 -67.79 -13.25 5.63
N GLN H 82 -67.75 -13.65 6.90
CA GLN H 82 -68.21 -12.78 7.98
C GLN H 82 -67.12 -11.77 8.31
N MET H 83 -67.39 -10.49 8.04
CA MET H 83 -66.43 -9.42 8.26
C MET H 83 -66.84 -8.63 9.49
N ASN H 84 -66.09 -8.79 10.57
CA ASN H 84 -66.32 -8.06 11.82
C ASN H 84 -65.22 -7.04 12.03
N SER H 85 -65.54 -6.03 12.83
CA SER H 85 -64.60 -4.96 13.19
C SER H 85 -63.99 -4.35 11.92
N LEU H 86 -64.86 -3.82 11.07
CA LEU H 86 -64.43 -3.33 9.77
C LEU H 86 -63.75 -1.98 9.91
N ARG H 87 -62.54 -1.87 9.35
CA ARG H 87 -61.79 -0.62 9.32
C ARG H 87 -61.92 0.03 7.94
N ALA H 88 -61.51 1.29 7.87
CA ALA H 88 -61.56 2.01 6.61
C ALA H 88 -60.64 1.38 5.57
N GLU H 89 -59.58 0.71 6.01
CA GLU H 89 -58.68 0.02 5.09
C GLU H 89 -59.32 -1.20 4.44
N ASP H 90 -60.47 -1.66 4.96
CA ASP H 90 -61.17 -2.79 4.39
C ASP H 90 -62.11 -2.40 3.25
N THR H 91 -62.27 -1.11 2.99
CA THR H 91 -63.13 -0.65 1.89
C THR H 91 -62.60 -1.16 0.56
N ALA H 92 -63.31 -2.08 -0.06
CA ALA H 92 -62.85 -2.70 -1.30
C ALA H 92 -64.01 -3.45 -1.93
N VAL H 93 -63.83 -3.81 -3.20
CA VAL H 93 -64.71 -4.73 -3.89
C VAL H 93 -64.24 -6.14 -3.58
N TYR H 94 -65.14 -6.97 -3.07
CA TYR H 94 -64.79 -8.30 -2.61
C TYR H 94 -65.21 -9.34 -3.65
N TYR H 95 -64.25 -10.13 -4.11
CA TYR H 95 -64.48 -11.21 -5.05
C TYR H 95 -64.34 -12.55 -4.33
N CYS H 96 -65.12 -13.54 -4.80
CA CYS H 96 -64.89 -14.92 -4.44
C CYS H 96 -64.34 -15.66 -5.66
N ALA H 97 -63.45 -16.62 -5.41
CA ALA H 97 -62.74 -17.29 -6.48
C ALA H 97 -62.68 -18.79 -6.21
N LYS H 98 -62.92 -19.57 -7.26
CA LYS H 98 -62.76 -21.02 -7.18
C LYS H 98 -61.31 -21.41 -7.36
N ASP H 99 -60.86 -22.40 -6.58
CA ASP H 99 -59.51 -22.91 -6.70
C ASP H 99 -59.41 -23.80 -7.94
N GLY H 100 -58.29 -23.67 -8.67
CA GLY H 100 -58.10 -24.47 -9.86
C GLY H 100 -58.03 -25.95 -9.56
N GLY H 101 -57.20 -26.32 -8.58
CA GLY H 101 -57.09 -27.70 -8.15
C GLY H 101 -56.21 -28.58 -8.99
N LYS H 102 -55.57 -28.04 -10.03
CA LYS H 102 -54.70 -28.82 -10.88
C LYS H 102 -53.25 -28.81 -10.42
N LEU H 103 -52.93 -28.06 -9.36
CA LEU H 103 -51.57 -27.96 -8.85
C LEU H 103 -51.55 -28.33 -7.37
N TRP H 104 -50.33 -28.48 -6.84
CA TRP H 104 -50.16 -28.65 -5.41
C TRP H 104 -50.42 -27.35 -4.64
N VAL H 105 -50.53 -26.23 -5.34
CA VAL H 105 -50.67 -24.92 -4.71
C VAL H 105 -51.99 -24.29 -5.17
N TYR H 106 -52.34 -23.19 -4.51
CA TYR H 106 -53.58 -22.48 -4.80
C TYR H 106 -53.41 -21.58 -6.02
N TYR H 107 -54.50 -21.44 -6.78
CA TYR H 107 -54.60 -20.47 -7.85
C TYR H 107 -56.06 -20.37 -8.25
N PHE H 108 -56.46 -19.17 -8.67
CA PHE H 108 -57.86 -18.86 -8.94
C PHE H 108 -58.12 -18.98 -10.45
N ASP H 109 -59.07 -19.83 -10.83
CA ASP H 109 -59.41 -20.00 -12.24
C ASP H 109 -60.70 -19.32 -12.63
N TYR H 110 -61.62 -19.12 -11.69
CA TYR H 110 -62.88 -18.42 -11.96
C TYR H 110 -63.18 -17.48 -10.81
N TRP H 111 -63.71 -16.30 -11.14
CA TRP H 111 -63.97 -15.25 -10.17
C TRP H 111 -65.44 -14.83 -10.23
N GLY H 112 -65.92 -14.28 -9.12
CA GLY H 112 -67.24 -13.68 -9.10
C GLY H 112 -67.21 -12.23 -9.54
N GLN H 113 -68.40 -11.71 -9.91
CA GLN H 113 -68.47 -10.34 -10.42
C GLN H 113 -68.06 -9.31 -9.38
N GLY H 114 -68.15 -9.64 -8.09
CA GLY H 114 -67.68 -8.74 -7.05
C GLY H 114 -68.78 -7.85 -6.50
N THR H 115 -68.67 -7.56 -5.20
CA THR H 115 -69.56 -6.66 -4.51
C THR H 115 -68.76 -5.67 -3.67
N LEU H 116 -69.26 -4.45 -3.58
CA LEU H 116 -68.54 -3.38 -2.91
C LEU H 116 -68.89 -3.32 -1.43
N VAL H 117 -67.89 -3.09 -0.61
CA VAL H 117 -68.05 -2.89 0.83
C VAL H 117 -67.38 -1.55 1.16
N THR H 118 -68.19 -0.57 1.53
CA THR H 118 -67.71 0.78 1.86
C THR H 118 -67.79 0.98 3.36
N VAL H 119 -66.65 1.05 4.02
CA VAL H 119 -66.57 1.20 5.47
C VAL H 119 -66.33 2.68 5.77
N SER H 120 -67.35 3.36 6.29
CA SER H 120 -67.24 4.75 6.68
C SER H 120 -68.44 5.13 7.53
N SER H 121 -68.23 6.07 8.46
CA SER H 121 -69.28 6.52 9.36
C SER H 121 -70.16 7.64 8.79
N ALA H 122 -69.64 8.42 7.84
CA ALA H 122 -70.35 9.57 7.29
C ALA H 122 -71.74 9.20 6.78
N SER H 123 -72.73 10.01 7.15
CA SER H 123 -74.11 9.80 6.73
C SER H 123 -74.27 10.07 5.24
N THR H 124 -75.24 9.37 4.63
CA THR H 124 -75.51 9.49 3.20
C THR H 124 -76.09 10.86 2.89
N LYS H 125 -75.23 11.77 2.43
CA LYS H 125 -75.61 13.15 2.14
C LYS H 125 -75.82 13.33 0.64
N GLY H 126 -76.78 14.19 0.28
CA GLY H 126 -77.07 14.50 -1.10
C GLY H 126 -76.08 15.47 -1.70
N PRO H 127 -75.95 15.44 -3.03
CA PRO H 127 -74.97 16.31 -3.70
C PRO H 127 -75.47 17.74 -3.85
N SER H 128 -74.50 18.66 -3.88
CA SER H 128 -74.75 20.07 -4.18
C SER H 128 -74.11 20.38 -5.53
N VAL H 129 -74.95 20.57 -6.54
CA VAL H 129 -74.48 20.74 -7.92
C VAL H 129 -74.32 22.23 -8.22
N PHE H 130 -73.15 22.61 -8.74
CA PHE H 130 -72.88 23.97 -9.14
C PHE H 130 -72.47 24.02 -10.60
N PRO H 131 -72.94 25.01 -11.36
CA PRO H 131 -72.62 25.08 -12.79
C PRO H 131 -71.22 25.60 -13.03
N LEU H 132 -70.77 25.43 -14.27
CA LEU H 132 -69.46 25.91 -14.72
C LEU H 132 -69.69 26.67 -16.02
N ALA H 133 -69.77 28.00 -15.93
CA ALA H 133 -70.07 28.83 -17.09
C ALA H 133 -68.81 29.07 -17.92
N PRO H 134 -68.91 29.06 -19.26
CA PRO H 134 -67.78 29.31 -20.14
C PRO H 134 -67.39 30.79 -20.19
N GLY H 142 -61.47 26.74 -32.40
CA GLY H 142 -61.87 27.63 -31.33
C GLY H 142 -63.26 27.36 -30.80
N THR H 143 -63.39 26.32 -29.98
CA THR H 143 -64.64 25.95 -29.34
C THR H 143 -64.61 26.33 -27.86
N ALA H 144 -65.73 26.08 -27.19
CA ALA H 144 -65.89 26.37 -25.78
C ALA H 144 -66.28 25.09 -25.02
N ALA H 145 -66.26 25.18 -23.70
CA ALA H 145 -66.59 24.06 -22.84
C ALA H 145 -67.42 24.54 -21.66
N LEU H 146 -68.26 23.65 -21.15
CA LEU H 146 -69.12 23.95 -20.00
C LEU H 146 -69.49 22.63 -19.31
N GLY H 147 -69.84 22.74 -18.04
CA GLY H 147 -70.19 21.55 -17.30
C GLY H 147 -70.83 21.87 -15.97
N CYS H 148 -70.93 20.83 -15.13
CA CYS H 148 -71.51 20.93 -13.81
C CYS H 148 -70.55 20.33 -12.79
N LEU H 149 -70.64 20.83 -11.56
CA LEU H 149 -69.75 20.42 -10.47
C LEU H 149 -70.59 19.74 -9.38
N VAL H 150 -70.50 18.41 -9.32
CA VAL H 150 -71.18 17.63 -8.29
C VAL H 150 -70.25 17.55 -7.08
N LYS H 151 -70.58 18.31 -6.03
CA LYS H 151 -69.72 18.44 -4.87
C LYS H 151 -70.46 18.04 -3.60
N ASP H 152 -69.70 17.51 -2.64
CA ASP H 152 -70.21 17.19 -1.31
C ASP H 152 -71.35 16.19 -1.35
N TYR H 153 -71.03 14.92 -1.55
CA TYR H 153 -72.01 13.84 -1.53
C TYR H 153 -71.35 12.58 -1.00
N PHE H 154 -72.14 11.76 -0.31
CA PHE H 154 -71.67 10.49 0.22
C PHE H 154 -72.77 9.44 0.16
N PRO H 155 -72.45 8.22 -0.27
CA PRO H 155 -71.15 7.78 -0.78
C PRO H 155 -71.17 7.65 -2.30
N GLU H 156 -70.23 6.90 -2.86
CA GLU H 156 -70.26 6.62 -4.28
C GLU H 156 -71.48 5.76 -4.63
N PRO H 157 -72.02 5.89 -5.84
CA PRO H 157 -71.64 6.87 -6.87
C PRO H 157 -72.74 7.87 -7.16
N VAL H 158 -72.52 8.73 -8.16
CA VAL H 158 -73.55 9.59 -8.72
C VAL H 158 -73.47 9.50 -10.23
N THR H 159 -74.62 9.41 -10.89
CA THR H 159 -74.69 9.31 -12.34
C THR H 159 -75.04 10.68 -12.92
N VAL H 160 -74.22 11.13 -13.87
CA VAL H 160 -74.39 12.44 -14.50
C VAL H 160 -74.54 12.24 -16.01
N SER H 161 -75.59 12.81 -16.57
CA SER H 161 -75.83 12.79 -18.00
C SER H 161 -76.24 14.19 -18.46
N TRP H 162 -76.32 14.37 -19.77
CA TRP H 162 -76.67 15.66 -20.37
C TRP H 162 -77.86 15.48 -21.30
N ASN H 163 -78.87 16.34 -21.12
CA ASN H 163 -80.08 16.32 -21.94
C ASN H 163 -80.76 14.96 -21.89
N SER H 164 -80.78 14.35 -20.70
CA SER H 164 -81.43 13.05 -20.47
C SER H 164 -80.84 11.97 -21.36
N GLY H 165 -79.51 11.97 -21.50
CA GLY H 165 -78.83 10.97 -22.28
C GLY H 165 -78.79 11.20 -23.77
N ALA H 166 -79.37 12.30 -24.26
CA ALA H 166 -79.37 12.55 -25.70
C ALA H 166 -78.05 13.11 -26.19
N LEU H 167 -77.34 13.87 -25.35
CA LEU H 167 -76.05 14.46 -25.71
C LEU H 167 -74.95 13.49 -25.31
N THR H 168 -74.42 12.74 -26.29
CA THR H 168 -73.41 11.72 -26.03
C THR H 168 -72.01 12.13 -26.44
N SER H 169 -71.85 12.78 -27.60
CA SER H 169 -70.53 13.12 -28.10
C SER H 169 -70.01 14.37 -27.41
N GLY H 170 -68.74 14.33 -26.98
CA GLY H 170 -68.11 15.46 -26.37
C GLY H 170 -68.21 15.54 -24.87
N VAL H 171 -68.76 14.51 -24.21
CA VAL H 171 -68.97 14.52 -22.77
C VAL H 171 -67.79 13.81 -22.10
N HIS H 172 -67.32 14.39 -20.99
CA HIS H 172 -66.25 13.79 -20.18
C HIS H 172 -66.63 13.94 -18.72
N THR H 173 -67.03 12.83 -18.09
CA THR H 173 -67.33 12.81 -16.66
C THR H 173 -66.12 12.25 -15.91
N PHE H 174 -65.63 13.03 -14.91
CA PHE H 174 -64.40 12.66 -14.23
C PHE H 174 -64.67 11.82 -12.98
N PRO H 175 -63.75 10.93 -12.63
CA PRO H 175 -63.90 10.16 -11.39
C PRO H 175 -63.95 11.07 -10.17
N ALA H 176 -64.67 10.60 -9.15
CA ALA H 176 -64.82 11.37 -7.93
C ALA H 176 -63.52 11.38 -7.13
N VAL H 177 -63.38 12.40 -6.29
CA VAL H 177 -62.23 12.55 -5.41
C VAL H 177 -62.73 12.66 -3.98
N LEU H 178 -62.06 11.96 -3.06
CA LEU H 178 -62.43 11.99 -1.65
C LEU H 178 -61.71 13.17 -1.02
N GLN H 179 -62.43 14.27 -0.83
CA GLN H 179 -61.85 15.45 -0.23
C GLN H 179 -61.68 15.26 1.28
N SER H 180 -61.06 16.24 1.93
CA SER H 180 -60.75 16.13 3.34
C SER H 180 -62.00 16.08 4.22
N SER H 181 -63.15 16.48 3.68
CA SER H 181 -64.40 16.52 4.43
C SER H 181 -65.15 15.18 4.42
N GLY H 182 -64.47 14.09 4.07
CA GLY H 182 -65.11 12.79 4.01
C GLY H 182 -66.14 12.61 2.91
N LEU H 183 -66.47 13.66 2.17
CA LEU H 183 -67.43 13.59 1.08
C LEU H 183 -66.68 13.45 -0.24
N TYR H 184 -67.44 13.31 -1.32
CA TYR H 184 -66.88 13.16 -2.65
C TYR H 184 -67.21 14.38 -3.51
N SER H 185 -66.32 14.68 -4.45
CA SER H 185 -66.52 15.77 -5.40
C SER H 185 -66.27 15.22 -6.80
N LEU H 186 -67.14 15.61 -7.73
CA LEU H 186 -67.08 15.08 -9.09
C LEU H 186 -67.34 16.21 -10.08
N SER H 187 -66.67 16.13 -11.22
CA SER H 187 -66.80 17.10 -12.29
C SER H 187 -67.21 16.40 -13.57
N SER H 188 -68.13 17.02 -14.31
CA SER H 188 -68.58 16.51 -15.60
C SER H 188 -68.71 17.67 -16.57
N VAL H 189 -68.07 17.57 -17.72
CA VAL H 189 -68.02 18.64 -18.71
C VAL H 189 -68.48 18.10 -20.06
N VAL H 190 -68.77 19.03 -20.96
CA VAL H 190 -69.15 18.71 -22.34
C VAL H 190 -68.76 19.90 -23.22
N THR H 191 -68.08 19.62 -24.32
CA THR H 191 -67.66 20.65 -25.26
C THR H 191 -68.67 20.72 -26.40
N VAL H 192 -69.21 21.91 -26.64
CA VAL H 192 -70.23 22.10 -27.67
C VAL H 192 -69.76 23.23 -28.58
N PRO H 193 -70.25 23.25 -29.83
CA PRO H 193 -69.91 24.36 -30.72
C PRO H 193 -70.37 25.70 -30.13
N SER H 194 -69.55 26.72 -30.34
CA SER H 194 -69.84 28.03 -29.76
C SER H 194 -71.00 28.73 -30.44
N SER H 195 -71.52 28.18 -31.54
CA SER H 195 -72.63 28.81 -32.25
C SER H 195 -73.95 28.56 -31.54
N SER H 196 -74.21 27.30 -31.14
CA SER H 196 -75.45 26.94 -30.46
C SER H 196 -75.22 26.98 -28.95
N LEU H 197 -75.17 28.20 -28.41
CA LEU H 197 -75.01 28.43 -26.98
C LEU H 197 -76.29 28.95 -26.34
N GLY H 198 -76.77 30.11 -26.78
CA GLY H 198 -78.07 30.59 -26.33
C GLY H 198 -79.24 29.94 -27.02
N THR H 199 -79.01 29.32 -28.18
CA THR H 199 -80.08 28.61 -28.89
C THR H 199 -80.25 27.20 -28.34
N GLN H 200 -79.15 26.53 -28.03
CA GLN H 200 -79.18 25.19 -27.48
C GLN H 200 -79.06 25.26 -25.96
N THR H 201 -79.99 24.62 -25.27
CA THR H 201 -80.01 24.60 -23.82
C THR H 201 -79.34 23.32 -23.32
N TYR H 202 -78.52 23.46 -22.28
CA TYR H 202 -77.78 22.35 -21.71
C TYR H 202 -78.17 22.18 -20.24
N ILE H 203 -78.59 20.98 -19.89
CA ILE H 203 -79.03 20.65 -18.52
C ILE H 203 -78.37 19.35 -18.11
N CYS H 204 -77.65 19.38 -17.00
CA CYS H 204 -76.98 18.19 -16.48
C CYS H 204 -77.91 17.46 -15.51
N ASN H 205 -77.99 16.14 -15.66
CA ASN H 205 -78.88 15.30 -14.87
C ASN H 205 -78.05 14.54 -13.86
N VAL H 206 -78.18 14.90 -12.58
CA VAL H 206 -77.44 14.29 -11.49
C VAL H 206 -78.40 13.45 -10.66
N ASN H 207 -78.01 12.20 -10.39
CA ASN H 207 -78.81 11.27 -9.60
C ASN H 207 -77.95 10.63 -8.53
N HIS H 208 -78.50 10.53 -7.32
CA HIS H 208 -77.82 9.91 -6.18
C HIS H 208 -78.77 8.90 -5.55
N LYS H 209 -78.64 7.64 -5.96
CA LYS H 209 -79.52 6.59 -5.44
C LYS H 209 -79.37 6.35 -3.93
N PRO H 210 -78.16 6.31 -3.35
CA PRO H 210 -78.09 6.09 -1.89
C PRO H 210 -78.86 7.11 -1.06
N SER H 211 -78.95 8.36 -1.51
CA SER H 211 -79.71 9.39 -0.80
C SER H 211 -81.03 9.73 -1.47
N ASN H 212 -81.32 9.14 -2.63
CA ASN H 212 -82.56 9.39 -3.38
C ASN H 212 -82.73 10.87 -3.70
N THR H 213 -81.77 11.39 -4.46
CA THR H 213 -81.73 12.81 -4.86
C THR H 213 -81.51 12.90 -6.36
N LYS H 214 -82.41 13.59 -7.05
CA LYS H 214 -82.30 13.83 -8.49
C LYS H 214 -82.38 15.32 -8.73
N VAL H 215 -81.28 15.91 -9.22
CA VAL H 215 -81.16 17.35 -9.41
C VAL H 215 -80.83 17.62 -10.87
N ASP H 216 -81.67 18.45 -11.52
CA ASP H 216 -81.42 18.94 -12.86
C ASP H 216 -81.12 20.43 -12.79
N LYS H 217 -79.98 20.84 -13.36
CA LYS H 217 -79.54 22.22 -13.29
C LYS H 217 -79.26 22.75 -14.69
N ARG H 218 -79.69 23.98 -14.95
CA ARG H 218 -79.44 24.64 -16.23
C ARG H 218 -78.03 25.22 -16.25
N VAL H 219 -77.44 25.25 -17.45
CA VAL H 219 -76.09 25.75 -17.66
C VAL H 219 -76.15 26.77 -18.80
N GLU H 220 -75.93 28.04 -18.47
CA GLU H 220 -75.94 29.11 -19.46
C GLU H 220 -74.80 30.07 -19.16
N PRO H 221 -74.20 30.67 -20.21
CA PRO H 221 -73.11 31.63 -20.03
C PRO H 221 -73.56 32.92 -19.35
N ASP I 1 -43.44 -10.94 3.49
CA ASP I 1 -44.09 -11.52 2.31
C ASP I 1 -43.21 -11.43 1.07
N ILE I 2 -43.61 -12.14 0.03
CA ILE I 2 -42.89 -12.14 -1.24
C ILE I 2 -43.45 -11.03 -2.12
N GLN I 3 -42.62 -10.03 -2.42
CA GLN I 3 -43.06 -8.93 -3.26
C GLN I 3 -42.95 -9.31 -4.73
N MET I 4 -43.97 -8.95 -5.51
CA MET I 4 -44.00 -9.20 -6.94
C MET I 4 -43.98 -7.85 -7.66
N THR I 5 -42.92 -7.61 -8.42
CA THR I 5 -42.72 -6.33 -9.10
C THR I 5 -42.94 -6.54 -10.60
N GLN I 6 -43.91 -5.83 -11.16
CA GLN I 6 -44.18 -5.92 -12.58
C GLN I 6 -43.56 -4.75 -13.31
N SER I 7 -43.16 -4.99 -14.56
CA SER I 7 -42.56 -3.97 -15.38
C SER I 7 -43.00 -4.21 -16.83
N PRO I 8 -43.46 -3.17 -17.53
CA PRO I 8 -43.60 -1.80 -17.06
C PRO I 8 -44.94 -1.58 -16.38
N SER I 9 -45.10 -0.47 -15.66
CA SER I 9 -46.39 -0.19 -15.03
C SER I 9 -47.46 0.08 -16.08
N SER I 10 -47.09 0.72 -17.19
CA SER I 10 -48.04 1.00 -18.27
C SER I 10 -47.32 0.94 -19.61
N LEU I 11 -48.00 0.39 -20.60
CA LEU I 11 -47.48 0.31 -21.96
C LEU I 11 -48.60 0.65 -22.94
N SER I 12 -48.23 1.25 -24.07
CA SER I 12 -49.16 1.59 -25.13
C SER I 12 -48.76 0.85 -26.40
N ALA I 13 -49.71 0.13 -27.00
CA ALA I 13 -49.44 -0.65 -28.20
C ALA I 13 -50.72 -0.72 -29.04
N SER I 14 -50.57 -1.28 -30.24
CA SER I 14 -51.65 -1.37 -31.21
C SER I 14 -52.00 -2.83 -31.47
N VAL I 15 -53.11 -3.01 -32.20
CA VAL I 15 -53.58 -4.36 -32.52
C VAL I 15 -52.56 -5.05 -33.41
N GLY I 16 -52.24 -6.31 -33.09
CA GLY I 16 -51.27 -7.07 -33.82
C GLY I 16 -49.85 -6.98 -33.30
N ASP I 17 -49.56 -6.05 -32.40
CA ASP I 17 -48.22 -5.94 -31.84
C ASP I 17 -47.90 -7.14 -30.95
N ARG I 18 -46.61 -7.32 -30.69
CA ARG I 18 -46.14 -8.35 -29.77
C ARG I 18 -45.83 -7.68 -28.43
N VAL I 19 -46.63 -8.00 -27.41
CA VAL I 19 -46.50 -7.39 -26.09
C VAL I 19 -45.91 -8.42 -25.15
N THR I 20 -44.96 -7.98 -24.33
CA THR I 20 -44.34 -8.81 -23.30
C THR I 20 -44.33 -8.05 -21.99
N ILE I 21 -44.85 -8.69 -20.94
CA ILE I 21 -44.91 -8.12 -19.60
C ILE I 21 -43.97 -8.91 -18.69
N THR I 22 -43.28 -8.19 -17.81
CA THR I 22 -42.29 -8.78 -16.92
C THR I 22 -42.79 -8.74 -15.49
N CYS I 23 -42.49 -9.80 -14.74
CA CYS I 23 -42.87 -9.93 -13.34
C CYS I 23 -41.68 -10.48 -12.57
N ARG I 24 -41.24 -9.76 -11.55
CA ARG I 24 -40.11 -10.17 -10.75
C ARG I 24 -40.55 -10.48 -9.32
N ALA I 25 -39.87 -11.45 -8.71
CA ALA I 25 -40.16 -11.88 -7.35
C ALA I 25 -38.99 -11.53 -6.44
N SER I 26 -39.31 -11.19 -5.19
CA SER I 26 -38.28 -10.88 -4.22
C SER I 26 -37.44 -12.09 -3.84
N GLN I 27 -37.96 -13.30 -4.06
CA GLN I 27 -37.21 -14.52 -3.83
C GLN I 27 -37.73 -15.59 -4.78
N SER I 28 -37.01 -16.71 -4.82
CA SER I 28 -37.36 -17.80 -5.74
C SER I 28 -38.72 -18.38 -5.40
N ILE I 29 -39.60 -18.42 -6.38
CA ILE I 29 -40.93 -19.00 -6.25
C ILE I 29 -41.09 -20.23 -7.14
N SER I 30 -39.97 -20.80 -7.59
CA SER I 30 -39.95 -21.99 -8.46
C SER I 30 -40.75 -21.66 -9.71
N SER I 31 -41.79 -22.42 -10.06
CA SER I 31 -42.60 -22.15 -11.24
C SER I 31 -44.03 -21.78 -10.89
N TYR I 32 -44.29 -21.43 -9.62
CA TYR I 32 -45.66 -21.13 -9.17
C TYR I 32 -45.93 -19.64 -9.35
N LEU I 33 -46.13 -19.26 -10.61
CA LEU I 33 -46.45 -17.89 -10.97
C LEU I 33 -47.65 -17.92 -11.92
N ASN I 34 -48.69 -17.16 -11.59
CA ASN I 34 -49.93 -17.17 -12.34
C ASN I 34 -50.22 -15.78 -12.88
N TRP I 35 -50.79 -15.72 -14.08
CA TRP I 35 -51.11 -14.47 -14.74
C TRP I 35 -52.63 -14.32 -14.81
N TYR I 36 -53.10 -13.08 -14.63
CA TYR I 36 -54.52 -12.79 -14.62
C TYR I 36 -54.79 -11.54 -15.46
N GLN I 37 -55.98 -11.49 -16.04
CA GLN I 37 -56.43 -10.33 -16.80
C GLN I 37 -57.70 -9.77 -16.16
N GLN I 38 -57.75 -8.44 -16.02
CA GLN I 38 -58.91 -7.77 -15.44
C GLN I 38 -59.29 -6.58 -16.30
N LYS I 39 -60.55 -6.55 -16.72
CA LYS I 39 -61.13 -5.39 -17.37
C LYS I 39 -61.61 -4.40 -16.31
N PRO I 40 -61.68 -3.11 -16.65
CA PRO I 40 -62.26 -2.13 -15.71
C PRO I 40 -63.71 -2.47 -15.40
N GLY I 41 -64.00 -2.63 -14.11
CA GLY I 41 -65.33 -2.95 -13.67
C GLY I 41 -65.66 -4.43 -13.67
N LYS I 42 -64.86 -5.26 -14.34
CA LYS I 42 -65.08 -6.69 -14.43
C LYS I 42 -64.15 -7.45 -13.49
N ALA I 43 -64.45 -8.74 -13.33
CA ALA I 43 -63.66 -9.62 -12.47
C ALA I 43 -62.39 -10.07 -13.19
N PRO I 44 -61.33 -10.37 -12.44
CA PRO I 44 -60.14 -10.93 -13.06
C PRO I 44 -60.44 -12.29 -13.69
N LYS I 45 -59.65 -12.65 -14.70
CA LYS I 45 -59.80 -13.93 -15.38
C LYS I 45 -58.43 -14.58 -15.52
N LEU I 46 -58.37 -15.87 -15.23
CA LEU I 46 -57.10 -16.59 -15.24
C LEU I 46 -56.62 -16.84 -16.67
N LEU I 47 -55.37 -16.48 -16.94
CA LEU I 47 -54.74 -16.73 -18.23
C LEU I 47 -53.73 -17.87 -18.16
N ILE I 48 -52.65 -17.68 -17.41
CA ILE I 48 -51.57 -18.66 -17.31
C ILE I 48 -51.42 -19.06 -15.85
N TYR I 49 -51.27 -20.37 -15.62
CA TYR I 49 -50.98 -20.90 -14.30
C TYR I 49 -49.74 -21.77 -14.38
N ALA I 50 -49.03 -21.89 -13.25
CA ALA I 50 -47.76 -22.62 -13.20
C ALA I 50 -46.78 -22.10 -14.25
N ALA I 51 -46.73 -20.78 -14.38
CA ALA I 51 -45.81 -20.03 -15.24
C ALA I 51 -46.07 -20.22 -16.74
N SER I 52 -46.34 -21.45 -17.18
CA SER I 52 -46.43 -21.74 -18.62
C SER I 52 -47.71 -22.45 -19.05
N SER I 53 -48.48 -23.03 -18.13
CA SER I 53 -49.65 -23.80 -18.51
C SER I 53 -50.80 -22.88 -18.91
N LEU I 54 -51.31 -23.09 -20.12
CA LEU I 54 -52.39 -22.26 -20.64
C LEU I 54 -53.75 -22.77 -20.13
N GLN I 55 -54.51 -21.89 -19.50
CA GLN I 55 -55.82 -22.24 -18.99
C GLN I 55 -56.78 -22.53 -20.14
N SER I 56 -57.67 -23.50 -19.93
CA SER I 56 -58.59 -23.91 -20.98
C SER I 56 -59.52 -22.77 -21.37
N GLY I 57 -59.70 -22.58 -22.68
CA GLY I 57 -60.51 -21.51 -23.22
C GLY I 57 -59.76 -20.23 -23.52
N VAL I 58 -58.56 -20.06 -22.99
CA VAL I 58 -57.78 -18.85 -23.24
C VAL I 58 -57.14 -18.96 -24.62
N PRO I 59 -57.21 -17.92 -25.45
CA PRO I 59 -56.60 -18.00 -26.78
C PRO I 59 -55.11 -18.31 -26.71
N SER I 60 -54.63 -19.03 -27.72
CA SER I 60 -53.24 -19.47 -27.75
C SER I 60 -52.27 -18.33 -27.95
N ARG I 61 -52.74 -17.13 -28.29
CA ARG I 61 -51.84 -15.99 -28.43
C ARG I 61 -51.21 -15.61 -27.09
N PHE I 62 -51.82 -16.03 -25.98
CA PHE I 62 -51.25 -15.82 -24.66
C PHE I 62 -50.30 -16.95 -24.33
N SER I 63 -49.14 -16.60 -23.77
CA SER I 63 -48.14 -17.59 -23.40
C SER I 63 -47.30 -17.00 -22.27
N GLY I 64 -46.84 -17.87 -21.39
CA GLY I 64 -46.03 -17.46 -20.27
C GLY I 64 -44.77 -18.29 -20.17
N SER I 65 -43.73 -17.67 -19.62
CA SER I 65 -42.43 -18.31 -19.49
C SER I 65 -41.72 -17.75 -18.27
N GLY I 66 -40.68 -18.44 -17.85
CA GLY I 66 -39.83 -17.99 -16.76
C GLY I 66 -39.78 -18.98 -15.61
N SER I 67 -38.82 -18.74 -14.73
CA SER I 67 -38.65 -19.54 -13.53
C SER I 67 -37.77 -18.78 -12.54
N GLY I 68 -37.76 -19.25 -11.30
CA GLY I 68 -36.97 -18.62 -10.27
C GLY I 68 -37.53 -17.29 -9.81
N THR I 69 -36.98 -16.19 -10.33
CA THR I 69 -37.39 -14.86 -9.92
C THR I 69 -37.86 -13.96 -11.05
N ASP I 70 -37.63 -14.33 -12.31
CA ASP I 70 -38.02 -13.51 -13.45
C ASP I 70 -39.02 -14.29 -14.30
N PHE I 71 -40.14 -13.65 -14.62
CA PHE I 71 -41.20 -14.28 -15.38
C PHE I 71 -41.69 -13.31 -16.45
N THR I 72 -42.28 -13.87 -17.51
CA THR I 72 -42.69 -13.08 -18.66
C THR I 72 -44.01 -13.60 -19.21
N LEU I 73 -44.93 -12.68 -19.45
CA LEU I 73 -46.17 -12.95 -20.16
C LEU I 73 -46.06 -12.33 -21.55
N THR I 74 -46.48 -13.07 -22.58
CA THR I 74 -46.29 -12.66 -23.95
C THR I 74 -47.59 -12.82 -24.73
N ILE I 75 -48.04 -11.73 -25.35
CA ILE I 75 -49.15 -11.75 -26.29
C ILE I 75 -48.54 -11.63 -27.68
N SER I 76 -48.61 -12.70 -28.46
CA SER I 76 -47.97 -12.70 -29.77
C SER I 76 -48.62 -11.68 -30.69
N SER I 77 -49.93 -11.78 -30.89
CA SER I 77 -50.69 -10.85 -31.71
C SER I 77 -51.77 -10.20 -30.85
N LEU I 78 -51.54 -8.95 -30.46
CA LEU I 78 -52.49 -8.23 -29.62
C LEU I 78 -53.79 -8.01 -30.37
N GLN I 79 -54.91 -8.27 -29.72
CA GLN I 79 -56.23 -8.10 -30.29
C GLN I 79 -57.01 -7.01 -29.55
N PRO I 80 -58.02 -6.43 -30.18
CA PRO I 80 -58.73 -5.30 -29.55
C PRO I 80 -59.32 -5.62 -28.18
N GLU I 81 -59.72 -6.86 -27.94
CA GLU I 81 -60.27 -7.25 -26.65
C GLU I 81 -59.20 -7.58 -25.61
N ASP I 82 -57.92 -7.48 -25.95
CA ASP I 82 -56.84 -7.80 -25.01
C ASP I 82 -56.36 -6.58 -24.23
N PHE I 83 -56.85 -5.38 -24.53
CA PHE I 83 -56.47 -4.19 -23.78
C PHE I 83 -57.12 -4.23 -22.41
N ALA I 84 -56.31 -4.44 -21.38
CA ALA I 84 -56.77 -4.52 -19.99
C ALA I 84 -55.56 -4.41 -19.08
N THR I 85 -55.76 -4.71 -17.80
CA THR I 85 -54.67 -4.79 -16.85
C THR I 85 -54.33 -6.25 -16.61
N TYR I 86 -53.04 -6.54 -16.53
CA TYR I 86 -52.55 -7.90 -16.37
C TYR I 86 -51.77 -7.97 -15.07
N TYR I 87 -52.11 -8.94 -14.23
CA TYR I 87 -51.45 -9.13 -12.95
C TYR I 87 -50.71 -10.45 -12.94
N CYS I 88 -49.61 -10.49 -12.21
CA CYS I 88 -48.95 -11.73 -11.88
C CYS I 88 -49.11 -11.97 -10.39
N GLN I 89 -49.20 -13.24 -10.03
CA GLN I 89 -49.41 -13.62 -8.64
C GLN I 89 -48.60 -14.88 -8.37
N GLN I 90 -47.92 -14.90 -7.24
CA GLN I 90 -47.12 -16.05 -6.86
C GLN I 90 -47.92 -16.96 -5.96
N SER I 91 -47.70 -18.27 -6.13
CA SER I 91 -48.35 -19.29 -5.32
C SER I 91 -47.36 -20.17 -4.59
N TYR I 92 -46.08 -19.80 -4.58
CA TYR I 92 -45.10 -20.53 -3.78
C TYR I 92 -45.45 -20.49 -2.29
N SER I 93 -45.71 -19.29 -1.75
CA SER I 93 -46.19 -19.16 -0.39
C SER I 93 -47.70 -19.28 -0.44
N THR I 94 -48.20 -20.51 -0.27
CA THR I 94 -49.61 -20.79 -0.52
C THR I 94 -50.52 -20.11 0.49
N LEU I 95 -50.06 -19.89 1.72
CA LEU I 95 -50.85 -19.22 2.74
C LEU I 95 -50.55 -17.73 2.85
N ALA I 96 -49.82 -17.18 1.89
CA ALA I 96 -49.53 -15.75 1.81
C ALA I 96 -49.49 -15.36 0.35
N LEU I 97 -50.60 -15.56 -0.35
CA LEU I 97 -50.66 -15.30 -1.79
C LEU I 97 -50.60 -13.80 -2.06
N THR I 98 -49.69 -13.39 -2.94
CA THR I 98 -49.46 -12.00 -3.26
C THR I 98 -49.51 -11.78 -4.77
N PHE I 99 -50.00 -10.61 -5.17
CA PHE I 99 -50.12 -10.21 -6.56
C PHE I 99 -49.06 -9.17 -6.91
N GLY I 100 -48.77 -9.09 -8.20
CA GLY I 100 -47.97 -8.00 -8.71
C GLY I 100 -48.76 -6.71 -8.77
N GLY I 101 -48.05 -5.60 -9.00
CA GLY I 101 -48.68 -4.30 -9.11
C GLY I 101 -49.60 -4.16 -10.30
N GLY I 102 -49.37 -4.93 -11.35
CA GLY I 102 -50.20 -4.88 -12.54
C GLY I 102 -49.56 -4.09 -13.66
N THR I 103 -49.84 -4.49 -14.89
CA THR I 103 -49.36 -3.80 -16.08
C THR I 103 -50.58 -3.53 -16.96
N LYS I 104 -50.91 -2.25 -17.12
CA LYS I 104 -52.07 -1.85 -17.91
C LYS I 104 -51.64 -1.66 -19.36
N VAL I 105 -52.24 -2.45 -20.26
CA VAL I 105 -51.97 -2.36 -21.69
C VAL I 105 -52.98 -1.40 -22.31
N GLU I 106 -52.49 -0.34 -22.95
CA GLU I 106 -53.31 0.73 -23.50
C GLU I 106 -53.10 0.86 -25.00
N ILE I 107 -53.82 1.80 -25.60
CA ILE I 107 -53.86 2.00 -27.04
C ILE I 107 -52.94 3.18 -27.40
N LYS I 108 -51.97 2.93 -28.26
CA LYS I 108 -51.00 3.93 -28.70
C LYS I 108 -51.55 4.88 -29.76
N ARG I 109 -51.67 6.17 -29.43
CA ARG I 109 -52.01 7.18 -30.42
C ARG I 109 -50.92 8.25 -30.47
N THR I 110 -51.09 9.19 -31.40
CA THR I 110 -50.19 10.34 -31.55
C THR I 110 -50.34 11.32 -30.39
N VAL I 111 -49.31 12.17 -30.23
CA VAL I 111 -49.33 13.19 -29.18
C VAL I 111 -50.43 14.21 -29.48
N ALA I 112 -51.23 14.53 -28.46
CA ALA I 112 -52.35 15.45 -28.59
C ALA I 112 -52.21 16.57 -27.56
N ALA I 113 -52.33 17.82 -28.02
CA ALA I 113 -52.23 18.95 -27.10
C ALA I 113 -53.55 19.17 -26.38
N PRO I 114 -53.51 19.52 -25.10
CA PRO I 114 -54.76 19.75 -24.36
C PRO I 114 -55.33 21.13 -24.58
N SER I 115 -56.65 21.20 -24.54
CA SER I 115 -57.38 22.46 -24.52
C SER I 115 -57.72 22.78 -23.07
N VAL I 116 -57.17 23.86 -22.56
CA VAL I 116 -57.28 24.21 -21.14
C VAL I 116 -58.38 25.25 -20.99
N PHE I 117 -59.35 24.96 -20.13
CA PHE I 117 -60.44 25.89 -19.80
C PHE I 117 -60.52 26.02 -18.29
N ILE I 118 -60.83 27.24 -17.81
CA ILE I 118 -60.94 27.50 -16.38
C ILE I 118 -62.35 27.97 -16.10
N PHE I 119 -62.89 27.58 -14.95
CA PHE I 119 -64.25 27.94 -14.57
C PHE I 119 -64.20 28.53 -13.16
N PRO I 120 -64.68 29.74 -12.95
CA PRO I 120 -64.75 30.29 -11.59
C PRO I 120 -65.83 29.61 -10.79
N PRO I 121 -65.79 29.71 -9.46
CA PRO I 121 -66.90 29.16 -8.66
C PRO I 121 -68.17 29.98 -8.87
N SER I 122 -69.29 29.27 -8.96
CA SER I 122 -70.57 29.91 -9.22
C SER I 122 -71.00 30.76 -8.02
N ASP I 123 -71.89 31.73 -8.31
CA ASP I 123 -72.46 32.55 -7.26
C ASP I 123 -73.30 31.73 -6.29
N GLU I 124 -73.85 30.60 -6.75
CA GLU I 124 -74.67 29.76 -5.90
C GLU I 124 -73.84 29.05 -4.83
N GLN I 125 -72.56 28.79 -5.11
CA GLN I 125 -71.70 28.07 -4.17
C GLN I 125 -71.01 28.98 -3.15
N LEU I 126 -70.61 30.19 -3.53
CA LEU I 126 -69.87 31.06 -2.62
C LEU I 126 -70.65 31.43 -1.36
N LYS I 127 -71.98 31.34 -1.38
CA LYS I 127 -72.75 31.61 -0.18
C LYS I 127 -72.72 30.48 0.83
N SER I 128 -72.23 29.30 0.46
CA SER I 128 -72.12 28.20 1.40
C SER I 128 -70.84 28.26 2.22
N GLY I 129 -69.84 29.01 1.76
CA GLY I 129 -68.59 29.15 2.49
C GLY I 129 -67.40 28.51 1.82
N THR I 130 -67.59 27.72 0.77
CA THR I 130 -66.49 27.04 0.09
C THR I 130 -66.28 27.65 -1.29
N ALA I 131 -65.01 27.76 -1.68
CA ALA I 131 -64.64 28.27 -3.00
C ALA I 131 -63.74 27.24 -3.66
N SER I 132 -64.13 26.81 -4.86
CA SER I 132 -63.39 25.82 -5.62
C SER I 132 -63.03 26.38 -6.98
N VAL I 133 -61.73 26.49 -7.25
CA VAL I 133 -61.23 26.95 -8.55
C VAL I 133 -60.89 25.71 -9.36
N VAL I 134 -61.46 25.61 -10.57
CA VAL I 134 -61.35 24.42 -11.40
C VAL I 134 -60.54 24.74 -12.66
N CYS I 135 -59.62 23.84 -13.01
CA CYS I 135 -58.86 23.92 -14.24
C CYS I 135 -59.03 22.62 -15.03
N LEU I 136 -59.21 22.74 -16.33
CA LEU I 136 -59.52 21.61 -17.21
C LEU I 136 -58.43 21.42 -18.25
N LEU I 137 -58.02 20.16 -18.46
CA LEU I 137 -57.13 19.78 -19.57
C LEU I 137 -57.92 18.80 -20.44
N ASN I 138 -58.23 19.23 -21.66
CA ASN I 138 -59.18 18.55 -22.52
C ASN I 138 -58.49 17.86 -23.68
N ASN I 139 -58.74 16.55 -23.83
CA ASN I 139 -58.33 15.76 -24.99
C ASN I 139 -56.83 15.86 -25.28
N PHE I 140 -56.03 15.09 -24.55
CA PHE I 140 -54.59 15.11 -24.72
C PHE I 140 -54.05 13.68 -24.63
N TYR I 141 -52.81 13.52 -25.10
CA TYR I 141 -52.09 12.25 -25.01
C TYR I 141 -50.60 12.56 -25.04
N PRO I 142 -49.78 11.89 -24.22
CA PRO I 142 -50.11 10.81 -23.27
C PRO I 142 -50.71 11.30 -21.96
N ARG I 143 -50.86 10.39 -20.99
CA ARG I 143 -51.50 10.73 -19.73
C ARG I 143 -50.65 11.66 -18.87
N GLU I 144 -49.32 11.55 -18.97
CA GLU I 144 -48.43 12.33 -18.11
C GLU I 144 -48.60 13.83 -18.34
N ALA I 145 -49.14 14.52 -17.34
CA ALA I 145 -49.34 15.97 -17.42
C ALA I 145 -49.28 16.56 -16.03
N LYS I 146 -48.71 17.74 -15.92
CA LYS I 146 -48.54 18.42 -14.63
C LYS I 146 -49.38 19.68 -14.63
N VAL I 147 -50.27 19.79 -13.65
CA VAL I 147 -51.10 20.98 -13.47
C VAL I 147 -50.63 21.68 -12.20
N GLN I 148 -50.14 22.91 -12.35
CA GLN I 148 -49.56 23.66 -11.25
C GLN I 148 -50.43 24.88 -10.97
N TRP I 149 -50.92 24.99 -9.74
CA TRP I 149 -51.74 26.13 -9.34
C TRP I 149 -50.86 27.25 -8.82
N LYS I 150 -51.05 28.44 -9.38
CA LYS I 150 -50.34 29.64 -8.95
C LYS I 150 -51.36 30.71 -8.58
N VAL I 151 -51.35 31.12 -7.32
CA VAL I 151 -52.20 32.19 -6.82
C VAL I 151 -51.28 33.29 -6.33
N ASP I 152 -51.29 34.43 -7.02
CA ASP I 152 -50.34 35.52 -6.78
C ASP I 152 -48.90 35.04 -6.92
N ASN I 153 -48.66 34.27 -7.99
CA ASN I 153 -47.34 33.73 -8.33
C ASN I 153 -46.79 32.81 -7.24
N ALA I 154 -47.65 32.38 -6.32
CA ALA I 154 -47.27 31.47 -5.24
C ALA I 154 -47.84 30.09 -5.55
N LEU I 155 -46.97 29.09 -5.59
CA LEU I 155 -47.39 27.72 -5.90
C LEU I 155 -48.33 27.21 -4.80
N GLN I 156 -49.49 26.71 -5.20
CA GLN I 156 -50.50 26.26 -4.25
C GLN I 156 -50.28 24.77 -4.03
N SER I 157 -49.42 24.44 -3.08
CA SER I 157 -49.13 23.05 -2.76
C SER I 157 -50.07 22.56 -1.67
N GLY I 158 -50.56 21.33 -1.82
CA GLY I 158 -51.39 20.76 -0.79
C GLY I 158 -52.80 21.32 -0.72
N ASN I 159 -53.32 21.87 -1.81
CA ASN I 159 -54.63 22.49 -1.74
C ASN I 159 -55.54 22.18 -2.94
N SER I 160 -55.22 21.20 -3.77
CA SER I 160 -56.01 20.88 -4.94
C SER I 160 -56.09 19.36 -5.11
N GLN I 161 -57.03 18.93 -5.96
CA GLN I 161 -57.20 17.52 -6.27
C GLN I 161 -57.33 17.34 -7.77
N GLU I 162 -56.72 16.28 -8.29
CA GLU I 162 -56.74 15.97 -9.71
C GLU I 162 -57.58 14.73 -9.96
N SER I 163 -58.06 14.63 -11.20
CA SER I 163 -58.84 13.49 -11.63
C SER I 163 -58.72 13.35 -13.14
N VAL I 164 -58.47 12.13 -13.62
CA VAL I 164 -58.25 11.87 -15.03
C VAL I 164 -59.26 10.83 -15.50
N THR I 165 -59.84 11.06 -16.67
CA THR I 165 -60.74 10.09 -17.28
C THR I 165 -59.95 8.97 -17.94
N GLU I 166 -60.67 7.92 -18.34
CA GLU I 166 -60.07 6.85 -19.13
C GLU I 166 -59.91 7.30 -20.58
N GLN I 167 -59.24 6.46 -21.36
CA GLN I 167 -59.02 6.78 -22.77
C GLN I 167 -60.35 6.82 -23.53
N ASP I 168 -60.60 7.92 -24.22
CA ASP I 168 -61.86 8.11 -24.91
C ASP I 168 -62.03 7.09 -26.02
N SER I 169 -63.27 6.62 -26.21
CA SER I 169 -63.52 5.61 -27.22
C SER I 169 -63.37 6.13 -28.64
N LYS I 170 -63.31 7.44 -28.83
CA LYS I 170 -63.22 8.03 -30.17
C LYS I 170 -61.76 8.30 -30.53
N ASP I 171 -61.16 9.30 -29.89
CA ASP I 171 -59.80 9.71 -30.20
C ASP I 171 -58.77 9.13 -29.24
N SER I 172 -59.17 8.31 -28.27
CA SER I 172 -58.26 7.63 -27.35
C SER I 172 -57.43 8.61 -26.53
N THR I 173 -58.02 9.75 -26.19
CA THR I 173 -57.33 10.80 -25.45
C THR I 173 -57.82 10.83 -24.00
N TYR I 174 -57.06 11.53 -23.16
CA TYR I 174 -57.38 11.70 -21.76
C TYR I 174 -57.96 13.09 -21.51
N SER I 175 -58.39 13.32 -20.27
CA SER I 175 -58.84 14.62 -19.83
C SER I 175 -58.58 14.73 -18.33
N LEU I 176 -58.13 15.91 -17.90
CA LEU I 176 -57.73 16.11 -16.50
C LEU I 176 -58.46 17.31 -15.92
N SER I 177 -58.87 17.20 -14.66
CA SER I 177 -59.53 18.27 -13.93
C SER I 177 -58.87 18.44 -12.58
N SER I 178 -58.38 19.65 -12.31
CA SER I 178 -57.78 19.99 -11.02
C SER I 178 -58.70 20.96 -10.29
N THR I 179 -59.06 20.62 -9.06
CA THR I 179 -60.01 21.40 -8.26
C THR I 179 -59.28 21.95 -7.05
N LEU I 180 -58.97 23.25 -7.08
CA LEU I 180 -58.34 23.92 -5.95
C LEU I 180 -59.44 24.33 -4.97
N THR I 181 -59.42 23.75 -3.77
CA THR I 181 -60.45 24.00 -2.78
C THR I 181 -59.88 24.84 -1.66
N LEU I 182 -60.49 26.00 -1.42
CA LEU I 182 -60.13 26.88 -0.33
C LEU I 182 -61.39 27.51 0.24
N SER I 183 -61.28 27.99 1.48
CA SER I 183 -62.40 28.70 2.09
C SER I 183 -62.54 30.10 1.48
N LYS I 184 -63.72 30.69 1.69
CA LYS I 184 -63.97 32.04 1.20
C LYS I 184 -63.01 33.04 1.82
N ALA I 185 -62.63 32.84 3.08
CA ALA I 185 -61.64 33.72 3.70
C ALA I 185 -60.32 33.69 2.95
N ASP I 186 -59.93 32.51 2.46
CA ASP I 186 -58.72 32.39 1.65
C ASP I 186 -58.93 32.94 0.24
N TYR I 187 -60.17 33.12 -0.19
CA TYR I 187 -60.46 33.53 -1.56
C TYR I 187 -60.24 35.03 -1.77
N GLU I 188 -60.80 35.88 -0.91
CA GLU I 188 -60.60 37.32 -1.05
C GLU I 188 -59.26 37.81 -0.54
N LYS I 189 -58.45 36.92 0.05
CA LYS I 189 -57.11 37.30 0.49
C LYS I 189 -56.20 37.60 -0.70
N HIS I 190 -56.48 37.00 -1.86
CA HIS I 190 -55.64 37.11 -3.04
C HIS I 190 -56.45 37.63 -4.23
N LYS I 191 -55.74 37.89 -5.33
CA LYS I 191 -56.32 38.44 -6.54
C LYS I 191 -56.11 37.56 -7.76
N VAL I 192 -54.88 37.12 -8.01
CA VAL I 192 -54.53 36.42 -9.24
C VAL I 192 -54.79 34.93 -9.08
N TYR I 193 -55.54 34.36 -10.02
CA TYR I 193 -55.81 32.93 -10.05
C TYR I 193 -55.48 32.42 -11.45
N ALA I 194 -54.47 31.56 -11.56
CA ALA I 194 -53.97 31.08 -12.84
C ALA I 194 -53.88 29.56 -12.80
N CYS I 195 -53.71 28.96 -13.98
CA CYS I 195 -53.52 27.51 -14.07
C CYS I 195 -52.42 27.19 -15.08
N GLU I 196 -51.29 26.66 -14.59
CA GLU I 196 -50.17 26.30 -15.43
C GLU I 196 -50.24 24.83 -15.83
N VAL I 197 -50.06 24.57 -17.11
CA VAL I 197 -50.17 23.23 -17.69
C VAL I 197 -48.84 22.87 -18.36
N THR I 198 -48.27 21.73 -17.97
CA THR I 198 -47.08 21.20 -18.61
C THR I 198 -47.42 19.84 -19.22
N HIS I 199 -47.16 19.69 -20.52
CA HIS I 199 -47.51 18.48 -21.25
C HIS I 199 -46.52 18.25 -22.38
N GLN I 200 -46.46 17.00 -22.84
CA GLN I 200 -45.55 16.65 -23.93
C GLN I 200 -45.93 17.37 -25.23
N GLY I 201 -47.22 17.56 -25.45
CA GLY I 201 -47.76 18.20 -26.62
C GLY I 201 -47.79 19.72 -26.60
N LEU I 202 -47.00 20.36 -25.73
CA LEU I 202 -47.05 21.81 -25.63
C LEU I 202 -45.82 22.49 -26.20
N SER I 203 -46.05 23.60 -26.89
CA SER I 203 -45.04 24.57 -27.24
C SER I 203 -44.98 25.62 -26.15
N SER I 204 -46.11 25.85 -25.49
CA SER I 204 -46.31 26.73 -24.34
C SER I 204 -47.57 26.34 -23.59
N PRO I 205 -47.61 26.51 -22.26
CA PRO I 205 -48.85 26.25 -21.51
C PRO I 205 -49.98 27.16 -21.99
N VAL I 206 -51.16 26.57 -22.19
CA VAL I 206 -52.34 27.30 -22.66
C VAL I 206 -53.26 27.59 -21.48
N THR I 207 -53.78 28.82 -21.42
CA THR I 207 -54.68 29.26 -20.35
C THR I 207 -55.88 29.97 -20.98
N LYS I 208 -57.08 29.45 -20.75
CA LYS I 208 -58.31 30.13 -21.12
C LYS I 208 -59.01 30.60 -19.84
N SER I 209 -59.57 31.82 -19.89
CA SER I 209 -60.12 32.45 -18.70
C SER I 209 -61.38 33.22 -19.07
N PHE I 210 -61.96 33.86 -18.05
CA PHE I 210 -63.15 34.68 -18.20
C PHE I 210 -63.28 35.57 -16.97
N ASN I 211 -64.04 36.64 -17.11
CA ASN I 211 -64.24 37.61 -16.03
C ASN I 211 -65.68 37.58 -15.58
N ARG I 212 -65.89 37.50 -14.26
CA ARG I 212 -67.23 37.43 -13.68
C ARG I 212 -68.11 38.59 -14.12
N ASN J 8 -50.84 -48.02 11.43
CA ASN J 8 -51.13 -47.19 12.59
C ASN J 8 -50.83 -45.72 12.26
N LEU J 9 -51.08 -44.82 13.21
CA LEU J 9 -50.98 -43.39 12.97
C LEU J 9 -49.55 -42.88 13.10
N CYS J 10 -49.29 -41.72 12.48
CA CYS J 10 -47.99 -41.05 12.54
C CYS J 10 -47.88 -40.22 13.82
N PRO J 11 -46.72 -40.25 14.49
CA PRO J 11 -46.60 -39.60 15.83
C PRO J 11 -46.23 -38.11 15.75
N PHE J 12 -47.20 -37.28 15.36
CA PHE J 12 -46.98 -35.85 15.38
C PHE J 12 -47.08 -35.28 16.79
N GLY J 13 -47.83 -35.94 17.67
CA GLY J 13 -47.96 -35.45 19.03
C GLY J 13 -46.63 -35.43 19.77
N GLU J 14 -45.77 -36.43 19.53
CA GLU J 14 -44.48 -36.47 20.19
C GLU J 14 -43.61 -35.27 19.84
N VAL J 15 -43.92 -34.58 18.74
CA VAL J 15 -43.18 -33.39 18.33
C VAL J 15 -43.87 -32.15 18.87
N PHE J 16 -45.15 -31.98 18.50
CA PHE J 16 -45.87 -30.78 18.92
C PHE J 16 -46.11 -30.75 20.42
N ASN J 17 -46.45 -31.88 21.02
CA ASN J 17 -46.76 -31.94 22.45
C ASN J 17 -45.53 -32.24 23.30
N ALA J 18 -44.35 -32.31 22.69
CA ALA J 18 -43.13 -32.61 23.45
C ALA J 18 -42.92 -31.57 24.53
N THR J 19 -42.59 -32.05 25.74
CA THR J 19 -42.48 -31.16 26.88
C THR J 19 -41.29 -30.19 26.74
N ARG J 20 -40.15 -30.67 26.24
CA ARG J 20 -38.97 -29.83 26.08
C ARG J 20 -38.55 -29.81 24.62
N PHE J 21 -38.16 -28.63 24.14
CA PHE J 21 -37.68 -28.43 22.78
C PHE J 21 -36.19 -28.13 22.77
N ALA J 22 -35.58 -28.32 21.61
CA ALA J 22 -34.14 -28.11 21.45
C ALA J 22 -33.83 -26.67 21.09
N SER J 23 -32.60 -26.27 21.36
CA SER J 23 -32.13 -24.96 20.93
C SER J 23 -31.95 -24.95 19.41
N VAL J 24 -32.03 -23.74 18.83
CA VAL J 24 -32.17 -23.63 17.39
C VAL J 24 -30.90 -24.09 16.68
N TYR J 25 -29.73 -23.86 17.26
CA TYR J 25 -28.50 -24.34 16.63
C TYR J 25 -28.41 -25.86 16.62
N ALA J 26 -29.06 -26.51 17.58
CA ALA J 26 -29.07 -27.97 17.67
C ALA J 26 -30.49 -28.51 17.48
N TRP J 27 -31.12 -28.15 16.37
CA TRP J 27 -32.51 -28.47 16.14
C TRP J 27 -32.75 -29.98 16.05
N ASN J 28 -33.87 -30.42 16.63
CA ASN J 28 -34.27 -31.82 16.56
C ASN J 28 -34.98 -32.11 15.26
N ARG J 29 -34.73 -33.29 14.69
CA ARG J 29 -35.41 -33.75 13.49
C ARG J 29 -36.01 -35.11 13.77
N LYS J 30 -37.31 -35.25 13.50
CA LYS J 30 -38.00 -36.51 13.63
C LYS J 30 -38.40 -37.01 12.24
N ARG J 31 -37.82 -38.13 11.83
CA ARG J 31 -38.15 -38.75 10.56
C ARG J 31 -39.43 -39.56 10.73
N ILE J 32 -40.43 -39.28 9.89
CA ILE J 32 -41.74 -39.92 9.97
C ILE J 32 -41.92 -40.78 8.73
N SER J 33 -42.19 -42.07 8.95
CA SER J 33 -42.29 -43.03 7.86
C SER J 33 -43.19 -44.17 8.28
N ASN J 34 -43.76 -44.84 7.26
CA ASN J 34 -44.55 -46.07 7.42
C ASN J 34 -45.72 -45.87 8.39
N CYS J 35 -46.61 -44.95 8.03
CA CYS J 35 -47.74 -44.64 8.89
C CYS J 35 -48.76 -43.82 8.12
N VAL J 36 -49.94 -43.69 8.72
CA VAL J 36 -51.03 -42.87 8.20
C VAL J 36 -51.12 -41.61 9.05
N ALA J 37 -51.30 -40.47 8.41
CA ALA J 37 -51.24 -39.18 9.08
C ALA J 37 -52.55 -38.42 8.91
N ASP J 38 -53.01 -37.80 9.99
CA ASP J 38 -54.26 -37.05 10.04
C ASP J 38 -53.90 -35.57 10.21
N TYR J 39 -54.16 -34.77 9.18
CA TYR J 39 -53.61 -33.43 9.11
C TYR J 39 -54.64 -32.33 9.38
N SER J 40 -55.80 -32.40 8.72
CA SER J 40 -56.76 -31.29 8.80
C SER J 40 -57.21 -31.09 10.24
N VAL J 41 -57.57 -32.17 10.92
CA VAL J 41 -57.97 -32.08 12.32
C VAL J 41 -56.79 -31.71 13.21
N LEU J 42 -55.58 -32.12 12.82
CA LEU J 42 -54.41 -31.81 13.63
C LEU J 42 -54.05 -30.33 13.55
N TYR J 43 -54.14 -29.72 12.37
CA TYR J 43 -53.65 -28.35 12.18
C TYR J 43 -54.66 -27.32 12.65
N ASN J 44 -55.90 -27.44 12.18
CA ASN J 44 -56.93 -26.47 12.53
C ASN J 44 -57.13 -26.43 14.04
N SER J 45 -56.51 -25.45 14.67
CA SER J 45 -56.59 -25.28 16.12
C SER J 45 -56.47 -23.79 16.43
N ALA J 46 -55.84 -23.04 15.51
CA ALA J 46 -55.63 -21.60 15.63
C ALA J 46 -54.85 -21.24 16.89
N SER J 47 -54.43 -22.25 17.65
CA SER J 47 -53.51 -22.04 18.77
C SER J 47 -52.10 -21.89 18.22
N PHE J 48 -52.03 -21.35 17.00
CA PHE J 48 -50.79 -21.20 16.25
C PHE J 48 -50.69 -19.75 15.82
N SER J 49 -49.66 -19.06 16.30
CA SER J 49 -49.48 -17.67 15.92
C SER J 49 -49.01 -17.54 14.48
N THR J 50 -48.26 -18.52 13.97
CA THR J 50 -47.70 -18.43 12.63
C THR J 50 -47.90 -19.76 11.91
N PHE J 51 -48.45 -19.69 10.69
CA PHE J 51 -48.80 -20.91 9.95
C PHE J 51 -48.78 -20.57 8.46
N LYS J 52 -47.64 -20.83 7.81
CA LYS J 52 -47.46 -20.55 6.40
C LYS J 52 -46.86 -21.78 5.73
N CYS J 53 -47.40 -22.14 4.56
CA CYS J 53 -46.97 -23.31 3.82
C CYS J 53 -46.38 -22.89 2.48
N TYR J 54 -45.43 -23.68 1.99
CA TYR J 54 -44.69 -23.38 0.75
C TYR J 54 -44.68 -24.62 -0.14
N GLY J 55 -45.15 -24.47 -1.38
CA GLY J 55 -45.14 -25.53 -2.35
C GLY J 55 -46.26 -26.54 -2.25
N VAL J 56 -47.16 -26.40 -1.28
CA VAL J 56 -48.26 -27.36 -1.11
C VAL J 56 -49.35 -26.69 -0.28
N SER J 57 -50.59 -27.13 -0.47
CA SER J 57 -51.74 -26.64 0.29
C SER J 57 -51.97 -27.52 1.51
N PRO J 58 -52.28 -26.92 2.66
CA PRO J 58 -52.46 -27.72 3.88
C PRO J 58 -53.66 -28.63 3.82
N THR J 59 -54.68 -28.28 3.03
CA THR J 59 -55.85 -29.12 2.84
C THR J 59 -55.60 -30.23 1.83
N LYS J 60 -54.60 -30.06 0.98
CA LYS J 60 -54.24 -31.05 -0.02
C LYS J 60 -53.42 -32.19 0.55
N LEU J 61 -52.86 -32.02 1.75
CA LEU J 61 -51.99 -33.04 2.33
C LEU J 61 -52.73 -34.34 2.61
N ASN J 62 -54.04 -34.25 2.90
CA ASN J 62 -54.84 -35.46 3.08
C ASN J 62 -55.01 -36.26 1.79
N ASP J 63 -54.47 -35.77 0.66
CA ASP J 63 -54.52 -36.49 -0.60
C ASP J 63 -53.18 -37.04 -1.05
N LEU J 64 -52.07 -36.45 -0.60
CA LEU J 64 -50.76 -36.76 -1.14
C LEU J 64 -50.01 -37.77 -0.27
N CYS J 65 -49.11 -38.50 -0.92
CA CYS J 65 -48.22 -39.44 -0.25
C CYS J 65 -46.78 -39.02 -0.50
N PHE J 66 -45.92 -39.25 0.49
CA PHE J 66 -44.53 -38.85 0.39
C PHE J 66 -43.64 -39.99 0.89
N THR J 67 -42.42 -40.03 0.38
CA THR J 67 -41.46 -41.04 0.83
C THR J 67 -41.18 -40.91 2.32
N ASN J 68 -40.86 -39.70 2.77
CA ASN J 68 -40.64 -39.44 4.18
C ASN J 68 -41.20 -38.06 4.51
N VAL J 69 -41.44 -37.83 5.80
CA VAL J 69 -41.87 -36.53 6.31
C VAL J 69 -40.99 -36.21 7.52
N TYR J 70 -40.40 -35.01 7.53
CA TYR J 70 -39.48 -34.60 8.57
C TYR J 70 -40.13 -33.51 9.43
N ALA J 71 -40.14 -33.72 10.73
CA ALA J 71 -40.71 -32.78 11.69
C ALA J 71 -39.57 -32.19 12.52
N ASP J 72 -39.05 -31.05 12.08
CA ASP J 72 -38.01 -30.34 12.80
C ASP J 72 -38.62 -29.42 13.84
N SER J 73 -38.02 -29.38 15.03
CA SER J 73 -38.56 -28.63 16.15
C SER J 73 -37.43 -27.93 16.89
N PHE J 74 -37.65 -26.66 17.23
CA PHE J 74 -36.69 -25.85 17.96
C PHE J 74 -37.41 -24.65 18.56
N VAL J 75 -36.64 -23.76 19.19
CA VAL J 75 -37.18 -22.57 19.85
C VAL J 75 -36.35 -21.36 19.42
N ILE J 76 -37.04 -20.29 19.03
CA ILE J 76 -36.41 -19.01 18.74
C ILE J 76 -37.22 -17.92 19.41
N ARG J 77 -36.88 -16.67 19.17
CA ARG J 77 -37.65 -15.54 19.69
C ARG J 77 -38.56 -14.97 18.61
N GLY J 78 -39.48 -14.11 19.05
CA GLY J 78 -40.56 -13.67 18.17
C GLY J 78 -40.06 -12.99 16.90
N ASP J 79 -39.13 -12.05 17.04
CA ASP J 79 -38.63 -11.32 15.88
C ASP J 79 -37.90 -12.22 14.89
N GLU J 80 -37.70 -13.48 15.21
CA GLU J 80 -36.98 -14.41 14.35
C GLU J 80 -37.87 -15.46 13.70
N VAL J 81 -39.16 -15.48 14.03
CA VAL J 81 -40.09 -16.38 13.36
C VAL J 81 -40.13 -16.09 11.87
N ARG J 82 -39.95 -14.82 11.49
CA ARG J 82 -39.94 -14.45 10.08
C ARG J 82 -38.75 -15.01 9.32
N GLN J 83 -37.74 -15.55 10.01
CA GLN J 83 -36.56 -16.07 9.36
C GLN J 83 -36.66 -17.53 8.98
N ILE J 84 -37.57 -18.28 9.61
CA ILE J 84 -37.73 -19.70 9.31
C ILE J 84 -38.59 -19.83 8.05
N ALA J 85 -37.99 -19.53 6.91
CA ALA J 85 -38.70 -19.51 5.64
C ALA J 85 -37.68 -19.59 4.52
N PRO J 86 -38.07 -20.06 3.34
CA PRO J 86 -37.13 -20.10 2.21
C PRO J 86 -36.66 -18.71 1.82
N GLY J 87 -35.40 -18.64 1.40
CA GLY J 87 -34.86 -17.40 0.87
C GLY J 87 -34.67 -16.30 1.90
N GLN J 88 -34.75 -16.63 3.18
CA GLN J 88 -34.58 -15.64 4.24
C GLN J 88 -33.13 -15.60 4.70
N THR J 89 -32.71 -14.42 5.15
CA THR J 89 -31.38 -14.23 5.70
C THR J 89 -31.49 -13.60 7.07
N GLY J 90 -30.38 -13.66 7.81
CA GLY J 90 -30.37 -13.20 9.18
C GLY J 90 -29.59 -14.15 10.07
N LYS J 91 -29.58 -13.88 11.38
CA LYS J 91 -28.78 -14.68 12.28
C LYS J 91 -29.27 -16.12 12.35
N ILE J 92 -30.58 -16.33 12.40
CA ILE J 92 -31.12 -17.67 12.52
C ILE J 92 -30.99 -18.42 11.20
N ALA J 93 -31.42 -17.77 10.10
CA ALA J 93 -31.45 -18.44 8.81
C ALA J 93 -30.06 -18.68 8.22
N ASP J 94 -29.06 -17.91 8.64
CA ASP J 94 -27.71 -18.11 8.13
C ASP J 94 -26.84 -18.99 9.01
N TYR J 95 -27.04 -18.96 10.33
CA TYR J 95 -26.12 -19.60 11.26
C TYR J 95 -26.77 -20.68 12.12
N ASN J 96 -28.08 -20.89 12.02
CA ASN J 96 -28.75 -21.86 12.89
C ASN J 96 -29.61 -22.84 12.11
N TYR J 97 -30.57 -22.35 11.34
CA TYR J 97 -31.47 -23.22 10.59
C TYR J 97 -31.85 -22.52 9.29
N LYS J 98 -31.57 -23.17 8.16
CA LYS J 98 -31.77 -22.60 6.84
C LYS J 98 -32.69 -23.50 6.04
N LEU J 99 -33.67 -22.91 5.39
CA LEU J 99 -34.50 -23.66 4.47
C LEU J 99 -34.03 -23.42 3.04
N PRO J 100 -34.12 -24.45 2.19
CA PRO J 100 -33.74 -24.27 0.79
C PRO J 100 -34.69 -23.30 0.09
N ASP J 101 -34.25 -22.76 -1.04
CA ASP J 101 -35.11 -21.84 -1.79
C ASP J 101 -36.30 -22.53 -2.44
N ASP J 102 -36.28 -23.87 -2.53
CA ASP J 102 -37.39 -24.65 -3.07
C ASP J 102 -38.05 -25.50 -1.99
N PHE J 103 -38.17 -24.96 -0.78
CA PHE J 103 -38.71 -25.72 0.34
C PHE J 103 -40.17 -26.10 0.08
N THR J 104 -40.48 -27.39 0.28
CA THR J 104 -41.84 -27.91 0.09
C THR J 104 -42.30 -28.44 1.46
N GLY J 105 -43.06 -27.61 2.16
CA GLY J 105 -43.52 -27.97 3.49
C GLY J 105 -44.20 -26.79 4.16
N CYS J 106 -44.34 -26.88 5.48
CA CYS J 106 -45.01 -25.86 6.25
C CYS J 106 -44.18 -25.47 7.46
N VAL J 107 -44.41 -24.24 7.94
CA VAL J 107 -43.75 -23.72 9.13
C VAL J 107 -44.85 -23.34 10.12
N ILE J 108 -44.83 -23.97 11.28
CA ILE J 108 -45.83 -23.74 12.32
C ILE J 108 -45.12 -23.19 13.55
N ALA J 109 -45.68 -22.13 14.13
CA ALA J 109 -45.10 -21.51 15.31
C ALA J 109 -46.21 -21.00 16.23
N TRP J 110 -45.98 -21.14 17.53
CA TRP J 110 -46.91 -20.66 18.54
C TRP J 110 -46.12 -20.09 19.71
N ASN J 111 -46.69 -19.07 20.35
CA ASN J 111 -46.05 -18.48 21.52
C ASN J 111 -45.99 -19.50 22.64
N SER J 112 -44.81 -19.64 23.25
CA SER J 112 -44.58 -20.59 24.33
C SER J 112 -44.02 -19.88 25.55
N ASN J 113 -44.56 -18.70 25.87
CA ASN J 113 -44.05 -17.91 26.98
C ASN J 113 -44.30 -18.60 28.31
N ASN J 114 -45.46 -19.25 28.46
CA ASN J 114 -45.75 -19.94 29.71
C ASN J 114 -44.86 -21.14 29.94
N LEU J 115 -44.25 -21.67 28.88
CA LEU J 115 -43.41 -22.86 28.96
C LEU J 115 -41.92 -22.55 29.02
N ASP J 116 -41.44 -21.59 28.24
CA ASP J 116 -40.00 -21.45 28.01
C ASP J 116 -39.40 -20.20 28.62
N SER J 117 -40.19 -19.37 29.31
CA SER J 117 -39.65 -18.21 29.99
C SER J 117 -39.73 -18.39 31.50
N LYS J 118 -38.73 -17.87 32.19
CA LYS J 118 -38.63 -17.95 33.63
C LYS J 118 -38.54 -16.55 34.22
N VAL J 119 -38.91 -16.42 35.49
CA VAL J 119 -38.90 -15.12 36.16
C VAL J 119 -37.49 -14.53 36.16
N GLY J 120 -36.51 -15.35 36.52
CA GLY J 120 -35.12 -14.94 36.45
C GLY J 120 -34.49 -15.02 35.08
N GLY J 121 -35.27 -15.40 34.07
CA GLY J 121 -34.73 -15.57 32.73
C GLY J 121 -34.27 -16.98 32.45
N ASN J 122 -34.61 -17.52 31.27
CA ASN J 122 -34.21 -18.86 30.87
C ASN J 122 -33.14 -18.74 29.79
N TYR J 123 -31.91 -19.09 30.15
CA TYR J 123 -30.78 -18.98 29.24
C TYR J 123 -30.40 -20.33 28.64
N ASN J 124 -31.21 -21.36 28.86
CA ASN J 124 -30.89 -22.68 28.32
C ASN J 124 -31.11 -22.77 26.83
N TYR J 125 -31.89 -21.86 26.25
CA TYR J 125 -32.08 -21.81 24.82
C TYR J 125 -31.01 -20.93 24.19
N ARG J 126 -30.17 -21.52 23.35
CA ARG J 126 -29.04 -20.83 22.76
C ARG J 126 -29.17 -20.80 21.25
N TYR J 127 -28.26 -20.05 20.61
CA TYR J 127 -28.23 -19.95 19.16
C TYR J 127 -26.81 -19.60 18.72
N ARG J 128 -26.47 -20.02 17.50
CA ARG J 128 -25.15 -19.73 16.93
C ARG J 128 -25.14 -18.31 16.41
N LEU J 129 -24.31 -17.46 17.01
CA LEU J 129 -24.24 -16.06 16.61
C LEU J 129 -23.17 -15.80 15.56
N PHE J 130 -22.01 -16.43 15.69
CA PHE J 130 -20.90 -16.26 14.76
C PHE J 130 -20.67 -17.56 14.00
N ARG J 131 -20.49 -17.44 12.69
CA ARG J 131 -20.08 -18.56 11.86
C ARG J 131 -19.44 -18.01 10.59
N LYS J 132 -18.34 -18.65 10.16
CA LYS J 132 -17.58 -18.13 9.03
C LYS J 132 -18.39 -18.18 7.74
N SER J 133 -19.09 -19.27 7.49
CA SER J 133 -19.88 -19.43 6.28
C SER J 133 -21.32 -19.73 6.66
N ASN J 134 -22.24 -19.35 5.78
CA ASN J 134 -23.65 -19.64 6.00
C ASN J 134 -23.87 -21.15 5.99
N LEU J 135 -24.89 -21.58 6.73
CA LEU J 135 -25.29 -22.98 6.72
C LEU J 135 -25.94 -23.33 5.38
N LYS J 136 -25.66 -24.52 4.89
CA LYS J 136 -26.39 -25.06 3.76
C LYS J 136 -27.76 -25.55 4.24
N PRO J 137 -28.74 -25.62 3.35
CA PRO J 137 -30.10 -25.99 3.77
C PRO J 137 -30.13 -27.31 4.54
N PHE J 138 -30.91 -27.32 5.62
CA PHE J 138 -31.10 -28.49 6.46
C PHE J 138 -29.79 -29.01 7.04
N GLU J 139 -28.84 -28.11 7.27
CA GLU J 139 -27.60 -28.45 7.95
C GLU J 139 -27.76 -28.19 9.44
N ARG J 140 -27.13 -29.04 10.25
CA ARG J 140 -27.20 -28.92 11.70
C ARG J 140 -25.78 -28.83 12.23
N ASP J 141 -25.39 -27.65 12.74
CA ASP J 141 -24.06 -27.41 13.27
C ASP J 141 -24.17 -27.27 14.78
N ILE J 142 -23.56 -28.21 15.49
CA ILE J 142 -23.54 -28.19 16.95
C ILE J 142 -22.12 -27.98 17.48
N SER J 143 -21.23 -27.48 16.62
CA SER J 143 -19.85 -27.24 17.03
C SER J 143 -19.79 -26.06 18.00
N THR J 144 -18.93 -26.19 19.02
CA THR J 144 -18.72 -25.14 20.01
C THR J 144 -17.29 -24.62 19.92
N GLU J 145 -16.69 -24.68 18.73
CA GLU J 145 -15.32 -24.24 18.56
C GLU J 145 -15.25 -22.72 18.58
N ILE J 146 -14.27 -22.19 19.32
CA ILE J 146 -14.14 -20.75 19.48
C ILE J 146 -13.93 -20.10 18.12
N TYR J 147 -14.65 -19.00 17.90
CA TYR J 147 -14.67 -18.33 16.60
C TYR J 147 -13.60 -17.26 16.54
N GLN J 148 -12.79 -17.31 15.49
CA GLN J 148 -11.77 -16.29 15.25
C GLN J 148 -12.40 -15.11 14.52
N ALA J 149 -12.33 -13.92 15.13
CA ALA J 149 -12.91 -12.71 14.56
C ALA J 149 -11.89 -11.59 14.41
N GLY J 150 -10.60 -11.90 14.50
CA GLY J 150 -9.56 -10.92 14.28
C GLY J 150 -8.55 -11.43 13.26
N SER J 151 -7.28 -11.18 13.54
CA SER J 151 -6.20 -11.65 12.66
C SER J 151 -5.58 -12.91 13.24
N LYS J 152 -4.84 -12.75 14.34
CA LYS J 152 -4.28 -13.84 15.14
C LYS J 152 -5.28 -14.96 15.35
N PRO J 153 -4.86 -16.22 15.24
CA PRO J 153 -5.77 -17.33 15.54
C PRO J 153 -6.06 -17.38 17.02
N CYS J 154 -6.99 -18.25 17.39
CA CYS J 154 -7.41 -18.39 18.76
C CYS J 154 -6.89 -19.65 19.44
N ASN J 155 -6.83 -20.76 18.70
CA ASN J 155 -6.31 -22.02 19.20
C ASN J 155 -6.89 -22.33 20.59
N GLY J 156 -8.21 -22.28 20.69
CA GLY J 156 -8.88 -22.58 21.93
C GLY J 156 -8.98 -21.40 22.89
N VAL J 157 -7.93 -20.57 22.94
CA VAL J 157 -7.92 -19.43 23.85
C VAL J 157 -9.05 -18.47 23.49
N GLU J 158 -9.87 -18.13 24.47
CA GLU J 158 -10.96 -17.20 24.24
C GLU J 158 -10.57 -15.80 24.72
N GLY J 159 -11.18 -14.80 24.09
CA GLY J 159 -10.83 -13.42 24.38
C GLY J 159 -11.53 -12.41 23.51
N PHE J 160 -10.77 -11.49 22.89
CA PHE J 160 -11.34 -10.31 22.25
C PHE J 160 -11.57 -10.47 20.76
N ASN J 161 -10.87 -11.39 20.12
CA ASN J 161 -11.12 -11.76 18.74
C ASN J 161 -11.48 -13.24 18.68
N CYS J 162 -11.83 -13.77 19.84
CA CYS J 162 -12.05 -15.20 20.08
C CYS J 162 -13.33 -15.29 20.92
N TYR J 163 -14.42 -15.67 20.28
CA TYR J 163 -15.73 -15.65 20.90
C TYR J 163 -16.32 -17.05 20.93
N PHE J 164 -17.03 -17.36 22.01
CA PHE J 164 -17.80 -18.59 22.08
C PHE J 164 -18.96 -18.47 21.10
N PRO J 165 -19.11 -19.39 20.14
CA PRO J 165 -20.04 -19.15 19.03
C PRO J 165 -21.51 -19.19 19.40
N LEU J 166 -21.87 -19.59 20.61
CA LEU J 166 -23.27 -19.70 21.02
C LEU J 166 -23.59 -18.62 22.05
N GLN J 167 -24.87 -18.25 22.11
CA GLN J 167 -25.32 -17.17 22.96
C GLN J 167 -26.70 -17.48 23.53
N SER J 168 -26.90 -17.14 24.80
CA SER J 168 -28.12 -17.45 25.50
C SER J 168 -29.24 -16.51 25.07
N TYR J 169 -30.48 -17.02 25.12
CA TYR J 169 -31.62 -16.20 24.77
C TYR J 169 -32.06 -15.31 25.94
N GLY J 170 -32.27 -15.90 27.11
CA GLY J 170 -32.69 -15.15 28.27
C GLY J 170 -34.16 -14.79 28.23
N PHE J 171 -35.02 -15.80 28.30
CA PHE J 171 -36.46 -15.61 28.17
C PHE J 171 -37.05 -15.24 29.53
N GLN J 172 -37.61 -14.05 29.61
CA GLN J 172 -38.36 -13.61 30.77
C GLN J 172 -39.82 -13.39 30.37
N PRO J 173 -40.77 -13.77 31.21
CA PRO J 173 -42.19 -13.70 30.80
C PRO J 173 -42.65 -12.29 30.53
N THR J 174 -41.95 -11.28 31.04
CA THR J 174 -42.35 -9.89 30.91
C THR J 174 -41.75 -9.21 29.69
N ASN J 175 -40.90 -9.90 28.92
CA ASN J 175 -40.34 -9.29 27.72
C ASN J 175 -41.44 -9.06 26.69
N GLY J 176 -41.17 -8.13 25.77
CA GLY J 176 -42.05 -7.94 24.64
C GLY J 176 -42.18 -9.20 23.82
N VAL J 177 -43.25 -9.24 23.01
CA VAL J 177 -43.55 -10.44 22.22
C VAL J 177 -42.39 -10.77 21.29
N GLY J 178 -41.62 -9.76 20.86
CA GLY J 178 -40.46 -10.03 20.03
C GLY J 178 -39.35 -10.76 20.76
N TYR J 179 -39.25 -10.55 22.08
CA TYR J 179 -38.21 -11.16 22.89
C TYR J 179 -38.73 -12.36 23.68
N GLN J 180 -39.95 -12.83 23.38
CA GLN J 180 -40.54 -13.99 24.03
C GLN J 180 -40.25 -15.24 23.23
N PRO J 181 -40.26 -16.41 23.87
CA PRO J 181 -39.95 -17.65 23.15
C PRO J 181 -41.11 -18.14 22.30
N TYR J 182 -40.77 -18.61 21.11
CA TYR J 182 -41.73 -19.25 20.21
C TYR J 182 -41.21 -20.62 19.83
N ARG J 183 -42.05 -21.63 19.97
CA ARG J 183 -41.70 -22.97 19.53
C ARG J 183 -42.14 -23.14 18.09
N VAL J 184 -41.27 -23.73 17.27
CA VAL J 184 -41.51 -23.87 15.85
C VAL J 184 -41.45 -25.35 15.49
N VAL J 185 -42.30 -25.76 14.56
CA VAL J 185 -42.26 -27.09 13.98
C VAL J 185 -42.25 -26.92 12.47
N VAL J 186 -41.21 -27.46 11.81
CA VAL J 186 -41.07 -27.41 10.37
C VAL J 186 -41.31 -28.81 9.82
N LEU J 187 -42.36 -28.94 9.01
CA LEU J 187 -42.70 -30.20 8.36
C LEU J 187 -42.18 -30.17 6.93
N SER J 188 -41.21 -31.03 6.64
CA SER J 188 -40.64 -31.16 5.31
C SER J 188 -41.26 -32.38 4.63
N PHE J 189 -41.69 -32.21 3.38
CA PHE J 189 -42.33 -33.27 2.62
C PHE J 189 -41.41 -33.67 1.48
N GLU J 190 -40.79 -34.84 1.60
CA GLU J 190 -39.80 -35.34 0.66
C GLU J 190 -40.44 -36.31 -0.30
N LEU J 191 -40.20 -36.12 -1.59
CA LEU J 191 -40.77 -36.97 -2.65
C LEU J 191 -39.63 -37.50 -3.52
N LEU J 192 -39.18 -38.72 -3.23
CA LEU J 192 -38.19 -39.40 -4.04
C LEU J 192 -38.88 -40.30 -5.06
N HIS J 193 -38.08 -40.87 -5.95
CA HIS J 193 -38.56 -41.92 -6.85
C HIS J 193 -38.57 -43.28 -6.17
N ALA J 194 -38.93 -43.31 -4.89
CA ALA J 194 -39.03 -44.48 -4.04
C ALA J 194 -40.47 -44.71 -3.61
N PRO J 195 -40.81 -45.92 -3.15
CA PRO J 195 -42.18 -46.17 -2.69
C PRO J 195 -42.55 -45.31 -1.49
N ALA J 196 -43.74 -44.71 -1.55
CA ALA J 196 -44.22 -43.84 -0.48
C ALA J 196 -44.71 -44.65 0.72
N THR J 197 -44.52 -44.07 1.91
CA THR J 197 -44.92 -44.72 3.15
C THR J 197 -45.82 -43.86 4.04
N VAL J 198 -45.87 -42.55 3.86
CA VAL J 198 -46.68 -41.66 4.68
C VAL J 198 -47.75 -41.06 3.78
N CYS J 199 -49.00 -41.44 4.02
CA CYS J 199 -50.15 -40.90 3.30
C CYS J 199 -51.13 -40.29 4.30
N GLY J 200 -51.76 -39.19 3.88
CA GLY J 200 -52.74 -38.53 4.74
C GLY J 200 -54.12 -39.15 4.62
N LYS J 201 -54.80 -39.25 5.76
CA LYS J 201 -56.15 -39.80 5.82
C LYS J 201 -56.87 -39.36 7.09
N GLN K 1 -34.71 -10.56 26.35
CA GLN K 1 -34.16 -9.23 26.13
C GLN K 1 -33.22 -8.83 27.26
N VAL K 2 -32.02 -8.39 26.90
CA VAL K 2 -31.07 -7.89 27.89
C VAL K 2 -31.39 -6.44 28.21
N GLN K 3 -31.55 -6.13 29.50
CA GLN K 3 -31.91 -4.80 29.96
C GLN K 3 -30.76 -4.20 30.74
N LEU K 4 -30.35 -3.00 30.34
CA LEU K 4 -29.24 -2.28 30.97
C LEU K 4 -29.75 -0.97 31.55
N GLN K 5 -29.67 -0.83 32.87
CA GLN K 5 -30.05 0.39 33.57
C GLN K 5 -28.80 0.97 34.22
N GLU K 6 -28.47 2.21 33.88
CA GLU K 6 -27.28 2.88 34.37
C GLU K 6 -27.65 4.01 35.30
N SER K 7 -26.79 4.24 36.30
CA SER K 7 -27.05 5.23 37.33
C SER K 7 -25.74 5.94 37.69
N GLY K 8 -25.87 7.11 38.28
CA GLY K 8 -24.75 7.91 38.67
C GLY K 8 -24.99 9.39 38.46
N PRO K 9 -24.22 10.23 39.14
CA PRO K 9 -24.44 11.69 39.05
C PRO K 9 -24.12 12.22 37.66
N GLY K 10 -24.98 13.11 37.18
CA GLY K 10 -24.77 13.80 35.92
C GLY K 10 -23.97 15.08 36.03
N LEU K 11 -23.43 15.38 37.21
CA LEU K 11 -22.64 16.58 37.44
C LEU K 11 -21.42 16.21 38.26
N VAL K 12 -20.24 16.39 37.68
CA VAL K 12 -18.98 16.06 38.35
C VAL K 12 -18.04 17.24 38.20
N LYS K 13 -17.52 17.71 39.34
CA LYS K 13 -16.57 18.82 39.30
C LYS K 13 -15.29 18.38 38.60
N PRO K 14 -14.58 19.30 37.96
CA PRO K 14 -13.35 18.94 37.25
C PRO K 14 -12.32 18.33 38.20
N SER K 15 -11.42 17.54 37.61
CA SER K 15 -10.34 16.83 38.32
C SER K 15 -10.87 15.75 39.26
N GLU K 16 -12.17 15.74 39.53
CA GLU K 16 -12.77 14.71 40.35
C GLU K 16 -12.87 13.41 39.56
N THR K 17 -13.54 12.41 40.15
CA THR K 17 -13.67 11.09 39.55
C THR K 17 -15.11 10.87 39.12
N LEU K 18 -15.32 10.65 37.82
CA LEU K 18 -16.63 10.24 37.34
C LEU K 18 -16.89 8.80 37.76
N SER K 19 -18.10 8.53 38.22
CA SER K 19 -18.47 7.17 38.60
C SER K 19 -19.88 6.86 38.15
N LEU K 20 -20.03 5.73 37.47
CA LEU K 20 -21.32 5.26 36.99
C LEU K 20 -21.40 3.75 37.17
N THR K 21 -22.61 3.26 37.41
CA THR K 21 -22.85 1.84 37.61
C THR K 21 -23.99 1.39 36.71
N CYS K 22 -23.77 0.29 35.99
CA CYS K 22 -24.78 -0.28 35.11
C CYS K 22 -25.31 -1.56 35.75
N THR K 23 -26.61 -1.61 35.97
CA THR K 23 -27.26 -2.78 36.55
C THR K 23 -27.89 -3.59 35.43
N VAL K 24 -27.68 -4.90 35.45
CA VAL K 24 -28.13 -5.80 34.38
C VAL K 24 -29.33 -6.59 34.89
N SER K 25 -30.43 -6.57 34.12
CA SER K 25 -31.64 -7.29 34.47
C SER K 25 -32.21 -8.09 33.30
N GLY K 26 -31.38 -8.43 32.32
CA GLY K 26 -31.85 -9.20 31.17
C GLY K 26 -31.08 -10.48 30.96
N GLY K 27 -29.88 -10.53 31.53
CA GLY K 27 -29.01 -11.68 31.40
C GLY K 27 -27.99 -11.71 32.51
N SER K 28 -27.77 -12.89 33.09
CA SER K 28 -26.80 -13.02 34.17
C SER K 28 -25.44 -12.50 33.71
N ILE K 29 -24.90 -11.52 34.44
CA ILE K 29 -23.61 -10.94 34.11
C ILE K 29 -22.50 -11.99 34.11
N SER K 30 -22.78 -13.18 34.64
CA SER K 30 -21.86 -14.30 34.67
C SER K 30 -22.18 -15.36 33.63
N SER K 31 -23.44 -15.51 33.28
CA SER K 31 -23.87 -16.63 32.44
C SER K 31 -24.24 -16.16 31.05
N SER K 32 -23.27 -15.59 30.34
CA SER K 32 -23.47 -15.13 28.98
C SER K 32 -22.10 -14.88 28.36
N ASN K 33 -21.93 -15.29 27.11
CA ASN K 33 -20.72 -14.96 26.36
C ASN K 33 -20.80 -13.49 25.92
N TYR K 34 -20.91 -12.62 26.92
CA TYR K 34 -21.16 -11.20 26.72
C TYR K 34 -20.10 -10.40 27.45
N TYR K 35 -19.46 -9.48 26.72
CA TYR K 35 -18.61 -8.50 27.38
C TYR K 35 -19.48 -7.35 27.86
N TRP K 36 -18.94 -6.58 28.81
CA TRP K 36 -19.68 -5.51 29.46
C TRP K 36 -18.85 -4.24 29.39
N GLY K 37 -19.31 -3.28 28.59
CA GLY K 37 -18.49 -2.15 28.21
C GLY K 37 -19.16 -0.82 28.48
N TRP K 38 -18.45 0.24 28.09
CA TRP K 38 -18.94 1.61 28.20
C TRP K 38 -18.55 2.35 26.93
N ILE K 39 -19.51 3.07 26.35
CA ILE K 39 -19.26 3.92 25.19
C ILE K 39 -19.80 5.30 25.51
N ARG K 40 -19.02 6.34 25.24
CA ARG K 40 -19.46 7.70 25.46
C ARG K 40 -19.66 8.41 24.12
N GLN K 41 -20.36 9.54 24.21
CA GLN K 41 -20.66 10.35 23.03
C GLN K 41 -20.71 11.79 23.49
N PRO K 42 -19.68 12.59 23.21
CA PRO K 42 -19.74 14.01 23.52
C PRO K 42 -20.90 14.66 22.74
N PRO K 43 -21.44 15.73 23.27
CA PRO K 43 -22.59 16.37 22.60
C PRO K 43 -22.24 16.80 21.18
N GLY K 44 -23.06 16.39 20.23
CA GLY K 44 -22.85 16.70 18.84
C GLY K 44 -21.67 16.03 18.19
N LYS K 45 -20.99 15.10 18.89
CA LYS K 45 -19.82 14.43 18.39
C LYS K 45 -20.14 12.95 18.11
N GLY K 46 -19.11 12.19 17.76
CA GLY K 46 -19.26 10.79 17.46
C GLY K 46 -19.23 9.92 18.69
N LEU K 47 -19.03 8.63 18.47
CA LEU K 47 -18.96 7.65 19.55
C LEU K 47 -17.52 7.24 19.80
N GLU K 48 -17.17 7.07 21.08
CA GLU K 48 -15.84 6.65 21.49
C GLU K 48 -15.97 5.50 22.46
N TRP K 49 -15.33 4.38 22.15
CA TRP K 49 -15.32 3.26 23.09
C TRP K 49 -14.40 3.56 24.26
N ILE K 50 -14.83 3.20 25.46
CA ILE K 50 -14.07 3.49 26.67
C ILE K 50 -13.33 2.25 27.12
N GLY K 51 -14.08 1.18 27.41
CA GLY K 51 -13.47 -0.05 27.86
C GLY K 51 -14.53 -1.11 28.02
N SER K 52 -14.06 -2.33 28.23
CA SER K 52 -14.92 -3.49 28.41
C SER K 52 -14.31 -4.38 29.48
N ILE K 53 -15.10 -5.34 29.95
CA ILE K 53 -14.67 -6.24 31.00
C ILE K 53 -15.42 -7.55 30.85
N TYR K 54 -14.79 -8.64 31.24
CA TYR K 54 -15.41 -9.96 31.23
C TYR K 54 -15.80 -10.36 32.64
N TYR K 55 -16.61 -11.42 32.75
CA TYR K 55 -17.02 -11.89 34.05
C TYR K 55 -15.84 -12.30 34.92
N SER K 56 -14.71 -12.65 34.29
CA SER K 56 -13.50 -13.02 35.01
C SER K 56 -12.31 -12.91 34.07
N GLY K 57 -12.51 -13.29 32.80
CA GLY K 57 -11.51 -13.28 31.75
C GLY K 57 -10.44 -12.21 31.87
N SER K 58 -10.82 -10.96 31.57
CA SER K 58 -9.92 -9.82 31.71
C SER K 58 -10.65 -8.53 31.34
N SER K 59 -9.94 -7.41 31.40
CA SER K 59 -10.47 -6.13 30.96
C SER K 59 -9.69 -5.65 29.75
N TYR K 60 -10.30 -4.72 29.01
CA TYR K 60 -9.70 -4.19 27.80
C TYR K 60 -10.13 -2.74 27.68
N TYR K 61 -9.16 -1.83 27.64
CA TYR K 61 -9.43 -0.40 27.68
C TYR K 61 -8.99 0.25 26.38
N SER K 62 -9.56 1.42 26.14
CA SER K 62 -9.08 2.28 25.06
C SER K 62 -7.74 2.86 25.46
N PRO K 63 -6.68 2.65 24.67
CA PRO K 63 -5.35 3.16 25.07
C PRO K 63 -5.32 4.67 25.26
N SER K 64 -6.17 5.42 24.56
CA SER K 64 -6.24 6.86 24.72
C SER K 64 -6.74 7.29 26.09
N LEU K 65 -7.33 6.38 26.87
CA LEU K 65 -7.86 6.70 28.19
C LEU K 65 -7.42 5.72 29.26
N LYS K 66 -6.54 4.77 28.94
CA LYS K 66 -6.27 3.64 29.84
C LYS K 66 -5.72 4.09 31.18
N SER K 67 -5.02 5.22 31.23
CA SER K 67 -4.44 5.67 32.49
C SER K 67 -5.50 6.22 33.45
N ARG K 68 -6.66 6.62 32.94
CA ARG K 68 -7.68 7.28 33.75
C ARG K 68 -8.90 6.42 34.02
N VAL K 69 -8.97 5.22 33.45
CA VAL K 69 -10.20 4.44 33.41
C VAL K 69 -10.03 3.17 34.24
N THR K 70 -11.06 2.85 35.03
CA THR K 70 -11.14 1.61 35.77
C THR K 70 -12.56 1.09 35.64
N ILE K 71 -12.70 -0.14 35.16
CA ILE K 71 -13.99 -0.81 35.04
C ILE K 71 -13.98 -2.00 36.00
N SER K 72 -14.94 -2.03 36.90
CA SER K 72 -15.06 -3.10 37.88
C SER K 72 -16.39 -3.80 37.70
N VAL K 73 -16.48 -5.02 38.19
CA VAL K 73 -17.67 -5.84 38.05
C VAL K 73 -18.10 -6.32 39.43
N ASP K 74 -19.40 -6.29 39.69
CA ASP K 74 -19.98 -6.81 40.91
C ASP K 74 -21.06 -7.82 40.54
N THR K 75 -20.89 -9.06 40.98
CA THR K 75 -21.79 -10.14 40.60
C THR K 75 -22.89 -10.39 41.62
N SER K 76 -22.59 -10.19 42.91
CA SER K 76 -23.62 -10.36 43.93
C SER K 76 -24.77 -9.40 43.73
N LYS K 77 -24.49 -8.21 43.21
CA LYS K 77 -25.50 -7.19 42.97
C LYS K 77 -25.78 -6.98 41.49
N SER K 78 -25.19 -7.78 40.62
CA SER K 78 -25.37 -7.71 39.16
C SER K 78 -25.16 -6.29 38.65
N GLN K 79 -23.91 -5.85 38.74
CA GLN K 79 -23.53 -4.51 38.32
C GLN K 79 -22.10 -4.53 37.82
N PHE K 80 -21.82 -3.71 36.81
CA PHE K 80 -20.46 -3.39 36.43
C PHE K 80 -20.34 -1.87 36.38
N SER K 81 -19.20 -1.37 36.84
CA SER K 81 -19.04 0.04 37.14
C SER K 81 -17.90 0.65 36.34
N LEU K 82 -17.91 1.98 36.27
CA LEU K 82 -16.92 2.74 35.52
C LEU K 82 -16.40 3.88 36.40
N LYS K 83 -15.10 4.14 36.32
CA LYS K 83 -14.48 5.22 37.08
C LYS K 83 -13.48 5.95 36.19
N LEU K 84 -13.74 7.22 35.93
CA LEU K 84 -12.85 8.05 35.13
C LEU K 84 -12.25 9.13 36.03
N SER K 85 -10.92 9.12 36.16
CA SER K 85 -10.23 10.00 37.08
C SER K 85 -9.80 11.30 36.41
N SER K 86 -9.73 12.35 37.22
CA SER K 86 -9.28 13.67 36.79
C SER K 86 -10.05 14.15 35.55
N VAL K 87 -11.37 14.16 35.68
CA VAL K 87 -12.21 14.54 34.56
C VAL K 87 -12.02 16.01 34.24
N THR K 88 -12.19 16.34 32.97
CA THR K 88 -12.14 17.71 32.48
C THR K 88 -13.40 17.97 31.66
N ALA K 89 -13.58 19.22 31.23
CA ALA K 89 -14.69 19.55 30.36
C ALA K 89 -14.69 18.72 29.08
N ALA K 90 -13.52 18.18 28.69
CA ALA K 90 -13.45 17.26 27.57
C ALA K 90 -14.25 15.99 27.81
N ASP K 91 -14.48 15.63 29.06
CA ASP K 91 -15.18 14.41 29.42
C ASP K 91 -16.68 14.61 29.57
N THR K 92 -17.19 15.82 29.34
CA THR K 92 -18.62 16.04 29.31
C THR K 92 -19.22 15.31 28.11
N ALA K 93 -19.93 14.23 28.37
CA ALA K 93 -20.45 13.39 27.31
C ALA K 93 -21.58 12.52 27.87
N VAL K 94 -22.37 11.97 26.96
CA VAL K 94 -23.38 10.99 27.32
C VAL K 94 -22.70 9.63 27.42
N TYR K 95 -22.84 8.97 28.56
CA TYR K 95 -22.20 7.69 28.83
C TYR K 95 -23.23 6.57 28.75
N TYR K 96 -22.95 5.58 27.91
CA TYR K 96 -23.77 4.38 27.77
C TYR K 96 -23.04 3.18 28.35
N CYS K 97 -23.78 2.24 28.91
CA CYS K 97 -23.27 0.92 29.22
C CYS K 97 -23.87 -0.06 28.23
N ALA K 98 -23.05 -0.99 27.75
CA ALA K 98 -23.46 -1.82 26.63
C ALA K 98 -23.08 -3.27 26.86
N SER K 99 -23.97 -4.17 26.42
CA SER K 99 -23.68 -5.60 26.35
C SER K 99 -22.92 -5.83 25.05
N THR K 100 -21.60 -5.71 25.13
CA THR K 100 -20.75 -5.76 23.96
C THR K 100 -20.22 -7.16 23.70
N LEU K 101 -19.70 -7.36 22.49
CA LEU K 101 -19.03 -8.60 22.12
C LEU K 101 -18.15 -8.32 20.91
N GLY K 102 -18.57 -8.80 19.75
CA GLY K 102 -18.04 -8.28 18.51
C GLY K 102 -18.63 -6.90 18.33
N ALA K 103 -19.95 -6.84 18.33
CA ALA K 103 -20.69 -5.59 18.36
C ALA K 103 -21.18 -5.32 19.77
N THR K 104 -21.72 -4.12 19.96
CA THR K 104 -22.38 -3.77 21.22
C THR K 104 -23.87 -4.02 21.01
N PHE K 105 -24.36 -5.12 21.58
CA PHE K 105 -25.68 -5.61 21.20
C PHE K 105 -26.79 -4.87 21.90
N TYR K 106 -26.69 -4.72 23.22
CA TYR K 106 -27.69 -4.01 24.01
C TYR K 106 -27.07 -2.75 24.61
N TRP K 107 -27.92 -1.76 24.85
CA TRP K 107 -27.47 -0.43 25.24
C TRP K 107 -28.33 0.09 26.37
N GLY K 108 -27.69 0.59 27.42
CA GLY K 108 -28.39 1.37 28.41
C GLY K 108 -28.92 2.66 27.79
N GLN K 109 -29.83 3.30 28.52
CA GLN K 109 -30.48 4.49 27.96
C GLN K 109 -29.52 5.66 27.82
N GLY K 110 -28.43 5.68 28.57
CA GLY K 110 -27.45 6.75 28.46
C GLY K 110 -27.60 7.82 29.51
N THR K 111 -26.51 8.11 30.23
CA THR K 111 -26.49 9.11 31.28
C THR K 111 -25.59 10.27 30.86
N LEU K 112 -26.16 11.46 30.75
CA LEU K 112 -25.38 12.65 30.48
C LEU K 112 -24.65 13.07 31.73
N VAL K 113 -23.32 13.22 31.63
CA VAL K 113 -22.50 13.66 32.74
C VAL K 113 -21.84 14.97 32.34
N THR K 114 -22.11 16.02 33.09
CA THR K 114 -21.54 17.34 32.82
C THR K 114 -20.39 17.60 33.78
N VAL K 115 -19.24 17.97 33.22
CA VAL K 115 -18.06 18.27 34.02
C VAL K 115 -17.96 19.78 34.11
N SER K 116 -18.22 20.32 35.30
CA SER K 116 -18.16 21.75 35.52
C SER K 116 -18.02 22.00 37.02
N SER K 117 -17.44 23.16 37.35
CA SER K 117 -17.28 23.58 38.72
C SER K 117 -18.20 24.75 39.06
N ALA K 118 -19.14 25.07 38.18
CA ALA K 118 -20.02 26.21 38.38
C ALA K 118 -21.21 25.79 39.23
N SER K 119 -21.64 26.69 40.11
CA SER K 119 -22.80 26.45 40.94
C SER K 119 -24.07 26.88 40.20
N THR K 120 -25.20 26.86 40.88
CA THR K 120 -26.47 27.21 40.25
C THR K 120 -26.58 28.72 40.09
N LYS K 121 -26.88 29.16 38.87
CA LYS K 121 -27.06 30.57 38.58
C LYS K 121 -28.33 30.74 37.74
N GLY K 122 -29.20 31.65 38.19
CA GLY K 122 -30.36 32.00 37.43
C GLY K 122 -29.99 32.82 36.21
N PRO K 123 -30.71 32.63 35.10
CA PRO K 123 -30.33 33.29 33.85
C PRO K 123 -30.75 34.76 33.84
N SER K 124 -30.07 35.51 32.97
CA SER K 124 -30.49 36.85 32.61
C SER K 124 -31.19 36.78 31.26
N VAL K 125 -32.33 37.45 31.15
CA VAL K 125 -33.16 37.40 29.95
C VAL K 125 -33.14 38.78 29.30
N PHE K 126 -32.57 38.86 28.10
CA PHE K 126 -32.51 40.13 27.40
C PHE K 126 -33.37 40.08 26.13
N PRO K 127 -34.00 41.19 25.77
CA PRO K 127 -34.86 41.18 24.58
C PRO K 127 -34.05 41.27 23.30
N LEU K 128 -34.51 40.56 22.28
CA LEU K 128 -33.98 40.71 20.93
C LEU K 128 -35.01 41.50 20.14
N ALA K 129 -34.93 42.83 20.27
CA ALA K 129 -35.96 43.70 19.75
C ALA K 129 -36.00 43.66 18.23
N PRO K 130 -37.18 43.66 17.62
CA PRO K 130 -37.26 43.69 16.16
C PRO K 130 -36.84 45.06 15.63
N SER K 131 -36.02 45.05 14.59
CA SER K 131 -35.50 46.28 14.04
C SER K 131 -36.47 46.87 13.03
N SER K 132 -36.14 48.07 12.55
CA SER K 132 -36.96 48.77 11.56
C SER K 132 -36.59 48.35 10.13
N LYS K 133 -35.30 48.30 9.83
CA LYS K 133 -34.82 47.94 8.50
C LYS K 133 -35.20 46.50 8.15
N GLY K 138 -42.41 42.25 5.20
CA GLY K 138 -43.71 41.70 5.50
C GLY K 138 -43.76 40.95 6.81
N THR K 139 -42.71 40.18 7.08
CA THR K 139 -42.57 39.45 8.34
C THR K 139 -41.31 39.92 9.06
N ALA K 140 -41.44 40.14 10.36
CA ALA K 140 -40.33 40.57 11.19
C ALA K 140 -40.06 39.51 12.26
N ALA K 141 -38.87 39.61 12.87
CA ALA K 141 -38.43 38.64 13.86
C ALA K 141 -38.08 39.34 15.16
N LEU K 142 -38.41 38.68 16.28
CA LEU K 142 -38.08 39.16 17.60
C LEU K 142 -37.88 37.96 18.51
N GLY K 143 -37.24 38.18 19.64
CA GLY K 143 -36.98 37.07 20.54
C GLY K 143 -36.39 37.51 21.85
N CYS K 144 -35.88 36.51 22.59
CA CYS K 144 -35.28 36.71 23.90
C CYS K 144 -33.95 35.98 23.96
N LEU K 145 -33.01 36.56 24.70
CA LEU K 145 -31.70 35.96 24.91
C LEU K 145 -31.60 35.56 26.38
N VAL K 146 -31.53 34.25 26.62
CA VAL K 146 -31.42 33.70 27.97
C VAL K 146 -29.95 33.35 28.19
N LYS K 147 -29.24 34.22 28.89
CA LYS K 147 -27.78 34.16 28.95
C LYS K 147 -27.30 33.92 30.38
N ASP K 148 -26.19 33.17 30.49
CA ASP K 148 -25.44 32.97 31.73
C ASP K 148 -26.29 32.30 32.80
N TYR K 149 -26.53 31.01 32.60
CA TYR K 149 -27.20 30.19 33.61
C TYR K 149 -26.55 28.82 33.69
N PHE K 150 -26.89 28.10 34.76
CA PHE K 150 -26.38 26.76 35.03
C PHE K 150 -27.18 26.12 36.16
N PRO K 151 -27.51 24.82 36.07
CA PRO K 151 -27.28 23.91 34.94
C PRO K 151 -28.46 23.86 33.98
N GLU K 152 -28.52 22.84 33.12
CA GLU K 152 -29.66 22.65 32.26
C GLU K 152 -30.86 22.14 33.07
N PRO K 153 -32.09 22.35 32.58
CA PRO K 153 -32.48 23.10 31.40
C PRO K 153 -33.32 24.34 31.70
N VAL K 154 -33.68 25.10 30.66
CA VAL K 154 -34.65 26.18 30.75
C VAL K 154 -35.76 25.92 29.74
N THR K 155 -36.93 26.50 30.00
CA THR K 155 -38.08 26.40 29.12
C THR K 155 -38.57 27.81 28.79
N VAL K 156 -38.86 28.04 27.51
CA VAL K 156 -39.27 29.35 27.01
C VAL K 156 -40.57 29.18 26.24
N SER K 157 -41.61 29.91 26.66
CA SER K 157 -42.86 30.02 25.92
C SER K 157 -43.13 31.48 25.59
N TRP K 158 -44.14 31.71 24.75
CA TRP K 158 -44.47 33.05 24.29
C TRP K 158 -45.95 33.31 24.52
N ASN K 159 -46.24 34.46 25.14
CA ASN K 159 -47.61 34.86 25.48
C ASN K 159 -48.30 33.79 26.33
N SER K 160 -47.53 33.20 27.25
CA SER K 160 -48.05 32.19 28.18
C SER K 160 -48.69 31.01 27.42
N GLY K 161 -48.11 30.67 26.28
CA GLY K 161 -48.58 29.57 25.47
C GLY K 161 -49.56 29.92 24.37
N ALA K 162 -49.99 31.18 24.28
CA ALA K 162 -50.91 31.59 23.22
C ALA K 162 -50.24 31.75 21.87
N LEU K 163 -48.91 31.74 21.81
CA LEU K 163 -48.15 31.93 20.58
C LEU K 163 -47.21 30.75 20.39
N THR K 164 -47.52 29.89 19.42
CA THR K 164 -46.72 28.69 19.17
C THR K 164 -46.25 28.60 17.73
N SER K 165 -47.01 29.18 16.80
CA SER K 165 -46.68 29.09 15.38
C SER K 165 -45.55 30.06 15.06
N GLY K 166 -44.48 29.52 14.47
CA GLY K 166 -43.34 30.33 14.06
C GLY K 166 -42.28 30.55 15.11
N VAL K 167 -42.33 29.82 16.22
CA VAL K 167 -41.38 29.98 17.31
C VAL K 167 -40.26 28.97 17.16
N HIS K 168 -39.02 29.44 17.23
CA HIS K 168 -37.84 28.58 17.26
C HIS K 168 -37.06 28.89 18.54
N THR K 169 -37.01 27.93 19.44
CA THR K 169 -36.15 28.00 20.63
C THR K 169 -34.94 27.10 20.40
N PHE K 170 -33.78 27.70 20.37
CA PHE K 170 -32.58 26.98 19.97
C PHE K 170 -31.98 26.23 21.17
N PRO K 171 -31.30 25.12 20.90
CA PRO K 171 -30.61 24.41 21.99
C PRO K 171 -29.49 25.26 22.57
N ALA K 172 -29.29 25.13 23.88
CA ALA K 172 -28.32 25.97 24.59
C ALA K 172 -26.89 25.61 24.19
N VAL K 173 -26.04 26.63 24.16
CA VAL K 173 -24.61 26.48 23.93
C VAL K 173 -23.88 26.73 25.25
N LEU K 174 -22.80 25.99 25.47
CA LEU K 174 -22.01 26.14 26.69
C LEU K 174 -20.92 27.18 26.45
N GLN K 175 -21.04 28.32 27.12
CA GLN K 175 -20.07 29.39 26.96
C GLN K 175 -18.74 29.04 27.62
N SER K 176 -17.70 29.81 27.27
CA SER K 176 -16.40 29.62 27.86
C SER K 176 -16.40 29.88 29.37
N SER K 177 -17.36 30.65 29.87
CA SER K 177 -17.47 30.95 31.31
C SER K 177 -18.03 29.80 32.12
N GLY K 178 -18.31 28.65 31.50
CA GLY K 178 -18.98 27.56 32.17
C GLY K 178 -20.47 27.74 32.33
N LEU K 179 -21.04 28.80 31.77
CA LEU K 179 -22.47 29.09 31.86
C LEU K 179 -23.12 28.89 30.49
N TYR K 180 -24.37 28.46 30.50
CA TYR K 180 -25.10 28.22 29.26
C TYR K 180 -25.80 29.49 28.78
N SER K 181 -25.96 29.59 27.46
CA SER K 181 -26.60 30.74 26.83
C SER K 181 -27.55 30.25 25.75
N LEU K 182 -28.75 30.81 25.72
CA LEU K 182 -29.80 30.32 24.85
C LEU K 182 -30.64 31.48 24.31
N SER K 183 -31.08 31.35 23.07
CA SER K 183 -31.91 32.35 22.42
C SER K 183 -33.16 31.69 21.86
N SER K 184 -34.28 32.41 21.96
CA SER K 184 -35.55 31.96 21.44
C SER K 184 -36.17 33.09 20.65
N VAL K 185 -36.61 32.81 19.42
CA VAL K 185 -37.08 33.82 18.48
C VAL K 185 -38.45 33.44 17.96
N VAL K 186 -39.10 34.40 17.31
CA VAL K 186 -40.41 34.18 16.70
C VAL K 186 -40.61 35.20 15.58
N THR K 187 -41.14 34.73 14.46
CA THR K 187 -41.47 35.59 13.33
C THR K 187 -42.96 35.88 13.32
N VAL K 188 -43.30 37.16 13.22
CA VAL K 188 -44.68 37.62 13.24
C VAL K 188 -44.88 38.58 12.08
N PRO K 189 -46.12 38.87 11.70
CA PRO K 189 -46.36 39.92 10.71
C PRO K 189 -45.91 41.27 11.23
N SER K 190 -45.31 42.06 10.34
CA SER K 190 -44.78 43.37 10.72
C SER K 190 -45.87 44.33 11.16
N SER K 191 -47.13 44.10 10.75
CA SER K 191 -48.22 45.00 11.07
C SER K 191 -48.69 44.88 12.52
N SER K 192 -48.27 43.84 13.24
CA SER K 192 -48.72 43.61 14.61
C SER K 192 -47.74 44.12 15.66
N LEU K 193 -46.65 44.77 15.24
CA LEU K 193 -45.63 45.19 16.21
C LEU K 193 -46.12 46.31 17.12
N GLY K 194 -47.12 47.08 16.70
CA GLY K 194 -47.62 48.18 17.50
C GLY K 194 -48.90 47.86 18.24
N THR K 195 -49.55 46.75 17.88
CA THR K 195 -50.85 46.41 18.45
C THR K 195 -50.85 45.14 19.30
N GLN K 196 -49.92 44.23 19.07
CA GLN K 196 -49.84 42.98 19.81
C GLN K 196 -48.64 43.02 20.75
N THR K 197 -48.87 42.68 22.02
CA THR K 197 -47.80 42.63 23.02
C THR K 197 -47.17 41.25 23.03
N TYR K 198 -45.85 41.20 22.92
CA TYR K 198 -45.10 39.95 22.88
C TYR K 198 -44.25 39.82 24.14
N ILE K 199 -44.38 38.69 24.83
CA ILE K 199 -43.67 38.43 26.09
C ILE K 199 -43.19 36.99 26.08
N CYS K 200 -41.91 36.78 26.36
CA CYS K 200 -41.36 35.44 26.48
C CYS K 200 -41.35 35.00 27.93
N ASN K 201 -41.71 33.75 28.18
CA ASN K 201 -41.84 33.20 29.53
C ASN K 201 -40.67 32.25 29.76
N VAL K 202 -39.65 32.72 30.48
CA VAL K 202 -38.46 31.92 30.78
C VAL K 202 -38.62 31.30 32.15
N ASN K 203 -38.35 29.99 32.23
CA ASN K 203 -38.44 29.24 33.48
C ASN K 203 -37.18 28.39 33.65
N HIS K 204 -36.47 28.62 34.75
CA HIS K 204 -35.24 27.90 35.09
C HIS K 204 -35.45 27.26 36.46
N LYS K 205 -36.05 26.07 36.47
CA LYS K 205 -36.38 25.40 37.73
C LYS K 205 -35.16 25.10 38.62
N PRO K 206 -33.98 24.75 38.09
CA PRO K 206 -32.84 24.53 39.00
C PRO K 206 -32.53 25.68 39.94
N SER K 207 -32.76 26.93 39.51
CA SER K 207 -32.54 28.09 40.37
C SER K 207 -33.85 28.74 40.81
N ASN K 208 -34.99 28.09 40.56
CA ASN K 208 -36.30 28.62 40.93
C ASN K 208 -36.54 29.99 40.31
N THR K 209 -36.19 30.12 39.04
CA THR K 209 -36.24 31.40 38.32
C THR K 209 -37.36 31.37 37.29
N LYS K 210 -38.32 32.27 37.42
CA LYS K 210 -39.36 32.48 36.43
C LYS K 210 -39.36 33.95 36.05
N VAL K 211 -39.15 34.24 34.76
CA VAL K 211 -39.01 35.61 34.29
C VAL K 211 -39.87 35.79 33.04
N ASP K 212 -40.68 36.84 33.05
CA ASP K 212 -41.45 37.26 31.88
C ASP K 212 -40.85 38.56 31.37
N LYS K 213 -40.41 38.55 30.11
CA LYS K 213 -39.79 39.73 29.49
C LYS K 213 -40.64 40.18 28.32
N ARG K 214 -41.07 41.43 28.35
CA ARG K 214 -41.80 42.00 27.22
C ARG K 214 -40.80 42.48 26.18
N VAL K 215 -41.03 42.09 24.93
CA VAL K 215 -40.15 42.44 23.83
C VAL K 215 -40.87 43.51 23.00
N GLU K 216 -40.29 44.70 22.95
CA GLU K 216 -40.86 45.81 22.23
C GLU K 216 -39.88 46.33 21.19
N PRO K 217 -40.38 46.95 20.13
CA PRO K 217 -39.46 47.55 19.14
C PRO K 217 -38.67 48.70 19.76
N LYS K 218 -37.42 48.81 19.32
CA LYS K 218 -36.50 49.79 19.89
C LYS K 218 -36.84 51.19 19.42
N SER K 219 -37.00 52.11 20.36
CA SER K 219 -37.30 53.50 20.02
C SER K 219 -36.02 54.26 19.71
N CYS K 220 -36.09 55.11 18.69
CA CYS K 220 -34.94 55.93 18.29
C CYS K 220 -34.63 57.00 19.33
N ASP L 1 -3.55 1.87 14.73
CA ASP L 1 -4.90 2.13 15.21
C ASP L 1 -5.86 2.33 14.03
N ILE L 2 -6.77 1.38 13.85
CA ILE L 2 -7.69 1.42 12.71
C ILE L 2 -8.46 2.73 12.72
N GLN L 3 -8.66 3.30 11.52
CA GLN L 3 -9.43 4.52 11.37
C GLN L 3 -10.62 4.26 10.45
N LEU L 4 -11.81 4.62 10.90
CA LEU L 4 -13.01 4.52 10.09
C LEU L 4 -13.36 5.87 9.50
N THR L 5 -13.68 5.87 8.21
CA THR L 5 -14.09 7.07 7.49
C THR L 5 -15.35 6.77 6.71
N GLN L 6 -16.42 7.49 7.03
CA GLN L 6 -17.73 7.29 6.40
C GLN L 6 -17.97 8.35 5.33
N SER L 7 -18.78 7.99 4.33
CA SER L 7 -19.11 8.88 3.23
C SER L 7 -20.55 8.66 2.80
N PRO L 8 -21.35 9.74 2.65
CA PRO L 8 -21.00 11.15 2.89
C PRO L 8 -21.23 11.58 4.34
N SER L 9 -20.69 12.73 4.74
CA SER L 9 -20.91 13.22 6.10
C SER L 9 -22.37 13.55 6.35
N SER L 10 -23.07 14.00 5.33
CA SER L 10 -24.49 14.29 5.40
C SER L 10 -25.10 13.86 4.09
N LEU L 11 -26.25 13.22 4.17
CA LEU L 11 -26.97 12.78 2.99
C LEU L 11 -28.43 13.15 3.13
N SER L 12 -29.01 13.59 2.02
CA SER L 12 -30.41 13.98 1.96
C SER L 12 -31.08 13.15 0.89
N ALA L 13 -32.20 12.52 1.26
CA ALA L 13 -32.93 11.64 0.36
C ALA L 13 -34.40 11.70 0.72
N SER L 14 -35.23 11.03 -0.07
CA SER L 14 -36.67 11.04 0.08
C SER L 14 -37.18 9.67 0.51
N VAL L 15 -38.46 9.63 0.88
CA VAL L 15 -39.09 8.39 1.31
C VAL L 15 -39.21 7.44 0.11
N GLY L 16 -38.80 6.19 0.31
CA GLY L 16 -38.84 5.20 -0.74
C GLY L 16 -37.57 5.14 -1.58
N ASP L 17 -36.68 6.11 -1.43
CA ASP L 17 -35.44 6.12 -2.19
C ASP L 17 -34.51 5.00 -1.72
N LYS L 18 -33.61 4.60 -2.61
CA LYS L 18 -32.54 3.68 -2.25
C LYS L 18 -31.38 4.50 -1.70
N VAL L 19 -30.85 4.08 -0.55
CA VAL L 19 -29.83 4.83 0.15
C VAL L 19 -28.61 3.93 0.37
N THR L 20 -27.42 4.47 0.13
CA THR L 20 -26.18 3.73 0.33
C THR L 20 -25.19 4.59 1.12
N ILE L 21 -24.69 4.04 2.22
CA ILE L 21 -23.65 4.66 3.01
C ILE L 21 -22.41 3.79 2.91
N THR L 22 -21.25 4.42 2.77
CA THR L 22 -19.99 3.72 2.61
C THR L 22 -19.11 3.93 3.83
N CYS L 23 -18.36 2.89 4.21
CA CYS L 23 -17.48 2.92 5.37
C CYS L 23 -16.16 2.27 4.98
N ARG L 24 -15.05 2.99 5.20
CA ARG L 24 -13.73 2.51 4.84
C ARG L 24 -12.80 2.55 6.05
N ALA L 25 -11.89 1.59 6.11
CA ALA L 25 -11.00 1.40 7.23
C ALA L 25 -9.55 1.57 6.80
N SER L 26 -8.73 2.10 7.73
CA SER L 26 -7.32 2.29 7.44
C SER L 26 -6.55 0.99 7.31
N GLN L 27 -7.11 -0.13 7.78
CA GLN L 27 -6.46 -1.43 7.69
C GLN L 27 -7.46 -2.46 7.21
N GLY L 28 -6.95 -3.64 6.84
CA GLY L 28 -7.82 -4.74 6.50
C GLY L 28 -8.43 -5.34 7.75
N ILE L 29 -9.77 -5.47 7.75
CA ILE L 29 -10.47 -5.95 8.93
C ILE L 29 -11.41 -7.10 8.57
N SER L 30 -11.17 -7.70 7.40
CA SER L 30 -11.95 -8.84 6.90
C SER L 30 -13.42 -8.42 6.88
N ASN L 31 -14.32 -9.15 7.53
CA ASN L 31 -15.74 -8.82 7.57
C ASN L 31 -16.18 -8.36 8.96
N SER L 32 -15.23 -8.03 9.84
CA SER L 32 -15.54 -7.72 11.24
C SER L 32 -15.95 -6.26 11.36
N LEU L 33 -17.17 -5.97 10.93
CA LEU L 33 -17.74 -4.63 10.97
C LEU L 33 -19.21 -4.69 11.31
N ALA L 34 -19.69 -3.68 12.05
CA ALA L 34 -21.08 -3.59 12.45
C ALA L 34 -21.63 -2.21 12.11
N TRP L 35 -22.93 -2.17 11.81
CA TRP L 35 -23.65 -0.93 11.53
C TRP L 35 -24.66 -0.63 12.64
N TYR L 36 -24.82 0.65 12.94
CA TYR L 36 -25.71 1.09 14.01
C TYR L 36 -26.55 2.27 13.55
N GLN L 37 -27.73 2.39 14.13
CA GLN L 37 -28.63 3.51 13.92
C GLN L 37 -28.88 4.21 15.25
N GLN L 38 -28.84 5.53 15.23
CA GLN L 38 -29.13 6.34 16.41
C GLN L 38 -30.09 7.45 16.02
N ASN L 39 -31.32 7.37 16.53
CA ASN L 39 -32.25 8.48 16.42
C ASN L 39 -31.83 9.57 17.41
N PRO L 40 -32.23 10.81 17.15
CA PRO L 40 -31.84 11.92 18.04
C PRO L 40 -32.31 11.71 19.47
N GLY L 41 -31.37 11.76 20.41
CA GLY L 41 -31.66 11.65 21.81
C GLY L 41 -31.77 10.24 22.36
N LYS L 42 -31.93 9.23 21.51
CA LYS L 42 -32.04 7.87 21.99
C LYS L 42 -30.72 7.14 21.81
N ALA L 43 -30.64 5.97 22.44
CA ALA L 43 -29.42 5.20 22.36
C ALA L 43 -29.29 4.54 20.98
N PRO L 44 -28.07 4.30 20.53
CA PRO L 44 -27.88 3.59 19.26
C PRO L 44 -28.50 2.20 19.29
N LYS L 45 -28.84 1.72 18.10
CA LYS L 45 -29.46 0.42 17.92
C LYS L 45 -28.69 -0.33 16.85
N LEU L 46 -28.35 -1.59 17.13
CA LEU L 46 -27.60 -2.36 16.16
C LEU L 46 -28.52 -2.76 15.03
N LEU L 47 -28.08 -2.51 13.80
CA LEU L 47 -28.86 -2.84 12.62
C LEU L 47 -28.33 -4.13 11.97
N LEU L 48 -27.06 -4.11 11.59
CA LEU L 48 -26.35 -5.28 11.09
C LEU L 48 -25.07 -5.47 11.89
N TYR L 49 -24.70 -6.71 12.11
CA TYR L 49 -23.37 -7.07 12.55
C TYR L 49 -22.74 -7.91 11.45
N THR L 50 -21.41 -8.07 11.50
CA THR L 50 -20.67 -8.79 10.44
C THR L 50 -20.98 -8.26 9.05
N ALA L 51 -21.29 -6.96 8.97
CA ALA L 51 -21.52 -6.26 7.71
C ALA L 51 -22.73 -6.79 6.93
N SER L 52 -22.95 -8.11 6.93
CA SER L 52 -23.95 -8.72 6.04
C SER L 52 -25.10 -9.39 6.76
N THR L 53 -24.89 -9.85 7.99
CA THR L 53 -25.95 -10.46 8.78
C THR L 53 -26.79 -9.38 9.46
N LEU L 54 -28.09 -9.38 9.19
CA LEU L 54 -29.00 -8.50 9.90
C LEU L 54 -29.21 -9.00 11.32
N GLU L 55 -29.17 -8.06 12.26
CA GLU L 55 -29.59 -8.41 13.61
C GLU L 55 -31.08 -8.77 13.61
N SER L 56 -31.43 -9.80 14.38
CA SER L 56 -32.82 -10.22 14.47
C SER L 56 -33.70 -9.07 14.94
N GLY L 57 -34.86 -8.91 14.30
CA GLY L 57 -35.76 -7.82 14.59
C GLY L 57 -35.57 -6.60 13.71
N VAL L 58 -34.47 -6.52 12.99
CA VAL L 58 -34.20 -5.38 12.10
C VAL L 58 -35.00 -5.56 10.81
N PRO L 59 -35.66 -4.52 10.31
CA PRO L 59 -36.39 -4.65 9.04
C PRO L 59 -35.46 -5.09 7.92
N SER L 60 -36.00 -5.90 7.00
CA SER L 60 -35.21 -6.49 5.92
C SER L 60 -34.75 -5.49 4.87
N ARG L 61 -35.26 -4.26 4.89
CA ARG L 61 -34.80 -3.24 3.96
C ARG L 61 -33.33 -2.87 4.19
N PHE L 62 -32.79 -3.18 5.36
CA PHE L 62 -31.37 -2.92 5.63
C PHE L 62 -30.52 -4.10 5.15
N SER L 63 -29.41 -3.76 4.51
CA SER L 63 -28.48 -4.77 4.00
C SER L 63 -27.09 -4.15 3.95
N GLY L 64 -26.08 -4.99 4.17
CA GLY L 64 -24.71 -4.54 4.17
C GLY L 64 -23.82 -5.45 3.33
N SER L 65 -22.72 -4.88 2.86
CA SER L 65 -21.78 -5.62 2.04
C SER L 65 -20.36 -5.10 2.29
N GLY L 66 -19.38 -5.90 1.86
CA GLY L 66 -17.99 -5.51 1.92
C GLY L 66 -17.15 -6.49 2.73
N SER L 67 -15.83 -6.33 2.58
CA SER L 67 -14.83 -7.10 3.30
C SER L 67 -13.51 -6.35 3.18
N GLY L 68 -12.55 -6.76 4.01
CA GLY L 68 -11.25 -6.12 3.96
C GLY L 68 -11.26 -4.70 4.49
N THR L 69 -11.36 -3.72 3.58
CA THR L 69 -11.30 -2.31 3.94
C THR L 69 -12.50 -1.48 3.48
N ASP L 70 -13.34 -1.99 2.58
CA ASP L 70 -14.46 -1.23 2.05
C ASP L 70 -15.77 -1.91 2.41
N PHE L 71 -16.71 -1.13 2.93
CA PHE L 71 -17.99 -1.65 3.38
C PHE L 71 -19.11 -0.73 2.92
N THR L 72 -20.30 -1.29 2.81
CA THR L 72 -21.45 -0.56 2.28
C THR L 72 -22.70 -0.97 3.04
N LEU L 73 -23.44 0.01 3.53
CA LEU L 73 -24.77 -0.18 4.11
C LEU L 73 -25.83 0.40 3.18
N THR L 74 -26.90 -0.36 2.97
CA THR L 74 -27.91 0.00 1.99
C THR L 74 -29.31 -0.18 2.55
N ILE L 75 -30.13 0.87 2.45
CA ILE L 75 -31.55 0.80 2.75
C ILE L 75 -32.30 0.77 1.43
N SER L 76 -33.00 -0.33 1.16
CA SER L 76 -33.64 -0.53 -0.14
C SER L 76 -34.73 0.49 -0.40
N SER L 77 -35.76 0.51 0.45
CA SER L 77 -36.86 1.46 0.31
C SER L 77 -36.92 2.24 1.60
N LEU L 78 -36.45 3.48 1.56
CA LEU L 78 -36.40 4.30 2.76
C LEU L 78 -37.81 4.59 3.27
N GLN L 79 -38.01 4.42 4.56
CA GLN L 79 -39.27 4.68 5.23
C GLN L 79 -39.09 5.81 6.23
N PRO L 80 -40.17 6.50 6.60
CA PRO L 80 -40.01 7.70 7.46
C PRO L 80 -39.31 7.45 8.78
N GLU L 81 -39.42 6.26 9.35
CA GLU L 81 -38.75 6.00 10.63
C GLU L 81 -37.27 5.71 10.46
N ASP L 82 -36.75 5.70 9.24
CA ASP L 82 -35.35 5.41 8.98
C ASP L 82 -34.46 6.66 8.95
N PHE L 83 -35.03 7.86 8.98
CA PHE L 83 -34.23 9.08 8.99
C PHE L 83 -33.53 9.22 10.33
N ALA L 84 -32.20 9.07 10.32
CA ALA L 84 -31.41 9.12 11.55
C ALA L 84 -29.94 9.28 11.18
N THR L 85 -29.08 9.14 12.19
CA THR L 85 -27.63 9.12 12.00
C THR L 85 -27.14 7.68 12.06
N TYR L 86 -26.21 7.32 11.18
CA TYR L 86 -25.72 5.96 11.07
C TYR L 86 -24.22 5.91 11.27
N TYR L 87 -23.78 5.01 12.15
CA TYR L 87 -22.38 4.82 12.46
C TYR L 87 -21.97 3.40 12.07
N CYS L 88 -20.72 3.25 11.65
CA CYS L 88 -20.09 1.95 11.44
C CYS L 88 -18.97 1.75 12.44
N GLN L 89 -18.74 0.50 12.83
CA GLN L 89 -17.68 0.20 13.79
C GLN L 89 -17.03 -1.14 13.45
N GLN L 90 -15.71 -1.20 13.57
CA GLN L 90 -14.99 -2.45 13.42
C GLN L 90 -14.74 -3.07 14.78
N TYR L 91 -14.59 -4.38 14.80
CA TYR L 91 -14.20 -5.11 16.01
C TYR L 91 -13.02 -6.01 15.72
N TYR L 92 -12.09 -5.55 14.89
CA TYR L 92 -11.06 -6.43 14.39
C TYR L 92 -9.87 -6.48 15.35
N ASP L 93 -9.39 -5.32 15.80
CA ASP L 93 -8.29 -5.28 16.75
C ASP L 93 -8.80 -5.24 18.20
N THR L 94 -8.19 -4.41 19.03
CA THR L 94 -8.63 -4.19 20.40
C THR L 94 -9.40 -2.89 20.60
N TRP L 95 -8.95 -1.82 19.96
CA TRP L 95 -9.54 -0.49 20.10
C TRP L 95 -10.65 -0.36 19.08
N TYR L 96 -11.90 -0.59 19.51
CA TYR L 96 -13.05 -0.47 18.61
C TYR L 96 -13.18 0.96 18.11
N THR L 97 -13.26 1.12 16.80
CA THR L 97 -13.34 2.43 16.17
C THR L 97 -14.73 2.64 15.61
N PHE L 98 -15.22 3.88 15.70
CA PHE L 98 -16.48 4.24 15.11
C PHE L 98 -16.23 5.19 13.94
N GLY L 99 -17.17 5.22 13.03
CA GLY L 99 -17.15 6.24 12.01
C GLY L 99 -17.58 7.57 12.61
N GLN L 100 -17.40 8.65 11.84
CA GLN L 100 -17.89 9.95 12.30
C GLN L 100 -19.41 10.06 12.21
N GLY L 101 -20.06 9.12 11.54
CA GLY L 101 -21.51 9.13 11.42
C GLY L 101 -21.99 9.80 10.15
N THR L 102 -23.11 9.29 9.63
CA THR L 102 -23.77 9.83 8.45
C THR L 102 -25.22 10.12 8.79
N LYS L 103 -25.59 11.40 8.77
CA LYS L 103 -26.95 11.82 9.08
C LYS L 103 -27.79 11.78 7.82
N VAL L 104 -28.87 11.01 7.86
CA VAL L 104 -29.80 10.90 6.75
C VAL L 104 -30.86 11.98 6.90
N ASP L 105 -31.00 12.81 5.86
CA ASP L 105 -31.83 13.99 5.89
C ASP L 105 -33.03 13.81 4.95
N ILE L 106 -34.07 14.60 5.20
CA ILE L 106 -35.27 14.59 4.37
C ILE L 106 -35.12 15.63 3.26
N LYS L 107 -35.24 15.18 2.00
CA LYS L 107 -35.07 16.06 0.85
C LYS L 107 -36.32 16.87 0.56
N ARG L 108 -36.22 18.18 0.75
CA ARG L 108 -37.21 19.17 0.31
C ARG L 108 -36.54 20.13 -0.65
N THR L 109 -37.34 21.01 -1.25
CA THR L 109 -36.82 21.99 -2.19
C THR L 109 -35.94 22.99 -1.46
N VAL L 110 -35.03 23.60 -2.21
CA VAL L 110 -34.10 24.57 -1.63
C VAL L 110 -34.87 25.80 -1.15
N ALA L 111 -34.62 26.21 0.09
CA ALA L 111 -35.29 27.36 0.69
C ALA L 111 -34.24 28.32 1.22
N ALA L 112 -34.35 29.59 0.83
CA ALA L 112 -33.42 30.62 1.27
C ALA L 112 -33.78 31.09 2.68
N PRO L 113 -32.80 31.40 3.51
CA PRO L 113 -33.09 31.82 4.88
C PRO L 113 -33.49 33.29 4.96
N SER L 114 -34.34 33.59 5.94
CA SER L 114 -34.69 34.96 6.27
C SER L 114 -33.74 35.43 7.36
N VAL L 115 -32.91 36.42 7.04
CA VAL L 115 -31.80 36.80 7.89
C VAL L 115 -32.20 38.00 8.74
N PHE L 116 -32.01 37.87 10.05
CA PHE L 116 -32.28 38.94 10.99
C PHE L 116 -31.09 39.12 11.92
N ILE L 117 -30.77 40.37 12.25
CA ILE L 117 -29.68 40.69 13.15
C ILE L 117 -30.25 41.46 14.34
N PHE L 118 -29.70 41.21 15.52
CA PHE L 118 -30.17 41.82 16.76
C PHE L 118 -29.01 42.46 17.48
N PRO L 119 -29.06 43.76 17.76
CA PRO L 119 -28.00 44.40 18.56
C PRO L 119 -28.12 44.00 20.02
N PRO L 120 -27.08 44.18 20.81
CA PRO L 120 -27.20 43.90 22.25
C PRO L 120 -28.12 44.90 22.91
N SER L 121 -28.95 44.41 23.83
CA SER L 121 -29.89 45.28 24.51
C SER L 121 -29.15 46.24 25.44
N ASP L 122 -29.80 47.36 25.75
CA ASP L 122 -29.22 48.29 26.70
C ASP L 122 -29.11 47.67 28.09
N GLU L 123 -29.98 46.71 28.38
CA GLU L 123 -29.95 46.03 29.68
C GLU L 123 -28.75 45.11 29.81
N GLN L 124 -28.28 44.53 28.70
CA GLN L 124 -27.11 43.66 28.78
C GLN L 124 -25.83 44.47 28.77
N LEU L 125 -25.83 45.57 28.02
CA LEU L 125 -24.67 46.44 27.98
C LEU L 125 -24.37 47.04 29.34
N LYS L 126 -25.38 47.08 30.24
CA LYS L 126 -25.15 47.54 31.60
C LYS L 126 -24.46 46.47 32.44
N SER L 127 -24.45 45.22 31.96
CA SER L 127 -23.77 44.13 32.67
C SER L 127 -22.29 44.02 32.33
N GLY L 128 -21.87 44.57 31.19
CA GLY L 128 -20.49 44.52 30.76
C GLY L 128 -20.27 43.64 29.54
N THR L 129 -21.27 42.86 29.16
CA THR L 129 -21.21 41.96 28.02
C THR L 129 -22.16 42.44 26.94
N ALA L 130 -21.77 42.25 25.68
CA ALA L 130 -22.59 42.58 24.53
C ALA L 130 -22.73 41.33 23.68
N SER L 131 -23.96 40.94 23.37
CA SER L 131 -24.22 39.75 22.58
C SER L 131 -25.03 40.14 21.34
N VAL L 132 -24.42 39.98 20.18
CA VAL L 132 -25.07 40.24 18.91
C VAL L 132 -25.51 38.89 18.33
N VAL L 133 -26.79 38.78 18.00
CA VAL L 133 -27.38 37.54 17.53
C VAL L 133 -27.76 37.72 16.07
N CYS L 134 -27.50 36.69 15.26
CA CYS L 134 -27.87 36.67 13.86
C CYS L 134 -28.80 35.49 13.66
N LEU L 135 -29.90 35.72 12.93
CA LEU L 135 -30.94 34.72 12.77
C LEU L 135 -31.07 34.35 11.31
N LEU L 136 -31.10 33.05 11.04
CA LEU L 136 -31.38 32.50 9.71
C LEU L 136 -32.63 31.64 9.87
N ASN L 137 -33.74 32.05 9.26
CA ASN L 137 -35.04 31.48 9.57
C ASN L 137 -35.53 30.62 8.41
N ASN L 138 -35.85 29.36 8.71
CA ASN L 138 -36.51 28.43 7.80
C ASN L 138 -35.78 28.30 6.46
N PHE L 139 -34.74 27.48 6.42
CA PHE L 139 -33.97 27.31 5.20
C PHE L 139 -33.66 25.84 4.99
N TYR L 140 -33.26 25.50 3.76
CA TYR L 140 -32.83 24.16 3.40
C TYR L 140 -31.91 24.26 2.20
N PRO L 141 -30.80 23.50 2.16
CA PRO L 141 -30.36 22.49 3.13
C PRO L 141 -29.73 23.06 4.38
N ARG L 142 -29.20 22.20 5.25
CA ARG L 142 -28.65 22.66 6.52
C ARG L 142 -27.34 23.40 6.33
N GLU L 143 -26.58 23.04 5.31
CA GLU L 143 -25.26 23.64 5.08
C GLU L 143 -25.39 25.14 4.84
N ALA L 144 -24.89 25.94 5.78
CA ALA L 144 -24.95 27.39 5.69
C ALA L 144 -23.78 27.99 6.45
N LYS L 145 -23.24 29.09 5.93
CA LYS L 145 -22.09 29.76 6.53
C LYS L 145 -22.50 31.14 7.04
N VAL L 146 -22.21 31.39 8.31
CA VAL L 146 -22.46 32.68 8.95
C VAL L 146 -21.12 33.36 9.21
N GLN L 147 -20.92 34.53 8.61
CA GLN L 147 -19.67 35.29 8.71
C GLN L 147 -19.91 36.59 9.46
N TRP L 148 -19.20 36.78 10.57
CA TRP L 148 -19.30 38.01 11.35
C TRP L 148 -18.25 39.00 10.87
N LYS L 149 -18.67 40.23 10.55
CA LYS L 149 -17.77 41.29 10.13
C LYS L 149 -17.98 42.51 11.02
N VAL L 150 -16.93 42.93 11.69
CA VAL L 150 -16.96 44.10 12.56
C VAL L 150 -16.02 45.13 11.95
N ASP L 151 -16.58 46.23 11.45
CA ASP L 151 -15.82 47.23 10.70
C ASP L 151 -15.09 46.58 9.53
N ASN L 152 -15.82 45.74 8.79
CA ASN L 152 -15.32 45.00 7.63
C ASN L 152 -14.18 44.04 7.97
N ALA L 153 -13.99 43.74 9.25
CA ALA L 153 -12.97 42.78 9.66
C ALA L 153 -13.67 41.47 10.03
N LEU L 154 -13.34 40.41 9.31
CA LEU L 154 -13.99 39.12 9.53
C LEU L 154 -13.62 38.58 10.92
N GLN L 155 -14.65 38.27 11.70
CA GLN L 155 -14.49 37.80 13.06
C GLN L 155 -14.56 36.28 13.14
N SER L 156 -13.78 35.72 14.06
CA SER L 156 -13.74 34.28 14.28
C SER L 156 -13.22 34.01 15.69
N GLY L 157 -13.78 32.96 16.30
CA GLY L 157 -13.39 32.54 17.64
C GLY L 157 -14.03 33.34 18.76
N ASN L 158 -15.10 34.07 18.47
CA ASN L 158 -15.86 34.78 19.49
C ASN L 158 -17.35 34.65 19.20
N SER L 159 -17.72 33.67 18.38
CA SER L 159 -19.10 33.45 18.00
C SER L 159 -19.39 31.96 18.09
N GLN L 160 -20.68 31.64 18.28
CA GLN L 160 -21.14 30.27 18.39
C GLN L 160 -22.45 30.12 17.63
N GLU L 161 -22.63 28.97 17.00
CA GLU L 161 -23.80 28.67 16.20
C GLU L 161 -24.68 27.64 16.90
N SER L 162 -25.95 27.62 16.51
CA SER L 162 -26.91 26.66 17.02
C SER L 162 -27.97 26.45 15.95
N VAL L 163 -28.32 25.18 15.71
CA VAL L 163 -29.23 24.80 14.64
C VAL L 163 -30.42 24.07 15.25
N THR L 164 -31.61 24.40 14.76
CA THR L 164 -32.81 23.69 15.17
C THR L 164 -32.91 22.36 14.43
N GLU L 165 -33.59 21.40 15.06
CA GLU L 165 -33.95 20.19 14.36
C GLU L 165 -34.88 20.54 13.19
N GLN L 166 -34.79 19.74 12.12
CA GLN L 166 -35.62 19.97 10.96
C GLN L 166 -37.09 19.95 11.35
N ASP L 167 -37.82 21.00 10.98
CA ASP L 167 -39.21 21.14 11.41
C ASP L 167 -40.05 20.02 10.81
N SER L 168 -40.97 19.48 11.62
CA SER L 168 -41.78 18.35 11.18
C SER L 168 -42.82 18.75 10.15
N LYS L 169 -43.07 20.05 9.97
CA LYS L 169 -44.07 20.53 9.04
C LYS L 169 -43.46 20.92 7.70
N ASP L 170 -42.69 22.00 7.67
CA ASP L 170 -42.13 22.51 6.42
C ASP L 170 -40.74 21.98 6.13
N SER L 171 -40.21 21.09 6.98
CA SER L 171 -38.94 20.40 6.75
C SER L 171 -37.76 21.37 6.61
N THR L 172 -37.79 22.48 7.32
CA THR L 172 -36.72 23.48 7.26
C THR L 172 -35.91 23.48 8.54
N TYR L 173 -34.71 24.06 8.45
CA TYR L 173 -33.85 24.28 9.60
C TYR L 173 -33.89 25.74 10.02
N SER L 174 -33.25 26.04 11.14
CA SER L 174 -33.10 27.41 11.60
C SER L 174 -31.82 27.52 12.41
N LEU L 175 -31.11 28.64 12.22
CA LEU L 175 -29.79 28.84 12.82
C LEU L 175 -29.73 30.17 13.56
N SER L 176 -29.01 30.17 14.68
CA SER L 176 -28.76 31.38 15.47
C SER L 176 -27.27 31.44 15.76
N SER L 177 -26.63 32.54 15.35
CA SER L 177 -25.21 32.77 15.60
C SER L 177 -25.06 33.89 16.61
N THR L 178 -24.31 33.63 17.68
CA THR L 178 -24.19 34.55 18.80
C THR L 178 -22.75 35.06 18.89
N LEU L 179 -22.54 36.29 18.44
CA LEU L 179 -21.24 36.96 18.54
C LEU L 179 -21.14 37.67 19.88
N THR L 180 -20.17 37.28 20.70
CA THR L 180 -20.01 37.80 22.05
C THR L 180 -18.78 38.70 22.15
N LEU L 181 -18.98 39.90 22.70
CA LEU L 181 -17.91 40.86 22.93
C LEU L 181 -18.10 41.49 24.31
N SER L 182 -17.01 42.02 24.85
CA SER L 182 -17.12 42.80 26.07
C SER L 182 -17.73 44.16 25.75
N LYS L 183 -18.23 44.84 26.79
CA LYS L 183 -18.78 46.17 26.57
C LYS L 183 -17.73 47.13 26.05
N ALA L 184 -16.49 47.02 26.57
CA ALA L 184 -15.42 47.89 26.09
C ALA L 184 -15.07 47.60 24.64
N ASP L 185 -15.01 46.33 24.26
CA ASP L 185 -14.69 45.99 22.86
C ASP L 185 -15.87 46.26 21.93
N TYR L 186 -17.08 46.36 22.47
CA TYR L 186 -18.25 46.62 21.63
C TYR L 186 -18.27 48.07 21.17
N GLU L 187 -17.97 49.00 22.07
CA GLU L 187 -17.96 50.42 21.79
C GLU L 187 -16.74 50.87 20.99
N LYS L 188 -15.82 49.96 20.64
CA LYS L 188 -14.66 50.34 19.84
C LYS L 188 -14.96 50.40 18.35
N HIS L 189 -16.07 49.84 17.91
CA HIS L 189 -16.38 49.71 16.50
C HIS L 189 -17.77 50.27 16.22
N LYS L 190 -18.13 50.35 14.94
CA LYS L 190 -19.41 50.92 14.56
C LYS L 190 -20.28 49.95 13.78
N VAL L 191 -19.74 49.34 12.73
CA VAL L 191 -20.53 48.47 11.86
C VAL L 191 -20.48 47.04 12.39
N TYR L 192 -21.66 46.44 12.56
CA TYR L 192 -21.78 45.04 12.97
C TYR L 192 -22.71 44.34 11.99
N ALA L 193 -22.16 43.40 11.22
CA ALA L 193 -22.92 42.71 10.19
C ALA L 193 -22.71 41.21 10.35
N CYS L 194 -23.60 40.44 9.72
CA CYS L 194 -23.45 39.00 9.62
C CYS L 194 -23.82 38.61 8.20
N GLU L 195 -22.84 38.13 7.46
CA GLU L 195 -23.01 37.76 6.06
C GLU L 195 -23.41 36.30 5.99
N VAL L 196 -24.46 36.01 5.22
CA VAL L 196 -25.03 34.68 5.14
C VAL L 196 -24.90 34.20 3.70
N THR L 197 -24.26 33.04 3.54
CA THR L 197 -24.10 32.40 2.24
C THR L 197 -24.85 31.08 2.26
N HIS L 198 -25.74 30.89 1.30
CA HIS L 198 -26.59 29.72 1.25
C HIS L 198 -26.86 29.36 -0.20
N GLN L 199 -27.27 28.10 -0.41
CA GLN L 199 -27.53 27.62 -1.77
C GLN L 199 -28.70 28.37 -2.40
N GLY L 200 -29.72 28.71 -1.60
CA GLY L 200 -30.85 29.43 -2.14
C GLY L 200 -30.66 30.92 -2.28
N LEU L 201 -29.44 31.41 -2.13
CA LEU L 201 -29.12 32.83 -2.31
C LEU L 201 -28.15 32.92 -3.47
N SER L 202 -28.55 33.62 -4.53
CA SER L 202 -27.64 33.84 -5.64
C SER L 202 -26.39 34.60 -5.20
N SER L 203 -26.51 35.43 -4.18
CA SER L 203 -25.39 36.17 -3.62
C SER L 203 -25.55 36.22 -2.11
N PRO L 204 -24.45 36.29 -1.35
CA PRO L 204 -24.54 36.37 0.11
C PRO L 204 -25.34 37.58 0.58
N VAL L 205 -26.19 37.33 1.57
CA VAL L 205 -27.05 38.35 2.17
C VAL L 205 -26.40 38.87 3.45
N THR L 206 -26.45 40.18 3.65
CA THR L 206 -25.81 40.83 4.79
C THR L 206 -26.81 41.73 5.50
N LYS L 207 -27.10 41.41 6.76
CA LYS L 207 -27.85 42.29 7.65
C LYS L 207 -26.87 42.95 8.61
N SER L 208 -27.06 44.25 8.84
CA SER L 208 -26.09 45.00 9.61
C SER L 208 -26.79 46.13 10.36
N PHE L 209 -26.06 46.72 11.29
CA PHE L 209 -26.52 47.89 12.04
C PHE L 209 -25.32 48.68 12.50
N ASN L 210 -25.53 49.97 12.72
CA ASN L 210 -24.52 50.85 13.31
C ASN L 210 -24.85 51.07 14.78
N ARG L 211 -23.85 50.88 15.63
CA ARG L 211 -24.06 51.00 17.07
C ARG L 211 -24.52 52.41 17.44
N GLY L 212 -25.70 52.49 18.03
CA GLY L 212 -26.22 53.77 18.47
C GLY L 212 -27.02 54.49 17.41
N GLU L 213 -27.82 53.75 16.64
CA GLU L 213 -28.67 54.35 15.62
C GLU L 213 -30.01 53.63 15.51
N ASN M 8 67.46 -21.24 -2.28
CA ASN M 8 67.06 -22.16 -1.22
C ASN M 8 65.62 -22.64 -1.45
N LEU M 9 65.13 -23.51 -0.57
CA LEU M 9 63.84 -24.13 -0.75
C LEU M 9 62.71 -23.20 -0.29
N CYS M 10 61.51 -23.45 -0.83
CA CYS M 10 60.34 -22.70 -0.43
C CYS M 10 59.74 -23.29 0.85
N PRO M 11 59.31 -22.44 1.78
CA PRO M 11 58.86 -22.91 3.11
C PRO M 11 57.39 -23.32 3.16
N PHE M 12 57.10 -24.47 2.54
CA PHE M 12 55.74 -25.00 2.63
C PHE M 12 55.49 -25.67 3.97
N GLY M 13 56.54 -26.15 4.63
CA GLY M 13 56.37 -26.77 5.94
C GLY M 13 55.79 -25.81 6.96
N GLU M 14 56.22 -24.54 6.90
CA GLU M 14 55.72 -23.56 7.84
C GLU M 14 54.21 -23.36 7.74
N VAL M 15 53.60 -23.74 6.62
CA VAL M 15 52.17 -23.60 6.45
C VAL M 15 51.50 -24.90 6.86
N PHE M 16 51.89 -25.99 6.20
CA PHE M 16 51.25 -27.28 6.46
C PHE M 16 51.54 -27.79 7.86
N ASN M 17 52.77 -27.58 8.35
CA ASN M 17 53.15 -28.08 9.66
C ASN M 17 52.92 -27.07 10.77
N ALA M 18 52.32 -25.92 10.48
CA ALA M 18 52.09 -24.91 11.49
C ALA M 18 51.24 -25.47 12.62
N THR M 19 51.65 -25.19 13.87
CA THR M 19 50.98 -25.79 15.03
C THR M 19 49.55 -25.27 15.18
N ARG M 20 49.34 -23.98 14.97
CA ARG M 20 48.02 -23.37 15.09
C ARG M 20 47.61 -22.76 13.76
N PHE M 21 46.35 -22.94 13.40
CA PHE M 21 45.78 -22.40 12.18
C PHE M 21 44.82 -21.26 12.51
N ALA M 22 44.56 -20.43 11.51
CA ALA M 22 43.71 -19.26 11.69
C ALA M 22 42.25 -19.60 11.42
N SER M 23 41.36 -18.79 11.99
CA SER M 23 39.94 -18.93 11.68
C SER M 23 39.66 -18.48 10.26
N VAL M 24 38.57 -19.00 9.70
CA VAL M 24 38.34 -18.86 8.27
C VAL M 24 38.04 -17.41 7.88
N TYR M 25 37.37 -16.65 8.75
CA TYR M 25 37.11 -15.24 8.43
C TYR M 25 38.40 -14.43 8.42
N ALA M 26 39.40 -14.85 9.19
CA ALA M 26 40.69 -14.16 9.26
C ALA M 26 41.79 -15.08 8.73
N TRP M 27 41.62 -15.56 7.52
CA TRP M 27 42.53 -16.54 6.94
C TRP M 27 43.92 -15.95 6.75
N ASN M 28 44.93 -16.78 7.02
CA ASN M 28 46.32 -16.39 6.84
C ASN M 28 46.77 -16.62 5.40
N ARG M 29 47.59 -15.71 4.90
CA ARG M 29 48.17 -15.83 3.56
C ARG M 29 49.69 -15.74 3.68
N LYS M 30 50.38 -16.71 3.09
CA LYS M 30 51.83 -16.71 3.04
C LYS M 30 52.26 -16.51 1.59
N ARG M 31 52.91 -15.37 1.33
CA ARG M 31 53.43 -15.09 0.00
C ARG M 31 54.78 -15.80 -0.16
N ILE M 32 54.89 -16.61 -1.20
CA ILE M 32 56.08 -17.43 -1.43
C ILE M 32 56.76 -16.91 -2.70
N SER M 33 58.04 -16.54 -2.58
CA SER M 33 58.77 -15.94 -3.67
C SER M 33 60.27 -16.21 -3.50
N ASN M 34 60.98 -16.16 -4.63
CA ASN M 34 62.44 -16.23 -4.68
C ASN M 34 62.97 -17.51 -4.01
N CYS M 35 62.54 -18.65 -4.52
CA CYS M 35 62.92 -19.93 -3.94
C CYS M 35 62.60 -21.04 -4.92
N VAL M 36 63.12 -22.23 -4.62
CA VAL M 36 62.85 -23.45 -5.36
C VAL M 36 61.90 -24.30 -4.52
N ALA M 37 60.92 -24.90 -5.17
CA ALA M 37 59.86 -25.63 -4.49
C ALA M 37 59.81 -27.08 -4.93
N ASP M 38 59.62 -27.98 -3.96
CA ASP M 38 59.57 -29.41 -4.17
C ASP M 38 58.15 -29.87 -3.89
N TYR M 39 57.46 -30.31 -4.94
CA TYR M 39 56.02 -30.52 -4.86
C TYR M 39 55.59 -31.97 -4.81
N SER M 40 56.09 -32.79 -5.74
CA SER M 40 55.59 -34.16 -5.88
C SER M 40 55.83 -34.96 -4.61
N VAL M 41 57.05 -34.89 -4.07
CA VAL M 41 57.35 -35.57 -2.82
C VAL M 41 56.59 -34.91 -1.67
N LEU M 42 56.32 -33.61 -1.78
CA LEU M 42 55.61 -32.91 -0.72
C LEU M 42 54.15 -33.32 -0.66
N TYR M 43 53.50 -33.49 -1.82
CA TYR M 43 52.06 -33.71 -1.86
C TYR M 43 51.71 -35.18 -1.61
N ASN M 44 52.34 -36.09 -2.34
CA ASN M 44 52.03 -37.50 -2.19
C ASN M 44 52.30 -37.97 -0.77
N SER M 45 51.24 -38.05 0.01
CA SER M 45 51.31 -38.50 1.39
C SER M 45 50.00 -39.20 1.71
N ALA M 46 48.94 -38.85 0.96
CA ALA M 46 47.60 -39.42 1.12
C ALA M 46 47.07 -39.19 2.53
N SER M 47 47.84 -38.48 3.36
CA SER M 47 47.36 -38.03 4.66
C SER M 47 46.48 -36.81 4.45
N PHE M 48 45.81 -36.78 3.29
CA PHE M 48 44.97 -35.68 2.86
C PHE M 48 43.62 -36.27 2.49
N SER M 49 42.59 -35.88 3.23
CA SER M 49 41.25 -36.36 2.91
C SER M 49 40.71 -35.71 1.65
N THR M 50 41.15 -34.48 1.33
CA THR M 50 40.62 -33.75 0.18
C THR M 50 41.77 -33.10 -0.57
N PHE M 51 41.81 -33.32 -1.89
CA PHE M 51 42.94 -32.85 -2.71
C PHE M 51 42.43 -32.67 -4.15
N LYS M 52 42.04 -31.44 -4.48
CA LYS M 52 41.53 -31.12 -5.81
C LYS M 52 42.22 -29.87 -6.34
N CYS M 53 42.62 -29.94 -7.62
CA CYS M 53 43.33 -28.85 -8.28
C CYS M 53 42.51 -28.31 -9.45
N TYR M 54 42.68 -27.02 -9.73
CA TYR M 54 41.91 -26.33 -10.75
C TYR M 54 42.85 -25.53 -11.65
N GLY M 55 42.77 -25.77 -12.96
CA GLY M 55 43.55 -25.04 -13.94
C GLY M 55 44.98 -25.50 -14.11
N VAL M 56 45.43 -26.51 -13.35
CA VAL M 56 46.80 -26.98 -13.44
C VAL M 56 46.85 -28.38 -12.84
N SER M 57 47.78 -29.20 -13.33
CA SER M 57 48.00 -30.56 -12.88
C SER M 57 49.04 -30.59 -11.76
N PRO M 58 48.81 -31.42 -10.72
CA PRO M 58 49.75 -31.42 -9.59
C PRO M 58 51.13 -31.96 -9.95
N THR M 59 51.20 -32.83 -10.97
CA THR M 59 52.47 -33.34 -11.43
C THR M 59 53.18 -32.37 -12.38
N LYS M 60 52.42 -31.43 -12.95
CA LYS M 60 52.96 -30.44 -13.87
C LYS M 60 53.65 -29.29 -13.15
N LEU M 61 53.43 -29.13 -11.84
CA LEU M 61 53.98 -27.98 -11.13
C LEU M 61 55.51 -28.01 -11.06
N ASN M 62 56.09 -29.20 -11.10
CA ASN M 62 57.55 -29.30 -11.10
C ASN M 62 58.19 -28.77 -12.38
N ASP M 63 57.39 -28.33 -13.35
CA ASP M 63 57.90 -27.76 -14.58
C ASP M 63 57.65 -26.27 -14.69
N LEU M 64 56.63 -25.76 -14.00
CA LEU M 64 56.17 -24.40 -14.24
C LEU M 64 56.82 -23.44 -13.27
N CYS M 65 56.97 -22.20 -13.71
CA CYS M 65 57.47 -21.12 -12.88
C CYS M 65 56.38 -20.08 -12.77
N PHE M 66 56.30 -19.44 -11.60
CA PHE M 66 55.27 -18.45 -11.34
C PHE M 66 55.91 -17.23 -10.68
N THR M 67 55.29 -16.07 -10.91
CA THR M 67 55.76 -14.85 -10.28
C THR M 67 55.69 -14.96 -8.76
N ASN M 68 54.55 -15.39 -8.23
CA ASN M 68 54.40 -15.63 -6.80
C ASN M 68 53.51 -16.84 -6.59
N VAL M 69 53.59 -17.39 -5.38
CA VAL M 69 52.73 -18.49 -4.95
C VAL M 69 52.17 -18.15 -3.57
N TYR M 70 50.86 -18.25 -3.41
CA TYR M 70 50.18 -17.89 -2.17
C TYR M 70 49.65 -19.13 -1.48
N ALA M 71 49.99 -19.28 -0.20
CA ALA M 71 49.57 -20.42 0.61
C ALA M 71 48.62 -19.91 1.68
N ASP M 72 47.32 -19.95 1.39
CA ASP M 72 46.29 -19.56 2.34
C ASP M 72 45.90 -20.76 3.20
N SER M 73 45.76 -20.54 4.50
CA SER M 73 45.50 -21.63 5.44
C SER M 73 44.48 -21.18 6.48
N PHE M 74 43.52 -22.06 6.78
CA PHE M 74 42.48 -21.77 7.75
C PHE M 74 41.85 -23.09 8.20
N VAL M 75 40.81 -23.01 9.02
CA VAL M 75 40.12 -24.16 9.57
C VAL M 75 38.62 -23.97 9.38
N ILE M 76 37.96 -25.02 8.88
CA ILE M 76 36.51 -25.06 8.77
C ILE M 76 36.04 -26.41 9.28
N ARG M 77 34.75 -26.70 9.15
CA ARG M 77 34.22 -28.00 9.52
C ARG M 77 34.02 -28.86 8.28
N GLY M 78 33.79 -30.15 8.51
CA GLY M 78 33.83 -31.12 7.40
C GLY M 78 32.84 -30.80 6.30
N ASP M 79 31.59 -30.52 6.68
CA ASP M 79 30.54 -30.25 5.70
C ASP M 79 30.79 -28.99 4.89
N GLU M 80 31.85 -28.24 5.22
CA GLU M 80 32.17 -27.01 4.54
C GLU M 80 33.41 -27.10 3.66
N VAL M 81 34.11 -28.23 3.66
CA VAL M 81 35.26 -28.42 2.79
C VAL M 81 34.84 -28.31 1.32
N ARG M 82 33.61 -28.73 1.01
CA ARG M 82 33.09 -28.63 -0.35
C ARG M 82 32.90 -27.20 -0.83
N GLN M 83 33.00 -26.22 0.06
CA GLN M 83 32.78 -24.83 -0.34
C GLN M 83 34.05 -24.13 -0.79
N ILE M 84 35.22 -24.65 -0.42
CA ILE M 84 36.49 -24.02 -0.79
C ILE M 84 36.86 -24.44 -2.20
N ALA M 85 36.20 -23.84 -3.18
CA ALA M 85 36.37 -24.19 -4.58
C ALA M 85 35.81 -23.06 -5.42
N PRO M 86 36.27 -22.91 -6.67
CA PRO M 86 35.71 -21.87 -7.54
C PRO M 86 34.23 -22.10 -7.77
N GLY M 87 33.48 -21.00 -7.86
CA GLY M 87 32.08 -21.06 -8.21
C GLY M 87 31.14 -21.63 -7.17
N GLN M 88 31.60 -21.77 -5.92
CA GLN M 88 30.76 -22.31 -4.85
C GLN M 88 30.10 -21.18 -4.09
N THR M 89 28.92 -21.48 -3.54
CA THR M 89 28.18 -20.55 -2.71
C THR M 89 27.84 -21.21 -1.38
N GLY M 90 27.46 -20.40 -0.40
CA GLY M 90 27.21 -20.89 0.93
C GLY M 90 27.78 -19.94 1.96
N LYS M 91 27.68 -20.33 3.25
CA LYS M 91 28.12 -19.44 4.31
C LYS M 91 29.63 -19.17 4.23
N ILE M 92 30.42 -20.21 3.96
CA ILE M 92 31.86 -20.05 3.93
C ILE M 92 32.29 -19.31 2.67
N ALA M 93 31.82 -19.75 1.50
CA ALA M 93 32.27 -19.18 0.24
C ALA M 93 31.74 -17.76 0.00
N ASP M 94 30.65 -17.38 0.64
CA ASP M 94 30.09 -16.05 0.45
C ASP M 94 30.56 -15.05 1.49
N TYR M 95 30.84 -15.48 2.72
CA TYR M 95 31.09 -14.57 3.82
C TYR M 95 32.46 -14.72 4.47
N ASN M 96 33.26 -15.71 4.06
CA ASN M 96 34.54 -15.95 4.74
C ASN M 96 35.72 -16.07 3.78
N TYR M 97 35.64 -16.99 2.82
CA TYR M 97 36.75 -17.21 1.89
C TYR M 97 36.15 -17.59 0.54
N LYS M 98 36.47 -16.82 -0.49
CA LYS M 98 35.90 -17.01 -1.81
C LYS M 98 37.01 -17.19 -2.84
N LEU M 99 36.86 -18.21 -3.69
CA LEU M 99 37.78 -18.37 -4.80
C LEU M 99 37.16 -17.84 -6.08
N PRO M 100 37.96 -17.22 -6.96
CA PRO M 100 37.42 -16.72 -8.23
C PRO M 100 36.94 -17.86 -9.11
N ASP M 101 36.11 -17.50 -10.09
CA ASP M 101 35.60 -18.50 -11.02
C ASP M 101 36.68 -19.06 -11.93
N ASP M 102 37.82 -18.38 -12.05
CA ASP M 102 38.95 -18.83 -12.84
C ASP M 102 40.16 -19.17 -11.97
N PHE M 103 39.90 -19.76 -10.80
CA PHE M 103 40.97 -20.04 -9.85
C PHE M 103 41.96 -21.04 -10.43
N THR M 104 43.25 -20.71 -10.34
CA THR M 104 44.33 -21.57 -10.84
C THR M 104 45.20 -21.95 -9.64
N GLY M 105 44.96 -23.14 -9.10
CA GLY M 105 45.68 -23.60 -7.94
C GLY M 105 45.09 -24.90 -7.42
N CYS M 106 45.41 -25.22 -6.17
CA CYS M 106 44.93 -26.46 -5.56
C CYS M 106 44.36 -26.18 -4.18
N VAL M 107 43.45 -27.06 -3.76
CA VAL M 107 42.80 -26.99 -2.45
C VAL M 107 43.11 -28.29 -1.71
N ILE M 108 43.79 -28.17 -0.57
CA ILE M 108 44.22 -29.31 0.23
C ILE M 108 43.57 -29.22 1.60
N ALA M 109 43.02 -30.34 2.07
CA ALA M 109 42.37 -30.38 3.37
C ALA M 109 42.58 -31.74 4.01
N TRP M 110 42.76 -31.73 5.33
CA TRP M 110 42.92 -32.96 6.10
C TRP M 110 42.19 -32.82 7.42
N ASN M 111 41.66 -33.93 7.91
CA ASN M 111 40.98 -33.93 9.21
C ASN M 111 41.99 -33.62 10.31
N SER M 112 41.62 -32.67 11.17
CA SER M 112 42.48 -32.22 12.27
C SER M 112 41.74 -32.34 13.60
N ASN M 113 41.03 -33.44 13.78
CA ASN M 113 40.24 -33.61 15.00
C ASN M 113 41.14 -33.75 16.22
N ASN M 114 42.26 -34.45 16.07
CA ASN M 114 43.20 -34.62 17.19
C ASN M 114 43.89 -33.31 17.56
N LEU M 115 43.91 -32.33 16.68
CA LEU M 115 44.57 -31.06 16.96
C LEU M 115 43.62 -29.97 17.41
N ASP M 116 42.45 -29.87 16.78
CA ASP M 116 41.62 -28.68 16.89
C ASP M 116 40.31 -28.89 17.63
N SER M 117 40.03 -30.10 18.11
CA SER M 117 38.84 -30.34 18.92
C SER M 117 39.24 -30.62 20.36
N LYS M 118 38.42 -30.16 21.28
CA LYS M 118 38.65 -30.35 22.70
C LYS M 118 37.45 -31.07 23.31
N VAL M 119 37.71 -31.70 24.46
CA VAL M 119 36.66 -32.46 25.13
C VAL M 119 35.49 -31.56 25.52
N GLY M 120 35.79 -30.41 26.09
CA GLY M 120 34.74 -29.44 26.36
C GLY M 120 34.31 -28.61 25.19
N GLY M 121 34.84 -28.90 24.01
CA GLY M 121 34.55 -28.11 22.82
C GLY M 121 35.54 -26.98 22.65
N ASN M 122 36.02 -26.77 21.42
CA ASN M 122 36.95 -25.70 21.11
C ASN M 122 36.21 -24.63 20.33
N TYR M 123 35.99 -23.49 20.96
CA TYR M 123 35.23 -22.39 20.38
C TYR M 123 36.12 -21.29 19.84
N ASN M 124 37.44 -21.52 19.81
CA ASN M 124 38.37 -20.50 19.34
C ASN M 124 38.34 -20.34 17.83
N TYR M 125 37.82 -21.31 17.09
CA TYR M 125 37.69 -21.20 15.65
C TYR M 125 36.31 -20.60 15.32
N ARG M 126 36.30 -19.43 14.68
CA ARG M 126 35.09 -18.71 14.38
C ARG M 126 34.90 -18.55 12.88
N TYR M 127 33.74 -18.03 12.50
CA TYR M 127 33.42 -17.74 11.11
C TYR M 127 32.40 -16.63 11.03
N ARG M 128 32.44 -15.89 9.92
CA ARG M 128 31.49 -14.81 9.67
C ARG M 128 30.19 -15.41 9.15
N LEU M 129 29.12 -15.27 9.92
CA LEU M 129 27.83 -15.83 9.58
C LEU M 129 26.94 -14.85 8.80
N PHE M 130 26.93 -13.58 9.22
CA PHE M 130 26.12 -12.55 8.59
C PHE M 130 27.03 -11.56 7.88
N ARG M 131 26.67 -11.20 6.64
CA ARG M 131 27.33 -10.13 5.92
C ARG M 131 26.37 -9.64 4.85
N LYS M 132 26.34 -8.30 4.67
CA LYS M 132 25.36 -7.72 3.75
C LYS M 132 25.61 -8.14 2.31
N SER M 133 26.87 -8.13 1.88
CA SER M 133 27.24 -8.50 0.53
C SER M 133 28.27 -9.62 0.55
N ASN M 134 28.29 -10.39 -0.54
CA ASN M 134 29.27 -11.47 -0.67
C ASN M 134 30.67 -10.88 -0.72
N LEU M 135 31.64 -11.66 -0.25
CA LEU M 135 33.03 -11.28 -0.39
C LEU M 135 33.47 -11.39 -1.84
N LYS M 136 34.32 -10.47 -2.26
CA LYS M 136 34.99 -10.62 -3.55
C LYS M 136 36.11 -11.64 -3.42
N PRO M 137 36.51 -12.27 -4.53
CA PRO M 137 37.53 -13.32 -4.44
C PRO M 137 38.80 -12.82 -3.75
N PHE M 138 39.35 -13.67 -2.88
CA PHE M 138 40.56 -13.36 -2.11
C PHE M 138 40.41 -12.11 -1.25
N GLU M 139 39.19 -11.85 -0.80
CA GLU M 139 38.96 -10.77 0.17
C GLU M 139 39.02 -11.34 1.58
N ARG M 140 39.55 -10.54 2.51
CA ARG M 140 39.67 -10.93 3.90
C ARG M 140 38.97 -9.89 4.75
N ASP M 141 37.85 -10.29 5.36
CA ASP M 141 37.06 -9.40 6.19
C ASP M 141 37.24 -9.81 7.65
N ILE M 142 37.84 -8.94 8.45
CA ILE M 142 38.04 -9.15 9.87
C ILE M 142 37.25 -8.15 10.70
N SER M 143 36.25 -7.52 10.09
CA SER M 143 35.41 -6.56 10.81
C SER M 143 34.53 -7.27 11.82
N THR M 144 34.39 -6.67 12.99
CA THR M 144 33.54 -7.20 14.06
C THR M 144 32.37 -6.28 14.34
N GLU M 145 31.94 -5.54 13.31
CA GLU M 145 30.87 -4.57 13.45
C GLU M 145 29.53 -5.29 13.56
N ILE M 146 28.71 -4.85 14.52
CA ILE M 146 27.42 -5.48 14.75
C ILE M 146 26.57 -5.38 13.49
N TYR M 147 25.93 -6.49 13.14
CA TYR M 147 25.19 -6.60 11.88
C TYR M 147 23.74 -6.19 12.09
N GLN M 148 23.27 -5.26 11.24
CA GLN M 148 21.87 -4.86 11.25
C GLN M 148 21.05 -5.85 10.43
N ALA M 149 20.08 -6.49 11.07
CA ALA M 149 19.25 -7.48 10.40
C ALA M 149 17.77 -7.18 10.52
N GLY M 150 17.41 -5.97 10.93
CA GLY M 150 16.02 -5.57 10.98
C GLY M 150 15.84 -4.27 10.23
N SER M 151 15.05 -3.36 10.82
CA SER M 151 14.80 -2.06 10.23
C SER M 151 15.67 -1.01 10.90
N LYS M 152 15.35 -0.68 12.15
CA LYS M 152 16.15 0.20 13.01
C LYS M 152 17.63 -0.14 12.92
N PRO M 153 18.52 0.87 12.86
CA PRO M 153 19.96 0.58 12.89
C PRO M 153 20.38 0.10 14.27
N CYS M 154 21.64 -0.33 14.36
CA CYS M 154 22.14 -0.90 15.60
C CYS M 154 23.06 0.04 16.36
N ASN M 155 23.89 0.79 15.64
CA ASN M 155 24.79 1.77 16.25
C ASN M 155 25.51 1.18 17.46
N GLY M 156 26.13 0.02 17.25
CA GLY M 156 26.86 -0.65 18.30
C GLY M 156 26.00 -1.48 19.22
N VAL M 157 24.80 -1.00 19.53
CA VAL M 157 23.91 -1.72 20.44
C VAL M 157 23.56 -3.07 19.84
N GLU M 158 23.78 -4.12 20.60
CA GLU M 158 23.47 -5.47 20.16
C GLU M 158 22.14 -5.92 20.74
N GLY M 159 21.45 -6.80 20.01
CA GLY M 159 20.13 -7.23 20.41
C GLY M 159 19.46 -8.13 19.39
N PHE M 160 18.22 -7.82 18.99
CA PHE M 160 17.41 -8.78 18.24
C PHE M 160 17.45 -8.58 16.74
N ASN M 161 17.82 -7.40 16.28
CA ASN M 161 18.06 -7.16 14.86
C ASN M 161 19.51 -6.74 14.68
N CYS M 162 20.31 -7.02 15.70
CA CYS M 162 21.68 -6.58 15.85
C CYS M 162 22.48 -7.78 16.35
N TYR M 163 23.25 -8.39 15.46
CA TYR M 163 23.95 -9.63 15.75
C TYR M 163 25.44 -9.43 15.63
N PHE M 164 26.19 -10.08 16.51
CA PHE M 164 27.64 -10.15 16.38
C PHE M 164 27.96 -10.99 15.15
N PRO M 165 28.72 -10.46 14.18
CA PRO M 165 28.84 -11.14 12.88
C PRO M 165 29.62 -12.46 12.91
N LEU M 166 30.26 -12.80 14.02
CA LEU M 166 31.06 -14.02 14.11
C LEU M 166 30.43 -15.02 15.06
N GLN M 167 30.71 -16.30 14.82
CA GLN M 167 30.13 -17.40 15.57
C GLN M 167 31.14 -18.52 15.75
N SER M 168 31.13 -19.12 16.94
CA SER M 168 32.10 -20.16 17.30
C SER M 168 31.74 -21.48 16.64
N TYR M 169 32.77 -22.29 16.36
CA TYR M 169 32.56 -23.61 15.78
C TYR M 169 32.17 -24.63 16.84
N GLY M 170 32.97 -24.73 17.91
CA GLY M 170 32.69 -25.70 18.96
C GLY M 170 33.06 -27.11 18.58
N PHE M 171 34.36 -27.35 18.38
CA PHE M 171 34.83 -28.64 17.92
C PHE M 171 34.99 -29.59 19.10
N GLN M 172 34.22 -30.66 19.10
CA GLN M 172 34.38 -31.74 20.07
C GLN M 172 34.81 -33.00 19.35
N PRO M 173 35.72 -33.79 19.93
CA PRO M 173 36.25 -34.95 19.21
C PRO M 173 35.20 -35.99 18.89
N THR M 174 34.05 -35.95 19.56
CA THR M 174 33.00 -36.94 19.36
C THR M 174 31.94 -36.54 18.34
N ASN M 175 32.03 -35.32 17.78
CA ASN M 175 31.08 -34.94 16.75
C ASN M 175 31.28 -35.76 15.49
N GLY M 176 30.24 -35.83 14.68
CA GLY M 176 30.35 -36.47 13.37
C GLY M 176 31.40 -35.79 12.51
N VAL M 177 31.87 -36.52 11.50
CA VAL M 177 32.93 -36.01 10.64
C VAL M 177 32.51 -34.71 9.96
N GLY M 178 31.21 -34.50 9.77
CA GLY M 178 30.74 -33.24 9.22
C GLY M 178 30.96 -32.08 10.16
N TYR M 179 30.95 -32.34 11.47
CA TYR M 179 31.14 -31.31 12.48
C TYR M 179 32.55 -31.32 13.07
N GLN M 180 33.47 -32.04 12.47
CA GLN M 180 34.84 -32.09 12.95
C GLN M 180 35.70 -31.05 12.23
N PRO M 181 36.79 -30.62 12.86
CA PRO M 181 37.64 -29.61 12.25
C PRO M 181 38.52 -30.19 11.16
N TYR M 182 38.64 -29.45 10.06
CA TYR M 182 39.53 -29.79 8.95
C TYR M 182 40.42 -28.59 8.67
N ARG M 183 41.72 -28.83 8.57
CA ARG M 183 42.66 -27.78 8.20
C ARG M 183 42.83 -27.74 6.68
N VAL M 184 42.82 -26.54 6.13
CA VAL M 184 42.87 -26.33 4.69
C VAL M 184 44.08 -25.48 4.34
N VAL M 185 44.70 -25.80 3.21
CA VAL M 185 45.73 -24.98 2.60
C VAL M 185 45.36 -24.79 1.14
N VAL M 186 45.22 -23.54 0.72
CA VAL M 186 44.89 -23.20 -0.66
C VAL M 186 46.13 -22.61 -1.31
N LEU M 187 46.65 -23.29 -2.32
CA LEU M 187 47.82 -22.83 -3.05
C LEU M 187 47.35 -22.14 -4.32
N SER M 188 47.59 -20.84 -4.40
CA SER M 188 47.26 -20.05 -5.58
C SER M 188 48.51 -19.81 -6.40
N PHE M 189 48.41 -19.99 -7.71
CA PHE M 189 49.54 -19.84 -8.62
C PHE M 189 49.32 -18.64 -9.52
N GLU M 190 50.05 -17.57 -9.25
CA GLU M 190 49.90 -16.29 -9.92
C GLU M 190 50.95 -16.17 -11.03
N LEU M 191 50.49 -15.79 -12.22
CA LEU M 191 51.37 -15.64 -13.38
C LEU M 191 51.18 -14.26 -13.98
N LEU M 192 52.07 -13.33 -13.63
CA LEU M 192 52.07 -12.00 -14.21
C LEU M 192 53.05 -11.95 -15.39
N HIS M 193 53.02 -10.82 -16.10
CA HIS M 193 54.05 -10.55 -17.11
C HIS M 193 55.33 -10.02 -16.49
N ALA M 194 55.71 -10.55 -15.33
CA ALA M 194 56.89 -10.19 -14.58
C ALA M 194 57.83 -11.39 -14.49
N PRO M 195 59.10 -11.18 -14.17
CA PRO M 195 60.02 -12.31 -14.05
C PRO M 195 59.59 -13.25 -12.93
N ALA M 196 59.59 -14.55 -13.23
CA ALA M 196 59.18 -15.56 -12.27
C ALA M 196 60.27 -15.79 -11.24
N THR M 197 59.85 -16.12 -10.02
CA THR M 197 60.77 -16.36 -8.92
C THR M 197 60.61 -17.72 -8.26
N VAL M 198 59.48 -18.39 -8.44
CA VAL M 198 59.22 -19.69 -7.84
C VAL M 198 59.11 -20.71 -8.97
N CYS M 199 60.07 -21.62 -9.03
CA CYS M 199 60.07 -22.72 -9.98
C CYS M 199 60.14 -24.04 -9.21
N GLY M 200 59.41 -25.04 -9.72
CA GLY M 200 59.45 -26.35 -9.10
C GLY M 200 60.62 -27.17 -9.59
N LYS M 201 61.25 -27.90 -8.67
CA LYS M 201 62.39 -28.74 -8.99
C LYS M 201 62.61 -29.81 -7.93
N GLN N 1 29.50 -29.31 16.81
CA GLN N 1 28.04 -29.46 16.76
C GLN N 1 27.41 -29.07 18.09
N VAL N 2 26.44 -28.18 18.04
CA VAL N 2 25.71 -27.77 19.24
C VAL N 2 24.65 -28.81 19.55
N GLN N 3 24.65 -29.31 20.78
CA GLN N 3 23.74 -30.36 21.21
C GLN N 3 22.79 -29.82 22.26
N LEU N 4 21.49 -29.96 22.01
CA LEU N 4 20.45 -29.48 22.90
C LEU N 4 19.59 -30.65 23.37
N GLN N 5 19.59 -30.90 24.67
CA GLN N 5 18.76 -31.93 25.29
C GLN N 5 17.76 -31.26 26.21
N GLU N 6 16.47 -31.51 25.98
CA GLU N 6 15.40 -30.91 26.76
C GLU N 6 14.73 -31.95 27.62
N SER N 7 14.28 -31.53 28.80
CA SER N 7 13.70 -32.44 29.77
C SER N 7 12.52 -31.77 30.45
N GLY N 8 11.65 -32.61 31.03
CA GLY N 8 10.48 -32.13 31.71
C GLY N 8 9.29 -33.03 31.50
N PRO N 9 8.29 -32.91 32.37
CA PRO N 9 7.11 -33.79 32.27
C PRO N 9 6.30 -33.50 31.02
N GLY N 10 5.85 -34.56 30.38
CA GLY N 10 4.96 -34.44 29.24
C GLY N 10 3.50 -34.39 29.60
N LEU N 11 3.18 -34.31 30.89
CA LEU N 11 1.80 -34.26 31.35
C LEU N 11 1.69 -33.22 32.46
N VAL N 12 0.91 -32.18 32.22
CA VAL N 12 0.70 -31.10 33.16
C VAL N 12 -0.79 -30.85 33.28
N LYS N 13 -1.29 -30.88 34.52
CA LYS N 13 -2.71 -30.61 34.74
C LYS N 13 -3.05 -29.18 34.34
N PRO N 14 -4.30 -28.91 33.94
CA PRO N 14 -4.66 -27.56 33.53
C PRO N 14 -4.47 -26.56 34.66
N SER N 15 -4.28 -25.29 34.27
CA SER N 15 -4.06 -24.17 35.17
C SER N 15 -2.72 -24.26 35.91
N GLU N 16 -2.06 -25.43 35.85
CA GLU N 16 -0.75 -25.59 36.45
C GLU N 16 0.30 -24.90 35.59
N THR N 17 1.56 -25.06 35.95
CA THR N 17 2.66 -24.42 35.25
C THR N 17 3.47 -25.46 34.50
N LEU N 18 3.57 -25.28 33.18
CA LEU N 18 4.46 -26.11 32.38
C LEU N 18 5.90 -25.70 32.68
N SER N 19 6.78 -26.70 32.84
CA SER N 19 8.18 -26.42 33.08
C SER N 19 9.04 -27.39 32.29
N LEU N 20 10.00 -26.84 31.55
CA LEU N 20 10.95 -27.62 30.77
C LEU N 20 12.33 -26.98 30.87
N THR N 21 13.36 -27.82 30.79
CA THR N 21 14.74 -27.36 30.88
C THR N 21 15.53 -27.97 29.74
N CYS N 22 16.29 -27.13 29.04
CA CYS N 22 17.15 -27.54 27.93
C CYS N 22 18.59 -27.46 28.40
N THR N 23 19.29 -28.59 28.30
CA THR N 23 20.71 -28.66 28.66
C THR N 23 21.54 -28.59 27.39
N VAL N 24 22.58 -27.77 27.40
CA VAL N 24 23.40 -27.53 26.23
C VAL N 24 24.72 -28.28 26.40
N SER N 25 25.08 -29.09 25.39
CA SER N 25 26.32 -29.86 25.44
C SER N 25 27.11 -29.74 24.15
N GLY N 26 26.87 -28.69 23.36
CA GLY N 26 27.58 -28.50 22.12
C GLY N 26 28.26 -27.15 22.06
N GLY N 27 27.80 -26.23 22.90
CA GLY N 27 28.36 -24.90 22.95
C GLY N 27 28.11 -24.22 24.27
N SER N 28 29.12 -23.56 24.82
CA SER N 28 28.96 -22.85 26.09
C SER N 28 27.81 -21.86 25.98
N ILE N 29 26.82 -22.01 26.85
CA ILE N 29 25.67 -21.11 26.85
C ILE N 29 26.08 -19.66 27.08
N SER N 30 27.32 -19.43 27.48
CA SER N 30 27.87 -18.10 27.70
C SER N 30 28.80 -17.64 26.57
N SER N 31 29.49 -18.57 25.92
CA SER N 31 30.53 -18.21 24.97
C SER N 31 30.11 -18.50 23.54
N SER N 32 29.05 -17.83 23.09
CA SER N 32 28.55 -17.97 21.73
C SER N 32 27.59 -16.84 21.44
N ASN N 33 27.69 -16.28 20.24
CA ASN N 33 26.69 -15.30 19.80
C ASN N 33 25.38 -16.01 19.46
N TYR N 34 24.82 -16.70 20.45
CA TYR N 34 23.66 -17.55 20.28
C TYR N 34 22.58 -17.13 21.26
N TYR N 35 21.38 -16.87 20.73
CA TYR N 35 20.24 -16.73 21.62
C TYR N 35 19.71 -18.14 21.92
N TRP N 36 18.94 -18.23 23.00
CA TRP N 36 18.44 -19.52 23.47
C TRP N 36 16.94 -19.42 23.65
N GLY N 37 16.20 -20.11 22.79
CA GLY N 37 14.77 -19.89 22.66
C GLY N 37 13.97 -21.17 22.81
N TRP N 38 12.66 -21.00 22.63
CA TRP N 38 11.72 -22.10 22.68
C TRP N 38 10.70 -21.93 21.56
N ILE N 39 10.45 -23.01 20.82
CA ILE N 39 9.41 -23.03 19.80
C ILE N 39 8.52 -24.24 20.06
N ARG N 40 7.22 -24.03 20.04
CA ARG N 40 6.28 -25.12 20.22
C ARG N 40 5.54 -25.39 18.91
N GLN N 41 4.87 -26.53 18.88
CA GLN N 41 4.13 -26.97 17.70
C GLN N 41 2.95 -27.80 18.17
N PRO N 42 1.74 -27.23 18.15
CA PRO N 42 0.57 -28.04 18.47
C PRO N 42 0.44 -29.16 17.49
N PRO N 43 -0.15 -30.29 17.91
CA PRO N 43 -0.25 -31.45 17.02
C PRO N 43 -1.01 -31.10 15.74
N GLY N 44 -0.40 -31.41 14.60
CA GLY N 44 -1.01 -31.10 13.33
C GLY N 44 -1.07 -29.64 12.97
N LYS N 45 -0.46 -28.77 13.77
CA LYS N 45 -0.47 -27.34 13.54
C LYS N 45 0.92 -26.87 13.13
N GLY N 46 1.07 -25.55 13.00
CA GLY N 46 2.32 -24.95 12.60
C GLY N 46 3.25 -24.74 13.78
N LEU N 47 4.26 -23.91 13.56
CA LEU N 47 5.23 -23.59 14.59
C LEU N 47 4.95 -22.21 15.17
N GLU N 48 5.12 -22.08 16.48
CA GLU N 48 4.91 -20.82 17.18
C GLU N 48 6.11 -20.52 18.06
N TRP N 49 6.72 -19.36 17.86
CA TRP N 49 7.82 -18.94 18.72
C TRP N 49 7.28 -18.52 20.09
N ILE N 50 8.00 -18.92 21.14
CA ILE N 50 7.57 -18.62 22.50
C ILE N 50 8.38 -17.46 23.05
N GLY N 51 9.69 -17.63 23.10
CA GLY N 51 10.54 -16.57 23.63
C GLY N 51 11.99 -16.98 23.48
N SER N 52 12.87 -16.01 23.75
CA SER N 52 14.30 -16.20 23.67
C SER N 52 14.95 -15.47 24.83
N ILE N 53 16.23 -15.75 25.05
CA ILE N 53 16.97 -15.15 26.15
C ILE N 53 18.45 -15.12 25.77
N TYR N 54 19.15 -14.11 26.26
CA TYR N 54 20.58 -14.03 26.06
C TYR N 54 21.31 -14.42 27.34
N TYR N 55 22.61 -14.62 27.21
CA TYR N 55 23.42 -14.98 28.38
C TYR N 55 23.33 -13.92 29.47
N SER N 56 23.02 -12.67 29.11
CA SER N 56 22.87 -11.60 30.07
C SER N 56 22.12 -10.43 29.45
N GLY N 57 22.38 -10.17 28.16
CA GLY N 57 21.79 -9.09 27.39
C GLY N 57 20.37 -8.72 27.77
N SER N 58 19.42 -9.60 27.43
CA SER N 58 18.02 -9.43 27.80
C SER N 58 17.19 -10.62 27.33
N SER N 59 15.89 -10.60 27.57
CA SER N 59 14.96 -11.60 27.09
C SER N 59 13.99 -10.97 26.09
N TYR N 60 13.36 -11.82 25.29
CA TYR N 60 12.41 -11.37 24.28
C TYR N 60 11.35 -12.44 24.12
N TYR N 61 10.08 -12.07 24.34
CA TYR N 61 8.98 -13.02 24.36
C TYR N 61 8.00 -12.75 23.24
N SER N 62 7.21 -13.76 22.92
CA SER N 62 6.07 -13.59 22.03
C SER N 62 5.00 -12.78 22.77
N PRO N 63 4.59 -11.62 22.27
CA PRO N 63 3.58 -10.82 22.99
C PRO N 63 2.27 -11.56 23.22
N SER N 64 1.92 -12.50 22.34
CA SER N 64 0.72 -13.28 22.52
C SER N 64 0.78 -14.19 23.75
N LEU N 65 1.97 -14.37 24.33
CA LEU N 65 2.14 -15.23 25.50
C LEU N 65 2.94 -14.57 26.61
N LYS N 66 3.30 -13.29 26.47
CA LYS N 66 4.29 -12.68 27.36
C LYS N 66 3.83 -12.69 28.81
N SER N 67 2.52 -12.65 29.06
CA SER N 67 2.03 -12.61 30.43
C SER N 67 2.18 -13.95 31.14
N ARG N 68 2.30 -15.04 30.39
CA ARG N 68 2.30 -16.38 30.95
C ARG N 68 3.66 -17.06 30.89
N VAL N 69 4.65 -16.42 30.28
CA VAL N 69 5.91 -17.08 29.91
C VAL N 69 7.04 -16.48 30.71
N THR N 70 7.93 -17.33 31.22
CA THR N 70 9.16 -16.92 31.88
C THR N 70 10.28 -17.83 31.41
N ILE N 71 11.34 -17.24 30.86
CA ILE N 71 12.52 -17.97 30.42
C ILE N 71 13.69 -17.53 31.27
N SER N 72 14.34 -18.48 31.92
CA SER N 72 15.48 -18.23 32.77
C SER N 72 16.69 -18.98 32.25
N VAL N 73 17.88 -18.55 32.67
CA VAL N 73 19.14 -19.14 32.22
C VAL N 73 19.96 -19.52 33.46
N ASP N 74 20.58 -20.70 33.41
CA ASP N 74 21.48 -21.17 34.46
C ASP N 74 22.80 -21.55 33.82
N THR N 75 23.87 -20.88 34.25
CA THR N 75 25.17 -21.04 33.64
C THR N 75 26.07 -22.03 34.37
N SER N 76 25.96 -22.11 35.70
CA SER N 76 26.73 -23.09 36.45
C SER N 76 26.39 -24.50 36.02
N LYS N 77 25.14 -24.74 35.63
CA LYS N 77 24.69 -26.07 35.21
C LYS N 77 24.41 -26.15 33.71
N SER N 78 24.71 -25.10 32.95
CA SER N 78 24.53 -25.06 31.50
C SER N 78 23.12 -25.50 31.09
N GLN N 79 22.15 -24.65 31.47
CA GLN N 79 20.75 -24.92 31.19
C GLN N 79 20.00 -23.60 31.03
N PHE N 80 18.99 -23.61 30.15
CA PHE N 80 18.01 -22.54 30.12
C PHE N 80 16.62 -23.17 30.16
N SER N 81 15.71 -22.53 30.89
CA SER N 81 14.45 -23.14 31.27
C SER N 81 13.27 -22.29 30.80
N LEU N 82 12.10 -22.92 30.78
CA LEU N 82 10.86 -22.30 30.33
C LEU N 82 9.76 -22.58 31.35
N LYS N 83 8.93 -21.57 31.60
CA LYS N 83 7.81 -21.72 32.53
C LYS N 83 6.59 -21.04 31.92
N LEU N 84 5.56 -21.84 31.65
CA LEU N 84 4.30 -21.35 31.10
C LEU N 84 3.22 -21.52 32.15
N SER N 85 2.61 -20.40 32.57
CA SER N 85 1.66 -20.41 33.65
C SER N 85 0.23 -20.57 33.15
N SER N 86 -0.60 -21.19 33.99
CA SER N 86 -2.03 -21.39 33.72
C SER N 86 -2.26 -22.07 32.37
N VAL N 87 -1.63 -23.24 32.21
CA VAL N 87 -1.72 -23.97 30.96
C VAL N 87 -3.15 -24.47 30.76
N THR N 88 -3.55 -24.56 29.48
CA THR N 88 -4.83 -25.09 29.07
C THR N 88 -4.60 -26.12 27.98
N ALA N 89 -5.69 -26.77 27.55
CA ALA N 89 -5.60 -27.72 26.44
C ALA N 89 -5.07 -27.06 25.17
N ALA N 90 -5.17 -25.73 25.07
CA ALA N 90 -4.56 -25.00 23.97
C ALA N 90 -3.05 -25.16 23.95
N ASP N 91 -2.44 -25.41 25.11
CA ASP N 91 -1.00 -25.50 25.24
C ASP N 91 -0.47 -26.91 25.02
N THR N 92 -1.33 -27.87 24.70
CA THR N 92 -0.86 -29.19 24.30
C THR N 92 -0.11 -29.05 22.98
N ALA N 93 1.22 -29.19 23.04
CA ALA N 93 2.04 -28.97 21.87
C ALA N 93 3.40 -29.61 22.11
N VAL N 94 4.12 -29.84 21.01
CA VAL N 94 5.50 -30.29 21.10
C VAL N 94 6.38 -29.08 21.32
N TYR N 95 7.17 -29.10 22.37
CA TYR N 95 8.04 -27.97 22.72
C TYR N 95 9.47 -28.30 22.38
N TYR N 96 10.10 -27.44 21.59
CA TYR N 96 11.49 -27.54 21.21
C TYR N 96 12.29 -26.43 21.89
N CYS N 97 13.54 -26.72 22.24
CA CYS N 97 14.50 -25.69 22.60
C CYS N 97 15.51 -25.54 21.47
N ALA N 98 15.86 -24.28 21.17
CA ALA N 98 16.61 -24.01 19.97
C ALA N 98 17.73 -23.01 20.24
N SER N 99 18.88 -23.22 19.60
CA SER N 99 19.97 -22.27 19.57
C SER N 99 19.65 -21.26 18.48
N THR N 100 18.95 -20.19 18.89
CA THR N 100 18.41 -19.21 17.96
C THR N 100 19.36 -18.02 17.77
N LEU N 101 19.11 -17.26 16.71
CA LEU N 101 19.81 -16.01 16.44
C LEU N 101 18.96 -15.20 15.47
N GLY N 102 19.42 -15.10 14.22
CA GLY N 102 18.51 -14.69 13.17
C GLY N 102 17.57 -15.84 12.91
N ALA N 103 18.14 -16.99 12.61
CA ALA N 103 17.40 -18.24 12.51
C ALA N 103 17.61 -19.06 13.77
N THR N 104 16.83 -20.13 13.88
CA THR N 104 17.01 -21.11 14.95
C THR N 104 17.89 -22.21 14.37
N PHE N 105 19.17 -22.21 14.74
CA PHE N 105 20.15 -23.02 14.03
C PHE N 105 20.11 -24.48 14.49
N TYR N 106 20.12 -24.71 15.79
CA TYR N 106 20.08 -26.05 16.34
C TYR N 106 18.78 -26.26 17.11
N TRP N 107 18.33 -27.51 17.15
CA TRP N 107 17.01 -27.85 17.67
C TRP N 107 17.09 -29.08 18.55
N GLY N 108 16.52 -28.99 19.75
CA GLY N 108 16.28 -30.18 20.54
C GLY N 108 15.31 -31.13 19.86
N GLN N 109 15.28 -32.36 20.37
CA GLN N 109 14.45 -33.38 19.73
C GLN N 109 12.96 -33.10 19.87
N GLY N 110 12.57 -32.31 20.87
CA GLY N 110 11.17 -31.98 21.06
C GLY N 110 10.47 -32.83 22.10
N THR N 111 9.86 -32.18 23.08
CA THR N 111 9.15 -32.86 24.16
C THR N 111 7.66 -32.54 24.03
N LEU N 112 6.86 -33.57 23.83
CA LEU N 112 5.41 -33.42 23.79
C LEU N 112 4.89 -33.25 25.21
N VAL N 113 4.15 -32.17 25.44
CA VAL N 113 3.53 -31.91 26.74
C VAL N 113 2.03 -31.90 26.53
N THR N 114 1.33 -32.79 27.23
CA THR N 114 -0.13 -32.89 27.13
C THR N 114 -0.75 -32.24 28.35
N VAL N 115 -1.70 -31.34 28.11
CA VAL N 115 -2.42 -30.65 29.17
C VAL N 115 -3.78 -31.32 29.31
N SER N 116 -3.95 -32.06 30.41
CA SER N 116 -5.20 -32.76 30.69
C SER N 116 -5.24 -33.06 32.18
N SER N 117 -6.45 -33.24 32.70
CA SER N 117 -6.63 -33.56 34.11
C SER N 117 -7.05 -35.00 34.30
N ALA N 118 -6.97 -35.82 33.24
CA ALA N 118 -7.41 -37.21 33.30
C ALA N 118 -6.28 -38.09 33.81
N SER N 119 -6.65 -39.09 34.62
CA SER N 119 -5.71 -40.08 35.10
C SER N 119 -5.63 -41.21 34.07
N THR N 120 -4.98 -42.31 34.44
CA THR N 120 -4.80 -43.41 33.51
C THR N 120 -6.09 -44.21 33.38
N LYS N 121 -6.52 -44.45 32.13
CA LYS N 121 -7.72 -45.22 31.86
C LYS N 121 -7.43 -46.23 30.76
N GLY N 122 -7.76 -47.50 31.03
CA GLY N 122 -7.65 -48.54 30.03
C GLY N 122 -8.74 -48.41 28.99
N PRO N 123 -8.40 -48.73 27.75
CA PRO N 123 -9.35 -48.53 26.65
C PRO N 123 -10.44 -49.59 26.60
N SER N 124 -11.54 -49.22 25.95
CA SER N 124 -12.57 -50.16 25.55
C SER N 124 -12.39 -50.47 24.07
N VAL N 125 -12.47 -51.75 23.72
CA VAL N 125 -12.24 -52.20 22.36
C VAL N 125 -13.56 -52.73 21.82
N PHE N 126 -14.10 -52.04 20.81
CA PHE N 126 -15.35 -52.41 20.20
C PHE N 126 -15.13 -52.86 18.75
N PRO N 127 -15.87 -53.86 18.28
CA PRO N 127 -15.65 -54.36 16.92
C PRO N 127 -16.28 -53.45 15.87
N LEU N 128 -15.60 -53.34 14.75
CA LEU N 128 -16.13 -52.70 13.54
C LEU N 128 -16.48 -53.83 12.58
N ALA N 129 -17.65 -54.40 12.76
CA ALA N 129 -18.04 -55.62 12.07
C ALA N 129 -18.23 -55.36 10.57
N PRO N 130 -17.78 -56.28 9.72
CA PRO N 130 -18.03 -56.12 8.28
C PRO N 130 -19.50 -56.33 7.95
N SER N 131 -20.05 -55.43 7.14
CA SER N 131 -21.46 -55.47 6.80
C SER N 131 -21.69 -56.38 5.59
N SER N 132 -22.96 -56.59 5.25
CA SER N 132 -23.37 -57.40 4.11
C SER N 132 -23.40 -56.59 2.82
N LYS N 133 -24.00 -55.40 2.87
CA LYS N 133 -24.13 -54.54 1.69
C LYS N 133 -22.77 -54.08 1.17
N GLY N 138 -16.16 -57.70 -3.67
CA GLY N 138 -15.02 -58.60 -3.71
C GLY N 138 -14.16 -58.52 -2.47
N THR N 139 -13.94 -57.30 -1.97
CA THR N 139 -13.18 -57.06 -0.75
C THR N 139 -14.07 -56.36 0.27
N ALA N 140 -13.99 -56.82 1.52
CA ALA N 140 -14.74 -56.24 2.62
C ALA N 140 -13.78 -55.68 3.67
N ALA N 141 -14.31 -54.83 4.54
CA ALA N 141 -13.51 -54.15 5.55
C ALA N 141 -14.06 -54.43 6.94
N LEU N 142 -13.15 -54.58 7.90
CA LEU N 142 -13.51 -54.79 9.29
C LEU N 142 -12.41 -54.19 10.16
N GLY N 143 -12.71 -53.97 11.43
CA GLY N 143 -11.72 -53.37 12.29
C GLY N 143 -12.15 -53.34 13.75
N CYS N 144 -11.40 -52.58 14.53
CA CYS N 144 -11.63 -52.41 15.95
C CYS N 144 -11.58 -50.94 16.31
N LEU N 145 -12.41 -50.54 17.28
CA LEU N 145 -12.44 -49.18 17.78
C LEU N 145 -11.90 -49.19 19.21
N VAL N 146 -10.74 -48.56 19.40
CA VAL N 146 -10.10 -48.46 20.70
C VAL N 146 -10.44 -47.08 21.26
N LYS N 147 -11.44 -47.02 22.13
CA LYS N 147 -12.05 -45.76 22.54
C LYS N 147 -11.86 -45.51 24.03
N ASP N 148 -11.71 -44.23 24.38
CA ASP N 148 -11.70 -43.74 25.76
C ASP N 148 -10.54 -44.36 26.57
N TYR N 149 -9.34 -43.87 26.26
CA TYR N 149 -8.15 -44.25 27.01
C TYR N 149 -7.26 -43.03 27.19
N PHE N 150 -6.31 -43.15 28.10
CA PHE N 150 -5.34 -42.11 28.43
C PHE N 150 -4.22 -42.68 29.28
N PRO N 151 -2.96 -42.30 29.03
CA PRO N 151 -2.48 -41.44 27.94
C PRO N 151 -2.04 -42.24 26.73
N GLU N 152 -1.27 -41.63 25.82
CA GLU N 152 -0.73 -42.35 24.70
C GLU N 152 0.40 -43.28 25.16
N PRO N 153 0.70 -44.35 24.39
CA PRO N 153 0.04 -44.82 23.17
C PRO N 153 -0.59 -46.21 23.32
N VAL N 154 -1.24 -46.70 22.26
CA VAL N 154 -1.69 -48.08 22.16
C VAL N 154 -1.08 -48.70 20.91
N THR N 155 -1.01 -50.03 20.91
CA THR N 155 -0.51 -50.78 19.76
C THR N 155 -1.55 -51.80 19.35
N VAL N 156 -1.81 -51.89 18.05
CA VAL N 156 -2.84 -52.78 17.51
C VAL N 156 -2.22 -53.65 16.43
N SER N 157 -2.30 -54.96 16.61
CA SER N 157 -1.94 -55.95 15.59
C SER N 157 -3.15 -56.84 15.32
N TRP N 158 -3.04 -57.64 14.26
CA TRP N 158 -4.13 -58.50 13.80
C TRP N 158 -3.66 -59.93 13.67
N ASN N 159 -4.42 -60.87 14.26
CA ASN N 159 -4.09 -62.30 14.25
C ASN N 159 -2.69 -62.54 14.83
N SER N 160 -2.35 -61.78 15.89
CA SER N 160 -1.08 -61.92 16.59
C SER N 160 0.12 -61.72 15.65
N GLY N 161 -0.03 -60.83 14.66
CA GLY N 161 1.03 -60.55 13.72
C GLY N 161 0.97 -61.36 12.44
N ALA N 162 0.06 -62.32 12.32
CA ALA N 162 -0.07 -63.11 11.10
C ALA N 162 -0.77 -62.37 9.98
N LEU N 163 -1.39 -61.23 10.25
CA LEU N 163 -2.11 -60.45 9.25
C LEU N 163 -1.56 -59.03 9.26
N THR N 164 -0.84 -58.66 8.21
CA THR N 164 -0.23 -57.34 8.12
C THR N 164 -0.61 -56.63 6.83
N SER N 165 -0.91 -57.39 5.79
CA SER N 165 -1.24 -56.81 4.49
C SER N 165 -2.64 -56.21 4.52
N GLY N 166 -2.74 -54.93 4.20
CA GLY N 166 -4.02 -54.26 4.14
C GLY N 166 -4.51 -53.65 5.43
N VAL N 167 -3.65 -53.56 6.45
CA VAL N 167 -4.02 -53.04 7.75
C VAL N 167 -3.67 -51.56 7.82
N HIS N 168 -4.64 -50.75 8.24
CA HIS N 168 -4.42 -49.33 8.52
C HIS N 168 -4.82 -49.08 9.96
N THR N 169 -3.84 -48.74 10.80
CA THR N 169 -4.10 -48.31 12.17
C THR N 169 -3.94 -46.80 12.21
N PHE N 170 -5.05 -46.10 12.49
CA PHE N 170 -5.07 -44.65 12.36
C PHE N 170 -4.52 -43.98 13.62
N PRO N 171 -3.93 -42.79 13.48
CA PRO N 171 -3.47 -42.05 14.66
C PRO N 171 -4.63 -41.63 15.55
N ALA N 172 -4.38 -41.64 16.86
CA ALA N 172 -5.44 -41.35 17.82
C ALA N 172 -5.87 -39.90 17.75
N VAL N 173 -7.16 -39.66 18.00
CA VAL N 173 -7.72 -38.32 18.12
C VAL N 173 -8.06 -38.09 19.59
N LEU N 174 -7.88 -36.86 20.05
CA LEU N 174 -8.18 -36.50 21.43
C LEU N 174 -9.62 -36.04 21.50
N GLN N 175 -10.47 -36.83 22.16
CA GLN N 175 -11.87 -36.49 22.27
C GLN N 175 -12.07 -35.33 23.25
N SER N 176 -13.28 -34.76 23.20
CA SER N 176 -13.62 -33.67 24.11
C SER N 176 -13.60 -34.11 25.58
N SER N 177 -13.74 -35.40 25.85
CA SER N 177 -13.69 -35.90 27.22
C SER N 177 -12.29 -35.97 27.80
N GLY N 178 -11.28 -35.50 27.07
CA GLY N 178 -9.91 -35.66 27.50
C GLY N 178 -9.33 -37.03 27.30
N LEU N 179 -10.07 -37.94 26.66
CA LEU N 179 -9.64 -39.30 26.40
C LEU N 179 -9.40 -39.49 24.91
N TYR N 180 -8.44 -40.36 24.58
CA TYR N 180 -8.11 -40.63 23.19
C TYR N 180 -9.00 -41.72 22.62
N SER N 181 -9.22 -41.65 21.30
CA SER N 181 -10.03 -42.62 20.58
C SER N 181 -9.31 -43.00 19.29
N LEU N 182 -9.27 -44.30 19.00
CA LEU N 182 -8.46 -44.80 17.89
C LEU N 182 -9.17 -45.97 17.22
N SER N 183 -9.02 -46.06 15.90
CA SER N 183 -9.60 -47.13 15.10
C SER N 183 -8.51 -47.79 14.26
N SER N 184 -8.61 -49.11 14.11
CA SER N 184 -7.69 -49.89 13.29
C SER N 184 -8.50 -50.82 12.41
N VAL N 185 -8.23 -50.80 11.10
CA VAL N 185 -9.03 -51.50 10.12
C VAL N 185 -8.13 -52.38 9.25
N VAL N 186 -8.78 -53.27 8.49
CA VAL N 186 -8.08 -54.17 7.56
C VAL N 186 -9.06 -54.60 6.48
N THR N 187 -8.59 -54.61 5.24
CA THR N 187 -9.37 -55.07 4.10
C THR N 187 -8.98 -56.50 3.73
N VAL N 188 -9.98 -57.37 3.62
CA VAL N 188 -9.77 -58.79 3.33
C VAL N 188 -10.73 -59.19 2.20
N PRO N 189 -10.48 -60.33 1.56
CA PRO N 189 -11.46 -60.85 0.59
C PRO N 189 -12.77 -61.22 1.27
N SER N 190 -13.87 -60.91 0.59
CA SER N 190 -15.20 -61.19 1.14
C SER N 190 -15.44 -62.68 1.34
N SER N 191 -14.72 -63.54 0.62
CA SER N 191 -14.92 -64.98 0.69
C SER N 191 -14.37 -65.60 1.96
N SER N 192 -13.54 -64.88 2.72
CA SER N 192 -12.89 -65.44 3.90
C SER N 192 -13.59 -65.07 5.19
N LEU N 193 -14.73 -64.37 5.12
CA LEU N 193 -15.41 -63.90 6.32
C LEU N 193 -16.02 -65.04 7.13
N GLY N 194 -16.32 -66.17 6.51
CA GLY N 194 -16.93 -67.27 7.23
C GLY N 194 -15.95 -68.35 7.63
N THR N 195 -14.74 -68.28 7.06
CA THR N 195 -13.73 -69.31 7.28
C THR N 195 -12.50 -68.83 8.03
N GLN N 196 -12.17 -67.55 7.99
CA GLN N 196 -10.99 -67.02 8.66
C GLN N 196 -11.40 -66.22 9.88
N THR N 197 -10.78 -66.52 11.01
CA THR N 197 -11.05 -65.81 12.25
C THR N 197 -10.12 -64.60 12.36
N TYR N 198 -10.70 -63.43 12.59
CA TYR N 198 -9.96 -62.18 12.69
C TYR N 198 -10.05 -61.66 14.11
N ILE N 199 -8.90 -61.36 14.71
CA ILE N 199 -8.81 -60.89 16.09
C ILE N 199 -7.78 -59.77 16.14
N CYS N 200 -8.18 -58.63 16.70
CA CYS N 200 -7.28 -57.50 16.87
C CYS N 200 -6.66 -57.53 18.27
N ASN N 201 -5.37 -57.27 18.33
CA ASN N 201 -4.60 -57.34 19.58
C ASN N 201 -4.25 -55.91 20.02
N VAL N 202 -5.01 -55.40 20.98
CA VAL N 202 -4.82 -54.06 21.51
C VAL N 202 -3.96 -54.16 22.75
N ASN N 203 -2.93 -53.32 22.84
CA ASN N 203 -2.02 -53.30 23.98
C ASN N 203 -1.84 -51.86 24.42
N HIS N 204 -2.22 -51.58 25.67
CA HIS N 204 -2.10 -50.27 26.28
C HIS N 204 -1.26 -50.42 27.55
N LYS N 205 0.07 -50.36 27.37
CA LYS N 205 0.96 -50.58 28.50
C LYS N 205 0.82 -49.59 29.65
N PRO N 206 0.51 -48.31 29.44
CA PRO N 206 0.32 -47.40 30.59
C PRO N 206 -0.69 -47.88 31.62
N SER N 207 -1.74 -48.60 31.20
CA SER N 207 -2.72 -49.14 32.12
C SER N 207 -2.62 -50.65 32.25
N ASN N 208 -1.57 -51.25 31.69
CA ASN N 208 -1.36 -52.69 31.75
C ASN N 208 -2.56 -53.45 31.16
N THR N 209 -3.06 -52.97 30.03
CA THR N 209 -4.26 -53.50 29.39
C THR N 209 -3.88 -54.23 28.11
N LYS N 210 -4.20 -55.51 28.05
CA LYS N 210 -4.07 -56.30 26.83
C LYS N 210 -5.41 -56.95 26.56
N VAL N 211 -5.99 -56.67 25.39
CA VAL N 211 -7.33 -57.12 25.04
C VAL N 211 -7.29 -57.70 23.64
N ASP N 212 -7.80 -58.91 23.49
CA ASP N 212 -7.98 -59.55 22.19
C ASP N 212 -9.47 -59.59 21.88
N LYS N 213 -9.87 -58.97 20.78
CA LYS N 213 -11.27 -58.90 20.38
C LYS N 213 -11.43 -59.61 19.05
N ARG N 214 -12.32 -60.61 19.02
CA ARG N 214 -12.64 -61.29 17.77
C ARG N 214 -13.68 -60.48 17.02
N VAL N 215 -13.44 -60.25 15.73
CA VAL N 215 -14.33 -59.47 14.89
C VAL N 215 -15.06 -60.43 13.97
N GLU N 216 -16.38 -60.48 14.10
CA GLU N 216 -17.23 -61.37 13.32
C GLU N 216 -18.30 -60.57 12.58
N PRO N 217 -18.79 -61.07 11.45
CA PRO N 217 -19.90 -60.40 10.77
C PRO N 217 -21.17 -60.41 11.61
N LYS N 218 -21.92 -59.31 11.50
CA LYS N 218 -23.10 -59.12 12.34
C LYS N 218 -24.25 -60.01 11.85
N SER N 219 -24.82 -60.79 12.76
CA SER N 219 -25.94 -61.67 12.42
C SER N 219 -27.25 -60.90 12.49
N CYS N 220 -28.12 -61.17 11.52
CA CYS N 220 -29.43 -60.52 11.48
C CYS N 220 -30.34 -61.03 12.60
N ASP O 1 2.37 -6.43 13.11
CA ASP O 1 2.84 -7.80 13.29
C ASP O 1 2.92 -8.52 11.93
N ILE O 2 4.13 -8.93 11.56
CA ILE O 2 4.33 -9.52 10.25
C ILE O 2 3.60 -10.85 10.14
N GLN O 3 2.93 -11.05 9.01
CA GLN O 3 2.18 -12.27 8.76
C GLN O 3 2.78 -13.00 7.57
N LEU O 4 3.10 -14.27 7.76
CA LEU O 4 3.68 -15.10 6.70
C LEU O 4 2.60 -15.98 6.08
N THR O 5 2.58 -16.02 4.75
CA THR O 5 1.60 -16.81 4.00
C THR O 5 2.34 -17.60 2.93
N GLN O 6 2.25 -18.92 3.01
CA GLN O 6 2.92 -19.82 2.08
C GLN O 6 1.96 -20.31 1.01
N SER O 7 2.52 -20.64 -0.16
CA SER O 7 1.74 -21.15 -1.27
C SER O 7 2.55 -22.17 -2.05
N PRO O 8 1.99 -23.35 -2.33
CA PRO O 8 0.64 -23.82 -1.94
C PRO O 8 0.61 -24.50 -0.58
N SER O 9 -0.58 -24.69 0.00
CA SER O 9 -0.70 -25.35 1.30
C SER O 9 -0.23 -26.80 1.23
N SER O 10 -0.44 -27.45 0.10
CA SER O 10 0.02 -28.81 -0.15
C SER O 10 0.45 -28.90 -1.59
N LEU O 11 1.55 -29.58 -1.83
CA LEU O 11 2.05 -29.75 -3.18
C LEU O 11 2.42 -31.20 -3.38
N SER O 12 2.11 -31.71 -4.57
CA SER O 12 2.39 -33.08 -4.95
C SER O 12 3.28 -33.09 -6.19
N ALA O 13 4.39 -33.81 -6.11
CA ALA O 13 5.35 -33.88 -7.19
C ALA O 13 6.04 -35.24 -7.14
N SER O 14 6.88 -35.49 -8.14
CA SER O 14 7.58 -36.77 -8.27
C SER O 14 9.07 -36.57 -8.06
N VAL O 15 9.78 -37.69 -7.96
CA VAL O 15 11.22 -37.67 -7.76
C VAL O 15 11.89 -37.07 -8.98
N GLY O 16 12.81 -36.13 -8.75
CA GLY O 16 13.51 -35.46 -9.83
C GLY O 16 12.84 -34.21 -10.35
N ASP O 17 11.60 -33.96 -9.98
CA ASP O 17 10.89 -32.77 -10.43
C ASP O 17 11.48 -31.51 -9.80
N LYS O 18 11.34 -30.40 -10.50
CA LYS O 18 11.70 -29.10 -9.94
C LYS O 18 10.52 -28.58 -9.13
N VAL O 19 10.80 -28.15 -7.90
CA VAL O 19 9.77 -27.77 -6.95
C VAL O 19 10.06 -26.35 -6.47
N THR O 20 9.00 -25.53 -6.39
CA THR O 20 9.11 -24.15 -5.92
C THR O 20 8.03 -23.87 -4.89
N ILE O 21 8.44 -23.38 -3.72
CA ILE O 21 7.53 -22.93 -2.67
C ILE O 21 7.67 -21.43 -2.53
N THR O 22 6.55 -20.75 -2.34
CA THR O 22 6.52 -19.30 -2.25
C THR O 22 6.13 -18.90 -0.83
N CYS O 23 6.74 -17.82 -0.34
CA CYS O 23 6.47 -17.30 0.99
C CYS O 23 6.39 -15.77 0.89
N ARG O 24 5.27 -15.20 1.32
CA ARG O 24 5.06 -13.76 1.25
C ARG O 24 4.76 -13.20 2.64
N ALA O 25 5.20 -11.97 2.87
CA ALA O 25 5.11 -11.32 4.18
C ALA O 25 4.22 -10.10 4.10
N SER O 26 3.50 -9.84 5.20
CA SER O 26 2.62 -8.69 5.27
C SER O 26 3.38 -7.36 5.28
N GLN O 27 4.67 -7.38 5.59
CA GLN O 27 5.49 -6.17 5.59
C GLN O 27 6.81 -6.46 4.89
N GLY O 28 7.55 -5.39 4.60
CA GLY O 28 8.87 -5.56 4.04
C GLY O 28 9.84 -6.04 5.10
N ILE O 29 10.60 -7.09 4.77
CA ILE O 29 11.54 -7.68 5.73
C ILE O 29 12.92 -7.83 5.10
N SER O 30 13.16 -7.10 4.01
CA SER O 30 14.44 -7.11 3.30
C SER O 30 14.78 -8.54 2.93
N ASN O 31 15.95 -9.01 3.33
CA ASN O 31 16.34 -10.37 3.06
C ASN O 31 16.31 -11.27 4.30
N SER O 32 15.77 -10.78 5.42
CA SER O 32 15.86 -11.51 6.69
C SER O 32 14.73 -12.54 6.80
N LEU O 33 14.91 -13.64 6.07
CA LEU O 33 13.97 -14.75 6.07
C LEU O 33 14.72 -16.08 6.11
N ALA O 34 14.08 -17.10 6.68
CA ALA O 34 14.67 -18.42 6.82
C ALA O 34 13.71 -19.50 6.35
N TRP O 35 14.26 -20.60 5.85
CA TRP O 35 13.50 -21.76 5.41
C TRP O 35 13.93 -22.98 6.22
N TYR O 36 12.97 -23.86 6.53
CA TYR O 36 13.20 -25.03 7.36
C TYR O 36 12.53 -26.26 6.75
N GLN O 37 13.08 -27.44 7.06
CA GLN O 37 12.52 -28.72 6.67
C GLN O 37 12.20 -29.52 7.92
N GLN O 38 11.03 -30.15 7.93
CA GLN O 38 10.61 -31.02 9.04
C GLN O 38 10.03 -32.31 8.46
N ASN O 39 10.76 -33.41 8.63
CA ASN O 39 10.20 -34.73 8.38
C ASN O 39 9.23 -35.09 9.51
N PRO O 40 8.17 -35.82 9.20
CA PRO O 40 7.15 -36.13 10.21
C PRO O 40 7.74 -36.74 11.48
N GLY O 41 7.43 -36.13 12.61
CA GLY O 41 7.86 -36.61 13.91
C GLY O 41 9.23 -36.17 14.35
N LYS O 42 10.07 -35.66 13.44
CA LYS O 42 11.40 -35.22 13.82
C LYS O 42 11.43 -33.70 13.93
N ALA O 43 12.51 -33.20 14.51
CA ALA O 43 12.61 -31.77 14.70
C ALA O 43 12.91 -31.07 13.38
N PRO O 44 12.50 -29.81 13.24
CA PRO O 44 12.84 -29.05 12.03
C PRO O 44 14.35 -28.93 11.86
N LYS O 45 14.75 -28.74 10.61
CA LYS O 45 16.16 -28.60 10.25
C LYS O 45 16.33 -27.37 9.39
N LEU O 46 17.33 -26.55 9.70
CA LEU O 46 17.54 -25.32 8.96
C LEU O 46 18.12 -25.65 7.59
N LEU O 47 17.49 -25.13 6.55
CA LEU O 47 17.98 -25.26 5.18
C LEU O 47 18.64 -23.97 4.71
N LEU O 48 17.90 -22.87 4.81
CA LEU O 48 18.36 -21.57 4.38
C LEU O 48 18.01 -20.55 5.45
N TYR O 49 18.75 -19.45 5.42
CA TYR O 49 18.39 -18.21 6.04
C TYR O 49 18.81 -17.11 5.08
N THR O 50 18.44 -15.87 5.39
CA THR O 50 18.67 -14.74 4.49
C THR O 50 18.17 -15.02 3.08
N ALA O 51 17.12 -15.83 2.97
CA ALA O 51 16.48 -16.15 1.70
C ALA O 51 17.43 -16.88 0.75
N SER O 52 18.73 -16.56 0.76
CA SER O 52 19.62 -17.05 -0.27
C SER O 52 20.80 -17.87 0.23
N THR O 53 21.23 -17.73 1.48
CA THR O 53 22.42 -18.42 1.97
C THR O 53 22.03 -19.82 2.44
N LEU O 54 22.65 -20.83 1.85
CA LEU O 54 22.45 -22.20 2.31
C LEU O 54 23.22 -22.43 3.61
N GLU O 55 22.55 -23.07 4.57
CA GLU O 55 23.26 -23.55 5.74
C GLU O 55 24.28 -24.59 5.32
N SER O 56 25.43 -24.59 5.99
CA SER O 56 26.48 -25.55 5.68
C SER O 56 26.02 -26.97 5.96
N GLY O 57 26.35 -27.89 5.06
CA GLY O 57 25.88 -29.25 5.16
C GLY O 57 24.61 -29.53 4.38
N VAL O 58 23.92 -28.49 3.92
CA VAL O 58 22.68 -28.66 3.15
C VAL O 58 23.04 -29.06 1.73
N PRO O 59 22.35 -30.04 1.14
CA PRO O 59 22.62 -30.38 -0.25
C PRO O 59 22.39 -29.19 -1.16
N SER O 60 23.20 -29.09 -2.21
CA SER O 60 23.19 -27.93 -3.09
C SER O 60 21.93 -27.82 -3.94
N ARG O 61 21.09 -28.86 -3.98
CA ARG O 61 19.85 -28.78 -4.74
C ARG O 61 18.87 -27.76 -4.18
N PHE O 62 19.03 -27.34 -2.93
CA PHE O 62 18.17 -26.31 -2.35
C PHE O 62 18.71 -24.92 -2.66
N SER O 63 17.81 -24.01 -3.02
CA SER O 63 18.18 -22.63 -3.34
C SER O 63 17.00 -21.72 -3.05
N GLY O 64 17.32 -20.50 -2.63
CA GLY O 64 16.30 -19.52 -2.30
C GLY O 64 16.59 -18.17 -2.92
N SER O 65 15.52 -17.39 -3.12
CA SER O 65 15.62 -16.07 -3.71
C SER O 65 14.53 -15.18 -3.11
N GLY O 66 14.70 -13.87 -3.31
CA GLY O 66 13.70 -12.90 -2.91
C GLY O 66 14.24 -11.89 -1.92
N SER O 67 13.45 -10.84 -1.74
CA SER O 67 13.72 -9.79 -0.77
C SER O 67 12.43 -9.01 -0.56
N GLY O 68 12.42 -8.19 0.49
CA GLY O 68 11.26 -7.38 0.79
C GLY O 68 10.07 -8.17 1.31
N THR O 69 9.14 -8.52 0.43
CA THR O 69 7.92 -9.20 0.82
C THR O 69 7.68 -10.52 0.12
N ASP O 70 8.39 -10.82 -0.96
CA ASP O 70 8.18 -12.03 -1.74
C ASP O 70 9.45 -12.87 -1.71
N PHE O 71 9.28 -14.16 -1.40
CA PHE O 71 10.41 -15.07 -1.27
C PHE O 71 10.08 -16.40 -1.94
N THR O 72 11.12 -17.13 -2.32
CA THR O 72 10.98 -18.36 -3.07
C THR O 72 12.02 -19.37 -2.63
N LEU O 73 11.57 -20.59 -2.32
CA LEU O 73 12.46 -21.73 -2.09
C LEU O 73 12.33 -22.71 -3.24
N THR O 74 13.47 -23.22 -3.72
CA THR O 74 13.50 -24.05 -4.92
C THR O 74 14.38 -25.28 -4.72
N ILE O 75 13.84 -26.46 -5.00
CA ILE O 75 14.59 -27.71 -5.04
C ILE O 75 14.78 -28.09 -6.50
N SER O 76 16.04 -28.13 -6.96
CA SER O 76 16.32 -28.35 -8.37
C SER O 76 15.88 -29.73 -8.83
N SER O 77 16.45 -30.78 -8.24
CA SER O 77 16.09 -32.16 -8.58
C SER O 77 15.62 -32.83 -7.30
N LEU O 78 14.31 -33.00 -7.16
CA LEU O 78 13.74 -33.57 -5.94
C LEU O 78 14.21 -35.00 -5.75
N GLN O 79 14.64 -35.31 -4.54
CA GLN O 79 15.09 -36.65 -4.18
C GLN O 79 14.18 -37.23 -3.12
N PRO O 80 14.12 -38.57 -2.99
CA PRO O 80 13.13 -39.18 -2.08
C PRO O 80 13.23 -38.72 -0.63
N GLU O 81 14.41 -38.33 -0.16
CA GLU O 81 14.52 -37.87 1.22
C GLU O 81 14.07 -36.43 1.39
N ASP O 82 13.64 -35.77 0.31
CA ASP O 82 13.18 -34.40 0.37
C ASP O 82 11.68 -34.27 0.59
N PHE O 83 10.94 -35.36 0.55
CA PHE O 83 9.50 -35.30 0.79
C PHE O 83 9.23 -35.05 2.28
N ALA O 84 8.74 -33.86 2.60
CA ALA O 84 8.48 -33.45 3.97
C ALA O 84 7.59 -32.22 3.96
N THR O 85 7.47 -31.58 5.12
CA THR O 85 6.78 -30.29 5.27
C THR O 85 7.82 -29.18 5.39
N TYR O 86 7.56 -28.05 4.72
CA TYR O 86 8.51 -26.94 4.67
C TYR O 86 7.88 -25.65 5.21
N TYR O 87 8.60 -24.99 6.13
CA TYR O 87 8.16 -23.74 6.75
C TYR O 87 9.11 -22.60 6.39
N CYS O 88 8.57 -21.39 6.29
CA CYS O 88 9.36 -20.16 6.20
C CYS O 88 9.16 -19.30 7.43
N GLN O 89 10.20 -18.55 7.81
CA GLN O 89 10.14 -17.67 8.96
C GLN O 89 10.93 -16.40 8.73
N GLN O 90 10.39 -15.28 9.18
CA GLN O 90 11.09 -14.01 9.18
C GLN O 90 11.71 -13.77 10.56
N TYR O 91 12.85 -13.09 10.57
CA TYR O 91 13.48 -12.62 11.80
C TYR O 91 13.73 -11.12 11.73
N TYR O 92 12.78 -10.40 11.13
CA TYR O 92 13.00 -8.99 10.83
C TYR O 92 12.67 -8.13 12.04
N ASP O 93 11.52 -8.36 12.66
CA ASP O 93 11.08 -7.60 13.82
C ASP O 93 11.45 -8.32 15.12
N THR O 94 10.54 -8.29 16.10
CA THR O 94 10.72 -9.00 17.36
C THR O 94 9.87 -10.28 17.42
N TRP O 95 8.55 -10.13 17.34
CA TRP O 95 7.64 -11.28 17.35
C TRP O 95 7.89 -12.11 16.09
N TYR O 96 8.72 -13.15 16.24
CA TYR O 96 9.02 -14.05 15.13
C TYR O 96 7.75 -14.75 14.67
N THR O 97 7.66 -14.94 13.35
CA THR O 97 6.48 -15.53 12.76
C THR O 97 6.90 -16.63 11.79
N PHE O 98 6.09 -17.68 11.74
CA PHE O 98 6.28 -18.78 10.81
C PHE O 98 5.16 -18.80 9.77
N GLY O 99 5.45 -19.40 8.63
CA GLY O 99 4.40 -19.72 7.68
C GLY O 99 3.58 -20.89 8.17
N GLN O 100 2.47 -21.13 7.48
CA GLN O 100 1.61 -22.25 7.87
C GLN O 100 2.18 -23.58 7.41
N GLY O 101 3.13 -23.57 6.50
CA GLY O 101 3.79 -24.80 6.08
C GLY O 101 3.29 -25.33 4.74
N THR O 102 4.19 -25.95 4.00
CA THR O 102 3.89 -26.57 2.71
C THR O 102 4.36 -28.02 2.74
N LYS O 103 3.41 -28.96 2.68
CA LYS O 103 3.73 -30.38 2.70
C LYS O 103 3.97 -30.86 1.27
N VAL O 104 5.14 -31.42 1.04
CA VAL O 104 5.51 -31.97 -0.27
C VAL O 104 5.06 -33.42 -0.34
N ASP O 105 4.33 -33.75 -1.40
CA ASP O 105 3.66 -35.03 -1.56
C ASP O 105 4.23 -35.76 -2.76
N ILE O 106 4.11 -37.09 -2.72
CA ILE O 106 4.56 -37.92 -3.84
C ILE O 106 3.41 -38.06 -4.83
N LYS O 107 3.67 -37.69 -6.09
CA LYS O 107 2.65 -37.74 -7.14
C LYS O 107 2.44 -39.13 -7.70
N ARG O 108 1.27 -39.69 -7.47
CA ARG O 108 0.79 -40.90 -8.13
C ARG O 108 -0.50 -40.57 -8.87
N THR O 109 -0.99 -41.55 -9.63
CA THR O 109 -2.23 -41.40 -10.38
C THR O 109 -3.40 -41.29 -9.41
N VAL O 110 -4.48 -40.67 -9.88
CA VAL O 110 -5.65 -40.47 -9.03
C VAL O 110 -6.29 -41.81 -8.72
N ALA O 111 -6.56 -42.05 -7.44
CA ALA O 111 -7.16 -43.28 -6.96
C ALA O 111 -8.40 -42.96 -6.14
N ALA O 112 -9.51 -43.61 -6.48
CA ALA O 112 -10.77 -43.40 -5.76
C ALA O 112 -10.78 -44.23 -4.48
N PRO O 113 -11.37 -43.71 -3.41
CA PRO O 113 -11.39 -44.45 -2.15
C PRO O 113 -12.46 -45.52 -2.13
N SER O 114 -12.18 -46.59 -1.37
CA SER O 114 -13.17 -47.61 -1.10
C SER O 114 -13.85 -47.26 0.22
N VAL O 115 -15.15 -46.97 0.15
CA VAL O 115 -15.88 -46.37 1.26
C VAL O 115 -16.61 -47.46 2.04
N PHE O 116 -16.40 -47.47 3.36
CA PHE O 116 -17.06 -48.40 4.26
C PHE O 116 -17.64 -47.66 5.45
N ILE O 117 -18.82 -48.08 5.91
CA ILE O 117 -19.48 -47.49 7.07
C ILE O 117 -19.71 -48.59 8.10
N PHE O 118 -19.57 -48.23 9.38
CA PHE O 118 -19.70 -49.19 10.48
C PHE O 118 -20.70 -48.66 11.51
N PRO O 119 -21.75 -49.40 11.83
CA PRO O 119 -22.64 -48.99 12.91
C PRO O 119 -21.97 -49.20 14.26
N PRO O 120 -22.47 -48.56 15.32
CA PRO O 120 -21.91 -48.81 16.65
C PRO O 120 -22.23 -50.22 17.12
N SER O 121 -21.26 -50.83 17.78
CA SER O 121 -21.46 -52.17 18.28
C SER O 121 -22.50 -52.16 19.39
N ASP O 122 -23.16 -53.31 19.59
CA ASP O 122 -24.08 -53.41 20.71
C ASP O 122 -23.36 -53.32 22.04
N GLU O 123 -22.06 -53.68 22.06
CA GLU O 123 -21.29 -53.59 23.29
C GLU O 123 -21.01 -52.14 23.67
N GLN O 124 -20.90 -51.25 22.69
CA GLN O 124 -20.67 -49.85 23.02
C GLN O 124 -21.98 -49.15 23.36
N LEU O 125 -23.06 -49.54 22.68
CA LEU O 125 -24.37 -48.96 22.98
C LEU O 125 -24.81 -49.26 24.41
N LYS O 126 -24.22 -50.30 25.03
CA LYS O 126 -24.49 -50.60 26.43
C LYS O 126 -23.74 -49.65 27.37
N SER O 127 -22.74 -48.93 26.87
CA SER O 127 -22.02 -47.95 27.67
C SER O 127 -22.65 -46.57 27.68
N GLY O 128 -23.51 -46.28 26.70
CA GLY O 128 -24.20 -45.00 26.61
C GLY O 128 -23.74 -44.12 25.46
N THR O 129 -22.64 -44.46 24.81
CA THR O 129 -22.10 -43.71 23.70
C THR O 129 -22.20 -44.54 22.41
N ALA O 130 -22.47 -43.87 21.30
CA ALA O 130 -22.54 -44.49 19.99
C ALA O 130 -21.54 -43.82 19.06
N SER O 131 -20.67 -44.62 18.46
CA SER O 131 -19.63 -44.11 17.58
C SER O 131 -19.77 -44.77 16.21
N VAL O 132 -20.10 -43.97 15.20
CA VAL O 132 -20.20 -44.44 13.82
C VAL O 132 -18.92 -44.05 13.09
N VAL O 133 -18.28 -45.04 12.45
CA VAL O 133 -17.01 -44.86 11.78
C VAL O 133 -17.23 -45.01 10.28
N CYS O 134 -16.60 -44.12 9.52
CA CYS O 134 -16.64 -44.17 8.07
C CYS O 134 -15.20 -44.31 7.58
N LEU O 135 -14.98 -45.21 6.62
CA LEU O 135 -13.64 -45.54 6.17
C LEU O 135 -13.48 -45.17 4.69
N LEU O 136 -12.39 -44.50 4.38
CA LEU O 136 -11.98 -44.20 3.01
C LEU O 136 -10.64 -44.89 2.80
N ASN O 137 -10.60 -45.92 1.97
CA ASN O 137 -9.45 -46.81 1.91
C ASN O 137 -8.67 -46.62 0.61
N ASN O 138 -7.37 -46.35 0.75
CA ASN O 138 -6.41 -46.32 -0.36
C ASN O 138 -6.87 -45.38 -1.46
N PHE O 139 -6.63 -44.09 -1.28
CA PHE O 139 -7.03 -43.08 -2.25
C PHE O 139 -5.92 -42.07 -2.45
N TYR O 140 -6.03 -41.33 -3.55
CA TYR O 140 -5.12 -40.25 -3.86
C TYR O 140 -5.81 -39.27 -4.80
N PRO O 141 -5.65 -37.95 -4.61
CA PRO O 141 -4.80 -37.27 -3.62
C PRO O 141 -5.39 -37.24 -2.21
N ARG O 142 -4.74 -36.53 -1.28
CA ARG O 142 -5.18 -36.54 0.10
C ARG O 142 -6.47 -35.75 0.28
N GLU O 143 -6.70 -34.73 -0.55
CA GLU O 143 -7.85 -33.86 -0.41
C GLU O 143 -9.15 -34.63 -0.60
N ALA O 144 -9.94 -34.76 0.47
CA ALA O 144 -11.20 -35.48 0.45
C ALA O 144 -12.12 -34.93 1.51
N LYS O 145 -13.42 -34.90 1.21
CA LYS O 145 -14.45 -34.37 2.09
C LYS O 145 -15.37 -35.50 2.55
N VAL O 146 -15.53 -35.63 3.86
CA VAL O 146 -16.45 -36.60 4.46
C VAL O 146 -17.62 -35.84 5.06
N GLN O 147 -18.83 -36.13 4.57
CA GLN O 147 -20.04 -35.45 5.00
C GLN O 147 -20.97 -36.46 5.70
N TRP O 148 -21.29 -36.19 6.96
CA TRP O 148 -22.20 -37.03 7.74
C TRP O 148 -23.63 -36.55 7.60
N LYS O 149 -24.54 -37.46 7.26
CA LYS O 149 -25.96 -37.16 7.14
C LYS O 149 -26.77 -38.12 8.02
N VAL O 150 -27.52 -37.55 8.96
CA VAL O 150 -28.39 -38.32 9.85
C VAL O 150 -29.83 -37.91 9.57
N ASP O 151 -30.61 -38.82 8.99
CA ASP O 151 -31.95 -38.53 8.50
C ASP O 151 -31.92 -37.34 7.54
N ASN O 152 -30.95 -37.40 6.62
CA ASN O 152 -30.74 -36.39 5.58
C ASN O 152 -30.37 -35.02 6.12
N ALA O 153 -29.99 -34.92 7.40
CA ALA O 153 -29.55 -33.67 7.99
C ALA O 153 -28.03 -33.69 8.12
N LEU O 154 -27.37 -32.73 7.47
CA LEU O 154 -25.92 -32.68 7.48
C LEU O 154 -25.39 -32.38 8.88
N GLN O 155 -24.50 -33.25 9.38
CA GLN O 155 -23.94 -33.15 10.70
C GLN O 155 -22.56 -32.50 10.68
N SER O 156 -22.28 -31.70 11.71
CA SER O 156 -20.99 -31.03 11.85
C SER O 156 -20.77 -30.70 13.33
N GLY O 157 -19.50 -30.76 13.74
CA GLY O 157 -19.12 -30.48 15.11
C GLY O 157 -19.36 -31.61 16.08
N ASN O 158 -19.52 -32.84 15.58
CA ASN O 158 -19.64 -34.03 16.40
C ASN O 158 -18.87 -35.18 15.77
N SER O 159 -17.96 -34.88 14.85
CA SER O 159 -17.18 -35.88 14.15
C SER O 159 -15.72 -35.44 14.11
N GLN O 160 -14.83 -36.42 13.96
CA GLN O 160 -13.40 -36.17 13.90
C GLN O 160 -12.80 -37.06 12.82
N GLU O 161 -11.82 -36.53 12.11
CA GLU O 161 -11.17 -37.24 11.02
C GLU O 161 -9.76 -37.64 11.42
N SER O 162 -9.24 -38.65 10.71
CA SER O 162 -7.87 -39.11 10.92
C SER O 162 -7.38 -39.69 9.62
N VAL O 163 -6.16 -39.33 9.23
CA VAL O 163 -5.59 -39.71 7.94
C VAL O 163 -4.29 -40.45 8.19
N THR O 164 -4.07 -41.53 7.44
CA THR O 164 -2.82 -42.28 7.52
C THR O 164 -1.72 -41.57 6.73
N GLU O 165 -0.47 -41.81 7.14
CA GLU O 165 0.65 -41.38 6.33
C GLU O 165 0.60 -42.11 4.98
N GLN O 166 1.00 -41.40 3.92
CA GLN O 166 1.00 -42.00 2.60
C GLN O 166 1.75 -43.31 2.60
N ASP O 167 1.12 -44.37 2.09
CA ASP O 167 1.72 -45.69 2.16
C ASP O 167 2.99 -45.74 1.32
N SER O 168 4.02 -46.40 1.86
CA SER O 168 5.30 -46.46 1.19
C SER O 168 5.28 -47.33 -0.06
N LYS O 169 4.24 -48.15 -0.24
CA LYS O 169 4.17 -49.04 -1.39
C LYS O 169 3.33 -48.44 -2.52
N ASP O 170 2.02 -48.30 -2.32
CA ASP O 170 1.14 -47.83 -3.38
C ASP O 170 0.92 -46.33 -3.35
N SER O 171 1.57 -45.62 -2.41
CA SER O 171 1.54 -44.16 -2.34
C SER O 171 0.13 -43.61 -2.14
N THR O 172 -0.72 -44.35 -1.43
CA THR O 172 -2.10 -43.93 -1.18
C THR O 172 -2.29 -43.52 0.27
N TYR O 173 -3.37 -42.78 0.50
CA TYR O 173 -3.79 -42.39 1.84
C TYR O 173 -5.01 -43.22 2.26
N SER O 174 -5.40 -43.04 3.52
CA SER O 174 -6.62 -43.63 4.06
C SER O 174 -7.14 -42.76 5.18
N LEU O 175 -8.47 -42.62 5.25
CA LEU O 175 -9.11 -41.72 6.19
C LEU O 175 -10.17 -42.44 7.01
N SER O 176 -10.30 -42.07 8.27
CA SER O 176 -11.31 -42.60 9.17
C SER O 176 -12.01 -41.43 9.86
N SER O 177 -13.32 -41.35 9.67
CA SER O 177 -14.14 -40.31 10.29
C SER O 177 -15.05 -40.95 11.33
N THR O 178 -15.01 -40.44 12.56
CA THR O 178 -15.70 -41.02 13.70
C THR O 178 -16.77 -40.06 14.20
N LEU O 179 -18.03 -40.36 13.89
CA LEU O 179 -19.18 -39.60 14.36
C LEU O 179 -19.63 -40.12 15.73
N THR O 180 -19.59 -39.26 16.74
CA THR O 180 -19.90 -39.63 18.12
C THR O 180 -21.25 -39.04 18.54
N LEU O 181 -22.12 -39.91 19.07
CA LEU O 181 -23.41 -39.49 19.59
C LEU O 181 -23.68 -40.23 20.88
N SER O 182 -24.58 -39.66 21.69
CA SER O 182 -25.04 -40.37 22.87
C SER O 182 -26.00 -41.49 22.47
N LYS O 183 -26.19 -42.46 23.37
CA LYS O 183 -27.13 -43.53 23.08
C LYS O 183 -28.54 -42.98 22.91
N ALA O 184 -28.92 -41.99 23.72
CA ALA O 184 -30.24 -41.39 23.60
C ALA O 184 -30.41 -40.68 22.26
N ASP O 185 -29.38 -39.94 21.82
CA ASP O 185 -29.47 -39.25 20.55
C ASP O 185 -29.31 -40.18 19.36
N TYR O 186 -28.74 -41.37 19.56
CA TYR O 186 -28.57 -42.31 18.46
C TYR O 186 -29.88 -42.95 18.08
N GLU O 187 -30.68 -43.33 19.06
CA GLU O 187 -31.97 -43.97 18.87
C GLU O 187 -33.07 -43.02 18.46
N LYS O 188 -32.78 -41.73 18.26
CA LYS O 188 -33.78 -40.78 17.79
C LYS O 188 -33.94 -40.79 16.27
N HIS O 189 -33.02 -41.40 15.54
CA HIS O 189 -32.97 -41.30 14.09
C HIS O 189 -32.85 -42.70 13.50
N LYS O 190 -32.94 -42.79 12.17
CA LYS O 190 -32.89 -44.08 11.50
C LYS O 190 -31.77 -44.17 10.48
N VAL O 191 -31.66 -43.21 9.56
CA VAL O 191 -30.69 -43.28 8.48
C VAL O 191 -29.38 -42.64 8.94
N TYR O 192 -28.28 -43.38 8.79
CA TYR O 192 -26.94 -42.88 9.10
C TYR O 192 -26.05 -43.13 7.89
N ALA O 193 -25.60 -42.05 7.24
CA ALA O 193 -24.81 -42.14 6.03
C ALA O 193 -23.58 -41.27 6.16
N CYS O 194 -22.60 -41.53 5.30
CA CYS O 194 -21.42 -40.67 5.18
C CYS O 194 -21.14 -40.53 3.69
N GLU O 195 -21.29 -39.31 3.18
CA GLU O 195 -21.12 -39.01 1.76
C GLU O 195 -19.67 -38.62 1.52
N VAL O 196 -19.06 -39.21 0.50
CA VAL O 196 -17.64 -39.03 0.21
C VAL O 196 -17.51 -38.39 -1.16
N THR O 197 -16.82 -37.25 -1.20
CA THR O 197 -16.55 -36.53 -2.44
C THR O 197 -15.04 -36.52 -2.67
N HIS O 198 -14.63 -36.99 -3.85
CA HIS O 198 -13.21 -37.13 -4.17
C HIS O 198 -13.00 -36.90 -5.66
N GLN O 199 -11.75 -36.62 -6.01
CA GLN O 199 -11.42 -36.36 -7.42
C GLN O 199 -11.63 -37.61 -8.28
N GLY O 200 -11.32 -38.79 -7.75
CA GLY O 200 -11.51 -40.00 -8.52
C GLY O 200 -12.92 -40.53 -8.55
N LEU O 201 -13.89 -39.77 -8.05
CA LEU O 201 -15.30 -40.14 -8.07
C LEU O 201 -16.02 -39.12 -8.94
N SER O 202 -16.61 -39.58 -10.04
CA SER O 202 -17.40 -38.69 -10.87
C SER O 202 -18.59 -38.11 -10.08
N SER O 203 -19.09 -38.85 -9.11
CA SER O 203 -20.20 -38.40 -8.27
C SER O 203 -19.93 -38.85 -6.84
N PRO O 204 -20.39 -38.09 -5.85
CA PRO O 204 -20.18 -38.49 -4.45
C PRO O 204 -20.76 -39.86 -4.13
N VAL O 205 -19.99 -40.64 -3.38
CA VAL O 205 -20.37 -41.99 -2.96
C VAL O 205 -20.91 -41.91 -1.54
N THR O 206 -21.99 -42.64 -1.27
CA THR O 206 -22.65 -42.63 0.03
C THR O 206 -22.87 -44.06 0.50
N LYS O 207 -22.27 -44.40 1.64
CA LYS O 207 -22.52 -45.65 2.33
C LYS O 207 -23.38 -45.38 3.55
N SER O 208 -24.42 -46.20 3.75
CA SER O 208 -25.41 -45.91 4.76
C SER O 208 -25.96 -47.20 5.34
N PHE O 209 -26.56 -47.09 6.53
CA PHE O 209 -27.26 -48.19 7.16
C PHE O 209 -28.46 -47.63 7.90
N ASN O 210 -29.44 -48.50 8.14
CA ASN O 210 -30.58 -48.17 8.99
C ASN O 210 -30.40 -48.83 10.36
N ARG O 211 -30.71 -48.08 11.41
CA ARG O 211 -30.46 -48.55 12.77
C ARG O 211 -31.38 -49.73 13.11
N GLY O 212 -30.77 -50.88 13.39
CA GLY O 212 -31.53 -52.07 13.74
C GLY O 212 -31.96 -52.89 12.53
N GLU O 213 -31.05 -53.03 11.56
CA GLU O 213 -31.34 -53.81 10.36
C GLU O 213 -30.09 -54.54 9.89
#